data_2KLT
#
_entry.id   2KLT
#
_entity_poly.entity_id   1
_entity_poly.type   'polypeptide(L)'
_entity_poly.pdbx_seq_one_letter_code
;MSHHHHHHAGIFTFEEPVTHVSESIGIMEVKVLRTSGARGNVIVPYKTIEGTARGGGEDFEDTCGELEFQNDEIVKIITI
RIFDREEYEKECSFSLVLEEPKWIRRGMKGGFTITEEYDDKQPLTSKEEEERRIAEMGRPILGEHTKLEVIIEESYEFKS
TVD
;
_entity_poly.pdbx_strand_id   A
#
# COMPACT_ATOMS: atom_id res chain seq x y z
N HIS A 8 8.25 -3.93 16.67
CA HIS A 8 7.72 -5.29 16.71
C HIS A 8 7.72 -5.80 15.28
N ALA A 9 7.38 -7.04 15.10
CA ALA A 9 7.28 -7.59 13.77
C ALA A 9 5.92 -7.26 13.18
N GLY A 10 5.84 -6.11 12.56
CA GLY A 10 4.60 -5.69 11.94
C GLY A 10 4.45 -6.30 10.57
N ILE A 11 3.28 -6.82 10.29
CA ILE A 11 2.98 -7.41 9.00
C ILE A 11 1.71 -6.79 8.43
N PHE A 12 1.82 -6.07 7.34
CA PHE A 12 0.67 -5.43 6.70
C PHE A 12 0.41 -6.06 5.34
N THR A 13 -0.84 -6.31 5.03
CA THR A 13 -1.21 -6.93 3.78
C THR A 13 -2.60 -6.43 3.33
N PHE A 14 -2.91 -6.57 2.05
CA PHE A 14 -4.22 -6.20 1.52
C PHE A 14 -5.25 -7.27 1.88
N GLU A 15 -6.53 -6.88 1.86
CA GLU A 15 -7.64 -7.81 2.12
C GLU A 15 -7.62 -8.96 1.12
N GLU A 16 -7.52 -8.62 -0.13
CA GLU A 16 -7.51 -9.58 -1.21
C GLU A 16 -6.52 -9.05 -2.21
N PRO A 17 -5.67 -9.89 -2.80
CA PRO A 17 -4.66 -9.45 -3.77
C PRO A 17 -5.23 -9.01 -5.13
N VAL A 18 -6.50 -9.28 -5.38
CA VAL A 18 -7.16 -8.88 -6.64
C VAL A 18 -8.56 -8.40 -6.37
N THR A 19 -8.88 -7.22 -6.84
CA THR A 19 -10.21 -6.69 -6.72
C THR A 19 -10.66 -6.10 -8.07
N HIS A 20 -11.81 -6.47 -8.49
CA HIS A 20 -12.38 -5.97 -9.73
C HIS A 20 -13.55 -5.06 -9.41
N VAL A 21 -13.47 -3.83 -9.87
CA VAL A 21 -14.44 -2.82 -9.53
C VAL A 21 -14.99 -2.13 -10.78
N SER A 22 -16.13 -1.49 -10.61
CA SER A 22 -16.79 -0.76 -11.66
C SER A 22 -16.04 0.52 -12.00
N GLU A 23 -16.22 1.02 -13.19
CA GLU A 23 -15.59 2.27 -13.62
C GLU A 23 -16.36 3.42 -12.97
N SER A 24 -17.63 3.17 -12.77
CA SER A 24 -18.55 4.14 -12.26
C SER A 24 -18.65 4.09 -10.73
N ILE A 25 -17.67 3.45 -10.09
CA ILE A 25 -17.70 3.34 -8.66
C ILE A 25 -17.23 4.65 -8.00
N GLY A 26 -16.36 5.37 -8.68
CA GLY A 26 -15.88 6.63 -8.14
C GLY A 26 -14.71 6.43 -7.21
N ILE A 27 -14.96 5.83 -6.08
CA ILE A 27 -13.93 5.61 -5.09
C ILE A 27 -13.99 4.17 -4.67
N MET A 28 -12.87 3.51 -4.66
CA MET A 28 -12.81 2.14 -4.18
C MET A 28 -12.14 2.15 -2.82
N GLU A 29 -12.43 1.15 -2.01
CA GLU A 29 -11.90 1.08 -0.67
C GLU A 29 -11.20 -0.24 -0.42
N VAL A 30 -9.96 -0.16 -0.01
CA VAL A 30 -9.26 -1.35 0.38
C VAL A 30 -8.72 -1.14 1.79
N LYS A 31 -8.91 -2.10 2.64
CA LYS A 31 -8.36 -2.05 3.96
C LYS A 31 -7.02 -2.73 3.97
N VAL A 32 -6.09 -2.15 4.65
CA VAL A 32 -4.83 -2.76 4.83
C VAL A 32 -4.86 -3.46 6.17
N LEU A 33 -4.66 -4.73 6.12
CA LEU A 33 -4.76 -5.55 7.27
C LEU A 33 -3.42 -5.72 7.93
N ARG A 34 -3.45 -6.01 9.19
CA ARG A 34 -2.28 -6.20 9.98
C ARG A 34 -2.36 -7.56 10.64
N THR A 35 -1.60 -8.49 10.12
CA THR A 35 -1.64 -9.88 10.54
C THR A 35 -1.17 -10.03 11.99
N SER A 36 0.02 -9.55 12.27
CA SER A 36 0.55 -9.57 13.60
C SER A 36 -0.15 -8.53 14.47
N GLY A 37 -0.24 -7.33 13.95
CA GLY A 37 -0.91 -6.29 14.63
C GLY A 37 -0.20 -4.99 14.46
N ALA A 38 -0.47 -4.08 15.33
CA ALA A 38 0.11 -2.78 15.35
C ALA A 38 0.19 -2.34 16.79
N ARG A 39 1.21 -1.63 17.15
CA ARG A 39 1.39 -1.16 18.50
C ARG A 39 2.37 -0.01 18.50
N GLY A 40 1.92 1.14 18.11
CA GLY A 40 2.77 2.27 18.10
C GLY A 40 2.28 3.31 17.17
N ASN A 41 3.13 3.74 16.32
CA ASN A 41 2.76 4.62 15.25
C ASN A 41 3.46 4.13 14.03
N VAL A 42 2.76 3.47 13.18
CA VAL A 42 3.37 2.88 12.04
C VAL A 42 2.88 3.54 10.77
N ILE A 43 3.78 4.09 10.05
CA ILE A 43 3.48 4.73 8.82
C ILE A 43 3.71 3.73 7.69
N VAL A 44 2.65 3.40 7.01
CA VAL A 44 2.67 2.40 5.94
C VAL A 44 2.41 3.10 4.59
N PRO A 45 3.46 3.34 3.80
CA PRO A 45 3.30 3.93 2.48
C PRO A 45 2.79 2.91 1.44
N TYR A 46 2.16 3.42 0.41
CA TYR A 46 1.65 2.59 -0.67
C TYR A 46 1.86 3.34 -1.98
N LYS A 47 1.84 2.63 -3.10
CA LYS A 47 2.00 3.26 -4.39
C LYS A 47 1.26 2.47 -5.47
N THR A 48 0.57 3.18 -6.34
CA THR A 48 -0.16 2.58 -7.42
C THR A 48 0.74 2.35 -8.63
N ILE A 49 0.74 1.13 -9.09
CA ILE A 49 1.52 0.71 -10.22
C ILE A 49 0.65 0.72 -11.46
N GLU A 50 1.06 1.48 -12.44
CA GLU A 50 0.32 1.57 -13.67
C GLU A 50 0.64 0.35 -14.52
N GLY A 51 -0.30 -0.58 -14.59
CA GLY A 51 -0.13 -1.76 -15.37
C GLY A 51 -0.53 -1.52 -16.79
N THR A 52 -1.75 -1.86 -17.10
CA THR A 52 -2.31 -1.58 -18.40
C THR A 52 -3.23 -0.37 -18.36
N ALA A 53 -3.56 0.05 -17.15
CA ALA A 53 -4.37 1.23 -16.96
C ALA A 53 -3.45 2.42 -16.86
N ARG A 54 -3.93 3.58 -17.23
CA ARG A 54 -3.10 4.74 -17.21
C ARG A 54 -3.51 5.65 -16.06
N GLY A 55 -2.52 6.09 -15.28
CA GLY A 55 -2.79 6.99 -14.18
C GLY A 55 -2.85 8.41 -14.68
N GLY A 56 -2.57 9.36 -13.83
CA GLY A 56 -2.60 10.75 -14.23
C GLY A 56 -4.01 11.25 -14.44
N GLY A 57 -4.98 10.48 -13.97
CA GLY A 57 -6.35 10.87 -14.09
C GLY A 57 -7.00 10.33 -15.34
N GLU A 58 -6.34 9.41 -16.03
CA GLU A 58 -6.91 8.85 -17.26
C GLU A 58 -8.00 7.84 -16.93
N ASP A 59 -7.60 6.64 -16.55
CA ASP A 59 -8.57 5.61 -16.20
C ASP A 59 -8.79 5.67 -14.71
N PHE A 60 -7.70 5.82 -13.98
CA PHE A 60 -7.75 5.89 -12.56
C PHE A 60 -6.86 7.03 -12.10
N GLU A 61 -7.06 7.43 -10.89
CA GLU A 61 -6.25 8.44 -10.29
C GLU A 61 -5.22 7.72 -9.48
N ASP A 62 -3.99 7.88 -9.85
CA ASP A 62 -2.90 7.24 -9.13
C ASP A 62 -2.76 7.88 -7.78
N THR A 63 -2.46 7.09 -6.80
CA THR A 63 -2.37 7.57 -5.47
C THR A 63 -1.20 6.91 -4.75
N CYS A 64 -0.43 7.72 -4.11
CA CYS A 64 0.70 7.29 -3.35
C CYS A 64 0.75 8.12 -2.10
N GLY A 65 0.71 7.48 -0.99
CA GLY A 65 0.68 8.16 0.26
C GLY A 65 1.03 7.22 1.35
N GLU A 66 0.98 7.69 2.55
CA GLU A 66 1.33 6.87 3.66
C GLU A 66 0.23 6.86 4.71
N LEU A 67 -0.13 5.66 5.07
CA LEU A 67 -1.19 5.37 6.00
C LEU A 67 -0.66 5.34 7.40
N GLU A 68 -1.44 5.79 8.34
CA GLU A 68 -1.03 5.81 9.71
C GLU A 68 -1.74 4.72 10.52
N PHE A 69 -1.03 3.66 10.78
CA PHE A 69 -1.50 2.58 11.61
C PHE A 69 -0.90 2.74 12.97
N GLN A 70 -1.64 3.25 13.88
CA GLN A 70 -1.14 3.44 15.21
C GLN A 70 -1.27 2.15 16.00
N ASN A 71 -2.44 1.89 16.45
CA ASN A 71 -2.70 0.69 17.20
C ASN A 71 -3.46 -0.30 16.32
N ASP A 72 -3.41 -1.58 16.67
CA ASP A 72 -4.10 -2.69 15.94
C ASP A 72 -5.60 -2.47 15.85
N GLU A 73 -6.12 -1.68 16.76
CA GLU A 73 -7.51 -1.36 16.87
C GLU A 73 -8.07 -0.76 15.56
N ILE A 74 -7.32 0.13 14.98
CA ILE A 74 -7.79 0.87 13.85
C ILE A 74 -7.30 0.23 12.58
N VAL A 75 -7.98 0.51 11.53
CA VAL A 75 -7.66 0.01 10.25
C VAL A 75 -7.64 1.18 9.27
N LYS A 76 -6.90 1.03 8.22
CA LYS A 76 -6.83 2.08 7.22
C LYS A 76 -7.39 1.62 5.93
N ILE A 77 -7.83 2.57 5.17
CA ILE A 77 -8.42 2.33 3.88
C ILE A 77 -7.75 3.21 2.85
N ILE A 78 -7.47 2.63 1.73
CA ILE A 78 -6.93 3.35 0.63
C ILE A 78 -8.08 3.67 -0.29
N THR A 79 -8.25 4.92 -0.61
CA THR A 79 -9.32 5.35 -1.43
C THR A 79 -8.75 5.80 -2.76
N ILE A 80 -9.05 5.06 -3.79
CA ILE A 80 -8.53 5.35 -5.12
C ILE A 80 -9.66 5.88 -5.97
N ARG A 81 -9.38 6.94 -6.69
CA ARG A 81 -10.36 7.53 -7.54
C ARG A 81 -10.41 6.78 -8.87
N ILE A 82 -11.52 6.20 -9.14
CA ILE A 82 -11.78 5.54 -10.38
C ILE A 82 -12.65 6.49 -11.18
N PHE A 83 -12.21 6.84 -12.35
CA PHE A 83 -12.93 7.82 -13.14
C PHE A 83 -14.02 7.18 -13.95
N ASP A 84 -15.10 7.90 -14.14
CA ASP A 84 -16.21 7.45 -14.96
C ASP A 84 -15.79 7.60 -16.41
N ARG A 85 -14.96 6.69 -16.82
CA ARG A 85 -14.40 6.69 -18.12
C ARG A 85 -15.04 5.59 -18.94
N GLU A 86 -15.75 5.99 -19.95
CA GLU A 86 -16.32 5.09 -20.89
C GLU A 86 -15.58 5.33 -22.19
N GLU A 87 -14.41 4.77 -22.25
CA GLU A 87 -13.51 4.99 -23.34
C GLU A 87 -13.72 3.92 -24.40
N TYR A 88 -12.93 2.87 -24.34
CA TYR A 88 -12.94 1.78 -25.26
C TYR A 88 -12.40 0.61 -24.50
N GLU A 89 -12.77 -0.58 -24.88
CA GLU A 89 -12.38 -1.78 -24.17
C GLU A 89 -10.88 -2.01 -24.18
N LYS A 90 -10.32 -2.06 -22.99
CA LYS A 90 -8.95 -2.37 -22.76
C LYS A 90 -8.92 -3.47 -21.70
N GLU A 91 -7.76 -3.96 -21.39
CA GLU A 91 -7.59 -4.93 -20.33
C GLU A 91 -6.88 -4.22 -19.20
N CYS A 92 -7.34 -3.00 -18.96
CA CYS A 92 -6.75 -2.08 -18.04
C CYS A 92 -6.87 -2.53 -16.58
N SER A 93 -5.76 -2.69 -15.96
CA SER A 93 -5.69 -3.01 -14.58
C SER A 93 -4.50 -2.29 -14.01
N PHE A 94 -4.54 -1.99 -12.76
CA PHE A 94 -3.43 -1.39 -12.11
C PHE A 94 -3.20 -2.11 -10.82
N SER A 95 -2.01 -2.11 -10.35
CA SER A 95 -1.72 -2.78 -9.15
C SER A 95 -1.40 -1.76 -8.08
N LEU A 96 -1.59 -2.12 -6.89
CA LEU A 96 -1.27 -1.29 -5.79
C LEU A 96 -0.47 -2.10 -4.84
N VAL A 97 0.64 -1.57 -4.42
CA VAL A 97 1.51 -2.28 -3.53
C VAL A 97 1.81 -1.43 -2.32
N LEU A 98 2.21 -2.09 -1.28
CA LEU A 98 2.56 -1.45 -0.05
C LEU A 98 4.07 -1.32 0.00
N GLU A 99 4.51 -0.25 0.58
CA GLU A 99 5.91 0.03 0.74
C GLU A 99 6.34 -0.30 2.13
N GLU A 100 7.65 -0.37 2.36
CA GLU A 100 8.22 -0.66 3.66
C GLU A 100 7.71 0.32 4.72
N PRO A 101 6.96 -0.18 5.70
CA PRO A 101 6.36 0.63 6.74
C PRO A 101 7.39 1.00 7.81
N LYS A 102 7.19 2.12 8.43
CA LYS A 102 8.14 2.61 9.45
C LYS A 102 7.46 2.78 10.80
N TRP A 103 8.16 2.41 11.86
CA TRP A 103 7.60 2.45 13.20
C TRP A 103 8.15 3.68 13.95
N ILE A 104 7.26 4.55 14.32
CA ILE A 104 7.60 5.76 15.01
C ILE A 104 7.46 5.57 16.55
N ARG A 105 8.27 6.30 17.28
CA ARG A 105 8.33 6.29 18.75
C ARG A 105 7.03 6.83 19.41
N ARG A 106 7.01 6.84 20.75
CA ARG A 106 5.88 7.32 21.61
C ARG A 106 4.60 6.46 21.55
N GLY A 107 4.42 5.68 20.51
CA GLY A 107 3.22 4.86 20.42
C GLY A 107 3.39 3.51 21.10
N MET A 108 4.58 3.24 21.53
CA MET A 108 4.90 1.99 22.20
C MET A 108 4.94 2.24 23.70
N LYS A 109 5.44 1.29 24.45
CA LYS A 109 5.60 1.48 25.86
C LYS A 109 6.87 0.79 26.33
N GLY A 110 7.65 1.49 27.10
CA GLY A 110 8.90 0.95 27.59
C GLY A 110 10.04 1.22 26.63
N GLY A 111 10.10 0.43 25.60
CA GLY A 111 11.15 0.59 24.63
C GLY A 111 10.69 1.44 23.49
N PHE A 112 11.45 2.43 23.16
CA PHE A 112 11.13 3.32 22.09
C PHE A 112 12.31 3.41 21.16
N THR A 113 12.06 3.31 19.89
CA THR A 113 13.11 3.46 18.94
C THR A 113 13.28 4.93 18.63
N ILE A 114 14.29 5.52 19.20
CA ILE A 114 14.54 6.90 18.96
C ILE A 114 15.39 6.99 17.72
N THR A 115 14.73 7.14 16.61
CA THR A 115 15.37 7.25 15.35
C THR A 115 16.06 8.61 15.24
N GLU A 116 17.29 8.64 15.67
CA GLU A 116 18.10 9.82 15.55
C GLU A 116 19.25 9.57 14.59
N GLU A 117 19.45 8.32 14.26
CA GLU A 117 20.43 7.95 13.28
C GLU A 117 19.71 7.65 11.99
N TYR A 118 19.72 8.60 11.13
CA TYR A 118 19.06 8.53 9.87
C TYR A 118 19.91 9.31 8.90
N ASP A 119 19.92 8.91 7.67
CA ASP A 119 20.65 9.66 6.69
C ASP A 119 19.70 10.15 5.63
N ASP A 120 19.83 11.43 5.35
CA ASP A 120 18.95 12.17 4.44
C ASP A 120 18.92 11.58 3.03
N LYS A 121 19.94 10.83 2.67
CA LYS A 121 19.97 10.18 1.39
C LYS A 121 18.91 9.08 1.30
N GLN A 122 18.84 8.20 2.30
CA GLN A 122 17.90 7.06 2.26
C GLN A 122 17.86 6.18 3.54
N PRO A 123 19.01 5.61 4.00
CA PRO A 123 18.99 4.59 5.05
C PRO A 123 19.02 5.12 6.50
N LEU A 124 18.82 4.19 7.41
CA LEU A 124 18.91 4.44 8.83
C LEU A 124 20.34 4.18 9.19
N THR A 125 20.79 3.02 8.79
CA THR A 125 22.13 2.62 8.99
C THR A 125 22.96 3.24 7.88
N SER A 126 23.53 4.37 8.17
CA SER A 126 24.35 5.12 7.24
C SER A 126 25.82 4.73 7.37
N LYS A 127 26.04 3.55 7.89
CA LYS A 127 27.37 3.05 8.14
C LYS A 127 27.59 1.85 7.24
N GLU A 128 28.51 1.02 7.59
CA GLU A 128 28.74 -0.20 6.86
C GLU A 128 27.76 -1.26 7.39
N GLU A 129 28.07 -2.52 7.22
CA GLU A 129 27.14 -3.55 7.60
C GLU A 129 27.22 -3.89 9.09
N GLU A 130 26.74 -2.97 9.92
CA GLU A 130 26.65 -3.19 11.35
C GLU A 130 25.37 -3.98 11.69
N GLU A 131 25.32 -5.23 11.19
CA GLU A 131 24.15 -6.12 11.37
C GLU A 131 22.86 -5.46 10.86
N ARG A 132 23.02 -4.68 9.78
CA ARG A 132 21.95 -3.92 9.18
C ARG A 132 20.77 -4.80 8.76
N ARG A 133 21.05 -6.02 8.32
CA ARG A 133 19.99 -6.92 7.93
C ARG A 133 19.18 -7.34 9.14
N ILE A 134 19.85 -7.55 10.26
CA ILE A 134 19.18 -7.94 11.50
C ILE A 134 18.37 -6.76 12.03
N ALA A 135 18.92 -5.57 11.86
CA ALA A 135 18.22 -4.35 12.22
C ALA A 135 16.96 -4.22 11.39
N GLU A 136 17.06 -4.49 10.09
CA GLU A 136 15.90 -4.42 9.21
C GLU A 136 14.91 -5.56 9.46
N MET A 137 15.39 -6.67 9.99
CA MET A 137 14.50 -7.77 10.35
C MET A 137 13.77 -7.44 11.64
N GLY A 138 14.17 -6.36 12.28
CA GLY A 138 13.52 -5.89 13.48
C GLY A 138 12.64 -4.70 13.16
N ARG A 139 12.40 -4.50 11.90
CA ARG A 139 11.56 -3.43 11.42
C ARG A 139 10.25 -4.03 10.93
N PRO A 140 9.17 -3.23 10.89
CA PRO A 140 7.89 -3.69 10.35
C PRO A 140 7.99 -3.93 8.85
N ILE A 141 7.32 -4.93 8.39
CA ILE A 141 7.35 -5.32 7.01
C ILE A 141 5.94 -5.55 6.51
N LEU A 142 5.81 -5.97 5.30
CA LEU A 142 4.54 -6.30 4.75
C LEU A 142 4.40 -7.80 4.74
N GLY A 143 3.25 -8.28 4.30
CA GLY A 143 3.04 -9.71 4.19
C GLY A 143 3.88 -10.30 3.08
N GLU A 144 3.90 -11.62 3.02
CA GLU A 144 4.72 -12.38 2.08
C GLU A 144 4.56 -11.88 0.63
N HIS A 145 3.36 -11.97 0.13
CA HIS A 145 3.04 -11.52 -1.21
C HIS A 145 1.85 -10.62 -1.09
N THR A 146 2.04 -9.34 -1.14
CA THR A 146 0.94 -8.46 -0.99
C THR A 146 0.89 -7.42 -2.13
N LYS A 147 -0.10 -7.56 -2.94
CA LYS A 147 -0.33 -6.68 -4.06
C LYS A 147 -1.81 -6.59 -4.23
N LEU A 148 -2.29 -5.53 -4.74
CA LEU A 148 -3.68 -5.39 -5.02
C LEU A 148 -3.86 -5.06 -6.48
N GLU A 149 -4.26 -6.03 -7.23
CA GLU A 149 -4.53 -5.83 -8.62
C GLU A 149 -5.95 -5.40 -8.77
N VAL A 150 -6.11 -4.15 -9.06
CA VAL A 150 -7.41 -3.54 -9.22
C VAL A 150 -7.74 -3.52 -10.69
N ILE A 151 -8.82 -4.13 -11.01
CA ILE A 151 -9.21 -4.31 -12.36
C ILE A 151 -10.49 -3.57 -12.66
N ILE A 152 -10.49 -2.88 -13.77
CA ILE A 152 -11.55 -2.03 -14.23
C ILE A 152 -11.64 -2.15 -15.74
N GLU A 153 -12.79 -1.71 -16.30
CA GLU A 153 -13.08 -1.51 -17.75
C GLU A 153 -14.53 -1.87 -17.96
N GLU A 154 -15.10 -1.48 -19.09
CA GLU A 154 -16.44 -1.89 -19.45
C GLU A 154 -16.49 -3.40 -19.59
N SER A 155 -17.39 -4.02 -18.84
CA SER A 155 -17.60 -5.45 -18.84
C SER A 155 -16.43 -6.24 -18.25
N TYR A 156 -16.44 -6.40 -16.97
CA TYR A 156 -15.49 -7.25 -16.29
C TYR A 156 -16.26 -8.43 -15.76
N GLU A 157 -15.60 -9.44 -15.33
CA GLU A 157 -16.30 -10.57 -14.78
C GLU A 157 -16.16 -10.60 -13.28
N PHE A 158 -17.28 -10.72 -12.62
CA PHE A 158 -17.30 -10.69 -11.18
C PHE A 158 -17.21 -12.10 -10.66
N LYS A 159 -16.08 -12.42 -10.12
CA LYS A 159 -15.87 -13.72 -9.53
C LYS A 159 -16.25 -13.65 -8.08
N SER A 160 -16.37 -14.78 -7.44
CA SER A 160 -16.74 -14.83 -6.07
C SER A 160 -15.61 -14.32 -5.16
N THR A 161 -15.60 -13.03 -4.92
CA THR A 161 -14.63 -12.45 -4.05
C THR A 161 -15.16 -12.56 -2.63
N VAL A 162 -14.68 -13.53 -1.91
CA VAL A 162 -15.21 -13.87 -0.60
C VAL A 162 -14.05 -14.05 0.39
N ASP A 163 -14.33 -13.79 1.65
CA ASP A 163 -13.37 -14.04 2.73
C ASP A 163 -13.98 -14.99 3.74
N HIS A 8 6.39 -10.69 15.33
CA HIS A 8 6.83 -9.97 16.52
C HIS A 8 6.57 -8.47 16.37
N ALA A 9 6.19 -8.10 15.18
CA ALA A 9 5.94 -6.72 14.83
C ALA A 9 4.72 -6.65 13.94
N GLY A 10 4.37 -5.46 13.50
CA GLY A 10 3.22 -5.29 12.64
C GLY A 10 3.44 -5.91 11.28
N ILE A 11 2.43 -6.59 10.76
CA ILE A 11 2.50 -7.22 9.45
C ILE A 11 1.30 -6.75 8.66
N PHE A 12 1.57 -6.04 7.60
CA PHE A 12 0.51 -5.45 6.80
C PHE A 12 0.34 -6.16 5.47
N THR A 13 -0.90 -6.37 5.10
CA THR A 13 -1.22 -7.01 3.85
C THR A 13 -2.55 -6.46 3.33
N PHE A 14 -2.77 -6.57 2.04
CA PHE A 14 -4.05 -6.19 1.44
C PHE A 14 -5.10 -7.23 1.74
N GLU A 15 -6.36 -6.82 1.72
CA GLU A 15 -7.50 -7.73 1.91
C GLU A 15 -7.49 -8.81 0.84
N GLU A 16 -7.33 -8.41 -0.38
CA GLU A 16 -7.27 -9.33 -1.48
C GLU A 16 -6.05 -9.01 -2.31
N PRO A 17 -5.44 -9.99 -2.99
CA PRO A 17 -4.33 -9.72 -3.88
C PRO A 17 -4.84 -9.17 -5.21
N VAL A 18 -6.10 -9.41 -5.48
CA VAL A 18 -6.74 -8.99 -6.68
C VAL A 18 -8.13 -8.51 -6.35
N THR A 19 -8.47 -7.33 -6.77
CA THR A 19 -9.77 -6.79 -6.52
C THR A 19 -10.36 -6.28 -7.83
N HIS A 20 -11.60 -6.62 -8.09
CA HIS A 20 -12.27 -6.14 -9.27
C HIS A 20 -13.28 -5.10 -8.86
N VAL A 21 -13.15 -3.92 -9.38
CA VAL A 21 -14.02 -2.84 -9.01
C VAL A 21 -14.62 -2.20 -10.23
N SER A 22 -15.80 -1.71 -10.05
CA SER A 22 -16.53 -1.02 -11.06
C SER A 22 -15.83 0.26 -11.41
N GLU A 23 -15.82 0.60 -12.68
CA GLU A 23 -15.22 1.84 -13.10
C GLU A 23 -16.09 3.02 -12.65
N SER A 24 -17.37 2.76 -12.42
CA SER A 24 -18.32 3.80 -12.05
C SER A 24 -18.54 3.80 -10.52
N ILE A 25 -17.63 3.18 -9.76
CA ILE A 25 -17.80 3.09 -8.31
C ILE A 25 -17.48 4.43 -7.64
N GLY A 26 -16.69 5.24 -8.31
CA GLY A 26 -16.28 6.49 -7.73
C GLY A 26 -15.03 6.33 -6.91
N ILE A 27 -15.17 5.73 -5.76
CA ILE A 27 -14.06 5.51 -4.86
C ILE A 27 -14.03 4.03 -4.51
N MET A 28 -12.90 3.42 -4.70
CA MET A 28 -12.76 2.04 -4.31
C MET A 28 -12.08 2.00 -2.95
N GLU A 29 -12.40 1.02 -2.15
CA GLU A 29 -11.91 0.92 -0.80
C GLU A 29 -11.21 -0.41 -0.57
N VAL A 30 -9.94 -0.34 -0.24
CA VAL A 30 -9.18 -1.52 0.16
C VAL A 30 -8.51 -1.24 1.48
N LYS A 31 -8.74 -2.12 2.43
CA LYS A 31 -8.16 -1.98 3.74
C LYS A 31 -6.85 -2.70 3.83
N VAL A 32 -5.97 -2.18 4.63
CA VAL A 32 -4.72 -2.81 4.90
C VAL A 32 -4.88 -3.57 6.21
N LEU A 33 -4.77 -4.86 6.14
CA LEU A 33 -5.00 -5.73 7.25
C LEU A 33 -3.72 -5.95 8.01
N ARG A 34 -3.85 -6.30 9.28
CA ARG A 34 -2.73 -6.53 10.14
C ARG A 34 -2.73 -7.98 10.53
N THR A 35 -1.85 -8.75 9.95
CA THR A 35 -1.77 -10.16 10.21
C THR A 35 -1.36 -10.42 11.67
N SER A 36 -0.19 -9.95 12.05
CA SER A 36 0.29 -10.09 13.41
C SER A 36 -0.46 -9.11 14.32
N GLY A 37 -0.50 -7.86 13.89
CA GLY A 37 -1.14 -6.82 14.67
C GLY A 37 -0.50 -5.50 14.35
N ALA A 38 -0.66 -4.54 15.23
CA ALA A 38 -0.08 -3.22 15.08
C ALA A 38 -0.08 -2.52 16.42
N ARG A 39 0.99 -1.81 16.73
CA ARG A 39 1.12 -1.11 17.99
C ARG A 39 2.13 0.01 17.74
N GLY A 40 1.81 1.19 18.20
CA GLY A 40 2.76 2.29 18.09
C GLY A 40 2.33 3.30 17.07
N ASN A 41 3.25 3.71 16.23
CA ASN A 41 2.92 4.59 15.13
C ASN A 41 3.65 4.10 13.90
N VAL A 42 2.93 3.56 12.99
CA VAL A 42 3.54 2.97 11.83
C VAL A 42 2.99 3.58 10.56
N ILE A 43 3.89 4.07 9.78
CA ILE A 43 3.56 4.63 8.51
C ILE A 43 3.70 3.55 7.45
N VAL A 44 2.60 3.24 6.83
CA VAL A 44 2.53 2.25 5.79
C VAL A 44 2.31 2.96 4.48
N PRO A 45 3.35 3.18 3.69
CA PRO A 45 3.20 3.79 2.40
C PRO A 45 2.73 2.80 1.35
N TYR A 46 2.18 3.31 0.28
CA TYR A 46 1.71 2.50 -0.81
C TYR A 46 1.97 3.24 -2.10
N LYS A 47 1.96 2.55 -3.22
CA LYS A 47 2.20 3.18 -4.50
C LYS A 47 1.52 2.44 -5.61
N THR A 48 0.89 3.18 -6.46
CA THR A 48 0.20 2.68 -7.59
C THR A 48 1.14 2.40 -8.78
N ILE A 49 0.89 1.29 -9.42
CA ILE A 49 1.65 0.84 -10.56
C ILE A 49 0.69 0.83 -11.74
N GLU A 50 1.06 1.49 -12.80
CA GLU A 50 0.21 1.60 -13.97
C GLU A 50 0.21 0.30 -14.78
N GLY A 51 -0.71 0.19 -15.69
CA GLY A 51 -0.81 -1.00 -16.50
C GLY A 51 -1.64 -0.73 -17.72
N THR A 52 -2.80 -1.33 -17.77
CA THR A 52 -3.72 -1.11 -18.86
C THR A 52 -4.38 0.25 -18.64
N ALA A 53 -4.51 0.58 -17.38
CA ALA A 53 -5.04 1.83 -16.93
C ALA A 53 -3.87 2.80 -16.83
N ARG A 54 -4.08 4.06 -17.17
CA ARG A 54 -2.96 4.99 -17.27
C ARG A 54 -2.94 6.02 -16.16
N GLY A 55 -1.71 6.47 -15.91
CA GLY A 55 -1.35 7.61 -15.08
C GLY A 55 -2.07 7.80 -13.77
N GLY A 56 -2.72 8.92 -13.69
CA GLY A 56 -3.37 9.38 -12.53
C GLY A 56 -4.30 10.49 -12.91
N GLY A 57 -5.53 10.14 -13.10
CA GLY A 57 -6.51 11.08 -13.56
C GLY A 57 -7.14 10.58 -14.82
N GLU A 58 -6.43 9.67 -15.47
CA GLU A 58 -6.88 9.05 -16.70
C GLU A 58 -7.95 7.99 -16.40
N ASP A 59 -7.53 6.88 -15.85
CA ASP A 59 -8.46 5.80 -15.47
C ASP A 59 -8.67 5.83 -14.01
N PHE A 60 -7.59 5.98 -13.32
CA PHE A 60 -7.60 6.01 -11.91
C PHE A 60 -6.76 7.17 -11.49
N GLU A 61 -7.01 7.66 -10.34
CA GLU A 61 -6.27 8.74 -9.79
C GLU A 61 -5.09 8.17 -9.04
N ASP A 62 -3.90 8.68 -9.31
CA ASP A 62 -2.67 8.16 -8.75
C ASP A 62 -2.56 8.51 -7.30
N THR A 63 -2.82 7.55 -6.47
CA THR A 63 -2.73 7.74 -5.09
C THR A 63 -1.51 6.98 -4.58
N CYS A 64 -0.57 7.72 -4.09
CA CYS A 64 0.63 7.15 -3.54
C CYS A 64 1.06 7.99 -2.36
N GLY A 65 0.76 7.52 -1.18
CA GLY A 65 1.03 8.27 -0.01
C GLY A 65 1.36 7.38 1.17
N GLU A 66 1.28 7.97 2.34
CA GLU A 66 1.67 7.32 3.57
C GLU A 66 0.47 7.18 4.50
N LEU A 67 0.11 5.95 4.81
CA LEU A 67 -0.98 5.68 5.72
C LEU A 67 -0.45 5.62 7.12
N GLU A 68 -1.17 6.17 8.06
CA GLU A 68 -0.70 6.15 9.42
C GLU A 68 -1.51 5.19 10.26
N PHE A 69 -0.93 4.08 10.56
CA PHE A 69 -1.51 3.15 11.47
C PHE A 69 -0.91 3.40 12.81
N GLN A 70 -1.67 3.25 13.83
CA GLN A 70 -1.14 3.43 15.13
C GLN A 70 -1.23 2.12 15.85
N ASN A 71 -2.33 1.87 16.49
CA ASN A 71 -2.53 0.59 17.07
C ASN A 71 -3.50 -0.21 16.22
N ASP A 72 -3.61 -1.48 16.49
CA ASP A 72 -4.47 -2.44 15.76
C ASP A 72 -5.96 -2.07 15.79
N GLU A 73 -6.32 -1.11 16.62
CA GLU A 73 -7.70 -0.68 16.76
C GLU A 73 -8.21 0.07 15.50
N ILE A 74 -7.29 0.53 14.65
CA ILE A 74 -7.70 1.28 13.48
C ILE A 74 -7.34 0.56 12.21
N VAL A 75 -7.94 0.97 11.14
CA VAL A 75 -7.66 0.44 9.85
C VAL A 75 -7.57 1.59 8.87
N LYS A 76 -6.74 1.45 7.90
CA LYS A 76 -6.64 2.44 6.88
C LYS A 76 -7.18 1.89 5.62
N ILE A 77 -7.79 2.74 4.89
CA ILE A 77 -8.38 2.41 3.65
C ILE A 77 -7.69 3.17 2.57
N ILE A 78 -7.35 2.51 1.52
CA ILE A 78 -6.80 3.14 0.39
C ILE A 78 -7.93 3.45 -0.54
N THR A 79 -8.18 4.69 -0.70
CA THR A 79 -9.24 5.16 -1.50
C THR A 79 -8.69 5.64 -2.83
N ILE A 80 -9.02 4.94 -3.87
CA ILE A 80 -8.57 5.30 -5.19
C ILE A 80 -9.75 5.85 -5.94
N ARG A 81 -9.57 7.02 -6.54
CA ARG A 81 -10.60 7.61 -7.35
C ARG A 81 -10.59 6.93 -8.70
N ILE A 82 -11.67 6.25 -8.99
CA ILE A 82 -11.80 5.51 -10.21
C ILE A 82 -12.65 6.32 -11.17
N PHE A 83 -12.16 6.54 -12.35
CA PHE A 83 -12.87 7.35 -13.33
C PHE A 83 -13.44 6.48 -14.45
N ASP A 84 -14.74 6.41 -14.47
CA ASP A 84 -15.51 5.63 -15.46
C ASP A 84 -15.39 6.24 -16.84
N ARG A 85 -15.48 5.39 -17.84
CA ARG A 85 -15.33 5.83 -19.22
C ARG A 85 -16.34 5.15 -20.13
N GLU A 86 -16.47 3.85 -19.99
CA GLU A 86 -17.30 3.09 -20.88
C GLU A 86 -18.40 2.40 -20.13
N GLU A 87 -19.18 1.64 -20.85
CA GLU A 87 -20.20 0.85 -20.24
C GLU A 87 -19.50 -0.38 -19.66
N TYR A 88 -18.48 -0.83 -20.38
CA TYR A 88 -17.63 -1.92 -19.97
C TYR A 88 -16.21 -1.65 -20.47
N GLU A 89 -15.34 -1.13 -19.62
CA GLU A 89 -13.93 -1.03 -20.02
C GLU A 89 -13.31 -2.41 -20.23
N LYS A 90 -12.26 -2.47 -21.01
CA LYS A 90 -11.73 -3.74 -21.48
C LYS A 90 -10.73 -4.34 -20.51
N GLU A 91 -11.23 -4.77 -19.35
CA GLU A 91 -10.45 -5.48 -18.31
C GLU A 91 -9.17 -4.73 -17.93
N CYS A 92 -9.19 -3.42 -17.99
CA CYS A 92 -8.04 -2.63 -17.68
C CYS A 92 -7.65 -2.83 -16.23
N SER A 93 -6.40 -3.13 -15.99
CA SER A 93 -5.95 -3.40 -14.67
C SER A 93 -4.68 -2.60 -14.36
N PHE A 94 -4.49 -2.31 -13.11
CA PHE A 94 -3.26 -1.71 -12.61
C PHE A 94 -2.93 -2.39 -11.29
N SER A 95 -1.81 -2.08 -10.70
CA SER A 95 -1.48 -2.71 -9.46
C SER A 95 -1.19 -1.65 -8.40
N LEU A 96 -1.29 -2.05 -7.18
CA LEU A 96 -0.99 -1.23 -6.04
C LEU A 96 -0.22 -2.10 -5.10
N VAL A 97 0.86 -1.60 -4.59
CA VAL A 97 1.67 -2.36 -3.66
C VAL A 97 1.93 -1.55 -2.41
N LEU A 98 2.18 -2.25 -1.34
CA LEU A 98 2.52 -1.62 -0.10
C LEU A 98 4.01 -1.50 -0.02
N GLU A 99 4.45 -0.42 0.53
CA GLU A 99 5.85 -0.13 0.70
C GLU A 99 6.29 -0.58 2.07
N GLU A 100 7.57 -0.47 2.34
CA GLU A 100 8.14 -0.85 3.61
C GLU A 100 7.62 0.08 4.70
N PRO A 101 6.82 -0.44 5.65
CA PRO A 101 6.27 0.36 6.70
C PRO A 101 7.33 0.73 7.72
N LYS A 102 7.22 1.91 8.23
CA LYS A 102 8.18 2.41 9.16
C LYS A 102 7.51 2.77 10.46
N TRP A 103 8.17 2.47 11.53
CA TRP A 103 7.65 2.74 12.85
C TRP A 103 8.34 3.98 13.36
N ILE A 104 7.56 4.94 13.72
CA ILE A 104 8.06 6.19 14.22
C ILE A 104 8.52 6.00 15.65
N ARG A 105 9.80 5.83 15.77
CA ARG A 105 10.47 5.57 17.01
C ARG A 105 10.24 6.69 18.01
N ARG A 106 9.78 6.34 19.17
CA ARG A 106 9.59 7.30 20.23
C ARG A 106 10.96 7.65 20.78
N GLY A 107 11.35 8.88 20.59
CA GLY A 107 12.67 9.28 20.94
C GLY A 107 13.52 9.25 19.71
N MET A 108 13.44 10.28 18.94
CA MET A 108 14.21 10.37 17.72
C MET A 108 15.47 11.16 17.98
N LYS A 109 16.44 11.04 17.10
CA LYS A 109 17.70 11.71 17.28
C LYS A 109 17.95 12.75 16.18
N GLY A 110 17.95 13.98 16.61
CA GLY A 110 18.20 15.11 15.74
C GLY A 110 18.83 16.22 16.53
N GLY A 111 18.25 16.50 17.68
CA GLY A 111 18.79 17.51 18.58
C GLY A 111 19.85 16.93 19.46
N PHE A 112 20.85 16.36 18.84
CA PHE A 112 21.92 15.70 19.52
C PHE A 112 23.08 16.68 19.69
N THR A 113 23.92 16.44 20.67
CA THR A 113 25.05 17.28 20.97
C THR A 113 26.09 17.22 19.85
N ILE A 114 26.15 18.27 19.06
CA ILE A 114 27.12 18.37 17.99
C ILE A 114 27.99 19.60 18.26
N THR A 115 29.04 19.42 18.99
CA THR A 115 29.92 20.52 19.31
C THR A 115 31.37 20.08 19.08
N GLU A 116 31.76 19.00 19.69
CA GLU A 116 33.07 18.40 19.48
C GLU A 116 32.98 17.42 18.33
N GLU A 117 31.76 17.02 18.07
CA GLU A 117 31.42 16.15 16.97
C GLU A 117 31.36 17.00 15.71
N TYR A 118 31.91 16.50 14.64
CA TYR A 118 31.96 17.25 13.40
C TYR A 118 30.91 16.73 12.41
N ASP A 119 30.39 15.55 12.67
CA ASP A 119 29.41 14.95 11.78
C ASP A 119 28.06 14.91 12.45
N ASP A 120 27.06 15.43 11.78
CA ASP A 120 25.69 15.41 12.30
C ASP A 120 25.16 14.02 12.30
N LYS A 121 24.34 13.72 13.27
CA LYS A 121 23.74 12.43 13.35
C LYS A 121 22.45 12.39 12.56
N GLN A 122 22.64 12.17 11.31
CA GLN A 122 21.62 12.10 10.32
C GLN A 122 21.99 10.91 9.46
N PRO A 123 21.07 9.95 9.24
CA PRO A 123 21.35 8.80 8.39
C PRO A 123 21.77 9.25 7.02
N LEU A 124 22.77 8.61 6.51
CA LEU A 124 23.29 8.98 5.24
C LEU A 124 22.42 8.38 4.17
N THR A 125 21.62 9.22 3.57
CA THR A 125 20.71 8.81 2.53
C THR A 125 21.45 8.75 1.21
N SER A 126 22.69 9.22 1.24
CA SER A 126 23.61 9.12 0.15
C SER A 126 24.02 7.65 0.01
N LYS A 127 23.76 6.92 1.08
CA LYS A 127 24.00 5.52 1.24
C LYS A 127 22.74 4.94 1.86
N GLU A 128 22.90 3.89 2.61
CA GLU A 128 21.83 3.30 3.39
C GLU A 128 22.37 3.25 4.78
N GLU A 129 21.61 2.76 5.70
CA GLU A 129 22.17 2.38 6.94
C GLU A 129 22.47 0.92 6.81
N GLU A 130 23.77 0.61 6.64
CA GLU A 130 24.23 -0.74 6.41
C GLU A 130 23.69 -1.71 7.45
N GLU A 131 23.63 -2.99 7.07
CA GLU A 131 22.99 -4.05 7.86
C GLU A 131 21.50 -3.75 7.96
N ARG A 132 20.99 -3.16 6.85
CA ARG A 132 19.60 -2.69 6.75
C ARG A 132 18.57 -3.80 7.03
N ARG A 133 18.93 -5.06 6.78
CA ARG A 133 18.03 -6.19 7.06
C ARG A 133 17.65 -6.22 8.51
N ILE A 134 18.64 -6.05 9.36
CA ILE A 134 18.46 -6.08 10.79
C ILE A 134 17.70 -4.83 11.24
N ALA A 135 17.97 -3.73 10.57
CA ALA A 135 17.28 -2.48 10.86
C ALA A 135 15.79 -2.60 10.53
N GLU A 136 15.49 -3.37 9.47
CA GLU A 136 14.10 -3.62 9.07
C GLU A 136 13.46 -4.68 9.95
N MET A 137 14.27 -5.43 10.68
CA MET A 137 13.77 -6.38 11.67
C MET A 137 13.32 -5.60 12.90
N GLY A 138 13.67 -4.33 12.89
CA GLY A 138 13.25 -3.42 13.90
C GLY A 138 12.18 -2.51 13.35
N ARG A 139 11.56 -2.97 12.29
CA ARG A 139 10.49 -2.29 11.64
C ARG A 139 9.35 -3.26 11.48
N PRO A 140 8.12 -2.77 11.34
CA PRO A 140 7.00 -3.62 10.96
C PRO A 140 7.19 -3.99 9.50
N ILE A 141 6.62 -5.06 9.07
CA ILE A 141 6.85 -5.52 7.72
C ILE A 141 5.55 -5.86 7.03
N LEU A 142 5.65 -6.33 5.83
CA LEU A 142 4.49 -6.74 5.08
C LEU A 142 4.30 -8.22 5.29
N GLY A 143 3.24 -8.76 4.73
CA GLY A 143 2.96 -10.17 4.85
C GLY A 143 3.85 -11.02 3.97
N GLU A 144 3.23 -11.86 3.22
CA GLU A 144 3.92 -12.72 2.29
C GLU A 144 4.37 -11.90 1.09
N HIS A 145 3.47 -11.73 0.15
CA HIS A 145 3.70 -10.98 -1.04
C HIS A 145 2.42 -10.25 -1.30
N THR A 146 2.37 -9.05 -0.85
CA THR A 146 1.17 -8.32 -0.89
C THR A 146 1.16 -7.34 -2.07
N LYS A 147 0.23 -7.56 -2.92
CA LYS A 147 0.03 -6.78 -4.08
C LYS A 147 -1.44 -6.71 -4.30
N LEU A 148 -1.91 -5.62 -4.74
CA LEU A 148 -3.29 -5.46 -5.03
C LEU A 148 -3.44 -5.13 -6.48
N GLU A 149 -3.87 -6.06 -7.23
CA GLU A 149 -4.14 -5.82 -8.60
C GLU A 149 -5.57 -5.39 -8.71
N VAL A 150 -5.75 -4.24 -9.24
CA VAL A 150 -7.04 -3.64 -9.34
C VAL A 150 -7.49 -3.64 -10.75
N ILE A 151 -8.57 -4.28 -10.97
CA ILE A 151 -9.14 -4.38 -12.26
C ILE A 151 -10.35 -3.51 -12.31
N ILE A 152 -10.33 -2.58 -13.21
CA ILE A 152 -11.39 -1.64 -13.37
C ILE A 152 -12.18 -1.97 -14.61
N GLU A 153 -13.42 -2.27 -14.40
CA GLU A 153 -14.34 -2.64 -15.43
C GLU A 153 -15.71 -2.57 -14.81
N GLU A 154 -16.68 -2.02 -15.50
CA GLU A 154 -18.00 -2.05 -14.96
C GLU A 154 -18.63 -3.41 -15.17
N SER A 155 -18.30 -4.31 -14.31
CA SER A 155 -18.88 -5.61 -14.36
C SER A 155 -20.14 -5.55 -13.52
N TYR A 156 -21.23 -5.20 -14.18
CA TYR A 156 -22.47 -4.99 -13.49
C TYR A 156 -23.61 -5.73 -14.15
N GLU A 157 -24.48 -6.18 -13.31
CA GLU A 157 -25.75 -6.73 -13.65
C GLU A 157 -26.46 -6.64 -12.33
N PHE A 158 -27.74 -6.44 -12.32
CA PHE A 158 -28.45 -6.30 -11.06
C PHE A 158 -28.67 -7.70 -10.46
N LYS A 159 -28.64 -8.71 -11.34
CA LYS A 159 -28.70 -10.13 -11.01
C LYS A 159 -29.93 -10.51 -10.22
N SER A 160 -30.98 -9.76 -10.38
CA SER A 160 -32.19 -10.03 -9.69
C SER A 160 -33.12 -10.77 -10.63
N THR A 161 -32.94 -12.04 -10.70
CA THR A 161 -33.72 -12.88 -11.54
C THR A 161 -34.32 -14.02 -10.73
N VAL A 162 -35.62 -14.07 -10.68
CA VAL A 162 -36.29 -15.14 -10.01
C VAL A 162 -37.07 -15.94 -11.04
N ASP A 163 -36.73 -17.17 -11.18
CA ASP A 163 -37.36 -18.04 -12.15
C ASP A 163 -38.11 -19.12 -11.42
N HIS A 8 7.22 -8.30 12.06
CA HIS A 8 7.80 -7.76 13.27
C HIS A 8 6.82 -6.77 13.89
N ALA A 9 5.97 -7.29 14.79
CA ALA A 9 4.91 -6.56 15.52
C ALA A 9 3.74 -6.20 14.60
N GLY A 10 4.06 -5.60 13.48
CA GLY A 10 3.10 -5.23 12.51
C GLY A 10 3.45 -5.82 11.18
N ILE A 11 2.54 -6.55 10.61
CA ILE A 11 2.71 -7.13 9.30
C ILE A 11 1.52 -6.72 8.47
N PHE A 12 1.76 -6.01 7.41
CA PHE A 12 0.69 -5.45 6.61
C PHE A 12 0.51 -6.19 5.29
N THR A 13 -0.73 -6.50 4.98
CA THR A 13 -1.08 -7.16 3.76
C THR A 13 -2.48 -6.69 3.33
N PHE A 14 -2.77 -6.75 2.06
CA PHE A 14 -4.09 -6.38 1.56
C PHE A 14 -5.10 -7.48 1.90
N GLU A 15 -6.37 -7.12 1.97
CA GLU A 15 -7.44 -8.09 2.26
C GLU A 15 -7.46 -9.19 1.22
N GLU A 16 -7.44 -8.77 -0.02
CA GLU A 16 -7.47 -9.66 -1.14
C GLU A 16 -6.40 -9.21 -2.11
N PRO A 17 -5.86 -10.11 -2.94
CA PRO A 17 -4.81 -9.76 -3.88
C PRO A 17 -5.35 -9.22 -5.21
N VAL A 18 -6.65 -9.36 -5.44
CA VAL A 18 -7.29 -8.91 -6.67
C VAL A 18 -8.67 -8.36 -6.34
N THR A 19 -9.01 -7.24 -6.92
CA THR A 19 -10.32 -6.68 -6.75
C THR A 19 -10.87 -6.23 -8.12
N HIS A 20 -12.10 -6.58 -8.38
CA HIS A 20 -12.77 -6.19 -9.60
C HIS A 20 -13.75 -5.10 -9.26
N VAL A 21 -13.50 -3.90 -9.69
CA VAL A 21 -14.36 -2.79 -9.37
C VAL A 21 -14.92 -2.17 -10.63
N SER A 22 -16.06 -1.53 -10.49
CA SER A 22 -16.68 -0.85 -11.58
C SER A 22 -15.91 0.44 -11.76
N GLU A 23 -15.77 0.92 -12.95
CA GLU A 23 -15.03 2.15 -13.11
C GLU A 23 -15.88 3.36 -12.72
N SER A 24 -17.18 3.15 -12.63
CA SER A 24 -18.09 4.21 -12.24
C SER A 24 -18.31 4.23 -10.72
N ILE A 25 -17.48 3.51 -9.98
CA ILE A 25 -17.65 3.43 -8.53
C ILE A 25 -17.19 4.73 -7.83
N GLY A 26 -16.31 5.48 -8.46
CA GLY A 26 -15.86 6.72 -7.88
C GLY A 26 -14.66 6.52 -6.98
N ILE A 27 -14.88 5.86 -5.87
CA ILE A 27 -13.82 5.61 -4.92
C ILE A 27 -13.88 4.15 -4.53
N MET A 28 -12.76 3.50 -4.56
CA MET A 28 -12.66 2.14 -4.10
C MET A 28 -11.90 2.12 -2.78
N GLU A 29 -12.32 1.24 -1.88
CA GLU A 29 -11.71 1.10 -0.59
C GLU A 29 -10.74 -0.05 -0.57
N VAL A 30 -9.53 0.21 -0.21
CA VAL A 30 -8.55 -0.84 -0.02
C VAL A 30 -8.17 -0.84 1.43
N LYS A 31 -8.39 -1.91 2.10
CA LYS A 31 -8.06 -1.93 3.49
C LYS A 31 -6.82 -2.76 3.72
N VAL A 32 -5.85 -2.15 4.32
CA VAL A 32 -4.61 -2.80 4.60
C VAL A 32 -4.72 -3.48 5.95
N LEU A 33 -4.73 -4.79 5.92
CA LEU A 33 -4.89 -5.57 7.10
C LEU A 33 -3.56 -5.78 7.75
N ARG A 34 -3.49 -5.38 8.97
CA ARG A 34 -2.35 -5.71 9.75
C ARG A 34 -2.60 -7.07 10.40
N THR A 35 -2.01 -8.09 9.83
CA THR A 35 -2.18 -9.45 10.29
C THR A 35 -1.59 -9.69 11.69
N SER A 36 -0.37 -9.24 11.88
CA SER A 36 0.27 -9.33 13.19
C SER A 36 -0.33 -8.28 14.13
N GLY A 37 -0.87 -7.24 13.55
CA GLY A 37 -1.41 -6.15 14.31
C GLY A 37 -0.62 -4.90 14.07
N ALA A 38 -0.71 -3.98 14.98
CA ALA A 38 -0.03 -2.71 14.91
C ALA A 38 0.23 -2.27 16.33
N ARG A 39 1.40 -1.77 16.60
CA ARG A 39 1.76 -1.42 17.94
C ARG A 39 2.45 -0.07 17.95
N GLY A 40 1.69 0.98 18.03
CA GLY A 40 2.27 2.28 18.01
C GLY A 40 2.19 2.86 16.64
N ASN A 41 2.69 4.04 16.46
CA ASN A 41 2.54 4.68 15.18
C ASN A 41 3.45 4.06 14.13
N VAL A 42 2.86 3.40 13.20
CA VAL A 42 3.56 2.82 12.11
C VAL A 42 3.02 3.43 10.82
N ILE A 43 3.88 3.96 10.04
CA ILE A 43 3.51 4.58 8.80
C ILE A 43 3.76 3.61 7.67
N VAL A 44 2.74 3.30 6.93
CA VAL A 44 2.81 2.33 5.85
C VAL A 44 2.61 3.03 4.51
N PRO A 45 3.68 3.20 3.73
CA PRO A 45 3.58 3.79 2.41
C PRO A 45 3.05 2.77 1.39
N TYR A 46 2.37 3.27 0.39
CA TYR A 46 1.84 2.46 -0.68
C TYR A 46 2.00 3.21 -1.97
N LYS A 47 1.79 2.54 -3.09
CA LYS A 47 1.86 3.19 -4.38
C LYS A 47 1.17 2.38 -5.44
N THR A 48 0.56 3.07 -6.36
CA THR A 48 -0.12 2.47 -7.46
C THR A 48 0.86 2.14 -8.57
N ILE A 49 0.75 0.97 -9.09
CA ILE A 49 1.57 0.54 -10.18
C ILE A 49 0.72 0.57 -11.42
N GLU A 50 1.03 1.46 -12.31
CA GLU A 50 0.29 1.60 -13.53
C GLU A 50 0.58 0.44 -14.46
N GLY A 51 -0.37 0.12 -15.28
CA GLY A 51 -0.22 -0.94 -16.22
C GLY A 51 -0.94 -0.58 -17.47
N THR A 52 -1.96 -1.35 -17.81
CA THR A 52 -2.79 -1.03 -18.93
C THR A 52 -3.70 0.13 -18.53
N ALA A 53 -3.98 0.19 -17.24
CA ALA A 53 -4.70 1.28 -16.67
C ALA A 53 -3.72 2.38 -16.39
N ARG A 54 -4.01 3.54 -16.86
CA ARG A 54 -3.12 4.66 -16.71
C ARG A 54 -3.70 5.56 -15.61
N GLY A 55 -2.84 6.08 -14.77
CA GLY A 55 -3.29 6.91 -13.67
C GLY A 55 -3.43 8.36 -14.05
N GLY A 56 -3.36 9.23 -13.06
CA GLY A 56 -3.43 10.66 -13.29
C GLY A 56 -4.82 11.16 -13.64
N GLY A 57 -5.78 10.27 -13.65
CA GLY A 57 -7.12 10.65 -13.98
C GLY A 57 -7.64 9.98 -15.23
N GLU A 58 -6.83 9.13 -15.85
CA GLU A 58 -7.23 8.43 -17.06
C GLU A 58 -8.32 7.38 -16.72
N ASP A 59 -7.90 6.26 -16.13
CA ASP A 59 -8.85 5.25 -15.65
C ASP A 59 -9.00 5.44 -14.16
N PHE A 60 -7.90 5.80 -13.54
CA PHE A 60 -7.86 6.01 -12.13
C PHE A 60 -6.92 7.16 -11.86
N GLU A 61 -6.95 7.67 -10.67
CA GLU A 61 -6.05 8.71 -10.29
C GLU A 61 -4.88 8.03 -9.59
N ASP A 62 -3.70 8.54 -9.78
CA ASP A 62 -2.50 7.91 -9.27
C ASP A 62 -2.30 8.31 -7.82
N THR A 63 -2.25 7.34 -6.94
CA THR A 63 -2.13 7.64 -5.55
C THR A 63 -1.01 6.87 -4.86
N CYS A 64 -0.14 7.63 -4.26
CA CYS A 64 0.92 7.12 -3.46
C CYS A 64 0.89 7.89 -2.17
N GLY A 65 0.89 7.23 -1.07
CA GLY A 65 0.74 7.93 0.17
C GLY A 65 1.22 7.15 1.34
N GLU A 66 1.26 7.80 2.45
CA GLU A 66 1.70 7.24 3.68
C GLU A 66 0.50 7.02 4.59
N LEU A 67 0.19 5.78 4.89
CA LEU A 67 -0.91 5.46 5.79
C LEU A 67 -0.45 5.50 7.22
N GLU A 68 -1.27 6.04 8.07
CA GLU A 68 -0.92 6.19 9.44
C GLU A 68 -1.64 5.19 10.35
N PHE A 69 -0.93 4.15 10.74
CA PHE A 69 -1.45 3.16 11.66
C PHE A 69 -0.97 3.49 13.06
N GLN A 70 -1.68 3.01 14.04
CA GLN A 70 -1.35 3.23 15.42
C GLN A 70 -1.53 1.94 16.20
N ASN A 71 -2.73 1.68 16.54
CA ASN A 71 -3.03 0.49 17.29
C ASN A 71 -3.67 -0.54 16.37
N ASP A 72 -3.60 -1.79 16.79
CA ASP A 72 -4.13 -2.94 16.07
C ASP A 72 -5.64 -2.89 15.81
N GLU A 73 -6.36 -2.04 16.51
CA GLU A 73 -7.78 -1.98 16.32
C GLU A 73 -8.16 -1.15 15.10
N ILE A 74 -7.25 -0.35 14.59
CA ILE A 74 -7.60 0.49 13.46
C ILE A 74 -7.11 -0.13 12.18
N VAL A 75 -7.70 0.27 11.11
CA VAL A 75 -7.33 -0.19 9.81
C VAL A 75 -7.32 1.01 8.90
N LYS A 76 -6.40 1.05 7.98
CA LYS A 76 -6.36 2.14 7.06
C LYS A 76 -6.93 1.74 5.76
N ILE A 77 -7.54 2.68 5.14
CA ILE A 77 -8.21 2.44 3.91
C ILE A 77 -7.68 3.38 2.87
N ILE A 78 -7.30 2.83 1.77
CA ILE A 78 -6.80 3.58 0.66
C ILE A 78 -7.99 3.92 -0.19
N THR A 79 -8.08 5.13 -0.60
CA THR A 79 -9.15 5.56 -1.41
C THR A 79 -8.61 5.98 -2.75
N ILE A 80 -8.95 5.23 -3.75
CA ILE A 80 -8.47 5.49 -5.07
C ILE A 80 -9.59 6.06 -5.89
N ARG A 81 -9.33 7.17 -6.52
CA ARG A 81 -10.26 7.81 -7.39
C ARG A 81 -10.33 7.05 -8.69
N ILE A 82 -11.45 6.45 -8.91
CA ILE A 82 -11.68 5.67 -10.09
C ILE A 82 -12.63 6.45 -10.96
N PHE A 83 -12.32 6.59 -12.22
CA PHE A 83 -13.12 7.37 -13.11
C PHE A 83 -13.62 6.46 -14.21
N ASP A 84 -14.83 6.67 -14.65
CA ASP A 84 -15.33 5.90 -15.76
C ASP A 84 -14.78 6.50 -17.02
N ARG A 85 -14.18 5.69 -17.81
CA ARG A 85 -13.44 6.14 -18.94
C ARG A 85 -13.97 5.57 -20.23
N GLU A 86 -14.03 6.42 -21.23
CA GLU A 86 -14.49 6.06 -22.56
C GLU A 86 -13.46 5.21 -23.28
N GLU A 87 -13.75 3.94 -23.43
CA GLU A 87 -12.92 3.01 -24.17
C GLU A 87 -13.74 1.74 -24.38
N TYR A 88 -13.62 1.11 -25.53
CA TYR A 88 -14.40 -0.09 -25.77
C TYR A 88 -13.67 -1.33 -25.26
N GLU A 89 -12.37 -1.22 -25.13
CA GLU A 89 -11.56 -2.33 -24.65
C GLU A 89 -11.70 -2.50 -23.14
N LYS A 90 -11.15 -1.57 -22.39
CA LYS A 90 -11.23 -1.55 -20.93
C LYS A 90 -10.55 -2.72 -20.26
N GLU A 91 -9.44 -3.13 -20.83
CA GLU A 91 -8.63 -4.20 -20.27
C GLU A 91 -7.60 -3.58 -19.32
N CYS A 92 -8.05 -2.51 -18.71
CA CYS A 92 -7.29 -1.70 -17.83
C CYS A 92 -7.20 -2.31 -16.45
N SER A 93 -6.03 -2.66 -16.05
CA SER A 93 -5.78 -3.12 -14.74
C SER A 93 -4.50 -2.50 -14.23
N PHE A 94 -4.45 -2.23 -12.96
CA PHE A 94 -3.27 -1.73 -12.34
C PHE A 94 -3.02 -2.52 -11.08
N SER A 95 -1.92 -2.30 -10.46
CA SER A 95 -1.63 -2.99 -9.26
C SER A 95 -1.35 -1.96 -8.17
N LEU A 96 -1.53 -2.34 -6.97
CA LEU A 96 -1.26 -1.51 -5.85
C LEU A 96 -0.38 -2.29 -4.93
N VAL A 97 0.71 -1.72 -4.53
CA VAL A 97 1.64 -2.41 -3.67
C VAL A 97 1.95 -1.55 -2.46
N LEU A 98 2.42 -2.20 -1.44
CA LEU A 98 2.80 -1.52 -0.22
C LEU A 98 4.31 -1.41 -0.19
N GLU A 99 4.80 -0.46 0.51
CA GLU A 99 6.20 -0.31 0.68
C GLU A 99 6.55 -0.55 2.13
N GLU A 100 7.83 -0.62 2.42
CA GLU A 100 8.29 -0.92 3.76
C GLU A 100 7.81 0.15 4.75
N PRO A 101 7.06 -0.26 5.76
CA PRO A 101 6.56 0.65 6.75
C PRO A 101 7.65 1.09 7.72
N LYS A 102 7.43 2.21 8.32
CA LYS A 102 8.38 2.79 9.26
C LYS A 102 7.70 2.97 10.60
N TRP A 103 8.43 2.78 11.66
CA TRP A 103 7.86 2.82 13.00
C TRP A 103 8.24 4.13 13.66
N ILE A 104 7.26 4.88 14.05
CA ILE A 104 7.49 6.16 14.65
C ILE A 104 7.22 6.12 16.15
N ARG A 105 8.25 5.82 16.85
CA ARG A 105 8.29 5.85 18.29
C ARG A 105 9.30 6.91 18.69
N ARG A 106 9.27 7.31 19.91
CA ARG A 106 10.15 8.35 20.37
C ARG A 106 11.56 7.77 20.46
N GLY A 107 12.44 8.27 19.62
CA GLY A 107 13.79 7.76 19.58
C GLY A 107 14.10 7.19 18.21
N MET A 108 13.06 7.04 17.39
CA MET A 108 13.25 6.56 16.03
C MET A 108 13.69 7.73 15.19
N LYS A 109 14.82 7.58 14.57
CA LYS A 109 15.44 8.64 13.86
C LYS A 109 15.35 8.42 12.37
N GLY A 110 14.56 9.23 11.74
CA GLY A 110 14.36 9.15 10.32
C GLY A 110 13.16 9.96 9.91
N GLY A 111 13.02 11.10 10.54
CA GLY A 111 11.91 11.97 10.28
C GLY A 111 12.37 13.35 9.93
N PHE A 112 13.08 13.45 8.84
CA PHE A 112 13.54 14.73 8.34
C PHE A 112 13.01 14.88 6.92
N THR A 113 11.93 14.20 6.66
CA THR A 113 11.28 14.27 5.41
C THR A 113 10.56 15.60 5.31
N ILE A 114 10.80 16.28 4.23
CA ILE A 114 10.22 17.56 4.02
C ILE A 114 8.80 17.38 3.50
N THR A 115 7.85 17.51 4.39
CA THR A 115 6.46 17.36 4.07
C THR A 115 5.83 18.72 3.76
N GLU A 116 6.53 19.80 4.12
CA GLU A 116 6.04 21.16 3.87
C GLU A 116 6.02 21.45 2.35
N GLU A 117 6.87 20.76 1.66
CA GLU A 117 7.01 20.87 0.25
C GLU A 117 6.72 19.49 -0.32
N TYR A 118 6.22 19.43 -1.50
CA TYR A 118 5.91 18.15 -2.08
C TYR A 118 7.11 17.57 -2.81
N ASP A 119 7.36 16.33 -2.52
CA ASP A 119 8.36 15.52 -3.15
C ASP A 119 7.72 14.19 -3.42
N ASP A 120 7.90 13.66 -4.60
CA ASP A 120 7.29 12.38 -4.94
C ASP A 120 8.05 11.26 -4.28
N LYS A 121 9.26 11.05 -4.73
CA LYS A 121 10.07 9.99 -4.23
C LYS A 121 11.52 10.29 -4.56
N GLN A 122 12.26 10.72 -3.58
CA GLN A 122 13.66 11.04 -3.78
C GLN A 122 14.47 10.63 -2.56
N PRO A 123 15.40 9.68 -2.73
CA PRO A 123 16.32 9.30 -1.68
C PRO A 123 17.38 10.36 -1.48
N LEU A 124 17.86 10.47 -0.30
CA LEU A 124 18.80 11.49 0.05
C LEU A 124 20.19 10.93 0.18
N THR A 125 21.16 11.81 0.11
CA THR A 125 22.56 11.49 0.25
C THR A 125 22.77 10.81 1.60
N SER A 126 23.26 9.61 1.57
CA SER A 126 23.41 8.83 2.76
C SER A 126 24.87 8.46 2.99
N LYS A 127 25.14 7.99 4.17
CA LYS A 127 26.44 7.52 4.54
C LYS A 127 26.38 5.99 4.57
N GLU A 128 27.50 5.35 4.55
CA GLU A 128 27.53 3.93 4.69
C GLU A 128 27.69 3.55 6.15
N GLU A 129 26.61 3.48 6.89
CA GLU A 129 26.71 2.99 8.24
C GLU A 129 26.41 1.49 8.26
N GLU A 130 26.52 0.89 9.39
CA GLU A 130 26.31 -0.54 9.51
C GLU A 130 24.91 -0.83 9.97
N GLU A 131 24.47 -2.09 9.73
CA GLU A 131 23.18 -2.61 10.18
C GLU A 131 22.01 -1.84 9.58
N ARG A 132 22.23 -1.22 8.43
CA ARG A 132 21.22 -0.40 7.78
C ARG A 132 20.01 -1.24 7.43
N ARG A 133 20.29 -2.37 6.82
CA ARG A 133 19.27 -3.31 6.37
C ARG A 133 18.70 -4.07 7.56
N ILE A 134 19.57 -4.34 8.53
CA ILE A 134 19.16 -5.04 9.74
C ILE A 134 18.19 -4.18 10.55
N ALA A 135 18.41 -2.88 10.53
CA ALA A 135 17.52 -1.92 11.17
C ALA A 135 16.15 -1.97 10.52
N GLU A 136 16.14 -2.24 9.22
CA GLU A 136 14.91 -2.30 8.46
C GLU A 136 14.14 -3.57 8.79
N MET A 137 14.86 -4.57 9.28
CA MET A 137 14.28 -5.83 9.70
C MET A 137 13.59 -5.64 11.04
N GLY A 138 14.10 -4.69 11.80
CA GLY A 138 13.55 -4.38 13.11
C GLY A 138 12.50 -3.30 13.02
N ARG A 139 11.68 -3.42 12.02
CA ARG A 139 10.59 -2.52 11.75
C ARG A 139 9.42 -3.40 11.42
N PRO A 140 8.18 -2.88 11.45
CA PRO A 140 7.05 -3.62 10.97
C PRO A 140 7.25 -3.88 9.49
N ILE A 141 6.71 -4.95 9.01
CA ILE A 141 6.97 -5.34 7.65
C ILE A 141 5.69 -5.64 6.92
N LEU A 142 5.83 -6.01 5.69
CA LEU A 142 4.71 -6.42 4.90
C LEU A 142 4.61 -7.91 4.99
N GLY A 143 3.56 -8.46 4.46
CA GLY A 143 3.42 -9.89 4.43
C GLY A 143 4.27 -10.51 3.35
N GLU A 144 4.10 -11.79 3.14
CA GLU A 144 4.85 -12.55 2.15
C GLU A 144 4.68 -11.91 0.77
N HIS A 145 3.46 -11.86 0.28
CA HIS A 145 3.17 -11.26 -0.99
C HIS A 145 1.94 -10.39 -0.86
N THR A 146 2.12 -9.11 -0.85
CA THR A 146 1.01 -8.23 -0.75
C THR A 146 0.94 -7.33 -1.98
N LYS A 147 -0.03 -7.59 -2.80
CA LYS A 147 -0.30 -6.82 -3.97
C LYS A 147 -1.78 -6.84 -4.20
N LEU A 148 -2.32 -5.75 -4.64
CA LEU A 148 -3.70 -5.70 -5.01
C LEU A 148 -3.81 -5.34 -6.46
N GLU A 149 -4.21 -6.26 -7.25
CA GLU A 149 -4.41 -6.00 -8.64
C GLU A 149 -5.82 -5.57 -8.83
N VAL A 150 -5.96 -4.37 -9.29
CA VAL A 150 -7.24 -3.75 -9.44
C VAL A 150 -7.61 -3.72 -10.88
N ILE A 151 -8.75 -4.27 -11.16
CA ILE A 151 -9.24 -4.29 -12.48
C ILE A 151 -10.44 -3.36 -12.54
N ILE A 152 -10.37 -2.41 -13.44
CA ILE A 152 -11.39 -1.40 -13.58
C ILE A 152 -12.08 -1.50 -14.91
N GLU A 153 -13.32 -1.91 -14.86
CA GLU A 153 -14.12 -2.10 -16.05
C GLU A 153 -15.54 -1.80 -15.65
N GLU A 154 -16.37 -1.41 -16.58
CA GLU A 154 -17.77 -1.32 -16.31
C GLU A 154 -18.37 -2.70 -16.23
N SER A 155 -18.35 -3.23 -15.05
CA SER A 155 -18.81 -4.52 -14.74
C SER A 155 -19.05 -4.53 -13.26
N TYR A 156 -19.42 -5.65 -12.75
CA TYR A 156 -19.64 -5.82 -11.35
C TYR A 156 -19.23 -7.21 -10.99
N GLU A 157 -19.16 -7.48 -9.75
CA GLU A 157 -18.90 -8.80 -9.29
C GLU A 157 -20.07 -9.17 -8.43
N PHE A 158 -20.70 -10.27 -8.73
CA PHE A 158 -21.85 -10.67 -8.00
C PHE A 158 -21.38 -11.21 -6.66
N LYS A 159 -21.69 -10.47 -5.64
CA LYS A 159 -21.19 -10.73 -4.33
C LYS A 159 -22.32 -10.99 -3.36
N SER A 160 -21.99 -11.46 -2.22
CA SER A 160 -22.93 -11.70 -1.19
C SER A 160 -22.70 -10.63 -0.14
N THR A 161 -23.76 -10.03 0.35
CA THR A 161 -23.66 -8.98 1.32
C THR A 161 -23.05 -9.51 2.64
N VAL A 162 -21.84 -9.09 2.92
CA VAL A 162 -21.13 -9.52 4.11
C VAL A 162 -20.57 -8.31 4.82
N ASP A 163 -20.05 -8.51 6.01
CA ASP A 163 -19.50 -7.42 6.81
C ASP A 163 -18.31 -7.92 7.60
N HIS A 8 8.14 -7.02 13.49
CA HIS A 8 7.26 -8.09 13.03
C HIS A 8 5.94 -8.00 13.78
N ALA A 9 5.89 -7.05 14.69
CA ALA A 9 4.71 -6.78 15.51
C ALA A 9 3.60 -6.21 14.62
N GLY A 10 3.98 -5.78 13.44
CA GLY A 10 3.07 -5.28 12.48
C GLY A 10 3.37 -5.88 11.13
N ILE A 11 2.42 -6.57 10.58
CA ILE A 11 2.52 -7.16 9.25
C ILE A 11 1.33 -6.70 8.45
N PHE A 12 1.57 -5.94 7.43
CA PHE A 12 0.49 -5.37 6.64
C PHE A 12 0.30 -6.10 5.32
N THR A 13 -0.93 -6.38 4.99
CA THR A 13 -1.27 -7.09 3.79
C THR A 13 -2.64 -6.61 3.27
N PHE A 14 -2.93 -6.89 2.02
CA PHE A 14 -4.22 -6.56 1.43
C PHE A 14 -5.24 -7.62 1.76
N GLU A 15 -6.50 -7.25 1.60
CA GLU A 15 -7.61 -8.15 1.79
C GLU A 15 -7.53 -9.28 0.76
N GLU A 16 -7.48 -8.89 -0.48
CA GLU A 16 -7.41 -9.82 -1.58
C GLU A 16 -6.21 -9.49 -2.42
N PRO A 17 -5.71 -10.44 -3.22
CA PRO A 17 -4.63 -10.15 -4.14
C PRO A 17 -5.15 -9.54 -5.44
N VAL A 18 -6.43 -9.70 -5.68
CA VAL A 18 -7.09 -9.20 -6.87
C VAL A 18 -8.47 -8.69 -6.51
N THR A 19 -8.79 -7.50 -6.94
CA THR A 19 -10.09 -6.94 -6.76
C THR A 19 -10.55 -6.33 -8.08
N HIS A 20 -11.78 -6.49 -8.38
CA HIS A 20 -12.34 -5.93 -9.57
C HIS A 20 -13.43 -4.97 -9.19
N VAL A 21 -13.26 -3.73 -9.52
CA VAL A 21 -14.15 -2.70 -9.08
C VAL A 21 -15.05 -2.21 -10.20
N SER A 22 -16.10 -1.54 -9.79
CA SER A 22 -17.05 -0.98 -10.70
C SER A 22 -16.47 0.27 -11.37
N GLU A 23 -16.71 0.41 -12.67
CA GLU A 23 -16.19 1.51 -13.47
C GLU A 23 -16.66 2.86 -12.91
N SER A 24 -17.86 2.88 -12.37
CA SER A 24 -18.47 4.11 -11.92
C SER A 24 -18.58 4.18 -10.38
N ILE A 25 -17.72 3.47 -9.67
CA ILE A 25 -17.78 3.47 -8.20
C ILE A 25 -17.31 4.81 -7.59
N GLY A 26 -16.38 5.47 -8.23
CA GLY A 26 -15.85 6.68 -7.68
C GLY A 26 -14.66 6.39 -6.80
N ILE A 27 -14.92 5.88 -5.61
CA ILE A 27 -13.85 5.60 -4.65
C ILE A 27 -13.87 4.13 -4.30
N MET A 28 -12.77 3.48 -4.51
CA MET A 28 -12.62 2.11 -4.08
C MET A 28 -11.98 2.10 -2.70
N GLU A 29 -12.58 1.38 -1.78
CA GLU A 29 -12.14 1.30 -0.40
C GLU A 29 -11.48 -0.04 -0.11
N VAL A 30 -10.21 0.00 0.16
CA VAL A 30 -9.45 -1.20 0.49
C VAL A 30 -8.87 -1.07 1.87
N LYS A 31 -9.04 -2.07 2.69
CA LYS A 31 -8.47 -2.06 4.01
C LYS A 31 -7.13 -2.75 4.00
N VAL A 32 -6.18 -2.13 4.63
CA VAL A 32 -4.90 -2.74 4.79
C VAL A 32 -4.94 -3.50 6.09
N LEU A 33 -4.85 -4.78 5.98
CA LEU A 33 -4.99 -5.64 7.10
C LEU A 33 -3.67 -5.78 7.78
N ARG A 34 -3.72 -6.02 9.06
CA ARG A 34 -2.54 -6.18 9.84
C ARG A 34 -2.60 -7.54 10.51
N THR A 35 -1.82 -8.44 9.99
CA THR A 35 -1.82 -9.82 10.36
C THR A 35 -1.40 -10.02 11.84
N SER A 36 -0.17 -9.67 12.15
CA SER A 36 0.31 -9.77 13.51
C SER A 36 -0.30 -8.68 14.39
N GLY A 37 -0.51 -7.54 13.78
CA GLY A 37 -1.06 -6.41 14.44
C GLY A 37 -0.37 -5.18 13.99
N ALA A 38 -0.28 -4.21 14.86
CA ALA A 38 0.38 -2.96 14.61
C ALA A 38 0.64 -2.34 15.95
N ARG A 39 1.75 -1.65 16.09
CA ARG A 39 2.11 -1.02 17.35
C ARG A 39 2.92 0.22 17.14
N GLY A 40 2.51 1.26 17.80
CA GLY A 40 3.24 2.49 17.79
C GLY A 40 2.64 3.47 16.82
N ASN A 41 3.44 3.97 15.96
CA ASN A 41 3.00 4.82 14.90
C ASN A 41 3.70 4.39 13.65
N VAL A 42 2.98 3.81 12.75
CA VAL A 42 3.56 3.26 11.57
C VAL A 42 2.92 3.85 10.33
N ILE A 43 3.73 4.45 9.51
CA ILE A 43 3.27 4.94 8.24
C ILE A 43 3.42 3.82 7.26
N VAL A 44 2.32 3.39 6.70
CA VAL A 44 2.31 2.34 5.73
C VAL A 44 2.01 2.94 4.38
N PRO A 45 3.02 3.14 3.55
CA PRO A 45 2.83 3.70 2.26
C PRO A 45 2.46 2.63 1.23
N TYR A 46 1.56 2.97 0.39
CA TYR A 46 1.17 2.10 -0.69
C TYR A 46 1.45 2.83 -1.96
N LYS A 47 1.57 2.13 -3.05
CA LYS A 47 1.81 2.78 -4.31
C LYS A 47 1.14 2.04 -5.44
N THR A 48 0.60 2.80 -6.33
CA THR A 48 -0.09 2.31 -7.45
C THR A 48 0.89 2.00 -8.59
N ILE A 49 0.75 0.85 -9.17
CA ILE A 49 1.58 0.43 -10.27
C ILE A 49 0.75 0.43 -11.52
N GLU A 50 1.11 1.26 -12.47
CA GLU A 50 0.40 1.37 -13.73
C GLU A 50 0.56 0.10 -14.56
N GLY A 51 -0.23 0.01 -15.57
CA GLY A 51 -0.23 -1.12 -16.44
C GLY A 51 -1.55 -1.18 -17.10
N THR A 52 -1.56 -1.04 -18.41
CA THR A 52 -2.76 -0.91 -19.26
C THR A 52 -3.52 0.39 -19.01
N ALA A 53 -3.70 0.71 -17.75
CA ALA A 53 -4.28 1.93 -17.30
C ALA A 53 -3.14 2.92 -17.11
N ARG A 54 -3.42 4.19 -17.21
CA ARG A 54 -2.40 5.21 -17.16
C ARG A 54 -2.53 6.01 -15.88
N GLY A 55 -1.42 6.54 -15.46
CA GLY A 55 -1.38 7.39 -14.30
C GLY A 55 -1.51 8.83 -14.69
N GLY A 56 -1.68 9.69 -13.73
CA GLY A 56 -1.86 11.08 -14.01
C GLY A 56 -3.29 11.47 -13.77
N GLY A 57 -3.98 10.69 -12.94
CA GLY A 57 -5.38 10.90 -12.69
C GLY A 57 -6.20 10.70 -13.95
N GLU A 58 -5.77 9.74 -14.74
CA GLU A 58 -6.36 9.46 -16.03
C GLU A 58 -7.44 8.39 -15.93
N ASP A 59 -7.01 7.16 -15.79
CA ASP A 59 -7.91 6.01 -15.67
C ASP A 59 -8.26 5.85 -14.23
N PHE A 60 -7.27 6.05 -13.42
CA PHE A 60 -7.39 5.94 -12.02
C PHE A 60 -6.58 7.05 -11.42
N GLU A 61 -6.86 7.36 -10.20
CA GLU A 61 -6.12 8.35 -9.52
C GLU A 61 -4.96 7.65 -8.85
N ASP A 62 -3.80 7.84 -9.43
CA ASP A 62 -2.55 7.30 -8.93
C ASP A 62 -2.20 7.97 -7.65
N THR A 63 -2.51 7.30 -6.60
CA THR A 63 -2.42 7.86 -5.31
C THR A 63 -1.52 6.94 -4.47
N CYS A 64 -0.65 7.53 -3.67
CA CYS A 64 0.33 6.78 -2.91
C CYS A 64 0.65 7.48 -1.59
N GLY A 65 0.50 6.78 -0.48
CA GLY A 65 0.80 7.34 0.83
C GLY A 65 -0.40 7.31 1.73
N GLU A 66 -0.66 8.44 2.39
CA GLU A 66 -1.89 8.70 3.20
C GLU A 66 -2.18 7.78 4.42
N LEU A 67 -1.50 6.68 4.59
CA LEU A 67 -1.86 5.80 5.69
C LEU A 67 -0.98 5.97 6.89
N GLU A 68 -1.62 6.02 8.02
CA GLU A 68 -0.96 6.08 9.29
C GLU A 68 -1.67 5.13 10.24
N PHE A 69 -0.97 4.13 10.66
CA PHE A 69 -1.48 3.20 11.62
C PHE A 69 -0.85 3.48 12.94
N GLN A 70 -1.57 3.28 13.99
CA GLN A 70 -0.98 3.34 15.28
C GLN A 70 -0.83 1.92 15.75
N ASN A 71 -1.80 1.45 16.48
CA ASN A 71 -1.83 0.11 16.92
C ASN A 71 -2.84 -0.72 16.15
N ASP A 72 -2.86 -2.01 16.46
CA ASP A 72 -3.75 -3.04 15.86
C ASP A 72 -5.22 -2.65 15.96
N GLU A 73 -5.54 -1.84 16.95
CA GLU A 73 -6.87 -1.38 17.21
C GLU A 73 -7.50 -0.62 16.04
N ILE A 74 -6.70 -0.10 15.13
CA ILE A 74 -7.25 0.60 14.01
C ILE A 74 -6.87 -0.08 12.71
N VAL A 75 -7.65 0.18 11.70
CA VAL A 75 -7.41 -0.29 10.36
C VAL A 75 -7.57 0.90 9.44
N LYS A 76 -6.84 0.93 8.36
CA LYS A 76 -6.94 2.05 7.44
C LYS A 76 -7.52 1.64 6.12
N ILE A 77 -7.93 2.63 5.36
CA ILE A 77 -8.54 2.42 4.06
C ILE A 77 -7.81 3.21 2.99
N ILE A 78 -7.56 2.55 1.90
CA ILE A 78 -6.97 3.13 0.74
C ILE A 78 -8.09 3.64 -0.14
N THR A 79 -8.04 4.89 -0.49
CA THR A 79 -9.05 5.50 -1.31
C THR A 79 -8.48 5.85 -2.69
N ILE A 80 -8.96 5.17 -3.69
CA ILE A 80 -8.53 5.42 -5.06
C ILE A 80 -9.71 5.86 -5.87
N ARG A 81 -9.56 6.95 -6.59
CA ARG A 81 -10.58 7.43 -7.47
C ARG A 81 -10.50 6.70 -8.81
N ILE A 82 -11.61 6.25 -9.30
CA ILE A 82 -11.68 5.58 -10.59
C ILE A 82 -12.35 6.54 -11.58
N PHE A 83 -11.74 6.72 -12.73
CA PHE A 83 -12.27 7.69 -13.68
C PHE A 83 -12.74 7.04 -14.98
N ASP A 84 -14.02 7.12 -15.23
CA ASP A 84 -14.58 6.67 -16.49
C ASP A 84 -15.22 7.85 -17.19
N ARG A 85 -14.80 8.09 -18.39
CA ARG A 85 -15.30 9.19 -19.17
C ARG A 85 -15.73 8.67 -20.52
N GLU A 86 -14.76 8.35 -21.32
CA GLU A 86 -14.99 7.83 -22.64
C GLU A 86 -14.76 6.32 -22.59
N GLU A 87 -14.64 5.70 -23.77
CA GLU A 87 -14.34 4.27 -23.85
C GLU A 87 -12.96 4.06 -23.22
N TYR A 88 -11.94 4.58 -23.89
CA TYR A 88 -10.59 4.74 -23.34
C TYR A 88 -9.90 3.41 -22.93
N GLU A 89 -10.42 2.30 -23.45
CA GLU A 89 -9.92 0.96 -23.14
C GLU A 89 -10.07 0.59 -21.68
N LYS A 90 -11.25 0.17 -21.31
CA LYS A 90 -11.45 -0.35 -19.99
C LYS A 90 -11.38 -1.84 -20.02
N GLU A 91 -10.19 -2.31 -19.93
CA GLU A 91 -9.84 -3.71 -19.89
C GLU A 91 -8.48 -3.74 -19.20
N CYS A 92 -8.31 -2.75 -18.39
CA CYS A 92 -7.07 -2.45 -17.79
C CYS A 92 -7.02 -2.88 -16.34
N SER A 93 -5.87 -3.38 -15.94
CA SER A 93 -5.67 -3.77 -14.58
C SER A 93 -4.36 -3.18 -14.07
N PHE A 94 -4.46 -2.40 -13.03
CA PHE A 94 -3.28 -1.82 -12.44
C PHE A 94 -3.05 -2.51 -11.11
N SER A 95 -1.93 -2.30 -10.51
CA SER A 95 -1.68 -2.98 -9.29
C SER A 95 -1.42 -1.97 -8.19
N LEU A 96 -1.51 -2.42 -7.00
CA LEU A 96 -1.26 -1.62 -5.85
C LEU A 96 -0.44 -2.48 -4.92
N VAL A 97 0.68 -1.97 -4.50
CA VAL A 97 1.54 -2.69 -3.60
C VAL A 97 1.81 -1.86 -2.38
N LEU A 98 2.21 -2.49 -1.32
CA LEU A 98 2.52 -1.82 -0.10
C LEU A 98 4.01 -1.70 0.02
N GLU A 99 4.44 -0.57 0.38
CA GLU A 99 5.84 -0.29 0.53
C GLU A 99 6.22 -0.42 1.97
N GLU A 100 7.51 -0.36 2.21
CA GLU A 100 8.04 -0.54 3.53
C GLU A 100 7.47 0.46 4.56
N PRO A 101 6.85 -0.06 5.61
CA PRO A 101 6.31 0.77 6.62
C PRO A 101 7.40 1.30 7.54
N LYS A 102 7.20 2.48 7.98
CA LYS A 102 8.16 3.15 8.80
C LYS A 102 7.57 3.47 10.14
N TRP A 103 8.30 3.16 11.17
CA TRP A 103 7.83 3.32 12.52
C TRP A 103 8.37 4.62 13.08
N ILE A 104 7.48 5.48 13.44
CA ILE A 104 7.82 6.73 14.07
C ILE A 104 7.81 6.50 15.56
N ARG A 105 8.96 6.17 16.07
CA ARG A 105 9.12 5.85 17.46
C ARG A 105 10.17 6.73 18.06
N ARG A 106 10.09 6.92 19.35
CA ARG A 106 11.05 7.74 20.05
C ARG A 106 12.35 6.97 20.19
N GLY A 107 13.39 7.51 19.59
CA GLY A 107 14.68 6.88 19.61
C GLY A 107 15.42 7.19 18.33
N MET A 108 14.68 7.13 17.24
CA MET A 108 15.22 7.42 15.92
C MET A 108 15.24 8.95 15.68
N LYS A 109 16.04 9.62 16.47
CA LYS A 109 16.20 11.06 16.39
C LYS A 109 17.44 11.47 17.16
N GLY A 110 17.48 11.12 18.43
CA GLY A 110 18.61 11.44 19.28
C GLY A 110 18.54 12.87 19.78
N GLY A 111 18.66 13.77 18.85
CA GLY A 111 18.60 15.19 19.12
C GLY A 111 19.09 15.93 17.91
N PHE A 112 18.86 15.33 16.76
CA PHE A 112 19.32 15.82 15.49
C PHE A 112 18.55 15.10 14.42
N THR A 113 18.88 15.34 13.18
CA THR A 113 18.24 14.68 12.10
C THR A 113 19.09 13.52 11.65
N ILE A 114 18.51 12.32 11.68
CA ILE A 114 19.21 11.14 11.23
C ILE A 114 19.50 11.30 9.74
N THR A 115 20.74 11.58 9.43
CA THR A 115 21.16 11.81 8.08
C THR A 115 21.66 10.50 7.49
N GLU A 116 21.82 9.52 8.36
CA GLU A 116 22.18 8.19 7.94
C GLU A 116 20.97 7.50 7.35
N GLU A 117 20.74 7.81 6.12
CA GLU A 117 19.66 7.31 5.37
C GLU A 117 20.12 7.15 3.95
N TYR A 118 19.87 6.01 3.38
CA TYR A 118 20.21 5.72 2.00
C TYR A 118 19.32 6.57 1.11
N ASP A 119 19.86 7.15 0.03
CA ASP A 119 19.05 8.03 -0.85
C ASP A 119 17.88 7.29 -1.45
N ASP A 120 18.10 6.02 -1.79
CA ASP A 120 17.01 5.18 -2.26
C ASP A 120 16.26 4.66 -1.09
N LYS A 121 14.98 4.52 -1.25
CA LYS A 121 14.11 4.05 -0.18
C LYS A 121 14.55 2.68 0.38
N GLN A 122 14.88 1.77 -0.51
CA GLN A 122 15.46 0.48 -0.20
C GLN A 122 16.24 0.10 -1.43
N PRO A 123 17.17 -0.85 -1.36
CA PRO A 123 17.86 -1.32 -2.56
C PRO A 123 16.89 -2.11 -3.42
N LEU A 124 16.88 -1.80 -4.68
CA LEU A 124 15.98 -2.43 -5.61
C LEU A 124 16.72 -3.52 -6.33
N THR A 125 17.83 -3.14 -6.90
CA THR A 125 18.68 -4.04 -7.61
C THR A 125 19.87 -4.35 -6.70
N SER A 126 19.76 -5.40 -5.93
CA SER A 126 20.81 -5.77 -5.01
C SER A 126 21.87 -6.63 -5.69
N LYS A 127 23.11 -6.26 -5.51
CA LYS A 127 24.23 -7.03 -6.03
C LYS A 127 25.03 -7.59 -4.88
N GLU A 128 24.96 -6.90 -3.78
CA GLU A 128 25.65 -7.28 -2.58
C GLU A 128 24.69 -8.08 -1.71
N GLU A 129 25.22 -8.97 -0.93
CA GLU A 129 24.44 -9.73 0.00
C GLU A 129 24.05 -8.83 1.18
N GLU A 130 22.81 -8.83 1.53
CA GLU A 130 22.36 -7.97 2.60
C GLU A 130 21.64 -8.78 3.66
N GLU A 131 21.66 -8.28 4.85
CA GLU A 131 21.05 -8.93 6.00
C GLU A 131 19.84 -8.10 6.45
N ARG A 132 19.37 -7.28 5.52
CA ARG A 132 18.30 -6.32 5.74
C ARG A 132 17.06 -6.96 6.34
N ARG A 133 16.74 -8.19 5.92
CA ARG A 133 15.55 -8.91 6.40
C ARG A 133 15.57 -9.03 7.90
N ILE A 134 16.73 -9.34 8.44
CA ILE A 134 16.88 -9.54 9.88
C ILE A 134 16.69 -8.20 10.61
N ALA A 135 17.11 -7.13 9.96
CA ALA A 135 16.94 -5.79 10.50
C ALA A 135 15.47 -5.39 10.40
N GLU A 136 14.82 -5.80 9.31
CA GLU A 136 13.41 -5.53 9.10
C GLU A 136 12.56 -6.36 10.05
N MET A 137 13.09 -7.46 10.52
CA MET A 137 12.42 -8.36 11.47
C MET A 137 12.17 -7.68 12.82
N GLY A 138 12.75 -6.50 13.00
CA GLY A 138 12.54 -5.75 14.21
C GLY A 138 11.55 -4.63 14.02
N ARG A 139 11.09 -4.42 12.81
CA ARG A 139 10.16 -3.35 12.52
C ARG A 139 8.90 -3.94 11.91
N PRO A 140 7.81 -3.16 11.85
CA PRO A 140 6.62 -3.56 11.10
C PRO A 140 6.99 -3.72 9.62
N ILE A 141 6.50 -4.77 9.01
CA ILE A 141 6.78 -5.06 7.63
C ILE A 141 5.50 -5.48 6.92
N LEU A 142 5.61 -5.83 5.69
CA LEU A 142 4.46 -6.26 4.93
C LEU A 142 4.37 -7.77 4.99
N GLY A 143 3.28 -8.30 4.52
CA GLY A 143 3.12 -9.73 4.44
C GLY A 143 3.95 -10.33 3.32
N GLU A 144 3.87 -11.66 3.20
CA GLU A 144 4.62 -12.46 2.23
C GLU A 144 4.54 -11.85 0.82
N HIS A 145 3.38 -11.89 0.24
CA HIS A 145 3.14 -11.36 -1.07
C HIS A 145 1.88 -10.56 -1.04
N THR A 146 2.02 -9.29 -0.83
CA THR A 146 0.88 -8.48 -0.77
C THR A 146 0.86 -7.52 -1.96
N LYS A 147 -0.03 -7.78 -2.87
CA LYS A 147 -0.23 -6.96 -4.02
C LYS A 147 -1.68 -7.04 -4.36
N LEU A 148 -2.27 -5.95 -4.66
CA LEU A 148 -3.64 -5.90 -5.03
C LEU A 148 -3.74 -5.50 -6.46
N GLU A 149 -4.24 -6.36 -7.27
CA GLU A 149 -4.46 -6.05 -8.63
C GLU A 149 -5.87 -5.57 -8.79
N VAL A 150 -6.01 -4.43 -9.37
CA VAL A 150 -7.29 -3.80 -9.51
C VAL A 150 -7.67 -3.77 -10.97
N ILE A 151 -8.80 -4.34 -11.27
CA ILE A 151 -9.27 -4.43 -12.61
C ILE A 151 -10.45 -3.51 -12.79
N ILE A 152 -10.39 -2.71 -13.83
CA ILE A 152 -11.46 -1.79 -14.15
C ILE A 152 -12.03 -2.06 -15.53
N GLU A 153 -13.14 -2.75 -15.52
CA GLU A 153 -13.92 -3.07 -16.69
C GLU A 153 -15.19 -3.72 -16.21
N GLU A 154 -16.16 -3.89 -17.06
CA GLU A 154 -17.40 -4.49 -16.64
C GLU A 154 -17.36 -6.03 -16.72
N SER A 155 -16.68 -6.56 -17.71
CA SER A 155 -16.68 -7.97 -17.90
C SER A 155 -15.47 -8.64 -17.24
N TYR A 156 -15.62 -8.99 -15.99
CA TYR A 156 -14.61 -9.74 -15.31
C TYR A 156 -15.06 -11.17 -15.31
N GLU A 157 -14.26 -12.03 -15.84
CA GLU A 157 -14.62 -13.39 -15.93
C GLU A 157 -13.93 -14.19 -14.86
N PHE A 158 -14.66 -14.49 -13.81
CA PHE A 158 -14.16 -15.33 -12.77
C PHE A 158 -14.37 -16.76 -13.21
N LYS A 159 -13.47 -17.19 -14.08
CA LYS A 159 -13.48 -18.48 -14.68
C LYS A 159 -13.40 -19.54 -13.60
N SER A 160 -14.46 -20.26 -13.47
CA SER A 160 -14.58 -21.27 -12.47
C SER A 160 -14.61 -22.65 -13.08
N THR A 161 -13.58 -23.42 -12.81
CA THR A 161 -13.45 -24.77 -13.26
C THR A 161 -12.60 -25.48 -12.21
N VAL A 162 -12.40 -26.76 -12.36
CA VAL A 162 -11.61 -27.51 -11.41
C VAL A 162 -10.23 -27.78 -11.99
N ASP A 163 -9.28 -26.91 -11.66
CA ASP A 163 -7.85 -27.03 -12.07
C ASP A 163 -7.68 -27.25 -13.57
N HIS A 8 7.56 -8.98 17.96
CA HIS A 8 6.35 -8.50 17.30
C HIS A 8 6.68 -7.29 16.41
N ALA A 9 6.08 -7.27 15.26
CA ALA A 9 6.21 -6.20 14.30
C ALA A 9 4.87 -6.08 13.61
N GLY A 10 4.63 -4.99 12.93
CA GLY A 10 3.35 -4.78 12.27
C GLY A 10 3.36 -5.30 10.86
N ILE A 11 2.73 -6.43 10.65
CA ILE A 11 2.62 -7.07 9.35
C ILE A 11 1.32 -6.61 8.69
N PHE A 12 1.43 -5.90 7.60
CA PHE A 12 0.26 -5.39 6.90
C PHE A 12 0.11 -6.06 5.55
N THR A 13 -1.10 -6.29 5.15
CA THR A 13 -1.34 -6.87 3.87
C THR A 13 -2.69 -6.38 3.30
N PHE A 14 -2.87 -6.48 2.01
CA PHE A 14 -4.14 -6.16 1.37
C PHE A 14 -5.15 -7.24 1.68
N GLU A 15 -6.42 -6.87 1.65
CA GLU A 15 -7.53 -7.80 1.84
C GLU A 15 -7.43 -8.94 0.82
N GLU A 16 -7.41 -8.57 -0.43
CA GLU A 16 -7.31 -9.50 -1.51
C GLU A 16 -6.08 -9.20 -2.32
N PRO A 17 -5.62 -10.15 -3.15
CA PRO A 17 -4.50 -9.94 -4.04
C PRO A 17 -4.97 -9.33 -5.38
N VAL A 18 -6.23 -9.53 -5.67
CA VAL A 18 -6.85 -9.07 -6.88
C VAL A 18 -8.25 -8.61 -6.55
N THR A 19 -8.62 -7.49 -7.05
CA THR A 19 -9.95 -7.02 -6.90
C THR A 19 -10.49 -6.50 -8.22
N HIS A 20 -11.61 -6.99 -8.63
CA HIS A 20 -12.26 -6.45 -9.78
C HIS A 20 -13.33 -5.51 -9.28
N VAL A 21 -13.23 -4.28 -9.68
CA VAL A 21 -14.15 -3.27 -9.24
C VAL A 21 -14.90 -2.73 -10.41
N SER A 22 -16.07 -2.23 -10.12
CA SER A 22 -16.93 -1.65 -11.11
C SER A 22 -16.27 -0.47 -11.80
N GLU A 23 -16.69 -0.22 -12.98
CA GLU A 23 -16.17 0.84 -13.79
C GLU A 23 -16.79 2.16 -13.28
N SER A 24 -18.01 2.05 -12.81
CA SER A 24 -18.75 3.19 -12.29
C SER A 24 -18.68 3.23 -10.74
N ILE A 25 -17.60 2.71 -10.18
CA ILE A 25 -17.52 2.61 -8.72
C ILE A 25 -17.19 3.94 -8.05
N GLY A 26 -16.39 4.77 -8.70
CA GLY A 26 -16.01 6.02 -8.10
C GLY A 26 -14.82 5.86 -7.18
N ILE A 27 -15.05 5.23 -6.04
CA ILE A 27 -14.02 5.03 -5.04
C ILE A 27 -14.02 3.59 -4.62
N MET A 28 -12.88 3.02 -4.60
CA MET A 28 -12.70 1.68 -4.12
C MET A 28 -12.02 1.73 -2.76
N GLU A 29 -12.60 1.08 -1.78
CA GLU A 29 -12.06 1.04 -0.43
C GLU A 29 -11.10 -0.10 -0.28
N VAL A 30 -9.85 0.20 -0.07
CA VAL A 30 -8.88 -0.82 0.19
C VAL A 30 -8.47 -0.78 1.63
N LYS A 31 -8.78 -1.80 2.35
CA LYS A 31 -8.37 -1.88 3.71
C LYS A 31 -7.02 -2.54 3.79
N VAL A 32 -6.14 -1.93 4.49
CA VAL A 32 -4.88 -2.53 4.76
C VAL A 32 -5.00 -3.24 6.08
N LEU A 33 -4.96 -4.54 6.02
CA LEU A 33 -5.18 -5.37 7.16
C LEU A 33 -3.88 -5.58 7.90
N ARG A 34 -3.97 -5.80 9.17
CA ARG A 34 -2.82 -6.03 9.98
C ARG A 34 -2.89 -7.44 10.54
N THR A 35 -2.05 -8.28 10.02
CA THR A 35 -2.02 -9.68 10.37
C THR A 35 -1.61 -9.84 11.84
N SER A 36 -0.45 -9.34 12.17
CA SER A 36 0.05 -9.38 13.51
C SER A 36 -0.67 -8.36 14.40
N GLY A 37 -0.72 -7.13 13.94
CA GLY A 37 -1.37 -6.08 14.68
C GLY A 37 -0.63 -4.79 14.53
N ALA A 38 -0.94 -3.82 15.35
CA ALA A 38 -0.29 -2.54 15.34
C ALA A 38 -0.24 -2.03 16.77
N ARG A 39 0.88 -1.52 17.19
CA ARG A 39 1.04 -1.02 18.54
C ARG A 39 2.13 0.06 18.56
N GLY A 40 1.73 1.30 18.55
CA GLY A 40 2.65 2.39 18.55
C GLY A 40 2.36 3.33 17.42
N ASN A 41 3.34 3.59 16.61
CA ASN A 41 3.13 4.39 15.41
C ASN A 41 3.89 3.78 14.25
N VAL A 42 3.17 3.21 13.32
CA VAL A 42 3.80 2.61 12.15
C VAL A 42 3.19 3.22 10.90
N ILE A 43 4.02 3.69 10.01
CA ILE A 43 3.56 4.32 8.80
C ILE A 43 3.77 3.37 7.64
N VAL A 44 2.71 3.13 6.91
CA VAL A 44 2.71 2.19 5.81
C VAL A 44 2.60 2.93 4.49
N PRO A 45 3.66 2.97 3.69
CA PRO A 45 3.61 3.60 2.39
C PRO A 45 3.02 2.64 1.34
N TYR A 46 2.31 3.20 0.40
CA TYR A 46 1.75 2.43 -0.70
C TYR A 46 1.96 3.19 -1.98
N LYS A 47 1.94 2.50 -3.09
CA LYS A 47 2.13 3.15 -4.37
C LYS A 47 1.40 2.42 -5.47
N THR A 48 0.80 3.19 -6.36
CA THR A 48 0.05 2.68 -7.46
C THR A 48 0.94 2.35 -8.65
N ILE A 49 0.83 1.13 -9.10
CA ILE A 49 1.56 0.64 -10.22
C ILE A 49 0.65 0.73 -11.41
N GLU A 50 1.00 1.54 -12.35
CA GLU A 50 0.18 1.73 -13.53
C GLU A 50 0.40 0.57 -14.50
N GLY A 51 -0.49 0.41 -15.42
CA GLY A 51 -0.40 -0.66 -16.37
C GLY A 51 -1.15 -0.30 -17.60
N THR A 52 -2.19 -1.06 -17.90
CA THR A 52 -3.05 -0.75 -19.01
C THR A 52 -3.86 0.51 -18.66
N ALA A 53 -4.05 0.70 -17.37
CA ALA A 53 -4.70 1.85 -16.84
C ALA A 53 -3.64 2.88 -16.50
N ARG A 54 -3.84 4.09 -16.95
CA ARG A 54 -2.92 5.18 -16.69
C ARG A 54 -3.47 5.96 -15.51
N GLY A 55 -2.63 6.26 -14.56
CA GLY A 55 -3.06 6.97 -13.39
C GLY A 55 -3.05 8.46 -13.60
N GLY A 56 -2.99 9.19 -12.53
CA GLY A 56 -2.88 10.64 -12.60
C GLY A 56 -4.14 11.34 -13.11
N GLY A 57 -5.23 10.62 -13.22
CA GLY A 57 -6.45 11.26 -13.65
C GLY A 57 -7.04 10.66 -14.90
N GLU A 58 -6.26 9.87 -15.62
CA GLU A 58 -6.75 9.24 -16.86
C GLU A 58 -7.76 8.14 -16.59
N ASP A 59 -7.31 6.98 -16.22
CA ASP A 59 -8.22 5.88 -15.90
C ASP A 59 -8.58 5.97 -14.44
N PHE A 60 -7.58 6.26 -13.65
CA PHE A 60 -7.73 6.40 -12.25
C PHE A 60 -6.82 7.52 -11.80
N GLU A 61 -7.04 8.01 -10.61
CA GLU A 61 -6.19 9.04 -10.09
C GLU A 61 -5.07 8.36 -9.33
N ASP A 62 -3.92 8.95 -9.34
CA ASP A 62 -2.75 8.32 -8.76
C ASP A 62 -2.68 8.65 -7.30
N THR A 63 -2.67 7.64 -6.50
CA THR A 63 -2.62 7.84 -5.10
C THR A 63 -1.49 7.01 -4.51
N CYS A 64 -0.44 7.69 -4.17
CA CYS A 64 0.68 7.09 -3.52
C CYS A 64 0.93 7.89 -2.26
N GLY A 65 1.09 7.24 -1.14
CA GLY A 65 1.26 7.98 0.07
C GLY A 65 1.54 7.12 1.26
N GLU A 66 1.45 7.71 2.42
CA GLU A 66 1.75 7.07 3.68
C GLU A 66 0.48 6.93 4.53
N LEU A 67 0.16 5.72 4.90
CA LEU A 67 -0.95 5.44 5.79
C LEU A 67 -0.45 5.42 7.20
N GLU A 68 -1.22 5.96 8.10
CA GLU A 68 -0.81 6.06 9.47
C GLU A 68 -1.56 5.07 10.34
N PHE A 69 -0.84 4.10 10.88
CA PHE A 69 -1.40 3.11 11.77
C PHE A 69 -0.78 3.24 13.14
N GLN A 70 -1.58 3.58 14.12
CA GLN A 70 -1.08 3.59 15.48
C GLN A 70 -1.29 2.23 16.13
N ASN A 71 -2.48 2.06 16.66
CA ASN A 71 -2.88 0.88 17.38
C ASN A 71 -3.81 -0.01 16.53
N ASP A 72 -3.88 -1.29 16.87
CA ASP A 72 -4.62 -2.34 16.13
C ASP A 72 -6.14 -2.09 15.90
N GLU A 73 -6.80 -1.33 16.75
CA GLU A 73 -8.27 -1.21 16.61
C GLU A 73 -8.71 -0.20 15.52
N ILE A 74 -7.78 0.30 14.75
CA ILE A 74 -8.11 1.17 13.64
C ILE A 74 -7.62 0.55 12.35
N VAL A 75 -8.15 1.01 11.26
CA VAL A 75 -7.78 0.48 9.99
C VAL A 75 -7.59 1.65 9.04
N LYS A 76 -6.79 1.48 8.04
CA LYS A 76 -6.65 2.48 7.04
C LYS A 76 -7.19 2.02 5.74
N ILE A 77 -7.72 2.96 5.01
CA ILE A 77 -8.34 2.70 3.76
C ILE A 77 -7.71 3.54 2.70
N ILE A 78 -7.36 2.92 1.63
CA ILE A 78 -6.84 3.59 0.49
C ILE A 78 -7.99 3.90 -0.41
N THR A 79 -8.14 5.11 -0.77
CA THR A 79 -9.21 5.52 -1.61
C THR A 79 -8.68 5.86 -2.98
N ILE A 80 -9.03 5.06 -3.95
CA ILE A 80 -8.58 5.29 -5.30
C ILE A 80 -9.72 5.84 -6.11
N ARG A 81 -9.49 7.00 -6.71
CA ARG A 81 -10.47 7.63 -7.53
C ARG A 81 -10.48 7.04 -8.91
N ILE A 82 -11.54 6.33 -9.18
CA ILE A 82 -11.77 5.74 -10.46
C ILE A 82 -12.66 6.70 -11.21
N PHE A 83 -12.37 6.96 -12.44
CA PHE A 83 -13.14 7.90 -13.20
C PHE A 83 -13.91 7.21 -14.27
N ASP A 84 -14.92 7.87 -14.78
CA ASP A 84 -15.70 7.36 -15.87
C ASP A 84 -16.07 8.50 -16.80
N ARG A 85 -15.20 8.72 -17.73
CA ARG A 85 -15.36 9.76 -18.72
C ARG A 85 -15.43 9.13 -20.08
N GLU A 86 -14.46 8.28 -20.35
CA GLU A 86 -14.38 7.57 -21.61
C GLU A 86 -14.64 6.08 -21.37
N GLU A 87 -14.35 5.65 -20.18
CA GLU A 87 -14.45 4.28 -19.79
C GLU A 87 -15.84 3.83 -19.51
N TYR A 88 -16.42 3.22 -20.51
CA TYR A 88 -17.69 2.57 -20.40
C TYR A 88 -17.60 1.23 -21.12
N GLU A 89 -16.37 0.90 -21.52
CA GLU A 89 -16.04 -0.31 -22.26
C GLU A 89 -14.66 -0.84 -21.82
N LYS A 90 -14.13 -0.38 -20.70
CA LYS A 90 -12.75 -0.76 -20.36
C LYS A 90 -12.66 -1.99 -19.48
N GLU A 91 -11.46 -2.49 -19.37
CA GLU A 91 -11.13 -3.59 -18.49
C GLU A 91 -9.69 -3.43 -18.05
N CYS A 92 -9.22 -2.20 -18.15
CA CYS A 92 -7.85 -1.87 -17.85
C CYS A 92 -7.51 -2.17 -16.40
N SER A 93 -6.34 -2.67 -16.17
CA SER A 93 -5.97 -2.98 -14.84
C SER A 93 -4.68 -2.27 -14.43
N PHE A 94 -4.53 -2.10 -13.15
CA PHE A 94 -3.33 -1.57 -12.55
C PHE A 94 -3.05 -2.37 -11.28
N SER A 95 -2.03 -2.04 -10.57
CA SER A 95 -1.75 -2.74 -9.35
C SER A 95 -1.41 -1.75 -8.26
N LEU A 96 -1.58 -2.14 -7.05
CA LEU A 96 -1.26 -1.33 -5.92
C LEU A 96 -0.45 -2.19 -4.99
N VAL A 97 0.65 -1.68 -4.54
CA VAL A 97 1.51 -2.45 -3.68
C VAL A 97 1.83 -1.68 -2.41
N LEU A 98 2.08 -2.41 -1.35
CA LEU A 98 2.47 -1.83 -0.09
C LEU A 98 3.97 -1.85 -0.02
N GLU A 99 4.51 -0.82 0.49
CA GLU A 99 5.92 -0.67 0.64
C GLU A 99 6.29 -0.96 2.07
N GLU A 100 7.56 -1.28 2.27
CA GLU A 100 8.09 -1.55 3.59
C GLU A 100 7.76 -0.42 4.55
N PRO A 101 7.05 -0.73 5.64
CA PRO A 101 6.57 0.24 6.60
C PRO A 101 7.68 0.78 7.49
N LYS A 102 7.54 2.01 7.88
CA LYS A 102 8.51 2.65 8.74
C LYS A 102 7.95 2.67 10.16
N TRP A 103 8.74 2.30 11.12
CA TRP A 103 8.25 2.23 12.48
C TRP A 103 8.81 3.41 13.27
N ILE A 104 7.93 4.24 13.73
CA ILE A 104 8.32 5.36 14.52
C ILE A 104 8.24 4.95 15.97
N ARG A 105 9.37 4.58 16.48
CA ARG A 105 9.45 4.16 17.84
C ARG A 105 10.55 4.88 18.54
N ARG A 106 10.23 6.05 19.02
CA ARG A 106 11.17 6.83 19.77
C ARG A 106 10.57 7.09 21.13
N GLY A 107 9.30 7.41 21.09
CA GLY A 107 8.58 7.81 22.26
C GLY A 107 8.32 9.27 22.15
N MET A 108 7.11 9.69 22.42
CA MET A 108 6.78 11.10 22.28
C MET A 108 7.39 11.89 23.42
N LYS A 109 8.47 12.54 23.11
CA LYS A 109 9.25 13.28 24.08
C LYS A 109 8.68 14.70 24.24
N GLY A 110 9.20 15.43 25.20
CA GLY A 110 8.72 16.76 25.51
C GLY A 110 9.17 17.82 24.52
N GLY A 111 8.73 17.69 23.30
CA GLY A 111 9.03 18.63 22.28
C GLY A 111 8.39 18.19 21.00
N PHE A 112 8.35 19.07 20.04
CA PHE A 112 7.80 18.75 18.75
C PHE A 112 8.93 18.39 17.83
N THR A 113 9.98 19.13 17.95
CA THR A 113 11.16 18.93 17.20
C THR A 113 12.27 18.57 18.18
N ILE A 114 12.65 17.33 18.20
CA ILE A 114 13.68 16.88 19.13
C ILE A 114 15.05 17.06 18.51
N THR A 115 15.11 16.97 17.19
CA THR A 115 16.34 17.17 16.43
C THR A 115 17.39 16.09 16.83
N GLU A 116 16.90 14.91 17.11
CA GLU A 116 17.78 13.84 17.50
C GLU A 116 18.25 13.07 16.27
N GLU A 117 17.46 13.11 15.23
CA GLU A 117 17.83 12.46 14.01
C GLU A 117 18.37 13.50 13.07
N TYR A 118 19.55 13.27 12.60
CA TYR A 118 20.24 14.20 11.74
C TYR A 118 20.05 13.85 10.27
N ASP A 119 19.94 12.58 9.97
CA ASP A 119 19.98 12.14 8.60
C ASP A 119 18.84 11.17 8.28
N ASP A 120 18.51 11.06 7.00
CA ASP A 120 17.43 10.19 6.52
C ASP A 120 17.89 8.76 6.46
N LYS A 121 17.05 7.84 6.84
CA LYS A 121 17.38 6.44 6.80
C LYS A 121 17.04 5.88 5.43
N GLN A 122 18.02 5.88 4.57
CA GLN A 122 17.87 5.35 3.23
C GLN A 122 18.08 3.84 3.28
N PRO A 123 17.17 3.05 2.69
CA PRO A 123 17.31 1.59 2.66
C PRO A 123 18.51 1.18 1.84
N LEU A 124 19.08 0.11 2.24
CA LEU A 124 20.33 -0.31 1.73
C LEU A 124 20.16 -1.44 0.76
N THR A 125 20.88 -1.37 -0.32
CA THR A 125 20.85 -2.42 -1.33
C THR A 125 21.93 -3.46 -1.01
N SER A 126 22.38 -3.43 0.22
CA SER A 126 23.37 -4.30 0.72
C SER A 126 22.73 -5.66 0.98
N LYS A 127 23.01 -6.62 0.14
CA LYS A 127 22.44 -7.90 0.34
C LYS A 127 23.40 -8.74 1.14
N GLU A 128 22.98 -9.12 2.30
CA GLU A 128 23.75 -10.01 3.13
C GLU A 128 23.63 -11.42 2.58
N GLU A 129 24.60 -12.26 2.89
CA GLU A 129 24.60 -13.64 2.40
C GLU A 129 23.67 -14.52 3.26
N GLU A 130 22.42 -14.13 3.24
CA GLU A 130 21.32 -14.75 3.92
C GLU A 130 20.10 -14.43 3.11
N GLU A 131 19.00 -15.08 3.41
CA GLU A 131 17.74 -14.80 2.75
C GLU A 131 17.29 -13.36 3.01
N ARG A 132 16.63 -12.76 2.03
CA ARG A 132 16.16 -11.37 2.13
C ARG A 132 15.21 -11.21 3.29
N ARG A 133 14.35 -12.18 3.50
CA ARG A 133 13.39 -12.14 4.56
C ARG A 133 14.05 -12.20 5.92
N ILE A 134 15.09 -13.02 6.04
CA ILE A 134 15.81 -13.15 7.30
C ILE A 134 16.64 -11.90 7.57
N ALA A 135 17.15 -11.30 6.52
CA ALA A 135 17.89 -10.08 6.67
C ALA A 135 16.97 -8.93 7.08
N GLU A 136 15.90 -8.76 6.33
CA GLU A 136 14.97 -7.66 6.56
C GLU A 136 13.96 -7.95 7.65
N MET A 137 13.99 -9.12 8.22
CA MET A 137 13.08 -9.45 9.35
C MET A 137 13.36 -8.55 10.56
N GLY A 138 14.51 -7.88 10.52
CA GLY A 138 14.90 -6.96 11.55
C GLY A 138 14.35 -5.56 11.31
N ARG A 139 13.70 -5.36 10.19
CA ARG A 139 13.07 -4.10 9.89
C ARG A 139 11.57 -4.36 9.82
N PRO A 140 10.72 -3.34 9.96
CA PRO A 140 9.27 -3.55 9.85
C PRO A 140 8.90 -3.96 8.43
N ILE A 141 8.19 -5.05 8.31
CA ILE A 141 7.80 -5.55 7.02
C ILE A 141 6.35 -5.92 6.98
N LEU A 142 5.92 -6.42 5.87
CA LEU A 142 4.56 -6.72 5.61
C LEU A 142 4.36 -8.23 5.57
N GLY A 143 3.29 -8.65 4.92
CA GLY A 143 3.01 -10.07 4.81
C GLY A 143 3.92 -10.76 3.79
N GLU A 144 3.53 -11.94 3.41
CA GLU A 144 4.28 -12.76 2.45
C GLU A 144 4.41 -12.01 1.13
N HIS A 145 3.33 -11.93 0.41
CA HIS A 145 3.26 -11.22 -0.82
C HIS A 145 2.06 -10.36 -0.76
N THR A 146 2.21 -9.10 -1.00
CA THR A 146 1.08 -8.27 -0.90
C THR A 146 1.05 -7.26 -2.08
N LYS A 147 0.11 -7.50 -2.94
CA LYS A 147 -0.14 -6.70 -4.09
C LYS A 147 -1.62 -6.76 -4.34
N LEU A 148 -2.20 -5.68 -4.71
CA LEU A 148 -3.57 -5.65 -5.05
C LEU A 148 -3.69 -5.26 -6.50
N GLU A 149 -4.02 -6.21 -7.32
CA GLU A 149 -4.24 -5.95 -8.70
C GLU A 149 -5.67 -5.52 -8.87
N VAL A 150 -5.85 -4.39 -9.45
CA VAL A 150 -7.15 -3.80 -9.58
C VAL A 150 -7.55 -3.77 -11.01
N ILE A 151 -8.66 -4.36 -11.28
CA ILE A 151 -9.18 -4.41 -12.61
C ILE A 151 -10.48 -3.63 -12.65
N ILE A 152 -10.53 -2.65 -13.51
CA ILE A 152 -11.73 -1.84 -13.65
C ILE A 152 -12.51 -2.24 -14.88
N GLU A 153 -13.61 -2.89 -14.64
CA GLU A 153 -14.53 -3.34 -15.67
C GLU A 153 -15.89 -3.41 -15.03
N GLU A 154 -16.92 -3.00 -15.74
CA GLU A 154 -18.25 -3.03 -15.18
C GLU A 154 -18.84 -4.44 -15.31
N SER A 155 -18.22 -5.36 -14.61
CA SER A 155 -18.60 -6.75 -14.57
C SER A 155 -18.01 -7.41 -13.33
N TYR A 156 -18.78 -7.47 -12.26
CA TYR A 156 -18.34 -8.18 -11.09
C TYR A 156 -18.84 -9.60 -11.20
N GLU A 157 -18.21 -10.50 -10.51
CA GLU A 157 -18.64 -11.87 -10.57
C GLU A 157 -19.59 -12.19 -9.45
N PHE A 158 -20.69 -12.76 -9.81
CA PHE A 158 -21.66 -13.21 -8.86
C PHE A 158 -22.13 -14.56 -9.37
N LYS A 159 -21.35 -15.54 -9.11
CA LYS A 159 -21.60 -16.86 -9.57
C LYS A 159 -22.39 -17.64 -8.54
N SER A 160 -22.07 -17.42 -7.29
CA SER A 160 -22.70 -18.13 -6.22
C SER A 160 -23.34 -17.16 -5.22
N THR A 161 -24.50 -17.53 -4.74
CA THR A 161 -25.18 -16.78 -3.73
C THR A 161 -24.95 -17.47 -2.40
N VAL A 162 -24.53 -16.73 -1.41
CA VAL A 162 -24.31 -17.28 -0.10
C VAL A 162 -25.66 -17.41 0.63
N ASP A 163 -25.88 -18.54 1.24
CA ASP A 163 -27.11 -18.79 1.99
C ASP A 163 -26.80 -18.78 3.47
N HIS A 8 2.65 -6.77 18.69
CA HIS A 8 3.31 -5.53 18.31
C HIS A 8 3.86 -5.62 16.90
N ALA A 9 3.77 -6.80 16.32
CA ALA A 9 4.28 -7.06 15.00
C ALA A 9 3.37 -6.47 13.94
N GLY A 10 3.79 -5.35 13.41
CA GLY A 10 3.04 -4.71 12.37
C GLY A 10 3.28 -5.37 11.05
N ILE A 11 2.39 -6.27 10.68
CA ILE A 11 2.45 -6.96 9.40
C ILE A 11 1.24 -6.52 8.61
N PHE A 12 1.46 -5.83 7.53
CA PHE A 12 0.37 -5.28 6.76
C PHE A 12 0.25 -6.00 5.42
N THR A 13 -0.98 -6.28 5.02
CA THR A 13 -1.23 -6.91 3.76
C THR A 13 -2.60 -6.44 3.21
N PHE A 14 -2.85 -6.71 1.94
CA PHE A 14 -4.12 -6.38 1.29
C PHE A 14 -5.17 -7.43 1.65
N GLU A 15 -6.44 -7.05 1.53
CA GLU A 15 -7.56 -7.96 1.81
C GLU A 15 -7.51 -9.14 0.86
N GLU A 16 -7.39 -8.83 -0.39
CA GLU A 16 -7.32 -9.79 -1.45
C GLU A 16 -6.24 -9.36 -2.42
N PRO A 17 -5.60 -10.30 -3.12
CA PRO A 17 -4.53 -9.97 -4.07
C PRO A 17 -5.07 -9.36 -5.36
N VAL A 18 -6.34 -9.61 -5.66
CA VAL A 18 -6.95 -9.11 -6.87
C VAL A 18 -8.36 -8.60 -6.56
N THR A 19 -8.68 -7.42 -7.02
CA THR A 19 -9.99 -6.88 -6.86
C THR A 19 -10.47 -6.28 -8.19
N HIS A 20 -11.72 -6.47 -8.48
CA HIS A 20 -12.31 -5.97 -9.71
C HIS A 20 -13.32 -4.90 -9.35
N VAL A 21 -13.10 -3.71 -9.83
CA VAL A 21 -13.95 -2.61 -9.49
C VAL A 21 -14.65 -2.06 -10.71
N SER A 22 -15.74 -1.44 -10.49
CA SER A 22 -16.50 -0.82 -11.53
C SER A 22 -15.95 0.56 -11.85
N GLU A 23 -16.21 1.06 -13.04
CA GLU A 23 -15.77 2.39 -13.42
C GLU A 23 -16.57 3.47 -12.71
N SER A 24 -17.83 3.18 -12.51
CA SER A 24 -18.77 4.09 -11.93
C SER A 24 -18.82 3.99 -10.41
N ILE A 25 -17.75 3.52 -9.81
CA ILE A 25 -17.72 3.38 -8.37
C ILE A 25 -17.27 4.70 -7.71
N GLY A 26 -16.53 5.50 -8.45
CA GLY A 26 -16.05 6.75 -7.92
C GLY A 26 -14.78 6.59 -7.14
N ILE A 27 -14.88 5.99 -5.99
CA ILE A 27 -13.75 5.79 -5.12
C ILE A 27 -13.79 4.34 -4.71
N MET A 28 -12.67 3.69 -4.67
CA MET A 28 -12.64 2.31 -4.24
C MET A 28 -11.90 2.23 -2.92
N GLU A 29 -12.30 1.30 -2.09
CA GLU A 29 -11.77 1.15 -0.77
C GLU A 29 -10.98 -0.16 -0.63
N VAL A 30 -9.79 -0.06 -0.11
CA VAL A 30 -8.97 -1.21 0.20
C VAL A 30 -8.58 -1.14 1.64
N LYS A 31 -8.87 -2.13 2.41
CA LYS A 31 -8.40 -2.13 3.75
C LYS A 31 -7.07 -2.81 3.81
N VAL A 32 -6.14 -2.19 4.44
CA VAL A 32 -4.88 -2.80 4.67
C VAL A 32 -4.96 -3.51 5.98
N LEU A 33 -4.97 -4.80 5.91
CA LEU A 33 -5.17 -5.63 7.05
C LEU A 33 -3.86 -5.90 7.71
N ARG A 34 -3.91 -5.94 8.99
CA ARG A 34 -2.77 -6.25 9.79
C ARG A 34 -2.95 -7.63 10.38
N THR A 35 -2.12 -8.57 9.98
CA THR A 35 -2.29 -9.92 10.47
C THR A 35 -2.01 -10.02 11.97
N SER A 36 -0.79 -9.74 12.36
CA SER A 36 -0.42 -9.75 13.74
C SER A 36 -0.98 -8.52 14.48
N GLY A 37 -0.70 -7.34 13.95
CA GLY A 37 -1.19 -6.14 14.55
C GLY A 37 -0.41 -4.94 14.10
N ALA A 38 -0.23 -4.00 15.01
CA ALA A 38 0.49 -2.76 14.82
C ALA A 38 0.76 -2.20 16.19
N ARG A 39 1.71 -1.28 16.33
CA ARG A 39 2.00 -0.71 17.64
C ARG A 39 2.68 0.63 17.49
N GLY A 40 2.14 1.63 18.14
CA GLY A 40 2.78 2.92 18.17
C GLY A 40 2.29 3.80 17.07
N ASN A 41 3.17 4.20 16.20
CA ASN A 41 2.80 4.98 15.04
C ASN A 41 3.58 4.46 13.86
N VAL A 42 2.94 3.86 12.91
CA VAL A 42 3.62 3.31 11.76
C VAL A 42 3.07 3.91 10.48
N ILE A 43 3.95 4.38 9.62
CA ILE A 43 3.54 4.91 8.34
C ILE A 43 3.69 3.84 7.31
N VAL A 44 2.60 3.48 6.70
CA VAL A 44 2.58 2.45 5.69
C VAL A 44 2.39 3.10 4.33
N PRO A 45 3.44 3.14 3.53
CA PRO A 45 3.34 3.67 2.20
C PRO A 45 2.85 2.60 1.23
N TYR A 46 2.35 3.05 0.14
CA TYR A 46 1.86 2.19 -0.89
C TYR A 46 2.04 2.94 -2.16
N LYS A 47 1.98 2.28 -3.27
CA LYS A 47 2.10 2.97 -4.52
C LYS A 47 1.33 2.23 -5.61
N THR A 48 0.51 2.97 -6.31
CA THR A 48 -0.26 2.42 -7.38
C THR A 48 0.61 2.26 -8.63
N ILE A 49 0.76 1.04 -9.03
CA ILE A 49 1.55 0.67 -10.17
C ILE A 49 0.64 0.73 -11.38
N GLU A 50 0.99 1.56 -12.33
CA GLU A 50 0.21 1.71 -13.52
C GLU A 50 0.42 0.51 -14.43
N GLY A 51 -0.63 -0.27 -14.61
CA GLY A 51 -0.54 -1.43 -15.47
C GLY A 51 -1.00 -1.09 -16.85
N THR A 52 -2.15 -1.58 -17.23
CA THR A 52 -2.71 -1.26 -18.49
C THR A 52 -3.51 0.04 -18.36
N ALA A 53 -3.94 0.30 -17.14
CA ALA A 53 -4.69 1.50 -16.82
C ALA A 53 -3.74 2.62 -16.47
N ARG A 54 -4.09 3.83 -16.82
CA ARG A 54 -3.25 4.97 -16.54
C ARG A 54 -3.62 5.67 -15.27
N GLY A 55 -2.60 6.03 -14.55
CA GLY A 55 -2.76 6.67 -13.31
C GLY A 55 -2.34 8.09 -13.37
N GLY A 56 -3.18 8.95 -12.91
CA GLY A 56 -2.88 10.34 -12.93
C GLY A 56 -4.10 11.13 -13.25
N GLY A 57 -5.08 10.47 -13.82
CA GLY A 57 -6.30 11.14 -14.15
C GLY A 57 -7.06 10.48 -15.26
N GLU A 58 -6.41 9.59 -16.01
CA GLU A 58 -7.09 8.87 -17.09
C GLU A 58 -8.09 7.87 -16.54
N ASP A 59 -7.61 6.71 -16.14
CA ASP A 59 -8.47 5.68 -15.59
C ASP A 59 -8.62 5.92 -14.12
N PHE A 60 -7.50 6.02 -13.45
CA PHE A 60 -7.50 6.23 -12.03
C PHE A 60 -6.58 7.38 -11.67
N GLU A 61 -6.78 7.91 -10.50
CA GLU A 61 -5.95 8.96 -9.98
C GLU A 61 -4.92 8.27 -9.09
N ASP A 62 -3.65 8.41 -9.42
CA ASP A 62 -2.58 7.68 -8.71
C ASP A 62 -2.41 8.19 -7.29
N THR A 63 -2.12 7.29 -6.41
CA THR A 63 -1.98 7.61 -5.02
C THR A 63 -0.81 6.82 -4.41
N CYS A 64 0.00 7.48 -3.60
CA CYS A 64 1.12 6.85 -2.96
C CYS A 64 1.35 7.37 -1.54
N GLY A 65 1.09 6.51 -0.57
CA GLY A 65 1.33 6.84 0.83
C GLY A 65 0.24 7.70 1.43
N GLU A 66 -0.61 7.12 2.25
CA GLU A 66 -1.70 7.85 2.89
C GLU A 66 -2.10 7.10 4.17
N LEU A 67 -1.26 6.19 4.62
CA LEU A 67 -1.66 5.35 5.73
C LEU A 67 -0.78 5.54 6.93
N GLU A 68 -1.41 5.63 8.06
CA GLU A 68 -0.77 5.71 9.33
C GLU A 68 -1.48 4.76 10.28
N PHE A 69 -0.81 3.70 10.63
CA PHE A 69 -1.35 2.72 11.53
C PHE A 69 -0.75 2.92 12.87
N GLN A 70 -1.56 3.27 13.81
CA GLN A 70 -1.10 3.53 15.12
C GLN A 70 -1.13 2.25 15.94
N ASN A 71 -2.28 1.90 16.41
CA ASN A 71 -2.44 0.73 17.22
C ASN A 71 -3.08 -0.37 16.38
N ASP A 72 -3.05 -1.58 16.88
CA ASP A 72 -3.57 -2.75 16.18
C ASP A 72 -5.10 -2.73 16.06
N GLU A 73 -5.74 -1.96 16.90
CA GLU A 73 -7.20 -1.93 16.94
C GLU A 73 -7.84 -1.26 15.73
N ILE A 74 -7.07 -0.60 14.88
CA ILE A 74 -7.65 0.13 13.77
C ILE A 74 -7.26 -0.50 12.46
N VAL A 75 -7.93 -0.11 11.42
CA VAL A 75 -7.65 -0.53 10.09
C VAL A 75 -7.69 0.70 9.21
N LYS A 76 -6.89 0.72 8.17
CA LYS A 76 -6.92 1.84 7.27
C LYS A 76 -7.35 1.48 5.91
N ILE A 77 -7.86 2.45 5.20
CA ILE A 77 -8.44 2.24 3.92
C ILE A 77 -7.74 3.10 2.88
N ILE A 78 -7.42 2.48 1.78
CA ILE A 78 -6.85 3.15 0.64
C ILE A 78 -8.00 3.57 -0.24
N THR A 79 -8.02 4.80 -0.62
CA THR A 79 -9.05 5.31 -1.47
C THR A 79 -8.46 5.73 -2.80
N ILE A 80 -8.80 5.02 -3.84
CA ILE A 80 -8.30 5.34 -5.16
C ILE A 80 -9.43 5.92 -5.98
N ARG A 81 -9.15 7.05 -6.61
CA ARG A 81 -10.13 7.71 -7.44
C ARG A 81 -10.25 6.97 -8.76
N ILE A 82 -11.36 6.37 -8.98
CA ILE A 82 -11.65 5.72 -10.24
C ILE A 82 -12.51 6.69 -10.99
N PHE A 83 -12.06 7.14 -12.12
CA PHE A 83 -12.79 8.15 -12.87
C PHE A 83 -14.04 7.60 -13.51
N ASP A 84 -15.16 7.86 -12.86
CA ASP A 84 -16.47 7.42 -13.33
C ASP A 84 -16.91 8.24 -14.52
N ARG A 85 -16.30 9.38 -14.69
CA ARG A 85 -16.57 10.24 -15.82
C ARG A 85 -15.55 9.91 -16.94
N GLU A 86 -15.16 8.68 -16.98
CA GLU A 86 -14.27 8.18 -17.98
C GLU A 86 -14.65 6.74 -18.23
N GLU A 87 -14.32 6.25 -19.40
CA GLU A 87 -14.61 4.89 -19.77
C GLU A 87 -13.73 4.49 -20.93
N TYR A 88 -13.02 3.42 -20.75
CA TYR A 88 -12.20 2.86 -21.80
C TYR A 88 -12.74 1.50 -22.16
N GLU A 89 -12.41 1.05 -23.33
CA GLU A 89 -12.88 -0.24 -23.83
C GLU A 89 -11.72 -1.22 -23.84
N LYS A 90 -10.85 -1.03 -22.92
CA LYS A 90 -9.69 -1.83 -22.75
C LYS A 90 -9.80 -2.47 -21.38
N GLU A 91 -9.18 -3.60 -21.19
CA GLU A 91 -9.15 -4.20 -19.88
C GLU A 91 -8.14 -3.46 -18.99
N CYS A 92 -8.63 -2.41 -18.40
CA CYS A 92 -7.87 -1.56 -17.55
C CYS A 92 -7.57 -2.25 -16.23
N SER A 93 -6.32 -2.34 -15.90
CA SER A 93 -5.89 -2.96 -14.69
C SER A 93 -4.64 -2.25 -14.21
N PHE A 94 -4.43 -2.26 -12.94
CA PHE A 94 -3.26 -1.70 -12.36
C PHE A 94 -2.96 -2.47 -11.09
N SER A 95 -1.90 -2.17 -10.44
CA SER A 95 -1.59 -2.84 -9.23
C SER A 95 -1.28 -1.86 -8.16
N LEU A 96 -1.30 -2.30 -6.98
CA LEU A 96 -1.01 -1.51 -5.85
C LEU A 96 -0.19 -2.36 -4.93
N VAL A 97 0.92 -1.86 -4.53
CA VAL A 97 1.79 -2.58 -3.64
C VAL A 97 2.02 -1.78 -2.41
N LEU A 98 2.26 -2.46 -1.33
CA LEU A 98 2.60 -1.82 -0.10
C LEU A 98 4.10 -1.73 -0.03
N GLU A 99 4.55 -0.63 0.44
CA GLU A 99 5.95 -0.36 0.56
C GLU A 99 6.37 -0.61 1.97
N GLU A 100 7.68 -0.65 2.18
CA GLU A 100 8.26 -0.88 3.48
C GLU A 100 7.74 0.16 4.47
N PRO A 101 6.98 -0.24 5.47
CA PRO A 101 6.44 0.67 6.43
C PRO A 101 7.49 1.14 7.41
N LYS A 102 7.42 2.37 7.77
CA LYS A 102 8.38 2.92 8.67
C LYS A 102 7.76 3.21 9.99
N TRP A 103 8.43 2.79 11.02
CA TRP A 103 7.94 2.93 12.35
C TRP A 103 8.32 4.29 12.83
N ILE A 104 7.34 5.09 13.14
CA ILE A 104 7.61 6.37 13.67
C ILE A 104 7.76 6.19 15.14
N ARG A 105 8.96 5.91 15.53
CA ARG A 105 9.27 5.67 16.88
C ARG A 105 10.10 6.82 17.36
N ARG A 106 9.53 7.64 18.15
CA ARG A 106 10.22 8.78 18.67
C ARG A 106 11.03 8.35 19.87
N GLY A 107 12.32 8.51 19.78
CA GLY A 107 13.20 8.08 20.82
C GLY A 107 14.30 7.19 20.31
N MET A 108 14.15 6.69 19.08
CA MET A 108 15.18 5.81 18.51
C MET A 108 16.29 6.64 17.89
N LYS A 109 15.94 7.84 17.50
CA LYS A 109 16.89 8.77 16.95
C LYS A 109 17.54 9.50 18.11
N GLY A 110 18.56 8.90 18.68
CA GLY A 110 19.22 9.51 19.79
C GLY A 110 20.60 8.98 20.01
N GLY A 111 20.70 7.82 20.61
CA GLY A 111 21.98 7.24 20.95
C GLY A 111 22.62 6.49 19.80
N PHE A 112 22.42 6.97 18.62
CA PHE A 112 22.94 6.37 17.42
C PHE A 112 23.58 7.46 16.61
N THR A 113 24.38 7.09 15.66
CA THR A 113 25.02 8.06 14.82
C THR A 113 24.04 8.50 13.74
N ILE A 114 23.45 9.62 13.96
CA ILE A 114 22.50 10.16 13.05
C ILE A 114 23.23 11.11 12.14
N THR A 115 23.50 10.65 10.94
CA THR A 115 24.25 11.42 9.98
C THR A 115 23.32 12.44 9.30
N GLU A 116 22.02 12.15 9.36
CA GLU A 116 20.92 12.98 8.84
C GLU A 116 20.88 13.02 7.31
N GLU A 117 21.99 13.29 6.70
CA GLU A 117 22.11 13.34 5.27
C GLU A 117 22.12 11.94 4.71
N TYR A 118 21.71 11.77 3.48
CA TYR A 118 21.54 10.47 2.90
C TYR A 118 22.86 9.89 2.40
N ASP A 119 23.71 9.52 3.31
CA ASP A 119 24.92 8.79 2.95
C ASP A 119 24.75 7.37 3.41
N ASP A 120 23.58 7.12 3.95
CA ASP A 120 23.13 5.83 4.37
C ASP A 120 22.50 5.16 3.18
N LYS A 121 22.59 3.85 3.12
CA LYS A 121 22.01 3.10 2.04
C LYS A 121 20.51 3.02 2.23
N GLN A 122 20.12 2.72 3.44
CA GLN A 122 18.75 2.58 3.87
C GLN A 122 18.75 2.35 5.39
N PRO A 123 19.55 1.36 5.93
CA PRO A 123 19.83 1.31 7.34
C PRO A 123 20.77 2.47 7.65
N LEU A 124 20.79 2.95 8.88
CA LEU A 124 21.62 4.10 9.20
C LEU A 124 23.08 3.71 9.20
N THR A 125 23.35 2.53 9.67
CA THR A 125 24.67 2.02 9.72
C THR A 125 24.99 1.17 8.47
N SER A 126 26.07 1.51 7.80
CA SER A 126 26.55 0.75 6.67
C SER A 126 27.18 -0.54 7.17
N LYS A 127 27.81 -0.44 8.34
CA LYS A 127 28.33 -1.58 9.03
C LYS A 127 27.16 -2.26 9.72
N GLU A 128 26.64 -3.31 9.13
CA GLU A 128 25.50 -3.98 9.68
C GLU A 128 25.89 -5.32 10.30
N GLU A 129 25.89 -5.36 11.62
CA GLU A 129 26.18 -6.58 12.34
C GLU A 129 24.91 -7.33 12.67
N GLU A 130 23.82 -6.60 12.76
CA GLU A 130 22.53 -7.20 12.92
C GLU A 130 22.09 -7.66 11.53
N GLU A 131 21.94 -8.97 11.37
CA GLU A 131 21.54 -9.56 10.09
C GLU A 131 20.25 -8.94 9.59
N ARG A 132 20.18 -8.73 8.28
CA ARG A 132 19.05 -8.06 7.66
C ARG A 132 17.71 -8.66 8.06
N ARG A 133 17.61 -9.97 8.04
CA ARG A 133 16.37 -10.66 8.37
C ARG A 133 15.95 -10.35 9.82
N ILE A 134 16.94 -10.24 10.69
CA ILE A 134 16.71 -9.92 12.08
C ILE A 134 16.31 -8.45 12.20
N ALA A 135 16.99 -7.60 11.45
CA ALA A 135 16.70 -6.19 11.41
C ALA A 135 15.29 -5.93 10.88
N GLU A 136 14.91 -6.71 9.88
CA GLU A 136 13.58 -6.62 9.31
C GLU A 136 12.53 -7.18 10.26
N MET A 137 12.95 -8.00 11.22
CA MET A 137 12.05 -8.48 12.26
C MET A 137 11.92 -7.43 13.36
N GLY A 138 12.76 -6.41 13.25
CA GLY A 138 12.77 -5.32 14.21
C GLY A 138 12.20 -4.05 13.63
N ARG A 139 11.38 -4.21 12.63
CA ARG A 139 10.71 -3.10 11.99
C ARG A 139 9.30 -3.58 11.66
N PRO A 140 8.38 -2.70 11.22
CA PRO A 140 7.10 -3.14 10.72
C PRO A 140 7.28 -3.61 9.30
N ILE A 141 6.58 -4.63 8.92
CA ILE A 141 6.77 -5.23 7.61
C ILE A 141 5.46 -5.53 6.96
N LEU A 142 5.54 -6.01 5.77
CA LEU A 142 4.40 -6.46 5.06
C LEU A 142 4.32 -7.95 5.21
N GLY A 143 3.32 -8.57 4.64
CA GLY A 143 3.20 -9.99 4.74
C GLY A 143 4.12 -10.74 3.79
N GLU A 144 3.72 -11.93 3.46
CA GLU A 144 4.47 -12.83 2.59
C GLU A 144 4.62 -12.22 1.20
N HIS A 145 3.53 -12.11 0.48
CA HIS A 145 3.50 -11.49 -0.82
C HIS A 145 2.25 -10.66 -0.84
N THR A 146 2.38 -9.38 -1.01
CA THR A 146 1.24 -8.55 -0.94
C THR A 146 1.21 -7.54 -2.10
N LYS A 147 0.29 -7.76 -3.00
CA LYS A 147 0.06 -6.90 -4.10
C LYS A 147 -1.40 -6.95 -4.40
N LEU A 148 -1.98 -5.83 -4.68
CA LEU A 148 -3.37 -5.77 -4.97
C LEU A 148 -3.50 -5.36 -6.41
N GLU A 149 -3.96 -6.24 -7.22
CA GLU A 149 -4.19 -5.94 -8.58
C GLU A 149 -5.63 -5.55 -8.77
N VAL A 150 -5.82 -4.38 -9.28
CA VAL A 150 -7.13 -3.82 -9.43
C VAL A 150 -7.46 -3.74 -10.89
N ILE A 151 -8.56 -4.31 -11.24
CA ILE A 151 -9.00 -4.36 -12.58
C ILE A 151 -10.31 -3.59 -12.65
N ILE A 152 -10.49 -2.82 -13.69
CA ILE A 152 -11.66 -1.98 -13.81
C ILE A 152 -12.58 -2.54 -14.88
N GLU A 153 -13.89 -2.56 -14.57
CA GLU A 153 -14.98 -3.01 -15.47
C GLU A 153 -14.96 -4.54 -15.66
N GLU A 154 -13.83 -5.04 -16.07
CA GLU A 154 -13.61 -6.45 -16.30
C GLU A 154 -13.70 -7.20 -14.98
N SER A 155 -14.10 -8.44 -15.06
CA SER A 155 -14.23 -9.27 -13.91
C SER A 155 -13.87 -10.69 -14.31
N TYR A 156 -12.70 -11.13 -13.91
CA TYR A 156 -12.30 -12.47 -14.21
C TYR A 156 -11.86 -13.17 -12.95
N GLU A 157 -12.52 -14.24 -12.65
CA GLU A 157 -12.19 -15.01 -11.51
C GLU A 157 -12.38 -16.47 -11.85
N PHE A 158 -11.38 -17.24 -11.55
CA PHE A 158 -11.37 -18.64 -11.77
C PHE A 158 -10.79 -19.23 -10.48
N LYS A 159 -11.51 -18.89 -9.40
CA LYS A 159 -11.17 -19.09 -8.02
C LYS A 159 -10.41 -20.38 -7.68
N SER A 160 -9.16 -20.18 -7.27
CA SER A 160 -8.30 -21.22 -6.71
C SER A 160 -8.15 -22.46 -7.59
N THR A 161 -8.16 -22.26 -8.89
CA THR A 161 -7.88 -23.32 -9.82
C THR A 161 -6.44 -23.73 -9.59
N VAL A 162 -5.65 -22.73 -9.42
CA VAL A 162 -4.30 -22.84 -8.97
C VAL A 162 -4.29 -22.31 -7.55
N ASP A 163 -4.11 -23.20 -6.61
CA ASP A 163 -4.19 -22.84 -5.20
C ASP A 163 -2.89 -23.21 -4.48
N HIS A 8 6.09 -4.93 19.18
CA HIS A 8 5.26 -5.75 18.32
C HIS A 8 5.87 -5.82 16.95
N ALA A 9 5.28 -6.59 16.10
CA ALA A 9 5.74 -6.72 14.75
C ALA A 9 4.60 -6.34 13.84
N GLY A 10 4.92 -5.75 12.73
CA GLY A 10 3.91 -5.34 11.84
C GLY A 10 3.99 -6.09 10.56
N ILE A 11 2.88 -6.69 10.18
CA ILE A 11 2.73 -7.34 8.89
C ILE A 11 1.50 -6.76 8.27
N PHE A 12 1.67 -6.06 7.19
CA PHE A 12 0.57 -5.42 6.53
C PHE A 12 0.30 -6.10 5.20
N THR A 13 -0.94 -6.38 4.94
CA THR A 13 -1.29 -7.09 3.74
C THR A 13 -2.69 -6.64 3.24
N PHE A 14 -2.91 -6.74 1.96
CA PHE A 14 -4.20 -6.41 1.34
C PHE A 14 -5.26 -7.44 1.68
N GLU A 15 -6.52 -7.00 1.77
CA GLU A 15 -7.67 -7.89 2.03
C GLU A 15 -7.69 -9.04 1.04
N GLU A 16 -7.70 -8.70 -0.23
CA GLU A 16 -7.70 -9.68 -1.29
C GLU A 16 -6.57 -9.34 -2.22
N PRO A 17 -6.08 -10.30 -3.01
CA PRO A 17 -4.99 -10.03 -3.96
C PRO A 17 -5.49 -9.31 -5.22
N VAL A 18 -6.76 -9.47 -5.53
CA VAL A 18 -7.34 -8.87 -6.72
C VAL A 18 -8.70 -8.29 -6.39
N THR A 19 -8.97 -7.13 -6.93
CA THR A 19 -10.24 -6.51 -6.75
C THR A 19 -10.77 -6.04 -8.12
N HIS A 20 -11.98 -6.42 -8.42
CA HIS A 20 -12.61 -6.01 -9.66
C HIS A 20 -13.57 -4.91 -9.31
N VAL A 21 -13.27 -3.71 -9.74
CA VAL A 21 -14.09 -2.58 -9.40
C VAL A 21 -14.73 -2.02 -10.64
N SER A 22 -15.79 -1.29 -10.44
CA SER A 22 -16.50 -0.67 -11.51
C SER A 22 -15.87 0.66 -11.89
N GLU A 23 -16.36 1.25 -12.93
CA GLU A 23 -15.88 2.51 -13.39
C GLU A 23 -16.66 3.63 -12.68
N SER A 24 -17.91 3.34 -12.42
CA SER A 24 -18.83 4.28 -11.81
C SER A 24 -18.85 4.15 -10.29
N ILE A 25 -17.84 3.49 -9.75
CA ILE A 25 -17.76 3.28 -8.31
C ILE A 25 -17.31 4.58 -7.62
N GLY A 26 -16.53 5.38 -8.31
CA GLY A 26 -16.03 6.60 -7.74
C GLY A 26 -14.80 6.38 -6.89
N ILE A 27 -14.99 5.76 -5.76
CA ILE A 27 -13.92 5.54 -4.83
C ILE A 27 -13.90 4.07 -4.45
N MET A 28 -12.80 3.43 -4.65
CA MET A 28 -12.66 2.06 -4.25
C MET A 28 -12.01 2.03 -2.88
N GLU A 29 -12.33 1.03 -2.08
CA GLU A 29 -11.88 0.95 -0.70
C GLU A 29 -11.24 -0.39 -0.37
N VAL A 30 -9.96 -0.35 -0.11
CA VAL A 30 -9.21 -1.52 0.29
C VAL A 30 -8.57 -1.28 1.64
N LYS A 31 -8.77 -2.19 2.55
CA LYS A 31 -8.14 -2.11 3.84
C LYS A 31 -6.82 -2.85 3.81
N VAL A 32 -5.90 -2.38 4.60
CA VAL A 32 -4.66 -3.05 4.77
C VAL A 32 -4.72 -3.74 6.11
N LEU A 33 -4.83 -5.02 6.08
CA LEU A 33 -4.99 -5.83 7.25
C LEU A 33 -3.67 -5.96 7.96
N ARG A 34 -3.73 -5.84 9.26
CA ARG A 34 -2.54 -5.90 10.08
C ARG A 34 -2.53 -7.26 10.75
N THR A 35 -1.72 -8.14 10.25
CA THR A 35 -1.65 -9.52 10.70
C THR A 35 -1.09 -9.69 12.14
N SER A 36 0.18 -9.30 12.33
CA SER A 36 0.85 -9.56 13.61
C SER A 36 0.35 -8.64 14.73
N GLY A 37 0.31 -7.34 14.49
CA GLY A 37 -0.16 -6.42 15.49
C GLY A 37 0.37 -5.05 15.25
N ALA A 38 0.36 -4.21 16.29
CA ALA A 38 0.83 -2.84 16.23
C ALA A 38 0.77 -2.21 17.62
N ARG A 39 1.43 -1.08 17.78
CA ARG A 39 1.45 -0.31 19.03
C ARG A 39 2.23 0.99 18.78
N GLY A 40 1.54 2.08 18.66
CA GLY A 40 2.19 3.36 18.44
C GLY A 40 1.69 3.98 17.16
N ASN A 41 2.60 4.33 16.28
CA ASN A 41 2.24 4.91 14.99
C ASN A 41 3.12 4.26 13.93
N VAL A 42 2.51 3.75 12.90
CA VAL A 42 3.24 3.08 11.84
C VAL A 42 2.81 3.65 10.50
N ILE A 43 3.77 4.01 9.69
CA ILE A 43 3.47 4.53 8.36
C ILE A 43 3.67 3.43 7.37
N VAL A 44 2.65 3.14 6.64
CA VAL A 44 2.69 2.10 5.65
C VAL A 44 2.47 2.73 4.28
N PRO A 45 3.53 2.91 3.51
CA PRO A 45 3.42 3.50 2.20
C PRO A 45 2.92 2.51 1.15
N TYR A 46 1.99 2.96 0.33
CA TYR A 46 1.49 2.18 -0.78
C TYR A 46 1.79 2.92 -2.06
N LYS A 47 1.63 2.28 -3.19
CA LYS A 47 1.76 2.96 -4.46
C LYS A 47 1.05 2.21 -5.57
N THR A 48 0.32 2.94 -6.37
CA THR A 48 -0.39 2.40 -7.49
C THR A 48 0.55 2.17 -8.67
N ILE A 49 0.64 0.96 -9.11
CA ILE A 49 1.49 0.56 -10.19
C ILE A 49 0.65 0.55 -11.45
N GLU A 50 1.04 1.32 -12.42
CA GLU A 50 0.31 1.39 -13.66
C GLU A 50 0.56 0.12 -14.48
N GLY A 51 -0.50 -0.53 -14.86
CA GLY A 51 -0.38 -1.68 -15.71
C GLY A 51 -0.78 -1.28 -17.10
N THR A 52 -1.92 -1.75 -17.53
CA THR A 52 -2.46 -1.37 -18.81
C THR A 52 -3.34 -0.12 -18.64
N ALA A 53 -3.52 0.27 -17.39
CA ALA A 53 -4.24 1.45 -17.02
C ALA A 53 -3.25 2.52 -16.62
N ARG A 54 -3.49 3.75 -17.00
CA ARG A 54 -2.59 4.84 -16.67
C ARG A 54 -3.17 5.72 -15.59
N GLY A 55 -2.28 6.27 -14.80
CA GLY A 55 -2.66 7.14 -13.73
C GLY A 55 -2.81 8.56 -14.23
N GLY A 56 -2.51 9.51 -13.38
CA GLY A 56 -2.60 10.91 -13.75
C GLY A 56 -4.03 11.40 -13.88
N GLY A 57 -4.98 10.51 -13.69
CA GLY A 57 -6.36 10.85 -13.83
C GLY A 57 -6.95 10.24 -15.08
N GLU A 58 -6.10 9.58 -15.88
CA GLU A 58 -6.52 8.93 -17.12
C GLU A 58 -7.52 7.80 -16.85
N ASP A 59 -7.03 6.66 -16.45
CA ASP A 59 -7.90 5.55 -16.10
C ASP A 59 -8.28 5.69 -14.67
N PHE A 60 -7.28 5.96 -13.86
CA PHE A 60 -7.44 6.09 -12.45
C PHE A 60 -6.60 7.24 -11.94
N GLU A 61 -6.88 7.64 -10.75
CA GLU A 61 -6.13 8.66 -10.09
C GLU A 61 -5.11 7.92 -9.23
N ASP A 62 -3.85 8.11 -9.52
CA ASP A 62 -2.78 7.39 -8.83
C ASP A 62 -2.46 8.01 -7.50
N THR A 63 -2.38 7.19 -6.49
CA THR A 63 -2.16 7.63 -5.14
C THR A 63 -0.99 6.85 -4.53
N CYS A 64 -0.26 7.50 -3.64
CA CYS A 64 0.89 6.90 -3.02
C CYS A 64 1.10 7.42 -1.60
N GLY A 65 1.48 6.52 -0.71
CA GLY A 65 1.77 6.88 0.67
C GLY A 65 0.50 7.01 1.48
N GLU A 66 0.33 8.15 2.11
CA GLU A 66 -0.88 8.58 2.84
C GLU A 66 -1.40 7.71 4.01
N LEU A 67 -0.84 6.57 4.28
CA LEU A 67 -1.37 5.76 5.36
C LEU A 67 -0.63 5.98 6.64
N GLU A 68 -1.39 6.16 7.68
CA GLU A 68 -0.88 6.33 8.99
C GLU A 68 -1.68 5.44 9.93
N PHE A 69 -1.07 4.41 10.41
CA PHE A 69 -1.72 3.45 11.27
C PHE A 69 -1.31 3.66 12.70
N GLN A 70 -2.25 3.77 13.62
CA GLN A 70 -1.85 3.87 15.01
C GLN A 70 -1.89 2.50 15.71
N ASN A 71 -2.87 2.29 16.56
CA ASN A 71 -3.00 1.05 17.33
C ASN A 71 -3.58 -0.05 16.45
N ASP A 72 -3.31 -1.28 16.80
CA ASP A 72 -3.67 -2.47 16.00
C ASP A 72 -5.17 -2.64 15.79
N GLU A 73 -5.99 -2.12 16.69
CA GLU A 73 -7.42 -2.29 16.55
C GLU A 73 -8.04 -1.39 15.47
N ILE A 74 -7.31 -0.38 15.02
CA ILE A 74 -7.83 0.47 13.96
C ILE A 74 -7.18 0.12 12.63
N VAL A 75 -7.83 0.45 11.56
CA VAL A 75 -7.38 0.10 10.26
C VAL A 75 -7.58 1.28 9.31
N LYS A 76 -6.84 1.29 8.24
CA LYS A 76 -6.95 2.33 7.26
C LYS A 76 -7.53 1.77 6.00
N ILE A 77 -7.97 2.65 5.18
CA ILE A 77 -8.54 2.30 3.90
C ILE A 77 -7.85 3.11 2.83
N ILE A 78 -7.50 2.45 1.79
CA ILE A 78 -6.92 3.09 0.67
C ILE A 78 -8.05 3.48 -0.24
N THR A 79 -8.17 4.75 -0.46
CA THR A 79 -9.23 5.26 -1.25
C THR A 79 -8.68 5.79 -2.56
N ILE A 80 -9.02 5.13 -3.62
CA ILE A 80 -8.54 5.49 -4.93
C ILE A 80 -9.68 6.03 -5.77
N ARG A 81 -9.43 7.15 -6.41
CA ARG A 81 -10.39 7.74 -7.30
C ARG A 81 -10.41 7.00 -8.62
N ILE A 82 -11.48 6.33 -8.87
CA ILE A 82 -11.69 5.62 -10.08
C ILE A 82 -12.64 6.45 -10.91
N PHE A 83 -12.22 6.82 -12.07
CA PHE A 83 -13.03 7.65 -12.90
C PHE A 83 -13.83 6.79 -13.85
N ASP A 84 -14.91 7.35 -14.35
CA ASP A 84 -15.79 6.65 -15.27
C ASP A 84 -15.09 6.43 -16.58
N ARG A 85 -14.49 5.28 -16.68
CA ARG A 85 -13.74 4.87 -17.84
C ARG A 85 -14.69 4.68 -19.04
N GLU A 86 -14.63 5.59 -19.96
CA GLU A 86 -15.44 5.57 -21.17
C GLU A 86 -14.83 4.66 -22.22
N GLU A 87 -13.56 4.45 -22.09
CA GLU A 87 -12.82 3.65 -23.02
C GLU A 87 -12.82 2.21 -22.57
N TYR A 88 -13.22 1.33 -23.45
CA TYR A 88 -13.26 -0.10 -23.18
C TYR A 88 -12.39 -0.82 -24.22
N GLU A 89 -11.43 -0.05 -24.77
CA GLU A 89 -10.45 -0.46 -25.80
C GLU A 89 -9.96 -1.88 -25.56
N LYS A 90 -9.31 -2.07 -24.44
CA LYS A 90 -8.81 -3.34 -24.01
C LYS A 90 -8.86 -3.34 -22.51
N GLU A 91 -8.53 -4.44 -21.89
CA GLU A 91 -8.61 -4.59 -20.46
C GLU A 91 -7.50 -3.82 -19.75
N CYS A 92 -7.85 -2.69 -19.19
CA CYS A 92 -6.91 -1.88 -18.48
C CYS A 92 -7.01 -2.15 -16.98
N SER A 93 -5.91 -2.45 -16.38
CA SER A 93 -5.86 -2.73 -14.98
C SER A 93 -4.56 -2.20 -14.40
N PHE A 94 -4.50 -2.09 -13.11
CA PHE A 94 -3.30 -1.64 -12.44
C PHE A 94 -3.12 -2.41 -11.14
N SER A 95 -2.10 -2.11 -10.41
CA SER A 95 -1.87 -2.75 -9.15
C SER A 95 -1.59 -1.74 -8.08
N LEU A 96 -1.63 -2.20 -6.89
CA LEU A 96 -1.32 -1.43 -5.74
C LEU A 96 -0.46 -2.30 -4.88
N VAL A 97 0.69 -1.83 -4.53
CA VAL A 97 1.59 -2.58 -3.70
C VAL A 97 1.93 -1.79 -2.46
N LEU A 98 2.37 -2.47 -1.44
CA LEU A 98 2.75 -1.86 -0.21
C LEU A 98 4.26 -1.85 -0.14
N GLU A 99 4.81 -0.82 0.41
CA GLU A 99 6.23 -0.68 0.55
C GLU A 99 6.61 -0.83 2.00
N GLU A 100 7.91 -0.92 2.27
CA GLU A 100 8.44 -1.16 3.61
C GLU A 100 8.00 -0.08 4.62
N PRO A 101 7.13 -0.46 5.55
CA PRO A 101 6.58 0.45 6.53
C PRO A 101 7.57 0.79 7.63
N LYS A 102 7.33 1.89 8.28
CA LYS A 102 8.19 2.36 9.34
C LYS A 102 7.40 2.54 10.60
N TRP A 103 7.99 2.19 11.70
CA TRP A 103 7.33 2.24 12.98
C TRP A 103 7.85 3.45 13.72
N ILE A 104 6.96 4.30 14.11
CA ILE A 104 7.31 5.44 14.89
C ILE A 104 6.94 5.14 16.34
N ARG A 105 7.88 4.57 17.03
CA ARG A 105 7.71 4.25 18.43
C ARG A 105 8.58 5.21 19.22
N ARG A 106 9.64 5.64 18.59
CA ARG A 106 10.56 6.57 19.16
C ARG A 106 10.91 7.60 18.11
N GLY A 107 11.31 8.74 18.56
CA GLY A 107 11.67 9.79 17.67
C GLY A 107 12.60 10.75 18.34
N MET A 108 13.53 10.21 19.11
CA MET A 108 14.49 10.99 19.85
C MET A 108 15.58 11.41 18.86
N LYS A 109 16.16 10.41 18.23
CA LYS A 109 17.15 10.54 17.17
C LYS A 109 17.41 9.16 16.60
N GLY A 110 17.48 9.08 15.29
CA GLY A 110 17.62 7.80 14.62
C GLY A 110 18.98 7.18 14.79
N GLY A 111 20.01 8.00 14.73
CA GLY A 111 21.34 7.48 14.87
C GLY A 111 22.37 8.51 14.51
N PHE A 112 23.42 8.06 13.87
CA PHE A 112 24.49 8.91 13.44
C PHE A 112 25.15 8.32 12.20
N THR A 113 25.36 9.13 11.21
CA THR A 113 26.07 8.74 10.03
C THR A 113 26.76 9.98 9.48
N ILE A 114 28.02 10.11 9.80
CA ILE A 114 28.77 11.28 9.46
C ILE A 114 29.30 11.12 8.05
N THR A 115 29.02 12.08 7.19
CA THR A 115 29.49 12.02 5.84
C THR A 115 30.99 12.39 5.78
N GLU A 116 31.79 11.39 6.01
CA GLU A 116 33.23 11.51 5.99
C GLU A 116 33.72 11.15 4.60
N GLU A 117 32.90 10.43 3.89
CA GLU A 117 33.19 10.03 2.55
C GLU A 117 32.77 11.16 1.64
N TYR A 118 33.65 12.11 1.56
CA TYR A 118 33.48 13.36 0.85
C TYR A 118 34.10 13.23 -0.54
N ASP A 119 34.74 12.12 -0.77
CA ASP A 119 35.32 11.80 -2.05
C ASP A 119 34.51 10.69 -2.66
N ASP A 120 34.62 10.54 -3.98
CA ASP A 120 33.87 9.54 -4.77
C ASP A 120 32.36 9.72 -4.61
N LYS A 121 31.81 10.60 -5.39
CA LYS A 121 30.41 10.91 -5.32
C LYS A 121 29.74 10.56 -6.63
N GLN A 122 29.18 9.38 -6.69
CA GLN A 122 28.43 8.92 -7.85
C GLN A 122 27.69 7.61 -7.55
N PRO A 123 28.39 6.54 -7.10
CA PRO A 123 27.70 5.34 -6.68
C PRO A 123 27.29 5.46 -5.21
N LEU A 124 26.92 4.38 -4.60
CA LEU A 124 26.59 4.42 -3.22
C LEU A 124 27.79 3.93 -2.44
N THR A 125 28.07 4.59 -1.35
CA THR A 125 29.15 4.21 -0.48
C THR A 125 28.96 2.79 0.01
N SER A 126 29.78 1.90 -0.48
CA SER A 126 29.62 0.49 -0.26
C SER A 126 30.22 0.03 1.07
N LYS A 127 30.89 0.93 1.76
CA LYS A 127 31.41 0.58 3.06
C LYS A 127 30.38 0.85 4.11
N GLU A 128 29.80 -0.19 4.63
CA GLU A 128 28.81 -0.07 5.65
C GLU A 128 29.13 -1.02 6.81
N GLU A 129 29.62 -0.45 7.89
CA GLU A 129 29.95 -1.24 9.08
C GLU A 129 28.68 -1.58 9.87
N GLU A 130 27.63 -0.88 9.58
CA GLU A 130 26.36 -1.15 10.17
C GLU A 130 25.53 -1.89 9.14
N GLU A 131 24.96 -3.00 9.52
CA GLU A 131 24.16 -3.78 8.60
C GLU A 131 22.81 -3.12 8.42
N ARG A 132 22.70 -2.31 7.41
CA ARG A 132 21.49 -1.55 7.15
C ARG A 132 20.34 -2.48 6.78
N ARG A 133 20.64 -3.50 5.97
CA ARG A 133 19.62 -4.44 5.55
C ARG A 133 19.01 -5.15 6.75
N ILE A 134 19.87 -5.60 7.66
CA ILE A 134 19.42 -6.30 8.85
C ILE A 134 18.62 -5.36 9.76
N ALA A 135 19.06 -4.11 9.82
CA ALA A 135 18.34 -3.10 10.57
C ALA A 135 16.95 -2.88 9.96
N GLU A 136 16.88 -2.82 8.64
CA GLU A 136 15.60 -2.64 7.95
C GLU A 136 14.76 -3.91 7.93
N MET A 137 15.37 -5.03 8.26
CA MET A 137 14.60 -6.27 8.43
C MET A 137 14.04 -6.34 9.84
N GLY A 138 14.42 -5.37 10.66
CA GLY A 138 13.90 -5.24 12.00
C GLY A 138 12.75 -4.27 12.03
N ARG A 139 12.38 -3.83 10.85
CA ARG A 139 11.28 -2.92 10.64
C ARG A 139 10.00 -3.71 10.54
N PRO A 140 8.83 -3.06 10.69
CA PRO A 140 7.57 -3.68 10.36
C PRO A 140 7.60 -3.98 8.87
N ILE A 141 6.99 -5.03 8.47
CA ILE A 141 7.05 -5.42 7.10
C ILE A 141 5.68 -5.68 6.56
N LEU A 142 5.63 -6.10 5.34
CA LEU A 142 4.40 -6.41 4.70
C LEU A 142 4.31 -7.90 4.65
N GLY A 143 3.21 -8.39 4.16
CA GLY A 143 3.12 -9.78 3.89
C GLY A 143 4.02 -10.09 2.71
N GLU A 144 4.50 -11.33 2.65
CA GLU A 144 5.47 -11.81 1.67
C GLU A 144 5.21 -11.29 0.28
N HIS A 145 4.07 -11.62 -0.25
CA HIS A 145 3.68 -11.14 -1.53
C HIS A 145 2.34 -10.49 -1.42
N THR A 146 2.34 -9.20 -1.21
CA THR A 146 1.13 -8.49 -1.11
C THR A 146 1.02 -7.49 -2.28
N LYS A 147 0.11 -7.78 -3.16
CA LYS A 147 -0.08 -7.04 -4.37
C LYS A 147 -1.54 -7.08 -4.64
N LEU A 148 -2.16 -5.95 -4.64
CA LEU A 148 -3.57 -5.88 -4.86
C LEU A 148 -3.79 -5.31 -6.23
N GLU A 149 -4.24 -6.16 -7.10
CA GLU A 149 -4.47 -5.78 -8.46
C GLU A 149 -5.86 -5.25 -8.60
N VAL A 150 -5.98 -4.13 -9.23
CA VAL A 150 -7.24 -3.47 -9.40
C VAL A 150 -7.60 -3.46 -10.85
N ILE A 151 -8.67 -4.07 -11.13
CA ILE A 151 -9.14 -4.22 -12.46
C ILE A 151 -10.38 -3.38 -12.64
N ILE A 152 -10.38 -2.59 -13.68
CA ILE A 152 -11.49 -1.75 -13.99
C ILE A 152 -12.33 -2.31 -15.12
N GLU A 153 -13.47 -2.76 -14.72
CA GLU A 153 -14.52 -3.33 -15.54
C GLU A 153 -15.77 -2.88 -14.84
N GLU A 154 -16.84 -3.58 -14.97
CA GLU A 154 -17.93 -3.35 -14.10
C GLU A 154 -17.94 -4.49 -13.12
N SER A 155 -17.92 -4.18 -11.85
CA SER A 155 -17.94 -5.17 -10.83
C SER A 155 -19.34 -5.76 -10.80
N TYR A 156 -19.45 -6.99 -11.22
CA TYR A 156 -20.73 -7.60 -11.32
C TYR A 156 -21.26 -7.99 -9.96
N GLU A 157 -22.55 -7.96 -9.87
CA GLU A 157 -23.28 -8.32 -8.71
C GLU A 157 -24.70 -8.47 -9.16
N PHE A 158 -25.03 -9.64 -9.55
CA PHE A 158 -26.35 -9.90 -10.06
C PHE A 158 -27.29 -10.04 -8.88
N LYS A 159 -26.76 -10.60 -7.82
CA LYS A 159 -27.41 -10.68 -6.54
C LYS A 159 -26.41 -10.24 -5.50
N SER A 160 -26.85 -9.54 -4.49
CA SER A 160 -25.98 -9.14 -3.42
C SER A 160 -25.72 -10.35 -2.52
N THR A 161 -24.76 -11.12 -2.89
CA THR A 161 -24.40 -12.32 -2.18
C THR A 161 -22.93 -12.21 -1.72
N VAL A 162 -22.38 -11.04 -1.89
CA VAL A 162 -21.05 -10.77 -1.45
C VAL A 162 -21.13 -9.66 -0.39
N ASP A 163 -20.30 -9.74 0.62
CA ASP A 163 -20.31 -8.74 1.70
C ASP A 163 -18.92 -8.16 1.88
N HIS A 8 8.13 -5.50 18.37
CA HIS A 8 6.80 -5.47 17.75
C HIS A 8 6.95 -5.44 16.25
N ALA A 9 6.46 -6.47 15.61
CA ALA A 9 6.55 -6.58 14.19
C ALA A 9 5.18 -6.69 13.58
N GLY A 10 4.62 -5.55 13.25
CA GLY A 10 3.34 -5.53 12.60
C GLY A 10 3.45 -6.03 11.18
N ILE A 11 2.41 -6.66 10.70
CA ILE A 11 2.40 -7.22 9.37
C ILE A 11 1.18 -6.70 8.64
N PHE A 12 1.40 -5.92 7.62
CA PHE A 12 0.33 -5.32 6.86
C PHE A 12 0.18 -6.03 5.53
N THR A 13 -1.02 -6.32 5.15
CA THR A 13 -1.26 -7.03 3.94
C THR A 13 -2.60 -6.58 3.34
N PHE A 14 -2.76 -6.75 2.05
CA PHE A 14 -4.01 -6.43 1.40
C PHE A 14 -5.05 -7.47 1.74
N GLU A 15 -6.31 -7.06 1.70
CA GLU A 15 -7.45 -7.94 1.94
C GLU A 15 -7.43 -9.10 0.97
N GLU A 16 -7.31 -8.77 -0.29
CA GLU A 16 -7.39 -9.71 -1.37
C GLU A 16 -6.29 -9.40 -2.36
N PRO A 17 -5.84 -10.37 -3.15
CA PRO A 17 -4.79 -10.15 -4.13
C PRO A 17 -5.30 -9.53 -5.44
N VAL A 18 -6.56 -9.75 -5.75
CA VAL A 18 -7.15 -9.25 -6.98
C VAL A 18 -8.57 -8.81 -6.70
N THR A 19 -8.92 -7.65 -7.16
CA THR A 19 -10.25 -7.16 -7.00
C THR A 19 -10.77 -6.58 -8.32
N HIS A 20 -12.01 -6.86 -8.62
CA HIS A 20 -12.66 -6.32 -9.80
C HIS A 20 -13.56 -5.19 -9.34
N VAL A 21 -13.24 -3.99 -9.71
CA VAL A 21 -14.04 -2.87 -9.28
C VAL A 21 -14.82 -2.32 -10.42
N SER A 22 -16.00 -1.86 -10.12
CA SER A 22 -16.87 -1.31 -11.08
C SER A 22 -16.37 0.05 -11.59
N GLU A 23 -16.47 0.25 -12.88
CA GLU A 23 -16.06 1.49 -13.53
C GLU A 23 -16.74 2.76 -12.94
N SER A 24 -17.94 2.61 -12.46
CA SER A 24 -18.69 3.71 -11.94
C SER A 24 -18.79 3.68 -10.42
N ILE A 25 -17.80 3.04 -9.78
CA ILE A 25 -17.79 2.99 -8.31
C ILE A 25 -17.33 4.34 -7.73
N GLY A 26 -16.49 5.02 -8.47
CA GLY A 26 -15.96 6.27 -8.01
C GLY A 26 -14.74 6.09 -7.17
N ILE A 27 -14.94 5.56 -5.98
CA ILE A 27 -13.88 5.36 -5.03
C ILE A 27 -13.91 3.92 -4.60
N MET A 28 -12.78 3.30 -4.59
CA MET A 28 -12.66 1.96 -4.11
C MET A 28 -11.94 1.97 -2.77
N GLU A 29 -12.45 1.19 -1.83
CA GLU A 29 -11.90 1.11 -0.49
C GLU A 29 -11.11 -0.17 -0.34
N VAL A 30 -9.88 -0.04 0.05
CA VAL A 30 -9.05 -1.20 0.32
C VAL A 30 -8.58 -1.14 1.75
N LYS A 31 -8.85 -2.14 2.51
CA LYS A 31 -8.39 -2.18 3.87
C LYS A 31 -7.02 -2.81 3.92
N VAL A 32 -6.11 -2.12 4.53
CA VAL A 32 -4.82 -2.69 4.78
C VAL A 32 -4.92 -3.40 6.10
N LEU A 33 -4.92 -4.69 6.04
CA LEU A 33 -5.13 -5.52 7.17
C LEU A 33 -3.82 -5.78 7.87
N ARG A 34 -3.89 -6.02 9.14
CA ARG A 34 -2.73 -6.24 9.94
C ARG A 34 -2.83 -7.61 10.61
N THR A 35 -2.06 -8.55 10.08
CA THR A 35 -2.05 -9.91 10.58
C THR A 35 -1.55 -9.95 12.03
N SER A 36 -0.32 -9.51 12.24
CA SER A 36 0.28 -9.50 13.56
C SER A 36 -0.36 -8.39 14.41
N GLY A 37 -0.52 -7.23 13.81
CA GLY A 37 -1.08 -6.13 14.51
C GLY A 37 -0.37 -4.87 14.12
N ALA A 38 -0.36 -3.92 15.02
CA ALA A 38 0.24 -2.63 14.84
C ALA A 38 0.52 -2.10 16.22
N ARG A 39 1.57 -1.35 16.39
CA ARG A 39 1.93 -0.83 17.68
C ARG A 39 2.86 0.32 17.46
N GLY A 40 2.41 1.50 17.81
CA GLY A 40 3.23 2.67 17.69
C GLY A 40 2.61 3.66 16.78
N ASN A 41 3.38 4.15 15.87
CA ASN A 41 2.93 5.04 14.83
C ASN A 41 3.60 4.56 13.58
N VAL A 42 2.90 3.88 12.74
CA VAL A 42 3.55 3.29 11.60
C VAL A 42 2.97 3.82 10.30
N ILE A 43 3.82 4.34 9.46
CA ILE A 43 3.42 4.86 8.17
C ILE A 43 3.52 3.73 7.18
N VAL A 44 2.44 3.43 6.53
CA VAL A 44 2.39 2.36 5.56
C VAL A 44 2.23 2.96 4.16
N PRO A 45 3.29 3.00 3.39
CA PRO A 45 3.24 3.51 2.04
C PRO A 45 2.69 2.49 1.05
N TYR A 46 1.78 2.93 0.22
CA TYR A 46 1.26 2.12 -0.86
C TYR A 46 1.57 2.85 -2.15
N LYS A 47 1.54 2.15 -3.27
CA LYS A 47 1.75 2.80 -4.56
C LYS A 47 1.11 2.02 -5.66
N THR A 48 0.52 2.72 -6.58
CA THR A 48 -0.17 2.16 -7.69
C THR A 48 0.81 1.84 -8.82
N ILE A 49 0.73 0.65 -9.34
CA ILE A 49 1.57 0.23 -10.42
C ILE A 49 0.77 0.36 -11.70
N GLU A 50 1.18 1.23 -12.56
CA GLU A 50 0.47 1.54 -13.78
C GLU A 50 0.71 0.46 -14.83
N GLY A 51 -0.13 0.43 -15.80
CA GLY A 51 -0.04 -0.54 -16.87
C GLY A 51 -1.43 -0.91 -17.29
N THR A 52 -1.78 -0.62 -18.53
CA THR A 52 -3.13 -0.75 -19.15
C THR A 52 -4.05 0.38 -18.67
N ALA A 53 -3.45 1.29 -17.92
CA ALA A 53 -4.13 2.42 -17.34
C ALA A 53 -3.08 3.35 -16.80
N ARG A 54 -3.29 4.64 -16.96
CA ARG A 54 -2.37 5.63 -16.44
C ARG A 54 -2.95 6.25 -15.18
N GLY A 55 -2.10 6.44 -14.20
CA GLY A 55 -2.52 6.94 -12.93
C GLY A 55 -2.14 8.37 -12.72
N GLY A 56 -3.10 9.14 -12.29
CA GLY A 56 -2.90 10.54 -11.99
C GLY A 56 -4.23 11.22 -12.00
N GLY A 57 -4.94 10.96 -13.05
CA GLY A 57 -6.28 11.51 -13.23
C GLY A 57 -6.88 11.05 -14.55
N GLU A 58 -6.04 10.41 -15.37
CA GLU A 58 -6.39 9.93 -16.68
C GLU A 58 -7.44 8.83 -16.63
N ASP A 59 -7.11 7.74 -15.99
CA ASP A 59 -8.02 6.61 -15.90
C ASP A 59 -8.27 6.28 -14.44
N PHE A 60 -7.22 6.34 -13.67
CA PHE A 60 -7.32 6.23 -12.24
C PHE A 60 -6.43 7.29 -11.65
N GLU A 61 -6.64 7.65 -10.43
CA GLU A 61 -5.85 8.67 -9.80
C GLU A 61 -4.63 8.02 -9.17
N ASP A 62 -3.50 8.68 -9.25
CA ASP A 62 -2.29 8.16 -8.67
C ASP A 62 -2.25 8.53 -7.21
N THR A 63 -2.47 7.57 -6.39
CA THR A 63 -2.49 7.77 -4.99
C THR A 63 -1.36 6.95 -4.38
N CYS A 64 -0.57 7.56 -3.54
CA CYS A 64 0.58 6.92 -2.97
C CYS A 64 0.91 7.43 -1.56
N GLY A 65 1.12 6.49 -0.64
CA GLY A 65 1.47 6.84 0.74
C GLY A 65 0.23 7.11 1.58
N GLU A 66 0.29 8.12 2.42
CA GLU A 66 -0.86 8.68 3.17
C GLU A 66 -1.43 7.79 4.31
N LEU A 67 -0.98 6.56 4.45
CA LEU A 67 -1.54 5.72 5.51
C LEU A 67 -0.74 5.77 6.77
N GLU A 68 -1.42 5.99 7.85
CA GLU A 68 -0.82 6.04 9.14
C GLU A 68 -1.57 5.13 10.08
N PHE A 69 -0.90 4.16 10.60
CA PHE A 69 -1.45 3.30 11.60
C PHE A 69 -0.87 3.67 12.94
N GLN A 70 -1.57 3.37 13.97
CA GLN A 70 -1.11 3.62 15.31
C GLN A 70 -1.04 2.29 16.04
N ASN A 71 -2.14 1.93 16.63
CA ASN A 71 -2.26 0.65 17.29
C ASN A 71 -3.10 -0.27 16.40
N ASP A 72 -3.08 -1.55 16.68
CA ASP A 72 -3.83 -2.58 15.90
C ASP A 72 -5.35 -2.41 15.94
N GLU A 73 -5.82 -1.56 16.82
CA GLU A 73 -7.26 -1.32 17.00
C GLU A 73 -7.87 -0.58 15.80
N ILE A 74 -7.03 0.06 15.01
CA ILE A 74 -7.51 0.82 13.88
C ILE A 74 -7.05 0.19 12.59
N VAL A 75 -7.68 0.58 11.53
CA VAL A 75 -7.36 0.12 10.22
C VAL A 75 -7.28 1.33 9.32
N LYS A 76 -6.62 1.22 8.24
CA LYS A 76 -6.60 2.28 7.27
C LYS A 76 -7.10 1.78 5.97
N ILE A 77 -7.71 2.67 5.24
CA ILE A 77 -8.34 2.34 4.00
C ILE A 77 -7.72 3.14 2.88
N ILE A 78 -7.42 2.47 1.82
CA ILE A 78 -6.92 3.10 0.64
C ILE A 78 -8.11 3.44 -0.21
N THR A 79 -8.20 4.66 -0.59
CA THR A 79 -9.29 5.12 -1.40
C THR A 79 -8.75 5.60 -2.73
N ILE A 80 -9.07 4.90 -3.77
CA ILE A 80 -8.55 5.21 -5.09
C ILE A 80 -9.65 5.77 -5.98
N ARG A 81 -9.35 6.87 -6.62
CA ARG A 81 -10.24 7.49 -7.56
C ARG A 81 -10.23 6.77 -8.90
N ILE A 82 -11.32 6.15 -9.21
CA ILE A 82 -11.53 5.48 -10.47
C ILE A 82 -12.30 6.44 -11.34
N PHE A 83 -11.80 6.73 -12.52
CA PHE A 83 -12.43 7.73 -13.35
C PHE A 83 -13.19 7.15 -14.50
N ASP A 84 -14.48 7.32 -14.44
CA ASP A 84 -15.35 6.99 -15.53
C ASP A 84 -15.25 8.15 -16.50
N ARG A 85 -14.86 7.86 -17.72
CA ARG A 85 -14.62 8.91 -18.69
C ARG A 85 -15.54 8.69 -19.89
N GLU A 86 -16.42 7.70 -19.73
CA GLU A 86 -17.42 7.29 -20.72
C GLU A 86 -16.83 6.39 -21.77
N GLU A 87 -16.88 5.13 -21.46
CA GLU A 87 -16.35 4.09 -22.29
C GLU A 87 -17.28 2.89 -22.28
N TYR A 88 -17.08 2.01 -23.24
CA TYR A 88 -17.86 0.78 -23.31
C TYR A 88 -16.98 -0.42 -23.02
N GLU A 89 -15.83 -0.48 -23.66
CA GLU A 89 -14.91 -1.58 -23.47
C GLU A 89 -13.55 -1.12 -23.06
N LYS A 90 -13.37 -1.03 -21.77
CA LYS A 90 -12.10 -0.72 -21.19
C LYS A 90 -11.87 -1.57 -19.98
N GLU A 91 -11.40 -2.77 -20.20
CA GLU A 91 -10.97 -3.60 -19.11
C GLU A 91 -9.57 -3.15 -18.77
N CYS A 92 -9.49 -2.23 -17.89
CA CYS A 92 -8.26 -1.63 -17.52
C CYS A 92 -7.86 -2.06 -16.14
N SER A 93 -6.61 -2.26 -15.93
CA SER A 93 -6.13 -2.73 -14.67
C SER A 93 -4.92 -1.94 -14.22
N PHE A 94 -4.55 -2.12 -12.99
CA PHE A 94 -3.36 -1.56 -12.41
C PHE A 94 -3.11 -2.33 -11.14
N SER A 95 -1.95 -2.28 -10.60
CA SER A 95 -1.73 -2.97 -9.39
C SER A 95 -1.47 -1.95 -8.29
N LEU A 96 -1.41 -2.42 -7.10
CA LEU A 96 -1.16 -1.62 -5.95
C LEU A 96 -0.35 -2.47 -5.01
N VAL A 97 0.76 -1.95 -4.57
CA VAL A 97 1.61 -2.68 -3.66
C VAL A 97 1.90 -1.85 -2.43
N LEU A 98 2.23 -2.53 -1.36
CA LEU A 98 2.59 -1.89 -0.13
C LEU A 98 4.10 -1.86 -0.02
N GLU A 99 4.61 -0.80 0.47
CA GLU A 99 6.02 -0.64 0.66
C GLU A 99 6.33 -0.83 2.11
N GLU A 100 7.61 -0.98 2.44
CA GLU A 100 8.00 -1.24 3.81
C GLU A 100 7.64 -0.10 4.74
N PRO A 101 6.75 -0.38 5.70
CA PRO A 101 6.24 0.59 6.61
C PRO A 101 7.29 1.03 7.60
N LYS A 102 7.24 2.26 7.94
CA LYS A 102 8.20 2.81 8.85
C LYS A 102 7.56 3.18 10.16
N TRP A 103 8.16 2.75 11.22
CA TRP A 103 7.69 3.03 12.54
C TRP A 103 8.25 4.39 12.93
N ILE A 104 7.37 5.32 13.13
CA ILE A 104 7.73 6.64 13.51
C ILE A 104 7.97 6.67 15.00
N ARG A 105 9.19 6.40 15.35
CA ARG A 105 9.60 6.40 16.72
C ARG A 105 10.19 7.74 17.04
N ARG A 106 9.72 8.36 18.06
CA ARG A 106 10.15 9.68 18.44
C ARG A 106 11.12 9.61 19.61
N GLY A 107 12.13 10.43 19.57
CA GLY A 107 13.12 10.46 20.61
C GLY A 107 14.44 10.90 20.06
N MET A 108 15.42 11.06 20.90
CA MET A 108 16.73 11.47 20.47
C MET A 108 17.68 10.32 20.76
N LYS A 109 18.18 9.68 19.71
CA LYS A 109 18.98 8.47 19.86
C LYS A 109 20.43 8.72 20.28
N GLY A 110 20.94 9.90 19.99
CA GLY A 110 22.32 10.22 20.34
C GLY A 110 23.32 9.67 19.35
N GLY A 111 23.28 8.36 19.15
CA GLY A 111 24.20 7.72 18.25
C GLY A 111 23.66 7.60 16.85
N PHE A 112 22.87 8.56 16.45
CA PHE A 112 22.28 8.56 15.13
C PHE A 112 23.25 9.17 14.13
N THR A 113 24.10 8.36 13.60
CA THR A 113 25.06 8.84 12.67
C THR A 113 24.46 8.87 11.29
N ILE A 114 24.47 10.03 10.70
CA ILE A 114 23.97 10.23 9.39
C ILE A 114 25.05 9.82 8.43
N THR A 115 24.77 8.85 7.62
CA THR A 115 25.73 8.37 6.68
C THR A 115 25.96 9.37 5.55
N GLU A 116 26.91 10.25 5.77
CA GLU A 116 27.31 11.21 4.77
C GLU A 116 28.40 10.59 3.91
N GLU A 117 28.93 9.48 4.40
CA GLU A 117 29.85 8.66 3.65
C GLU A 117 29.04 8.02 2.52
N TYR A 118 29.66 7.74 1.42
CA TYR A 118 28.93 7.11 0.34
C TYR A 118 28.80 5.62 0.63
N ASP A 119 27.64 5.24 1.05
CA ASP A 119 27.34 3.85 1.35
C ASP A 119 26.54 3.25 0.22
N ASP A 120 26.15 2.01 0.37
CA ASP A 120 25.42 1.32 -0.70
C ASP A 120 23.94 1.66 -0.60
N LYS A 121 23.18 1.36 -1.63
CA LYS A 121 21.76 1.60 -1.65
C LYS A 121 21.05 0.59 -0.76
N GLN A 122 21.67 -0.58 -0.63
CA GLN A 122 21.18 -1.71 0.14
C GLN A 122 19.95 -2.34 -0.53
N PRO A 123 20.17 -3.41 -1.31
CA PRO A 123 19.08 -4.13 -1.96
C PRO A 123 18.14 -4.82 -0.96
N LEU A 124 16.92 -5.04 -1.38
CA LEU A 124 15.90 -5.66 -0.55
C LEU A 124 16.09 -7.16 -0.57
N THR A 125 16.72 -7.62 -1.62
CA THR A 125 16.98 -9.00 -1.82
C THR A 125 18.17 -9.46 -0.96
N SER A 126 19.33 -8.93 -1.23
CA SER A 126 20.51 -9.31 -0.50
C SER A 126 21.27 -8.08 -0.02
N LYS A 127 21.64 -8.09 1.24
CA LYS A 127 22.37 -7.01 1.84
C LYS A 127 23.51 -7.59 2.64
N GLU A 128 24.62 -6.91 2.68
CA GLU A 128 25.80 -7.42 3.38
C GLU A 128 25.69 -7.09 4.87
N GLU A 129 25.11 -5.96 5.16
CA GLU A 129 24.92 -5.53 6.50
C GLU A 129 23.52 -5.84 6.98
N GLU A 130 23.37 -7.00 7.53
CA GLU A 130 22.14 -7.41 8.12
C GLU A 130 22.32 -7.46 9.63
N GLU A 131 22.29 -6.29 10.21
CA GLU A 131 22.50 -6.15 11.62
C GLU A 131 21.22 -6.38 12.36
N ARG A 132 21.33 -6.82 13.61
CA ARG A 132 20.15 -7.02 14.44
C ARG A 132 19.39 -5.74 14.60
N ARG A 133 20.11 -4.62 14.73
CA ARG A 133 19.47 -3.32 14.85
C ARG A 133 18.64 -3.02 13.60
N ILE A 134 19.18 -3.32 12.42
CA ILE A 134 18.47 -3.07 11.16
C ILE A 134 17.25 -3.98 11.07
N ALA A 135 17.43 -5.23 11.49
CA ALA A 135 16.36 -6.21 11.53
C ALA A 135 15.25 -5.73 12.47
N GLU A 136 15.64 -5.07 13.57
CA GLU A 136 14.71 -4.52 14.52
C GLU A 136 14.08 -3.23 14.01
N MET A 137 14.76 -2.53 13.12
CA MET A 137 14.23 -1.34 12.49
C MET A 137 13.09 -1.76 11.60
N GLY A 138 13.42 -2.64 10.68
CA GLY A 138 12.49 -3.04 9.69
C GLY A 138 11.79 -4.32 9.98
N ARG A 139 11.31 -4.47 11.19
CA ARG A 139 10.45 -5.58 11.48
C ARG A 139 8.95 -5.35 11.31
N PRO A 140 8.40 -4.10 11.46
CA PRO A 140 7.07 -3.83 10.97
C PRO A 140 7.13 -3.95 9.44
N ILE A 141 6.53 -4.98 8.93
CA ILE A 141 6.65 -5.32 7.55
C ILE A 141 5.30 -5.62 6.95
N LEU A 142 5.33 -5.99 5.72
CA LEU A 142 4.14 -6.38 5.03
C LEU A 142 4.02 -7.88 5.12
N GLY A 143 2.97 -8.40 4.55
CA GLY A 143 2.81 -9.82 4.49
C GLY A 143 3.84 -10.44 3.57
N GLU A 144 3.95 -11.75 3.62
CA GLU A 144 4.93 -12.55 2.87
C GLU A 144 4.91 -12.14 1.40
N HIS A 145 3.73 -11.99 0.91
CA HIS A 145 3.45 -11.60 -0.44
C HIS A 145 2.17 -10.84 -0.42
N THR A 146 2.19 -9.64 -0.90
CA THR A 146 1.03 -8.84 -0.88
C THR A 146 1.02 -7.90 -2.09
N LYS A 147 0.10 -8.14 -2.97
CA LYS A 147 -0.09 -7.34 -4.15
C LYS A 147 -1.55 -7.32 -4.48
N LEU A 148 -2.08 -6.16 -4.70
CA LEU A 148 -3.46 -6.03 -5.09
C LEU A 148 -3.52 -5.62 -6.53
N GLU A 149 -4.11 -6.44 -7.32
CA GLU A 149 -4.31 -6.12 -8.69
C GLU A 149 -5.74 -5.72 -8.87
N VAL A 150 -5.93 -4.55 -9.38
CA VAL A 150 -7.23 -3.99 -9.52
C VAL A 150 -7.58 -3.94 -10.96
N ILE A 151 -8.72 -4.44 -11.29
CA ILE A 151 -9.17 -4.46 -12.62
C ILE A 151 -10.49 -3.74 -12.64
N ILE A 152 -10.63 -2.87 -13.59
CA ILE A 152 -11.76 -2.02 -13.66
C ILE A 152 -12.55 -2.35 -14.90
N GLU A 153 -13.84 -2.52 -14.72
CA GLU A 153 -14.78 -2.88 -15.76
C GLU A 153 -16.12 -2.81 -15.05
N GLU A 154 -17.23 -3.13 -15.66
CA GLU A 154 -18.50 -3.09 -14.94
C GLU A 154 -18.71 -4.41 -14.21
N SER A 155 -17.60 -5.06 -13.90
CA SER A 155 -17.51 -6.35 -13.30
C SER A 155 -18.47 -6.53 -12.15
N TYR A 156 -19.40 -7.40 -12.37
CA TYR A 156 -20.31 -7.79 -11.38
C TYR A 156 -19.71 -9.00 -10.71
N GLU A 157 -19.50 -8.91 -9.44
CA GLU A 157 -18.88 -9.98 -8.73
C GLU A 157 -19.86 -10.78 -7.92
N PHE A 158 -20.06 -12.00 -8.37
CA PHE A 158 -20.93 -12.94 -7.68
C PHE A 158 -20.12 -13.60 -6.55
N LYS A 159 -18.82 -13.37 -6.58
CA LYS A 159 -17.88 -13.85 -5.57
C LYS A 159 -18.17 -13.14 -4.27
N SER A 160 -18.82 -13.81 -3.34
CA SER A 160 -19.15 -13.20 -2.09
C SER A 160 -19.15 -14.21 -0.93
N THR A 161 -17.98 -14.54 -0.45
CA THR A 161 -17.81 -15.30 0.77
C THR A 161 -16.47 -14.90 1.38
N VAL A 162 -16.53 -14.02 2.37
CA VAL A 162 -15.37 -13.38 3.05
C VAL A 162 -14.39 -12.73 2.04
N ASP A 163 -14.95 -12.38 0.89
CA ASP A 163 -14.17 -11.76 -0.20
C ASP A 163 -14.19 -10.26 -0.06
N HIS A 8 6.94 -9.91 13.18
CA HIS A 8 6.11 -10.22 14.34
C HIS A 8 5.79 -8.95 15.12
N ALA A 9 6.14 -7.84 14.53
CA ALA A 9 5.89 -6.54 15.10
C ALA A 9 4.63 -5.92 14.50
N GLY A 10 4.37 -6.18 13.22
CA GLY A 10 3.20 -5.66 12.57
C GLY A 10 3.15 -5.98 11.09
N ILE A 11 2.43 -7.03 10.73
CA ILE A 11 2.30 -7.45 9.34
C ILE A 11 1.07 -6.82 8.71
N PHE A 12 1.28 -6.09 7.65
CA PHE A 12 0.23 -5.45 6.89
C PHE A 12 0.10 -6.16 5.56
N THR A 13 -1.12 -6.40 5.11
CA THR A 13 -1.35 -7.01 3.83
C THR A 13 -2.67 -6.49 3.24
N PHE A 14 -2.83 -6.60 1.94
CA PHE A 14 -4.08 -6.24 1.29
C PHE A 14 -5.13 -7.31 1.56
N GLU A 15 -6.39 -6.90 1.44
CA GLU A 15 -7.54 -7.78 1.61
C GLU A 15 -7.52 -8.89 0.58
N GLU A 16 -7.42 -8.49 -0.66
CA GLU A 16 -7.47 -9.39 -1.77
C GLU A 16 -6.19 -9.26 -2.56
N PRO A 17 -5.82 -10.28 -3.33
CA PRO A 17 -4.68 -10.17 -4.23
C PRO A 17 -5.08 -9.52 -5.55
N VAL A 18 -6.32 -9.73 -5.93
CA VAL A 18 -6.91 -9.19 -7.12
C VAL A 18 -8.31 -8.71 -6.76
N THR A 19 -8.62 -7.51 -7.11
CA THR A 19 -9.90 -6.97 -6.82
C THR A 19 -10.46 -6.29 -8.09
N HIS A 20 -11.68 -6.59 -8.43
CA HIS A 20 -12.31 -5.90 -9.51
C HIS A 20 -13.12 -4.77 -8.93
N VAL A 21 -13.07 -3.65 -9.53
CA VAL A 21 -13.83 -2.53 -9.07
C VAL A 21 -14.71 -2.00 -10.18
N SER A 22 -15.86 -1.53 -9.79
CA SER A 22 -16.81 -1.00 -10.70
C SER A 22 -16.41 0.38 -11.19
N GLU A 23 -16.92 0.73 -12.33
CA GLU A 23 -16.70 2.00 -12.95
C GLU A 23 -17.36 3.11 -12.18
N SER A 24 -18.59 2.89 -11.80
CA SER A 24 -19.40 3.91 -11.17
C SER A 24 -19.32 3.77 -9.63
N ILE A 25 -18.16 3.41 -9.14
CA ILE A 25 -17.99 3.27 -7.71
C ILE A 25 -17.52 4.61 -7.10
N GLY A 26 -16.76 5.37 -7.86
CA GLY A 26 -16.21 6.60 -7.37
C GLY A 26 -14.93 6.36 -6.61
N ILE A 27 -15.05 5.80 -5.43
CA ILE A 27 -13.94 5.56 -4.56
C ILE A 27 -13.93 4.10 -4.16
N MET A 28 -12.83 3.46 -4.44
CA MET A 28 -12.65 2.09 -4.02
C MET A 28 -11.98 2.11 -2.66
N GLU A 29 -12.42 1.25 -1.79
CA GLU A 29 -11.94 1.21 -0.44
C GLU A 29 -11.02 0.04 -0.24
N VAL A 30 -9.76 0.32 -0.08
CA VAL A 30 -8.80 -0.73 0.18
C VAL A 30 -8.40 -0.70 1.62
N LYS A 31 -8.67 -1.73 2.33
CA LYS A 31 -8.26 -1.81 3.70
C LYS A 31 -6.97 -2.58 3.81
N VAL A 32 -6.05 -2.03 4.54
CA VAL A 32 -4.82 -2.72 4.81
C VAL A 32 -5.00 -3.51 6.08
N LEU A 33 -4.99 -4.79 5.93
CA LEU A 33 -5.25 -5.70 7.01
C LEU A 33 -4.02 -5.91 7.83
N ARG A 34 -4.20 -6.00 9.12
CA ARG A 34 -3.08 -6.24 9.98
C ARG A 34 -3.19 -7.67 10.45
N THR A 35 -2.39 -8.51 9.86
CA THR A 35 -2.38 -9.91 10.18
C THR A 35 -1.83 -10.13 11.60
N SER A 36 -0.57 -9.77 11.79
CA SER A 36 0.11 -9.92 13.06
C SER A 36 -0.36 -8.83 14.04
N GLY A 37 -0.68 -7.67 13.48
CA GLY A 37 -1.11 -6.56 14.29
C GLY A 37 -0.38 -5.31 13.90
N ALA A 38 -0.35 -4.36 14.79
CA ALA A 38 0.30 -3.06 14.62
C ALA A 38 0.33 -2.41 15.99
N ARG A 39 1.40 -1.73 16.30
CA ARG A 39 1.54 -1.17 17.62
C ARG A 39 2.29 0.16 17.51
N GLY A 40 1.75 1.19 18.11
CA GLY A 40 2.42 2.47 18.18
C GLY A 40 1.91 3.45 17.16
N ASN A 41 2.79 3.92 16.34
CA ASN A 41 2.47 4.82 15.25
C ASN A 41 3.28 4.32 14.07
N VAL A 42 2.64 3.65 13.17
CA VAL A 42 3.34 3.02 12.08
C VAL A 42 2.81 3.52 10.76
N ILE A 43 3.70 3.94 9.92
CA ILE A 43 3.36 4.45 8.62
C ILE A 43 3.54 3.36 7.59
N VAL A 44 2.51 3.12 6.80
CA VAL A 44 2.50 2.09 5.78
C VAL A 44 2.46 2.72 4.38
N PRO A 45 3.58 2.73 3.66
CA PRO A 45 3.65 3.27 2.29
C PRO A 45 2.99 2.36 1.24
N TYR A 46 2.31 2.96 0.29
CA TYR A 46 1.68 2.25 -0.81
C TYR A 46 1.93 3.03 -2.09
N LYS A 47 1.72 2.40 -3.22
CA LYS A 47 1.88 3.04 -4.52
C LYS A 47 1.17 2.26 -5.60
N THR A 48 0.49 2.96 -6.47
CA THR A 48 -0.19 2.34 -7.56
C THR A 48 0.76 2.11 -8.73
N ILE A 49 0.80 0.90 -9.16
CA ILE A 49 1.62 0.52 -10.28
C ILE A 49 0.74 0.57 -11.49
N GLU A 50 1.07 1.42 -12.42
CA GLU A 50 0.29 1.58 -13.61
C GLU A 50 0.43 0.35 -14.51
N GLY A 51 -0.62 0.02 -15.21
CA GLY A 51 -0.62 -1.14 -16.06
C GLY A 51 -1.36 -0.81 -17.32
N THR A 52 -2.55 -1.36 -17.47
CA THR A 52 -3.39 -1.01 -18.56
C THR A 52 -3.90 0.39 -18.27
N ALA A 53 -4.27 0.56 -17.01
CA ALA A 53 -4.79 1.78 -16.52
C ALA A 53 -3.65 2.76 -16.41
N ARG A 54 -3.86 3.95 -16.88
CA ARG A 54 -2.79 4.91 -16.99
C ARG A 54 -2.93 6.09 -16.02
N GLY A 55 -1.76 6.52 -15.53
CA GLY A 55 -1.55 7.75 -14.79
C GLY A 55 -2.48 8.02 -13.64
N GLY A 56 -2.68 9.29 -13.43
CA GLY A 56 -3.52 9.77 -12.42
C GLY A 56 -4.48 10.74 -13.01
N GLY A 57 -5.50 10.22 -13.61
CA GLY A 57 -6.47 11.05 -14.27
C GLY A 57 -7.03 10.38 -15.49
N GLU A 58 -6.31 9.41 -16.03
CA GLU A 58 -6.77 8.71 -17.23
C GLU A 58 -7.84 7.68 -16.86
N ASP A 59 -7.43 6.66 -16.12
CA ASP A 59 -8.34 5.60 -15.69
C ASP A 59 -8.60 5.71 -14.21
N PHE A 60 -7.56 5.96 -13.49
CA PHE A 60 -7.62 6.07 -12.05
C PHE A 60 -6.79 7.25 -11.66
N GLU A 61 -6.87 7.64 -10.43
CA GLU A 61 -6.05 8.70 -9.93
C GLU A 61 -4.89 8.04 -9.19
N ASP A 62 -3.69 8.45 -9.53
CA ASP A 62 -2.44 7.84 -9.04
C ASP A 62 -2.35 7.95 -7.55
N THR A 63 -2.45 6.84 -6.91
CA THR A 63 -2.48 6.83 -5.51
C THR A 63 -1.16 6.33 -4.95
N CYS A 64 -0.41 7.25 -4.45
CA CYS A 64 0.84 6.98 -3.85
C CYS A 64 0.98 7.83 -2.62
N GLY A 65 1.32 7.21 -1.55
CA GLY A 65 1.47 7.92 -0.32
C GLY A 65 1.73 6.99 0.79
N GLU A 66 1.65 7.47 1.98
CA GLU A 66 1.92 6.68 3.13
C GLU A 66 0.81 6.84 4.17
N LEU A 67 0.32 5.72 4.61
CA LEU A 67 -0.81 5.65 5.53
C LEU A 67 -0.37 5.66 6.95
N GLU A 68 -1.13 6.29 7.79
CA GLU A 68 -0.81 6.30 9.18
C GLU A 68 -1.68 5.30 9.91
N PHE A 69 -1.04 4.34 10.47
CA PHE A 69 -1.67 3.40 11.34
C PHE A 69 -1.14 3.64 12.73
N GLN A 70 -1.88 3.22 13.69
CA GLN A 70 -1.48 3.38 15.06
C GLN A 70 -1.41 1.99 15.68
N ASN A 71 -2.52 1.54 16.19
CA ASN A 71 -2.64 0.22 16.72
C ASN A 71 -3.41 -0.61 15.71
N ASP A 72 -3.33 -1.91 15.83
CA ASP A 72 -4.02 -2.85 14.93
C ASP A 72 -5.53 -2.77 15.02
N GLU A 73 -6.05 -2.14 16.06
CA GLU A 73 -7.50 -2.03 16.24
C GLU A 73 -8.12 -1.09 15.21
N ILE A 74 -7.33 -0.23 14.60
CA ILE A 74 -7.84 0.67 13.61
C ILE A 74 -7.39 0.23 12.25
N VAL A 75 -8.03 0.73 11.25
CA VAL A 75 -7.69 0.44 9.91
C VAL A 75 -7.70 1.73 9.11
N LYS A 76 -6.96 1.76 8.06
CA LYS A 76 -6.93 2.86 7.18
C LYS A 76 -7.37 2.31 5.86
N ILE A 77 -7.75 3.16 5.02
CA ILE A 77 -8.29 2.82 3.75
C ILE A 77 -7.58 3.64 2.71
N ILE A 78 -7.25 3.02 1.63
CA ILE A 78 -6.67 3.68 0.49
C ILE A 78 -7.82 4.04 -0.41
N THR A 79 -7.97 5.28 -0.69
CA THR A 79 -9.06 5.75 -1.48
C THR A 79 -8.56 6.11 -2.86
N ILE A 80 -8.98 5.35 -3.85
CA ILE A 80 -8.58 5.59 -5.21
C ILE A 80 -9.77 6.09 -6.01
N ARG A 81 -9.60 7.26 -6.61
CA ARG A 81 -10.60 7.83 -7.49
C ARG A 81 -10.61 7.09 -8.82
N ILE A 82 -11.71 6.46 -9.09
CA ILE A 82 -11.91 5.72 -10.31
C ILE A 82 -12.63 6.60 -11.33
N PHE A 83 -12.08 6.71 -12.51
CA PHE A 83 -12.67 7.52 -13.54
C PHE A 83 -13.31 6.60 -14.57
N ASP A 84 -14.63 6.62 -14.58
CA ASP A 84 -15.43 5.69 -15.37
C ASP A 84 -15.49 6.06 -16.84
N ARG A 85 -15.79 5.06 -17.64
CA ARG A 85 -16.01 5.22 -19.04
C ARG A 85 -17.30 4.46 -19.36
N GLU A 86 -17.76 4.53 -20.59
CA GLU A 86 -19.00 3.82 -20.95
C GLU A 86 -18.70 2.51 -21.66
N GLU A 87 -17.48 2.34 -22.07
CA GLU A 87 -17.12 1.20 -22.87
C GLU A 87 -16.56 0.06 -22.04
N TYR A 88 -17.29 -1.03 -22.01
CA TYR A 88 -16.87 -2.21 -21.27
C TYR A 88 -15.81 -3.00 -22.02
N GLU A 89 -15.55 -2.62 -23.27
CA GLU A 89 -14.47 -3.21 -24.04
C GLU A 89 -13.10 -2.85 -23.44
N LYS A 90 -13.07 -1.80 -22.63
CA LYS A 90 -11.86 -1.39 -21.94
C LYS A 90 -11.80 -2.06 -20.58
N GLU A 91 -10.93 -3.02 -20.44
CA GLU A 91 -10.67 -3.60 -19.15
C GLU A 91 -9.25 -3.22 -18.75
N CYS A 92 -9.14 -2.41 -17.75
CA CYS A 92 -7.84 -1.93 -17.36
C CYS A 92 -7.44 -2.51 -16.03
N SER A 93 -6.23 -3.00 -15.95
CA SER A 93 -5.73 -3.53 -14.73
C SER A 93 -4.48 -2.76 -14.31
N PHE A 94 -4.45 -2.33 -13.08
CA PHE A 94 -3.26 -1.75 -12.50
C PHE A 94 -3.00 -2.46 -11.19
N SER A 95 -1.99 -2.10 -10.48
CA SER A 95 -1.75 -2.72 -9.25
C SER A 95 -1.51 -1.69 -8.18
N LEU A 96 -1.52 -2.14 -6.99
CA LEU A 96 -1.25 -1.36 -5.84
C LEU A 96 -0.44 -2.23 -4.94
N VAL A 97 0.72 -1.77 -4.57
CA VAL A 97 1.58 -2.53 -3.71
C VAL A 97 1.93 -1.72 -2.48
N LEU A 98 2.29 -2.42 -1.44
CA LEU A 98 2.68 -1.82 -0.19
C LEU A 98 4.19 -1.98 -0.04
N GLU A 99 4.80 -1.07 0.66
CA GLU A 99 6.22 -1.15 0.95
C GLU A 99 6.45 -1.33 2.42
N GLU A 100 7.71 -1.45 2.80
CA GLU A 100 8.12 -1.61 4.18
C GLU A 100 7.67 -0.43 5.04
N PRO A 101 6.84 -0.72 6.05
CA PRO A 101 6.33 0.28 6.94
C PRO A 101 7.39 0.81 7.88
N LYS A 102 7.17 1.98 8.38
CA LYS A 102 8.10 2.61 9.25
C LYS A 102 7.43 2.98 10.55
N TRP A 103 8.12 2.76 11.63
CA TRP A 103 7.58 3.04 12.94
C TRP A 103 8.05 4.42 13.35
N ILE A 104 7.12 5.26 13.65
CA ILE A 104 7.42 6.59 14.06
C ILE A 104 7.58 6.60 15.57
N ARG A 105 8.80 6.54 16.01
CA ARG A 105 9.09 6.52 17.41
C ARG A 105 10.46 7.10 17.64
N ARG A 106 10.59 7.83 18.70
CA ARG A 106 11.84 8.36 19.15
C ARG A 106 11.81 8.31 20.66
N GLY A 107 12.88 7.96 21.26
CA GLY A 107 12.93 7.95 22.69
C GLY A 107 14.17 8.64 23.15
N MET A 108 14.39 8.64 24.44
CA MET A 108 15.62 9.19 24.96
C MET A 108 16.71 8.18 24.68
N LYS A 109 17.50 8.47 23.69
CA LYS A 109 18.49 7.56 23.19
C LYS A 109 19.75 7.61 24.05
N GLY A 110 19.92 6.58 24.83
CA GLY A 110 21.08 6.47 25.66
C GLY A 110 20.91 7.26 26.93
N GLY A 111 21.92 8.00 27.29
CA GLY A 111 21.86 8.78 28.48
C GLY A 111 22.72 10.01 28.36
N PHE A 112 23.22 10.47 29.51
CA PHE A 112 24.07 11.65 29.63
C PHE A 112 23.40 12.89 29.04
N THR A 113 22.33 13.30 29.66
CA THR A 113 21.59 14.42 29.20
C THR A 113 21.18 15.31 30.36
N ILE A 114 22.05 16.21 30.73
CA ILE A 114 21.81 17.17 31.77
C ILE A 114 22.21 18.52 31.21
N THR A 115 21.25 19.25 30.72
CA THR A 115 21.45 20.61 30.20
C THR A 115 22.13 20.64 28.78
N GLU A 116 22.84 19.56 28.43
CA GLU A 116 23.52 19.44 27.15
C GLU A 116 22.50 19.51 26.00
N GLU A 117 21.36 18.87 26.19
CA GLU A 117 20.34 18.93 25.19
C GLU A 117 19.55 20.18 25.37
N TYR A 118 19.99 21.15 24.66
CA TYR A 118 19.43 22.46 24.70
C TYR A 118 18.29 22.51 23.68
N ASP A 119 18.45 21.73 22.63
CA ASP A 119 17.45 21.51 21.60
C ASP A 119 17.29 20.00 21.46
N ASP A 120 16.17 19.48 21.91
CA ASP A 120 16.02 18.03 22.05
C ASP A 120 15.30 17.35 20.88
N LYS A 121 14.29 17.98 20.34
CA LYS A 121 13.46 17.35 19.31
C LYS A 121 14.14 17.33 17.93
N GLN A 122 14.91 16.30 17.71
CA GLN A 122 15.54 15.98 16.43
C GLN A 122 16.02 14.54 16.46
N PRO A 123 16.06 13.86 15.31
CA PRO A 123 16.75 12.58 15.20
C PRO A 123 18.21 12.81 15.59
N LEU A 124 18.79 11.84 16.22
CA LEU A 124 20.11 11.98 16.80
C LEU A 124 21.21 12.15 15.75
N THR A 125 21.56 13.39 15.51
CA THR A 125 22.66 13.72 14.66
C THR A 125 23.90 13.92 15.51
N SER A 126 25.02 13.42 15.03
CA SER A 126 26.31 13.45 15.73
C SER A 126 26.31 12.51 16.93
N LYS A 127 25.29 11.70 17.00
CA LYS A 127 25.18 10.65 17.97
C LYS A 127 24.44 9.51 17.32
N GLU A 128 25.15 8.79 16.52
CA GLU A 128 24.61 7.64 15.85
C GLU A 128 25.49 6.45 16.15
N GLU A 129 24.90 5.43 16.66
CA GLU A 129 25.62 4.29 17.13
C GLU A 129 25.09 3.02 16.48
N GLU A 130 25.53 1.86 16.93
CA GLU A 130 25.08 0.59 16.35
C GLU A 130 23.66 0.26 16.77
N GLU A 131 23.27 0.78 17.91
CA GLU A 131 21.91 0.60 18.41
C GLU A 131 20.88 1.33 17.55
N ARG A 132 21.35 2.21 16.65
CA ARG A 132 20.47 2.90 15.71
C ARG A 132 19.86 1.86 14.79
N ARG A 133 20.68 0.88 14.43
CA ARG A 133 20.27 -0.20 13.58
C ARG A 133 19.26 -1.07 14.31
N ILE A 134 19.46 -1.25 15.62
CA ILE A 134 18.53 -2.00 16.46
C ILE A 134 17.17 -1.27 16.52
N ALA A 135 17.21 0.05 16.54
CA ALA A 135 16.00 0.86 16.53
C ALA A 135 15.25 0.69 15.21
N GLU A 136 16.00 0.41 14.16
CA GLU A 136 15.44 0.17 12.84
C GLU A 136 14.94 -1.27 12.72
N MET A 137 15.53 -2.16 13.51
CA MET A 137 15.08 -3.56 13.60
C MET A 137 13.71 -3.57 14.23
N GLY A 138 13.51 -2.67 15.16
CA GLY A 138 12.26 -2.54 15.88
C GLY A 138 11.23 -1.76 15.09
N ARG A 139 11.14 -2.07 13.84
CA ARG A 139 10.16 -1.51 12.96
C ARG A 139 9.41 -2.69 12.37
N PRO A 140 8.10 -2.58 12.19
CA PRO A 140 7.32 -3.67 11.64
C PRO A 140 7.57 -3.84 10.17
N ILE A 141 7.43 -5.04 9.70
CA ILE A 141 7.53 -5.30 8.31
C ILE A 141 6.29 -6.04 7.92
N LEU A 142 5.85 -5.79 6.74
CA LEU A 142 4.59 -6.27 6.29
C LEU A 142 4.70 -7.66 5.69
N GLY A 143 3.61 -8.11 5.06
CA GLY A 143 3.60 -9.40 4.43
C GLY A 143 4.62 -9.47 3.32
N GLU A 144 5.22 -10.62 3.17
CA GLU A 144 6.29 -10.82 2.19
C GLU A 144 5.79 -10.46 0.79
N HIS A 145 4.68 -11.02 0.41
CA HIS A 145 4.10 -10.75 -0.89
C HIS A 145 2.70 -10.24 -0.72
N THR A 146 2.55 -8.97 -0.89
CA THR A 146 1.27 -8.38 -0.82
C THR A 146 1.09 -7.44 -2.02
N LYS A 147 0.14 -7.77 -2.84
CA LYS A 147 -0.11 -7.03 -4.03
C LYS A 147 -1.60 -7.04 -4.29
N LEU A 148 -2.10 -5.93 -4.75
CA LEU A 148 -3.47 -5.83 -5.11
C LEU A 148 -3.58 -5.43 -6.56
N GLU A 149 -4.03 -6.33 -7.36
CA GLU A 149 -4.28 -6.05 -8.74
C GLU A 149 -5.68 -5.54 -8.86
N VAL A 150 -5.77 -4.30 -9.21
CA VAL A 150 -7.02 -3.61 -9.28
C VAL A 150 -7.45 -3.53 -10.71
N ILE A 151 -8.57 -4.08 -10.97
CA ILE A 151 -9.05 -4.17 -12.30
C ILE A 151 -10.37 -3.44 -12.45
N ILE A 152 -10.33 -2.40 -13.23
CA ILE A 152 -11.50 -1.62 -13.57
C ILE A 152 -12.08 -2.23 -14.80
N GLU A 153 -13.19 -2.85 -14.60
CA GLU A 153 -13.81 -3.63 -15.61
C GLU A 153 -15.28 -3.72 -15.28
N GLU A 154 -16.10 -3.90 -16.27
CA GLU A 154 -17.46 -4.23 -16.04
C GLU A 154 -17.46 -5.72 -15.78
N SER A 155 -17.11 -6.06 -14.58
CA SER A 155 -16.87 -7.41 -14.24
C SER A 155 -18.14 -8.02 -13.70
N TYR A 156 -18.59 -9.05 -14.34
CA TYR A 156 -19.75 -9.73 -13.87
C TYR A 156 -19.38 -11.07 -13.33
N GLU A 157 -19.70 -11.27 -12.10
CA GLU A 157 -19.52 -12.53 -11.46
C GLU A 157 -20.63 -12.67 -10.45
N PHE A 158 -21.41 -13.67 -10.60
CA PHE A 158 -22.50 -13.87 -9.72
C PHE A 158 -22.08 -14.84 -8.64
N LYS A 159 -21.77 -14.33 -7.49
CA LYS A 159 -21.47 -15.19 -6.39
C LYS A 159 -22.71 -15.44 -5.57
N SER A 160 -23.03 -16.69 -5.43
CA SER A 160 -24.24 -17.07 -4.78
C SER A 160 -23.97 -17.44 -3.33
N THR A 161 -24.81 -16.96 -2.46
CA THR A 161 -24.72 -17.28 -1.07
C THR A 161 -25.96 -18.09 -0.69
N VAL A 162 -25.75 -19.34 -0.35
CA VAL A 162 -26.84 -20.25 -0.04
C VAL A 162 -27.31 -19.98 1.39
N ASP A 163 -28.60 -19.88 1.55
CA ASP A 163 -29.21 -19.60 2.84
C ASP A 163 -30.25 -20.65 3.16
N HIS A 8 5.20 -9.71 15.60
CA HIS A 8 4.49 -8.86 16.55
C HIS A 8 4.78 -7.38 16.23
N ALA A 9 5.70 -7.19 15.32
CA ALA A 9 6.10 -5.87 14.91
C ALA A 9 5.14 -5.33 13.86
N GLY A 10 5.05 -6.01 12.74
CA GLY A 10 4.19 -5.58 11.70
C GLY A 10 4.18 -6.51 10.53
N ILE A 11 2.99 -6.97 10.18
CA ILE A 11 2.75 -7.72 8.98
C ILE A 11 1.62 -7.01 8.28
N PHE A 12 1.87 -6.46 7.14
CA PHE A 12 0.84 -5.75 6.41
C PHE A 12 0.52 -6.48 5.12
N THR A 13 -0.74 -6.72 4.91
CA THR A 13 -1.19 -7.38 3.72
C THR A 13 -2.59 -6.88 3.34
N PHE A 14 -2.87 -6.88 2.06
CA PHE A 14 -4.18 -6.52 1.55
C PHE A 14 -5.20 -7.59 1.94
N GLU A 15 -6.46 -7.19 2.03
CA GLU A 15 -7.56 -8.10 2.33
C GLU A 15 -7.60 -9.20 1.27
N GLU A 16 -7.68 -8.77 0.04
CA GLU A 16 -7.70 -9.65 -1.10
C GLU A 16 -6.62 -9.22 -2.08
N PRO A 17 -6.16 -10.11 -2.95
CA PRO A 17 -5.10 -9.81 -3.90
C PRO A 17 -5.64 -9.25 -5.23
N VAL A 18 -6.94 -9.37 -5.45
CA VAL A 18 -7.57 -8.93 -6.68
C VAL A 18 -8.94 -8.36 -6.38
N THR A 19 -9.24 -7.22 -6.94
CA THR A 19 -10.55 -6.64 -6.82
C THR A 19 -11.02 -6.15 -8.20
N HIS A 20 -12.25 -6.46 -8.54
CA HIS A 20 -12.84 -6.03 -9.80
C HIS A 20 -13.88 -4.99 -9.51
N VAL A 21 -13.62 -3.78 -9.91
CA VAL A 21 -14.51 -2.68 -9.64
C VAL A 21 -14.98 -2.02 -10.94
N SER A 22 -16.04 -1.28 -10.85
CA SER A 22 -16.61 -0.63 -12.00
C SER A 22 -15.82 0.60 -12.43
N GLU A 23 -15.83 0.89 -13.72
CA GLU A 23 -15.18 2.09 -14.24
C GLU A 23 -15.86 3.36 -13.69
N SER A 24 -17.13 3.23 -13.36
CA SER A 24 -17.93 4.34 -12.87
C SER A 24 -18.29 4.15 -11.38
N ILE A 25 -17.43 3.46 -10.62
CA ILE A 25 -17.71 3.20 -9.20
C ILE A 25 -17.45 4.45 -8.33
N GLY A 26 -16.52 5.28 -8.78
CA GLY A 26 -16.14 6.44 -8.03
C GLY A 26 -14.92 6.15 -7.19
N ILE A 27 -15.12 5.46 -6.09
CA ILE A 27 -14.04 5.14 -5.16
C ILE A 27 -14.12 3.66 -4.88
N MET A 28 -12.99 3.05 -4.67
CA MET A 28 -12.93 1.69 -4.22
C MET A 28 -12.21 1.69 -2.90
N GLU A 29 -12.47 0.71 -2.07
CA GLU A 29 -11.91 0.66 -0.74
C GLU A 29 -11.26 -0.67 -0.47
N VAL A 30 -10.01 -0.64 -0.06
CA VAL A 30 -9.29 -1.85 0.34
C VAL A 30 -8.55 -1.57 1.64
N LYS A 31 -8.70 -2.43 2.60
CA LYS A 31 -8.02 -2.26 3.87
C LYS A 31 -6.68 -2.95 3.83
N VAL A 32 -5.76 -2.43 4.59
CA VAL A 32 -4.48 -3.06 4.78
C VAL A 32 -4.54 -3.68 6.16
N LEU A 33 -4.51 -4.97 6.20
CA LEU A 33 -4.66 -5.68 7.42
C LEU A 33 -3.31 -5.96 8.05
N ARG A 34 -3.21 -5.73 9.34
CA ARG A 34 -1.99 -5.96 10.05
C ARG A 34 -2.19 -7.21 10.91
N THR A 35 -1.62 -8.30 10.42
CA THR A 35 -1.81 -9.64 10.97
C THR A 35 -1.24 -9.82 12.38
N SER A 36 -0.02 -9.38 12.58
CA SER A 36 0.66 -9.61 13.83
C SER A 36 0.07 -8.83 15.01
N GLY A 37 -0.10 -7.56 14.84
CA GLY A 37 -0.61 -6.72 15.87
C GLY A 37 -0.14 -5.34 15.63
N ALA A 38 -0.63 -4.39 16.40
CA ALA A 38 -0.28 -3.02 16.19
C ALA A 38 -0.30 -2.21 17.46
N ARG A 39 0.82 -1.62 17.79
CA ARG A 39 0.89 -0.68 18.88
C ARG A 39 2.08 0.23 18.65
N GLY A 40 1.81 1.47 18.36
CA GLY A 40 2.84 2.46 18.15
C GLY A 40 2.35 3.48 17.15
N ASN A 41 3.23 3.95 16.32
CA ASN A 41 2.85 4.83 15.22
C ASN A 41 3.61 4.37 13.99
N VAL A 42 2.93 3.86 13.00
CA VAL A 42 3.61 3.32 11.83
C VAL A 42 3.01 3.88 10.55
N ILE A 43 3.87 4.32 9.66
CA ILE A 43 3.48 4.87 8.38
C ILE A 43 3.73 3.83 7.29
N VAL A 44 2.67 3.41 6.67
CA VAL A 44 2.72 2.43 5.60
C VAL A 44 2.51 3.15 4.27
N PRO A 45 3.54 3.21 3.44
CA PRO A 45 3.42 3.78 2.12
C PRO A 45 2.90 2.75 1.12
N TYR A 46 2.18 3.20 0.15
CA TYR A 46 1.66 2.35 -0.89
C TYR A 46 1.83 3.05 -2.21
N LYS A 47 1.81 2.32 -3.29
CA LYS A 47 1.97 2.90 -4.60
C LYS A 47 1.26 2.05 -5.64
N THR A 48 0.58 2.69 -6.53
CA THR A 48 -0.10 2.03 -7.58
C THR A 48 0.82 1.74 -8.75
N ILE A 49 0.63 0.61 -9.36
CA ILE A 49 1.36 0.21 -10.51
C ILE A 49 0.46 0.44 -11.71
N GLU A 50 0.86 1.33 -12.56
CA GLU A 50 0.07 1.74 -13.70
C GLU A 50 0.05 0.67 -14.78
N GLY A 51 -1.09 0.05 -14.94
CA GLY A 51 -1.27 -0.99 -15.89
C GLY A 51 -2.54 -0.81 -16.65
N THR A 52 -2.41 -0.80 -17.98
CA THR A 52 -3.48 -0.66 -18.95
C THR A 52 -4.09 0.76 -18.96
N ALA A 53 -4.42 1.22 -17.80
CA ALA A 53 -5.01 2.49 -17.58
C ALA A 53 -3.89 3.48 -17.35
N ARG A 54 -4.10 4.72 -17.71
CA ARG A 54 -3.10 5.73 -17.53
C ARG A 54 -3.30 6.44 -16.20
N GLY A 55 -2.22 6.64 -15.48
CA GLY A 55 -2.25 7.33 -14.22
C GLY A 55 -2.12 8.83 -14.41
N GLY A 56 -1.76 9.52 -13.38
CA GLY A 56 -1.66 10.95 -13.43
C GLY A 56 -2.99 11.58 -13.16
N GLY A 57 -3.87 10.80 -12.55
CA GLY A 57 -5.22 11.23 -12.28
C GLY A 57 -6.06 11.20 -13.53
N GLU A 58 -5.71 10.32 -14.44
CA GLU A 58 -6.39 10.17 -15.70
C GLU A 58 -7.56 9.20 -15.57
N ASP A 59 -7.29 7.91 -15.74
CA ASP A 59 -8.36 6.89 -15.69
C ASP A 59 -8.50 6.41 -14.29
N PHE A 60 -7.43 6.43 -13.59
CA PHE A 60 -7.45 6.14 -12.22
C PHE A 60 -6.50 7.07 -11.56
N GLU A 61 -6.79 7.41 -10.37
CA GLU A 61 -5.98 8.28 -9.61
C GLU A 61 -4.93 7.40 -8.96
N ASP A 62 -3.73 7.48 -9.47
CA ASP A 62 -2.63 6.69 -8.97
C ASP A 62 -2.20 7.21 -7.62
N THR A 63 -2.81 6.64 -6.63
CA THR A 63 -2.65 7.05 -5.29
C THR A 63 -1.41 6.44 -4.65
N CYS A 64 -0.69 7.29 -4.00
CA CYS A 64 0.45 6.96 -3.23
C CYS A 64 0.35 7.84 -1.99
N GLY A 65 0.27 7.24 -0.84
CA GLY A 65 0.06 8.01 0.34
C GLY A 65 0.62 7.38 1.56
N GLU A 66 0.44 8.06 2.67
CA GLU A 66 0.96 7.66 3.95
C GLU A 66 -0.19 7.11 4.80
N LEU A 67 -0.19 5.83 5.08
CA LEU A 67 -1.20 5.31 5.97
C LEU A 67 -0.63 5.19 7.35
N GLU A 68 -1.31 5.74 8.28
CA GLU A 68 -0.81 5.77 9.63
C GLU A 68 -1.53 4.77 10.51
N PHE A 69 -0.91 3.65 10.70
CA PHE A 69 -1.44 2.63 11.57
C PHE A 69 -0.82 2.80 12.92
N GLN A 70 -1.58 3.36 13.81
CA GLN A 70 -1.10 3.60 15.14
C GLN A 70 -1.34 2.35 16.00
N ASN A 71 -2.56 2.21 16.46
CA ASN A 71 -2.92 1.13 17.33
C ASN A 71 -3.72 0.08 16.54
N ASP A 72 -3.84 -1.11 17.09
CA ASP A 72 -4.52 -2.26 16.48
C ASP A 72 -6.02 -2.02 16.31
N GLU A 73 -6.55 -1.09 17.09
CA GLU A 73 -7.98 -0.81 17.07
C GLU A 73 -8.43 -0.14 15.77
N ILE A 74 -7.50 0.40 15.01
CA ILE A 74 -7.86 1.07 13.78
C ILE A 74 -7.35 0.30 12.58
N VAL A 75 -7.92 0.57 11.45
CA VAL A 75 -7.52 -0.01 10.20
C VAL A 75 -7.61 1.07 9.12
N LYS A 76 -6.72 1.05 8.18
CA LYS A 76 -6.73 2.04 7.14
C LYS A 76 -7.30 1.50 5.88
N ILE A 77 -7.90 2.37 5.15
CA ILE A 77 -8.54 2.03 3.91
C ILE A 77 -7.94 2.85 2.80
N ILE A 78 -7.55 2.20 1.77
CA ILE A 78 -7.02 2.84 0.62
C ILE A 78 -8.16 3.12 -0.32
N THR A 79 -8.33 4.36 -0.63
CA THR A 79 -9.37 4.77 -1.49
C THR A 79 -8.78 5.23 -2.81
N ILE A 80 -9.05 4.51 -3.84
CA ILE A 80 -8.53 4.85 -5.13
C ILE A 80 -9.65 5.46 -5.94
N ARG A 81 -9.42 6.66 -6.40
CA ARG A 81 -10.37 7.36 -7.22
C ARG A 81 -10.34 6.79 -8.61
N ILE A 82 -11.43 6.21 -9.00
CA ILE A 82 -11.56 5.61 -10.29
C ILE A 82 -12.26 6.62 -11.19
N PHE A 83 -11.83 6.72 -12.41
CA PHE A 83 -12.41 7.67 -13.31
C PHE A 83 -12.81 6.98 -14.60
N ASP A 84 -13.64 7.64 -15.36
CA ASP A 84 -14.08 7.14 -16.65
C ASP A 84 -13.24 7.84 -17.70
N ARG A 85 -12.06 7.32 -18.04
CA ARG A 85 -11.21 8.01 -19.00
C ARG A 85 -10.63 7.15 -20.11
N GLU A 86 -10.44 5.87 -19.87
CA GLU A 86 -10.00 5.00 -20.94
C GLU A 86 -11.07 4.85 -21.99
N GLU A 87 -10.85 5.58 -23.05
CA GLU A 87 -11.80 5.78 -24.11
C GLU A 87 -11.85 4.58 -25.05
N TYR A 88 -10.71 4.11 -25.47
CA TYR A 88 -10.67 3.07 -26.48
C TYR A 88 -10.46 1.69 -25.85
N GLU A 89 -9.93 1.65 -24.65
CA GLU A 89 -9.65 0.40 -23.98
C GLU A 89 -10.95 -0.25 -23.45
N LYS A 90 -10.95 -1.57 -23.40
CA LYS A 90 -12.11 -2.34 -22.99
C LYS A 90 -12.03 -2.62 -21.49
N GLU A 91 -10.89 -3.09 -21.07
CA GLU A 91 -10.67 -3.45 -19.69
C GLU A 91 -9.30 -2.97 -19.26
N CYS A 92 -9.21 -2.43 -18.10
CA CYS A 92 -7.95 -1.98 -17.60
C CYS A 92 -7.68 -2.66 -16.29
N SER A 93 -6.46 -3.05 -16.05
CA SER A 93 -6.13 -3.64 -14.81
C SER A 93 -4.78 -3.15 -14.32
N PHE A 94 -4.81 -2.43 -13.25
CA PHE A 94 -3.61 -1.91 -12.65
C PHE A 94 -3.36 -2.65 -11.36
N SER A 95 -2.33 -2.31 -10.66
CA SER A 95 -2.09 -2.95 -9.40
C SER A 95 -1.73 -1.93 -8.35
N LEU A 96 -1.73 -2.35 -7.14
CA LEU A 96 -1.35 -1.56 -6.01
C LEU A 96 -0.50 -2.42 -5.12
N VAL A 97 0.61 -1.90 -4.68
CA VAL A 97 1.50 -2.63 -3.81
C VAL A 97 1.88 -1.75 -2.64
N LEU A 98 2.32 -2.36 -1.59
CA LEU A 98 2.71 -1.68 -0.38
C LEU A 98 4.23 -1.60 -0.31
N GLU A 99 4.72 -0.53 0.22
CA GLU A 99 6.14 -0.31 0.39
C GLU A 99 6.51 -0.58 1.84
N GLU A 100 7.79 -0.56 2.16
CA GLU A 100 8.24 -0.80 3.51
C GLU A 100 7.77 0.29 4.47
N PRO A 101 6.93 -0.08 5.43
CA PRO A 101 6.41 0.85 6.40
C PRO A 101 7.48 1.30 7.38
N LYS A 102 7.38 2.50 7.83
CA LYS A 102 8.33 3.02 8.76
C LYS A 102 7.66 3.25 10.08
N TRP A 103 8.36 2.95 11.11
CA TRP A 103 7.83 3.12 12.42
C TRP A 103 8.25 4.49 12.87
N ILE A 104 7.33 5.28 13.29
CA ILE A 104 7.63 6.60 13.71
C ILE A 104 8.11 6.57 15.13
N ARG A 105 9.38 6.83 15.29
CA ARG A 105 10.03 6.72 16.54
C ARG A 105 9.64 7.83 17.47
N ARG A 106 8.73 7.52 18.36
CA ARG A 106 8.33 8.45 19.39
C ARG A 106 9.51 8.56 20.33
N GLY A 107 10.16 7.43 20.55
CA GLY A 107 11.43 7.42 21.24
C GLY A 107 12.48 7.70 20.20
N MET A 108 13.11 8.85 20.29
CA MET A 108 14.02 9.33 19.26
C MET A 108 15.27 8.46 19.12
N LYS A 109 15.23 7.61 18.14
CA LYS A 109 16.34 6.80 17.73
C LYS A 109 15.96 6.26 16.36
N GLY A 110 16.51 6.86 15.36
CA GLY A 110 16.16 6.52 14.01
C GLY A 110 16.77 5.24 13.55
N GLY A 111 16.31 4.79 12.42
CA GLY A 111 16.84 3.60 11.85
C GLY A 111 17.91 3.97 10.87
N PHE A 112 19.10 3.51 11.09
CA PHE A 112 20.19 3.82 10.20
C PHE A 112 20.02 3.00 8.93
N THR A 113 19.37 3.60 7.98
CA THR A 113 19.14 3.02 6.69
C THR A 113 19.55 4.05 5.68
N ILE A 114 20.28 3.66 4.68
CA ILE A 114 20.74 4.60 3.70
C ILE A 114 19.64 4.87 2.67
N THR A 115 18.78 5.79 3.02
CA THR A 115 17.75 6.28 2.13
C THR A 115 17.88 7.81 2.03
N GLU A 116 18.97 8.31 2.62
CA GLU A 116 19.33 9.73 2.53
C GLU A 116 19.99 9.93 1.17
N GLU A 117 20.51 8.83 0.71
CA GLU A 117 21.10 8.64 -0.55
C GLU A 117 20.55 7.31 -0.95
N TYR A 118 20.19 7.11 -2.17
CA TYR A 118 19.54 5.88 -2.51
C TYR A 118 20.50 4.74 -2.69
N ASP A 119 20.63 3.95 -1.67
CA ASP A 119 21.35 2.72 -1.77
C ASP A 119 20.31 1.71 -2.15
N ASP A 120 20.52 0.98 -3.22
CA ASP A 120 19.50 0.06 -3.69
C ASP A 120 19.33 -1.08 -2.71
N LYS A 121 18.09 -1.52 -2.55
CA LYS A 121 17.74 -2.53 -1.55
C LYS A 121 18.60 -3.79 -1.64
N GLN A 122 18.96 -4.21 -2.84
CA GLN A 122 19.82 -5.36 -2.98
C GLN A 122 21.21 -4.93 -3.43
N PRO A 123 22.26 -5.61 -2.97
CA PRO A 123 23.62 -5.33 -3.40
C PRO A 123 23.90 -5.98 -4.76
N LEU A 124 25.02 -5.63 -5.37
CA LEU A 124 25.39 -6.20 -6.64
C LEU A 124 26.16 -7.50 -6.41
N THR A 125 26.79 -7.57 -5.26
CA THR A 125 27.52 -8.72 -4.85
C THR A 125 26.57 -9.73 -4.19
N SER A 126 27.05 -10.93 -3.95
CA SER A 126 26.24 -12.01 -3.41
C SER A 126 26.18 -11.97 -1.86
N LYS A 127 26.35 -10.80 -1.29
CA LYS A 127 26.26 -10.66 0.14
C LYS A 127 24.94 -10.04 0.52
N GLU A 128 23.92 -10.86 0.57
CA GLU A 128 22.63 -10.40 0.97
C GLU A 128 22.40 -10.86 2.39
N GLU A 129 22.45 -9.92 3.29
CA GLU A 129 22.45 -10.16 4.71
C GLU A 129 21.18 -10.79 5.23
N GLU A 130 21.36 -11.89 5.93
CA GLU A 130 20.27 -12.56 6.61
C GLU A 130 19.93 -11.75 7.86
N GLU A 131 20.96 -11.11 8.40
CA GLU A 131 20.85 -10.27 9.58
C GLU A 131 19.99 -9.07 9.27
N ARG A 132 19.94 -8.69 8.00
CA ARG A 132 19.09 -7.62 7.56
C ARG A 132 17.65 -7.95 7.83
N ARG A 133 17.27 -9.19 7.54
CA ARG A 133 15.90 -9.60 7.75
C ARG A 133 15.61 -9.76 9.23
N ILE A 134 16.60 -10.24 9.96
CA ILE A 134 16.48 -10.37 11.42
C ILE A 134 16.32 -8.98 12.05
N ALA A 135 17.00 -8.00 11.49
CA ALA A 135 16.88 -6.63 11.94
C ALA A 135 15.51 -6.09 11.57
N GLU A 136 15.00 -6.50 10.40
CA GLU A 136 13.66 -6.11 9.95
C GLU A 136 12.59 -6.75 10.82
N MET A 137 12.95 -7.80 11.53
CA MET A 137 12.04 -8.46 12.45
C MET A 137 11.72 -7.55 13.64
N GLY A 138 12.56 -6.53 13.82
CA GLY A 138 12.34 -5.53 14.83
C GLY A 138 11.90 -4.23 14.19
N ARG A 139 11.35 -4.36 12.99
CA ARG A 139 10.86 -3.24 12.20
C ARG A 139 9.48 -3.63 11.69
N PRO A 140 8.67 -2.70 11.21
CA PRO A 140 7.41 -3.05 10.61
C PRO A 140 7.59 -3.36 9.13
N ILE A 141 7.15 -4.51 8.71
CA ILE A 141 7.28 -4.90 7.33
C ILE A 141 5.96 -5.46 6.81
N LEU A 142 5.98 -5.90 5.57
CA LEU A 142 4.81 -6.43 4.94
C LEU A 142 4.74 -7.93 5.19
N GLY A 143 3.80 -8.58 4.59
CA GLY A 143 3.69 -10.01 4.72
C GLY A 143 4.63 -10.76 3.80
N GLU A 144 4.26 -11.96 3.43
CA GLU A 144 5.06 -12.79 2.54
C GLU A 144 5.11 -12.13 1.18
N HIS A 145 3.98 -11.63 0.78
CA HIS A 145 3.77 -10.94 -0.47
C HIS A 145 2.44 -10.28 -0.38
N THR A 146 2.31 -9.15 -0.95
CA THR A 146 1.08 -8.46 -0.90
C THR A 146 0.93 -7.54 -2.13
N LYS A 147 -0.06 -7.84 -2.92
CA LYS A 147 -0.33 -7.09 -4.12
C LYS A 147 -1.82 -7.09 -4.31
N LEU A 148 -2.32 -5.99 -4.79
CA LEU A 148 -3.70 -5.84 -5.10
C LEU A 148 -3.84 -5.49 -6.54
N GLU A 149 -4.39 -6.36 -7.30
CA GLU A 149 -4.66 -6.10 -8.67
C GLU A 149 -6.05 -5.55 -8.79
N VAL A 150 -6.17 -4.39 -9.35
CA VAL A 150 -7.44 -3.72 -9.44
C VAL A 150 -7.85 -3.64 -10.88
N ILE A 151 -8.93 -4.27 -11.16
CA ILE A 151 -9.43 -4.31 -12.48
C ILE A 151 -10.61 -3.38 -12.55
N ILE A 152 -10.55 -2.45 -13.45
CA ILE A 152 -11.61 -1.52 -13.63
C ILE A 152 -12.37 -1.83 -14.89
N GLU A 153 -13.61 -2.18 -14.68
CA GLU A 153 -14.51 -2.51 -15.75
C GLU A 153 -15.91 -2.40 -15.20
N GLU A 154 -16.28 -3.38 -14.44
CA GLU A 154 -17.58 -3.50 -13.87
C GLU A 154 -17.39 -4.30 -12.62
N SER A 155 -18.33 -4.27 -11.71
CA SER A 155 -18.21 -5.04 -10.51
C SER A 155 -18.56 -6.50 -10.77
N TYR A 156 -17.60 -7.18 -11.34
CA TYR A 156 -17.66 -8.56 -11.66
C TYR A 156 -17.07 -9.28 -10.48
N GLU A 157 -17.74 -10.25 -9.95
CA GLU A 157 -17.23 -10.87 -8.79
C GLU A 157 -16.57 -12.18 -9.16
N PHE A 158 -15.29 -12.16 -9.15
CA PHE A 158 -14.48 -13.29 -9.49
C PHE A 158 -13.35 -13.40 -8.50
N LYS A 159 -13.23 -14.53 -7.88
CA LYS A 159 -12.18 -14.76 -6.93
C LYS A 159 -11.17 -15.68 -7.57
N SER A 160 -9.92 -15.45 -7.28
CA SER A 160 -8.88 -16.32 -7.75
C SER A 160 -8.68 -17.42 -6.72
N THR A 161 -9.19 -18.57 -7.01
CA THR A 161 -9.08 -19.69 -6.13
C THR A 161 -8.92 -20.93 -6.98
N VAL A 162 -7.73 -21.46 -7.01
CA VAL A 162 -7.42 -22.58 -7.85
C VAL A 162 -6.97 -23.76 -7.00
N ASP A 163 -7.54 -24.90 -7.27
CA ASP A 163 -7.19 -26.11 -6.58
C ASP A 163 -6.44 -27.05 -7.52
N HIS A 8 6.00 -7.50 17.36
CA HIS A 8 6.39 -6.12 17.53
C HIS A 8 5.90 -5.27 16.36
N ALA A 9 5.96 -5.85 15.19
CA ALA A 9 5.59 -5.18 13.97
C ALA A 9 4.33 -5.80 13.41
N GLY A 10 3.56 -5.00 12.73
CA GLY A 10 2.37 -5.47 12.12
C GLY A 10 2.63 -5.95 10.73
N ILE A 11 2.28 -7.18 10.46
CA ILE A 11 2.40 -7.70 9.13
C ILE A 11 1.22 -7.19 8.34
N PHE A 12 1.47 -6.34 7.39
CA PHE A 12 0.42 -5.75 6.59
C PHE A 12 0.25 -6.51 5.30
N THR A 13 -0.97 -6.78 4.95
CA THR A 13 -1.31 -7.47 3.76
C THR A 13 -2.70 -6.97 3.27
N PHE A 14 -2.97 -7.14 2.00
CA PHE A 14 -4.27 -6.83 1.42
C PHE A 14 -5.26 -7.96 1.73
N GLU A 15 -6.54 -7.75 1.47
CA GLU A 15 -7.53 -8.79 1.71
C GLU A 15 -7.43 -9.86 0.63
N GLU A 16 -7.25 -9.41 -0.57
CA GLU A 16 -7.13 -10.27 -1.73
C GLU A 16 -6.01 -9.76 -2.61
N PRO A 17 -5.47 -10.59 -3.52
CA PRO A 17 -4.45 -10.14 -4.45
C PRO A 17 -5.06 -9.49 -5.70
N VAL A 18 -6.36 -9.65 -5.88
CA VAL A 18 -7.08 -9.11 -7.02
C VAL A 18 -8.44 -8.63 -6.57
N THR A 19 -8.86 -7.48 -7.04
CA THR A 19 -10.16 -6.99 -6.77
C THR A 19 -10.80 -6.49 -8.08
N HIS A 20 -12.04 -6.81 -8.27
CA HIS A 20 -12.75 -6.42 -9.44
C HIS A 20 -13.76 -5.33 -9.11
N VAL A 21 -13.53 -4.15 -9.66
CA VAL A 21 -14.41 -3.02 -9.42
C VAL A 21 -14.81 -2.39 -10.74
N SER A 22 -15.80 -1.54 -10.72
CA SER A 22 -16.29 -0.90 -11.93
C SER A 22 -15.48 0.34 -12.23
N GLU A 23 -15.58 0.80 -13.46
CA GLU A 23 -14.96 2.02 -13.91
C GLU A 23 -15.86 3.17 -13.47
N SER A 24 -17.10 2.82 -13.17
CA SER A 24 -18.11 3.76 -12.79
C SER A 24 -18.44 3.66 -11.29
N ILE A 25 -17.48 3.19 -10.50
CA ILE A 25 -17.72 3.03 -9.06
C ILE A 25 -17.41 4.33 -8.28
N GLY A 26 -16.61 5.19 -8.87
CA GLY A 26 -16.24 6.41 -8.21
C GLY A 26 -15.00 6.26 -7.37
N ILE A 27 -15.14 5.61 -6.24
CA ILE A 27 -14.03 5.43 -5.32
C ILE A 27 -14.07 3.98 -4.89
N MET A 28 -12.92 3.41 -4.64
CA MET A 28 -12.84 2.08 -4.12
C MET A 28 -12.03 2.15 -2.83
N GLU A 29 -12.38 1.34 -1.88
CA GLU A 29 -11.76 1.34 -0.57
C GLU A 29 -10.95 0.08 -0.33
N VAL A 30 -9.71 0.26 0.08
CA VAL A 30 -8.86 -0.85 0.46
C VAL A 30 -8.39 -0.68 1.89
N LYS A 31 -8.94 -1.41 2.79
CA LYS A 31 -8.44 -1.42 4.12
C LYS A 31 -7.33 -2.45 4.22
N VAL A 32 -6.20 -2.05 4.74
CA VAL A 32 -5.05 -2.93 4.84
C VAL A 32 -5.10 -3.69 6.16
N LEU A 33 -4.87 -4.96 6.10
CA LEU A 33 -4.97 -5.83 7.25
C LEU A 33 -3.61 -6.06 7.87
N ARG A 34 -3.59 -6.26 9.17
CA ARG A 34 -2.38 -6.66 9.84
C ARG A 34 -2.62 -7.84 10.75
N THR A 35 -2.08 -8.95 10.33
CA THR A 35 -2.28 -10.24 10.96
C THR A 35 -1.70 -10.32 12.38
N SER A 36 -0.49 -9.82 12.57
CA SER A 36 0.17 -9.91 13.84
C SER A 36 -0.43 -8.95 14.88
N GLY A 37 -0.77 -7.77 14.44
CA GLY A 37 -1.36 -6.78 15.30
C GLY A 37 -0.86 -5.43 14.91
N ALA A 38 -1.09 -4.45 15.76
CA ALA A 38 -0.69 -3.10 15.51
C ALA A 38 -0.69 -2.32 16.81
N ARG A 39 0.46 -1.86 17.21
CA ARG A 39 0.58 -1.09 18.43
C ARG A 39 1.81 -0.22 18.31
N GLY A 40 1.61 1.05 18.13
CA GLY A 40 2.71 1.97 18.02
C GLY A 40 2.38 3.08 17.07
N ASN A 41 3.33 3.49 16.28
CA ASN A 41 3.09 4.46 15.24
C ASN A 41 3.83 3.97 14.02
N VAL A 42 3.10 3.39 13.11
CA VAL A 42 3.72 2.78 11.95
C VAL A 42 3.15 3.40 10.68
N ILE A 43 4.02 3.78 9.81
CA ILE A 43 3.63 4.33 8.55
C ILE A 43 3.80 3.27 7.49
N VAL A 44 2.74 3.00 6.78
CA VAL A 44 2.72 2.02 5.73
C VAL A 44 2.59 2.74 4.39
N PRO A 45 3.66 2.75 3.60
CA PRO A 45 3.61 3.33 2.28
C PRO A 45 2.94 2.38 1.27
N TYR A 46 2.25 2.94 0.32
CA TYR A 46 1.57 2.20 -0.73
C TYR A 46 1.75 2.95 -2.01
N LYS A 47 1.53 2.29 -3.13
CA LYS A 47 1.59 2.96 -4.42
C LYS A 47 0.90 2.16 -5.50
N THR A 48 0.30 2.88 -6.40
CA THR A 48 -0.36 2.30 -7.52
C THR A 48 0.62 2.03 -8.67
N ILE A 49 0.51 0.88 -9.23
CA ILE A 49 1.32 0.48 -10.35
C ILE A 49 0.46 0.63 -11.59
N GLU A 50 0.83 1.53 -12.45
CA GLU A 50 0.07 1.82 -13.64
C GLU A 50 0.42 0.82 -14.74
N GLY A 51 -0.58 0.17 -15.28
CA GLY A 51 -0.34 -0.81 -16.31
C GLY A 51 -1.19 -0.55 -17.53
N THR A 52 -2.33 -1.21 -17.59
CA THR A 52 -3.25 -1.03 -18.71
C THR A 52 -4.29 0.07 -18.39
N ALA A 53 -3.94 0.86 -17.40
CA ALA A 53 -4.73 1.95 -16.94
C ALA A 53 -3.77 3.02 -16.47
N ARG A 54 -4.00 4.25 -16.84
CA ARG A 54 -3.08 5.33 -16.50
C ARG A 54 -3.65 6.10 -15.32
N GLY A 55 -2.80 6.35 -14.35
CA GLY A 55 -3.22 7.01 -13.16
C GLY A 55 -2.91 8.47 -13.20
N GLY A 56 -3.84 9.25 -12.73
CA GLY A 56 -3.65 10.68 -12.71
C GLY A 56 -4.80 11.41 -13.33
N GLY A 57 -5.88 10.69 -13.60
CA GLY A 57 -7.03 11.34 -14.16
C GLY A 57 -7.63 10.60 -15.32
N GLU A 58 -6.89 9.69 -15.92
CA GLU A 58 -7.39 8.97 -17.08
C GLU A 58 -8.35 7.88 -16.66
N ASP A 59 -7.81 6.77 -16.23
CA ASP A 59 -8.62 5.65 -15.80
C ASP A 59 -8.86 5.79 -14.31
N PHE A 60 -7.81 6.14 -13.61
CA PHE A 60 -7.87 6.33 -12.18
C PHE A 60 -6.95 7.47 -11.79
N GLU A 61 -6.98 7.83 -10.55
CA GLU A 61 -6.13 8.87 -10.01
C GLU A 61 -5.04 8.13 -9.23
N ASP A 62 -3.78 8.32 -9.60
CA ASP A 62 -2.71 7.54 -8.99
C ASP A 62 -2.45 8.01 -7.59
N THR A 63 -2.22 7.09 -6.71
CA THR A 63 -2.06 7.43 -5.34
C THR A 63 -0.93 6.63 -4.71
N CYS A 64 -0.04 7.35 -4.07
CA CYS A 64 1.02 6.79 -3.32
C CYS A 64 1.26 7.69 -2.14
N GLY A 65 1.39 7.13 -0.97
CA GLY A 65 1.56 7.95 0.18
C GLY A 65 1.79 7.16 1.41
N GLU A 66 1.65 7.83 2.52
CA GLU A 66 1.93 7.27 3.83
C GLU A 66 0.64 7.07 4.62
N LEU A 67 0.33 5.83 4.93
CA LEU A 67 -0.79 5.51 5.79
C LEU A 67 -0.30 5.39 7.20
N GLU A 68 -1.04 5.92 8.13
CA GLU A 68 -0.63 5.85 9.50
C GLU A 68 -1.43 4.83 10.28
N PHE A 69 -0.84 3.72 10.51
CA PHE A 69 -1.41 2.72 11.33
C PHE A 69 -0.77 2.79 12.68
N GLN A 70 -1.44 3.41 13.61
CA GLN A 70 -0.94 3.43 14.95
C GLN A 70 -1.31 2.17 15.67
N ASN A 71 -2.49 2.11 16.18
CA ASN A 71 -2.93 0.94 16.84
C ASN A 71 -3.89 0.16 16.01
N ASP A 72 -4.28 -0.96 16.54
CA ASP A 72 -5.20 -1.88 15.88
C ASP A 72 -6.65 -1.37 15.92
N GLU A 73 -6.91 -0.41 16.79
CA GLU A 73 -8.26 0.11 16.99
C GLU A 73 -8.76 0.94 15.78
N ILE A 74 -7.85 1.41 14.97
CA ILE A 74 -8.21 2.14 13.76
C ILE A 74 -7.81 1.30 12.57
N VAL A 75 -8.22 1.65 11.40
CA VAL A 75 -7.79 0.95 10.21
C VAL A 75 -7.66 1.97 9.09
N LYS A 76 -6.66 1.78 8.26
CA LYS A 76 -6.45 2.68 7.17
C LYS A 76 -7.00 2.12 5.92
N ILE A 77 -7.53 3.00 5.15
CA ILE A 77 -8.18 2.62 3.93
C ILE A 77 -7.64 3.46 2.78
N ILE A 78 -7.29 2.80 1.73
CA ILE A 78 -6.81 3.45 0.56
C ILE A 78 -8.01 3.71 -0.31
N THR A 79 -8.17 4.93 -0.71
CA THR A 79 -9.25 5.30 -1.56
C THR A 79 -8.71 5.70 -2.90
N ILE A 80 -9.02 4.93 -3.90
CA ILE A 80 -8.54 5.24 -5.20
C ILE A 80 -9.67 5.82 -6.00
N ARG A 81 -9.43 6.98 -6.55
CA ARG A 81 -10.40 7.66 -7.32
C ARG A 81 -10.42 7.02 -8.70
N ILE A 82 -11.45 6.31 -8.98
CA ILE A 82 -11.62 5.68 -10.26
C ILE A 82 -12.47 6.63 -11.08
N PHE A 83 -12.04 6.97 -12.24
CA PHE A 83 -12.80 7.90 -13.03
C PHE A 83 -13.70 7.19 -13.97
N ASP A 84 -14.89 7.74 -14.13
CA ASP A 84 -15.84 7.19 -15.07
C ASP A 84 -15.36 7.57 -16.44
N ARG A 85 -14.57 6.72 -16.99
CA ARG A 85 -13.95 6.96 -18.24
C ARG A 85 -14.47 5.99 -19.27
N GLU A 86 -14.17 4.74 -19.05
CA GLU A 86 -14.52 3.70 -19.97
C GLU A 86 -15.76 2.98 -19.46
N GLU A 87 -16.39 2.26 -20.35
CA GLU A 87 -17.54 1.44 -20.02
C GLU A 87 -17.78 0.36 -21.07
N TYR A 88 -16.86 0.23 -22.00
CA TYR A 88 -17.04 -0.69 -23.10
C TYR A 88 -15.87 -1.63 -23.24
N GLU A 89 -15.90 -2.71 -22.43
CA GLU A 89 -14.94 -3.83 -22.48
C GLU A 89 -13.50 -3.35 -22.67
N LYS A 90 -13.07 -2.51 -21.78
CA LYS A 90 -11.75 -1.92 -21.87
C LYS A 90 -10.88 -2.61 -20.85
N GLU A 91 -9.74 -3.08 -21.27
CA GLU A 91 -8.84 -3.80 -20.40
C GLU A 91 -8.05 -2.84 -19.52
N CYS A 92 -8.68 -2.37 -18.50
CA CYS A 92 -8.05 -1.47 -17.58
C CYS A 92 -7.77 -2.18 -16.27
N SER A 93 -6.52 -2.34 -15.95
CA SER A 93 -6.12 -2.95 -14.71
C SER A 93 -4.84 -2.33 -14.23
N PHE A 94 -4.77 -2.08 -12.97
CA PHE A 94 -3.57 -1.57 -12.36
C PHE A 94 -3.34 -2.30 -11.07
N SER A 95 -2.17 -2.23 -10.54
CA SER A 95 -1.90 -2.91 -9.31
C SER A 95 -1.65 -1.90 -8.21
N LEU A 96 -1.76 -2.33 -7.01
CA LEU A 96 -1.49 -1.53 -5.86
C LEU A 96 -0.62 -2.36 -4.96
N VAL A 97 0.50 -1.82 -4.58
CA VAL A 97 1.41 -2.55 -3.73
C VAL A 97 1.68 -1.78 -2.47
N LEU A 98 2.11 -2.50 -1.47
CA LEU A 98 2.48 -1.93 -0.22
C LEU A 98 3.99 -1.97 -0.11
N GLU A 99 4.57 -1.02 0.54
CA GLU A 99 5.99 -0.97 0.71
C GLU A 99 6.34 -1.13 2.18
N GLU A 100 7.63 -1.15 2.48
CA GLU A 100 8.13 -1.40 3.83
C GLU A 100 7.67 -0.32 4.83
N PRO A 101 6.99 -0.76 5.89
CA PRO A 101 6.49 0.12 6.91
C PRO A 101 7.59 0.62 7.83
N LYS A 102 7.46 1.82 8.27
CA LYS A 102 8.42 2.42 9.15
C LYS A 102 7.78 2.72 10.49
N TRP A 103 8.51 2.50 11.54
CA TRP A 103 7.99 2.68 12.87
C TRP A 103 8.58 3.96 13.43
N ILE A 104 7.73 4.85 13.83
CA ILE A 104 8.16 6.07 14.44
C ILE A 104 8.30 5.82 15.91
N ARG A 105 9.53 5.70 16.33
CA ARG A 105 9.86 5.44 17.70
C ARG A 105 9.53 6.68 18.53
N ARG A 106 9.93 7.82 18.02
CA ARG A 106 9.80 9.10 18.68
C ARG A 106 10.34 10.09 17.67
N GLY A 107 10.42 11.36 18.03
CA GLY A 107 11.18 12.29 17.23
C GLY A 107 12.63 11.89 17.40
N MET A 108 13.13 11.16 16.45
CA MET A 108 14.38 10.47 16.62
C MET A 108 15.59 11.35 16.44
N LYS A 109 16.01 11.95 17.51
CA LYS A 109 17.24 12.63 17.56
C LYS A 109 18.21 11.71 18.27
N GLY A 110 18.95 10.96 17.50
CA GLY A 110 19.85 9.99 18.04
C GLY A 110 20.04 8.85 17.07
N GLY A 111 19.97 9.20 15.82
CA GLY A 111 20.16 8.27 14.72
C GLY A 111 20.66 9.09 13.59
N PHE A 112 21.67 9.86 13.92
CA PHE A 112 22.22 10.88 13.07
C PHE A 112 22.73 10.34 11.77
N THR A 113 21.97 10.58 10.77
CA THR A 113 22.30 10.24 9.44
C THR A 113 21.88 11.43 8.59
N ILE A 114 22.79 12.34 8.40
CA ILE A 114 22.49 13.55 7.68
C ILE A 114 22.49 13.26 6.20
N THR A 115 21.48 13.76 5.52
CA THR A 115 21.25 13.50 4.12
C THR A 115 20.99 12.01 3.91
N GLU A 116 19.86 11.56 4.42
CA GLU A 116 19.51 10.17 4.36
C GLU A 116 18.68 9.86 3.11
N GLU A 117 18.01 10.86 2.60
CA GLU A 117 17.27 10.72 1.38
C GLU A 117 18.17 11.06 0.24
N TYR A 118 18.94 10.12 -0.10
CA TYR A 118 19.97 10.27 -1.09
C TYR A 118 20.09 8.96 -1.84
N ASP A 119 19.62 8.96 -3.07
CA ASP A 119 19.57 7.75 -3.90
C ASP A 119 20.90 7.46 -4.54
N ASP A 120 21.76 8.45 -4.60
CA ASP A 120 23.11 8.25 -5.09
C ASP A 120 23.90 7.59 -4.00
N LYS A 121 23.99 6.27 -4.06
CA LYS A 121 24.64 5.53 -3.01
C LYS A 121 26.11 5.87 -2.88
N GLN A 122 26.53 5.95 -1.67
CA GLN A 122 27.87 6.32 -1.32
C GLN A 122 28.73 5.07 -1.25
N PRO A 123 30.07 5.21 -1.32
CA PRO A 123 30.96 4.08 -1.10
C PRO A 123 30.77 3.59 0.33
N LEU A 124 30.74 2.31 0.50
CA LEU A 124 30.44 1.73 1.77
C LEU A 124 31.68 1.73 2.64
N THR A 125 31.71 2.63 3.60
CA THR A 125 32.81 2.75 4.51
C THR A 125 32.87 1.51 5.39
N SER A 126 34.00 0.85 5.41
CA SER A 126 34.17 -0.38 6.15
C SER A 126 34.33 -0.13 7.65
N LYS A 127 34.37 1.12 8.03
CA LYS A 127 34.51 1.48 9.41
C LYS A 127 33.67 2.74 9.62
N GLU A 128 33.33 3.04 10.89
CA GLU A 128 32.62 4.28 11.30
C GLU A 128 31.16 4.31 10.87
N GLU A 129 30.71 3.21 10.35
CA GLU A 129 29.36 3.07 9.87
C GLU A 129 28.68 2.00 10.71
N GLU A 130 27.41 2.14 10.96
CA GLU A 130 26.70 1.09 11.60
C GLU A 130 26.24 0.15 10.51
N GLU A 131 26.39 -1.13 10.74
CA GLU A 131 26.12 -2.13 9.76
C GLU A 131 24.71 -2.07 9.24
N ARG A 132 24.63 -1.77 7.98
CA ARG A 132 23.41 -1.52 7.28
C ARG A 132 22.50 -2.75 7.29
N ARG A 133 23.11 -3.92 7.20
CA ARG A 133 22.38 -5.18 7.23
C ARG A 133 21.64 -5.34 8.57
N ILE A 134 22.30 -4.93 9.65
CA ILE A 134 21.69 -5.00 10.97
C ILE A 134 20.59 -3.97 11.08
N ALA A 135 20.82 -2.80 10.50
CA ALA A 135 19.82 -1.73 10.47
C ALA A 135 18.55 -2.21 9.78
N GLU A 136 18.73 -2.94 8.68
CA GLU A 136 17.62 -3.49 7.92
C GLU A 136 16.89 -4.57 8.73
N MET A 137 17.65 -5.36 9.48
CA MET A 137 17.06 -6.41 10.31
C MET A 137 16.23 -5.82 11.44
N GLY A 138 16.61 -4.66 11.92
CA GLY A 138 15.88 -4.00 12.97
C GLY A 138 14.66 -3.27 12.46
N ARG A 139 14.53 -3.17 11.15
CA ARG A 139 13.41 -2.46 10.55
C ARG A 139 12.14 -3.31 10.60
N PRO A 140 10.97 -2.67 10.76
CA PRO A 140 9.69 -3.36 10.71
C PRO A 140 9.39 -3.76 9.28
N ILE A 141 8.82 -4.92 9.10
CA ILE A 141 8.47 -5.37 7.78
C ILE A 141 7.03 -5.80 7.76
N LEU A 142 6.48 -5.89 6.59
CA LEU A 142 5.12 -6.31 6.41
C LEU A 142 5.15 -7.67 5.72
N GLY A 143 4.02 -8.08 5.15
CA GLY A 143 3.99 -9.32 4.43
C GLY A 143 4.89 -9.22 3.22
N GLU A 144 5.55 -10.29 2.89
CA GLU A 144 6.55 -10.25 1.84
C GLU A 144 5.90 -10.10 0.47
N HIS A 145 4.79 -10.76 0.27
CA HIS A 145 4.14 -10.69 -1.02
C HIS A 145 2.71 -10.26 -0.85
N THR A 146 2.43 -9.04 -1.24
CA THR A 146 1.13 -8.48 -1.16
C THR A 146 0.94 -7.43 -2.29
N LYS A 147 0.04 -7.73 -3.19
CA LYS A 147 -0.23 -6.88 -4.31
C LYS A 147 -1.69 -6.99 -4.66
N LEU A 148 -2.35 -5.89 -4.76
CA LEU A 148 -3.74 -5.88 -5.10
C LEU A 148 -3.92 -5.41 -6.52
N GLU A 149 -4.34 -6.28 -7.36
CA GLU A 149 -4.62 -5.93 -8.73
C GLU A 149 -6.04 -5.50 -8.86
N VAL A 150 -6.19 -4.26 -9.16
CA VAL A 150 -7.46 -3.61 -9.25
C VAL A 150 -7.85 -3.52 -10.69
N ILE A 151 -8.89 -4.19 -11.02
CA ILE A 151 -9.37 -4.28 -12.35
C ILE A 151 -10.69 -3.56 -12.46
N ILE A 152 -10.77 -2.66 -13.40
CA ILE A 152 -11.92 -1.82 -13.59
C ILE A 152 -12.73 -2.21 -14.82
N GLU A 153 -13.93 -2.71 -14.54
CA GLU A 153 -14.88 -3.21 -15.52
C GLU A 153 -16.13 -3.58 -14.71
N GLU A 154 -17.33 -3.43 -15.26
CA GLU A 154 -18.52 -3.82 -14.51
C GLU A 154 -18.58 -5.31 -14.30
N SER A 155 -18.57 -5.69 -13.06
CA SER A 155 -18.58 -7.04 -12.67
C SER A 155 -20.01 -7.57 -12.58
N TYR A 156 -20.50 -8.13 -13.66
CA TYR A 156 -21.80 -8.75 -13.65
C TYR A 156 -21.64 -10.25 -13.71
N GLU A 157 -20.51 -10.65 -14.24
CA GLU A 157 -20.11 -12.02 -14.26
C GLU A 157 -19.44 -12.32 -12.93
N PHE A 158 -19.07 -13.53 -12.67
CA PHE A 158 -18.50 -13.85 -11.39
C PHE A 158 -17.05 -14.29 -11.52
N LYS A 159 -16.13 -13.34 -11.46
CA LYS A 159 -14.73 -13.67 -11.51
C LYS A 159 -14.22 -13.98 -10.11
N SER A 160 -14.43 -15.17 -9.69
CA SER A 160 -13.96 -15.65 -8.42
C SER A 160 -13.81 -17.15 -8.52
N THR A 161 -13.14 -17.74 -7.58
CA THR A 161 -12.92 -19.15 -7.57
C THR A 161 -14.24 -19.88 -7.23
N VAL A 162 -14.62 -20.78 -8.09
CA VAL A 162 -15.81 -21.55 -7.91
C VAL A 162 -15.47 -23.04 -8.12
N ASP A 163 -16.14 -23.92 -7.42
CA ASP A 163 -15.87 -25.34 -7.53
C ASP A 163 -16.85 -26.00 -8.50
N HIS A 8 9.18 -8.79 11.15
CA HIS A 8 8.66 -10.07 11.61
C HIS A 8 7.44 -9.83 12.49
N ALA A 9 7.55 -8.82 13.33
CA ALA A 9 6.49 -8.42 14.21
C ALA A 9 5.92 -7.11 13.69
N GLY A 10 4.68 -7.14 13.27
CA GLY A 10 4.07 -5.98 12.65
C GLY A 10 4.11 -6.15 11.15
N ILE A 11 3.10 -6.78 10.61
CA ILE A 11 3.04 -7.13 9.21
C ILE A 11 1.74 -6.63 8.60
N PHE A 12 1.84 -5.84 7.56
CA PHE A 12 0.69 -5.26 6.90
C PHE A 12 0.41 -5.96 5.57
N THR A 13 -0.84 -6.24 5.29
CA THR A 13 -1.23 -6.92 4.08
C THR A 13 -2.63 -6.45 3.63
N PHE A 14 -2.91 -6.60 2.36
CA PHE A 14 -4.24 -6.34 1.83
C PHE A 14 -5.12 -7.52 2.18
N GLU A 15 -6.42 -7.38 1.99
CA GLU A 15 -7.34 -8.46 2.31
C GLU A 15 -7.22 -9.53 1.24
N GLU A 16 -7.23 -9.09 0.00
CA GLU A 16 -7.25 -9.96 -1.15
C GLU A 16 -6.04 -9.64 -2.05
N PRO A 17 -5.70 -10.55 -3.01
CA PRO A 17 -4.64 -10.28 -3.99
C PRO A 17 -5.20 -9.62 -5.27
N VAL A 18 -6.49 -9.75 -5.47
CA VAL A 18 -7.16 -9.21 -6.63
C VAL A 18 -8.47 -8.63 -6.18
N THR A 19 -8.76 -7.45 -6.63
CA THR A 19 -10.00 -6.83 -6.31
C THR A 19 -10.61 -6.29 -7.59
N HIS A 20 -11.83 -6.66 -7.81
CA HIS A 20 -12.56 -6.26 -8.98
C HIS A 20 -13.45 -5.13 -8.62
N VAL A 21 -13.34 -4.05 -9.32
CA VAL A 21 -14.17 -2.91 -9.09
C VAL A 21 -14.68 -2.36 -10.40
N SER A 22 -15.70 -1.58 -10.32
CA SER A 22 -16.26 -0.99 -11.47
C SER A 22 -15.46 0.22 -11.89
N GLU A 23 -15.57 0.58 -13.13
CA GLU A 23 -14.99 1.81 -13.63
C GLU A 23 -15.90 2.97 -13.19
N SER A 24 -17.14 2.60 -12.95
CA SER A 24 -18.18 3.49 -12.55
C SER A 24 -18.35 3.51 -11.01
N ILE A 25 -17.34 3.05 -10.29
CA ILE A 25 -17.45 2.99 -8.84
C ILE A 25 -17.16 4.35 -8.19
N GLY A 26 -16.29 5.12 -8.82
CA GLY A 26 -15.92 6.39 -8.25
C GLY A 26 -14.71 6.25 -7.37
N ILE A 27 -14.90 5.71 -6.18
CA ILE A 27 -13.82 5.53 -5.22
C ILE A 27 -13.81 4.08 -4.79
N MET A 28 -12.68 3.44 -4.93
CA MET A 28 -12.56 2.08 -4.45
C MET A 28 -11.92 2.11 -3.07
N GLU A 29 -12.29 1.18 -2.23
CA GLU A 29 -11.91 1.16 -0.83
C GLU A 29 -11.10 -0.08 -0.47
N VAL A 30 -9.86 0.13 -0.10
CA VAL A 30 -8.99 -0.95 0.35
C VAL A 30 -8.72 -0.86 1.83
N LYS A 31 -9.00 -1.90 2.55
CA LYS A 31 -8.67 -1.96 3.94
C LYS A 31 -7.35 -2.68 4.09
N VAL A 32 -6.43 -2.07 4.79
CA VAL A 32 -5.15 -2.70 5.00
C VAL A 32 -5.18 -3.42 6.34
N LEU A 33 -5.00 -4.69 6.28
CA LEU A 33 -5.06 -5.53 7.44
C LEU A 33 -3.67 -5.70 8.00
N ARG A 34 -3.59 -5.84 9.26
CA ARG A 34 -2.36 -6.13 9.89
C ARG A 34 -2.47 -7.57 10.28
N THR A 35 -1.85 -8.43 9.54
CA THR A 35 -1.96 -9.84 9.86
C THR A 35 -1.27 -10.15 11.20
N SER A 36 -0.07 -9.63 11.38
CA SER A 36 0.67 -9.75 12.61
C SER A 36 0.08 -8.84 13.69
N GLY A 37 -0.20 -7.61 13.29
CA GLY A 37 -0.73 -6.63 14.19
C GLY A 37 0.00 -5.32 14.01
N ALA A 38 -0.21 -4.39 14.91
CA ALA A 38 0.41 -3.07 14.85
C ALA A 38 0.46 -2.50 16.24
N ARG A 39 1.56 -1.90 16.59
CA ARG A 39 1.80 -1.37 17.90
C ARG A 39 2.85 -0.26 17.80
N GLY A 40 2.40 0.97 17.88
CA GLY A 40 3.31 2.09 17.85
C GLY A 40 2.78 3.19 16.98
N ASN A 41 3.60 3.69 16.11
CA ASN A 41 3.17 4.65 15.10
C ASN A 41 3.81 4.25 13.81
N VAL A 42 3.06 3.65 12.94
CA VAL A 42 3.64 3.15 11.72
C VAL A 42 2.96 3.77 10.50
N ILE A 43 3.74 4.40 9.70
CA ILE A 43 3.27 4.95 8.43
C ILE A 43 3.41 3.87 7.39
N VAL A 44 2.32 3.51 6.79
CA VAL A 44 2.30 2.45 5.82
C VAL A 44 2.05 3.04 4.44
N PRO A 45 3.07 3.14 3.60
CA PRO A 45 2.90 3.62 2.29
C PRO A 45 2.47 2.52 1.33
N TYR A 46 1.97 2.92 0.22
CA TYR A 46 1.53 2.03 -0.80
C TYR A 46 1.75 2.74 -2.09
N LYS A 47 1.71 2.06 -3.18
CA LYS A 47 1.86 2.70 -4.45
C LYS A 47 1.11 1.96 -5.53
N THR A 48 0.37 2.71 -6.30
CA THR A 48 -0.37 2.18 -7.39
C THR A 48 0.53 2.02 -8.61
N ILE A 49 0.63 0.82 -9.08
CA ILE A 49 1.45 0.47 -10.21
C ILE A 49 0.57 0.59 -11.45
N GLU A 50 0.91 1.50 -12.31
CA GLU A 50 0.17 1.77 -13.50
C GLU A 50 0.35 0.64 -14.52
N GLY A 51 -0.71 -0.12 -14.73
CA GLY A 51 -0.64 -1.23 -15.64
C GLY A 51 -1.21 -0.86 -16.99
N THR A 52 -2.38 -1.37 -17.29
CA THR A 52 -3.06 -1.02 -18.50
C THR A 52 -3.87 0.26 -18.30
N ALA A 53 -4.14 0.55 -17.05
CA ALA A 53 -4.81 1.77 -16.68
C ALA A 53 -3.76 2.81 -16.36
N ARG A 54 -3.92 4.00 -16.86
CA ARG A 54 -2.93 5.04 -16.68
C ARG A 54 -3.23 5.89 -15.44
N GLY A 55 -2.19 6.21 -14.69
CA GLY A 55 -2.34 7.06 -13.53
C GLY A 55 -2.38 8.52 -13.93
N GLY A 56 -2.07 9.39 -12.99
CA GLY A 56 -2.14 10.82 -13.25
C GLY A 56 -3.56 11.30 -13.31
N GLY A 57 -4.45 10.49 -12.79
CA GLY A 57 -5.84 10.82 -12.80
C GLY A 57 -6.42 10.68 -14.18
N GLU A 58 -5.90 9.73 -14.93
CA GLU A 58 -6.36 9.49 -16.27
C GLU A 58 -7.47 8.46 -16.23
N ASP A 59 -7.10 7.21 -15.95
CA ASP A 59 -8.08 6.14 -15.77
C ASP A 59 -8.34 6.01 -14.29
N PHE A 60 -7.33 6.31 -13.51
CA PHE A 60 -7.43 6.31 -12.07
C PHE A 60 -6.51 7.37 -11.51
N GLU A 61 -6.88 7.92 -10.38
CA GLU A 61 -6.10 8.93 -9.71
C GLU A 61 -5.11 8.17 -8.82
N ASP A 62 -3.86 8.13 -9.23
CA ASP A 62 -2.85 7.32 -8.57
C ASP A 62 -2.39 7.96 -7.28
N THR A 63 -2.31 7.16 -6.28
CA THR A 63 -2.03 7.62 -4.96
C THR A 63 -0.94 6.76 -4.31
N CYS A 64 -0.17 7.37 -3.45
CA CYS A 64 0.92 6.71 -2.77
C CYS A 64 1.13 7.32 -1.36
N GLY A 65 0.83 6.55 -0.34
CA GLY A 65 1.03 6.99 1.02
C GLY A 65 -0.24 7.44 1.68
N GLU A 66 -0.11 8.16 2.78
CA GLU A 66 -1.21 8.75 3.58
C GLU A 66 -1.82 7.78 4.60
N LEU A 67 -1.20 6.64 4.83
CA LEU A 67 -1.74 5.72 5.81
C LEU A 67 -0.90 5.71 7.06
N GLU A 68 -1.56 5.80 8.18
CA GLU A 68 -0.90 5.76 9.46
C GLU A 68 -1.63 4.78 10.35
N PHE A 69 -0.96 3.74 10.70
CA PHE A 69 -1.48 2.74 11.59
C PHE A 69 -0.71 2.80 12.87
N GLN A 70 -1.33 3.34 13.88
CA GLN A 70 -0.67 3.40 15.15
C GLN A 70 -0.86 2.07 15.86
N ASN A 71 -2.07 1.82 16.24
CA ASN A 71 -2.43 0.59 16.86
C ASN A 71 -3.19 -0.26 15.87
N ASP A 72 -3.25 -1.54 16.13
CA ASP A 72 -4.00 -2.48 15.28
C ASP A 72 -5.51 -2.24 15.34
N GLU A 73 -5.96 -1.60 16.42
CA GLU A 73 -7.39 -1.34 16.67
C GLU A 73 -8.03 -0.39 15.64
N ILE A 74 -7.25 0.19 14.77
CA ILE A 74 -7.77 1.08 13.77
C ILE A 74 -7.55 0.46 12.40
N VAL A 75 -8.25 0.95 11.43
CA VAL A 75 -8.07 0.49 10.09
C VAL A 75 -7.94 1.70 9.20
N LYS A 76 -7.22 1.55 8.14
CA LYS A 76 -7.12 2.59 7.17
C LYS A 76 -7.61 2.11 5.85
N ILE A 77 -8.03 3.02 5.03
CA ILE A 77 -8.58 2.69 3.76
C ILE A 77 -7.83 3.44 2.68
N ILE A 78 -7.51 2.75 1.64
CA ILE A 78 -6.92 3.35 0.48
C ILE A 78 -8.05 3.70 -0.45
N THR A 79 -8.17 4.94 -0.76
CA THR A 79 -9.21 5.41 -1.61
C THR A 79 -8.63 5.84 -2.94
N ILE A 80 -8.96 5.12 -3.96
CA ILE A 80 -8.47 5.44 -5.28
C ILE A 80 -9.63 5.89 -6.13
N ARG A 81 -9.48 7.03 -6.76
CA ARG A 81 -10.50 7.57 -7.62
C ARG A 81 -10.37 6.97 -8.99
N ILE A 82 -11.43 6.43 -9.49
CA ILE A 82 -11.45 5.81 -10.78
C ILE A 82 -12.18 6.73 -11.74
N PHE A 83 -11.73 6.82 -12.95
CA PHE A 83 -12.34 7.69 -13.93
C PHE A 83 -12.75 6.88 -15.14
N ASP A 84 -14.03 6.79 -15.35
CA ASP A 84 -14.56 6.07 -16.50
C ASP A 84 -14.55 7.01 -17.71
N ARG A 85 -14.05 8.22 -17.50
CA ARG A 85 -14.04 9.26 -18.51
C ARG A 85 -13.28 8.81 -19.77
N GLU A 86 -12.19 8.09 -19.58
CA GLU A 86 -11.33 7.72 -20.69
C GLU A 86 -11.64 6.36 -21.23
N GLU A 87 -12.48 5.60 -20.58
CA GLU A 87 -12.69 4.25 -21.03
C GLU A 87 -14.16 3.91 -21.11
N TYR A 88 -14.47 3.05 -22.02
CA TYR A 88 -15.81 2.54 -22.14
C TYR A 88 -15.87 1.14 -21.58
N GLU A 89 -15.07 0.27 -22.13
CA GLU A 89 -14.87 -1.06 -21.58
C GLU A 89 -13.60 -1.63 -22.20
N LYS A 90 -12.78 -2.20 -21.38
CA LYS A 90 -11.49 -2.74 -21.75
C LYS A 90 -10.94 -3.37 -20.49
N GLU A 91 -10.04 -4.32 -20.60
CA GLU A 91 -9.52 -4.93 -19.40
C GLU A 91 -8.41 -4.08 -18.82
N CYS A 92 -8.80 -3.01 -18.18
CA CYS A 92 -7.88 -2.10 -17.58
C CYS A 92 -7.65 -2.48 -16.15
N SER A 93 -6.43 -2.71 -15.80
CA SER A 93 -6.08 -3.07 -14.48
C SER A 93 -4.81 -2.35 -14.05
N PHE A 94 -4.68 -2.16 -12.79
CA PHE A 94 -3.48 -1.63 -12.21
C PHE A 94 -3.21 -2.37 -10.93
N SER A 95 -2.03 -2.33 -10.45
CA SER A 95 -1.73 -3.04 -9.24
C SER A 95 -1.48 -2.05 -8.13
N LEU A 96 -1.62 -2.49 -6.94
CA LEU A 96 -1.36 -1.68 -5.79
C LEU A 96 -0.57 -2.50 -4.83
N VAL A 97 0.59 -2.02 -4.48
CA VAL A 97 1.43 -2.72 -3.54
C VAL A 97 1.71 -1.84 -2.36
N LEU A 98 2.03 -2.44 -1.27
CA LEU A 98 2.38 -1.73 -0.08
C LEU A 98 3.88 -1.54 -0.08
N GLU A 99 4.34 -0.44 0.46
CA GLU A 99 5.74 -0.15 0.51
C GLU A 99 6.18 -0.33 1.95
N GLU A 100 7.46 -0.19 2.21
CA GLU A 100 8.00 -0.40 3.53
C GLU A 100 7.43 0.57 4.58
N PRO A 101 6.72 0.03 5.57
CA PRO A 101 6.15 0.82 6.59
C PRO A 101 7.22 1.30 7.55
N LYS A 102 7.09 2.50 7.98
CA LYS A 102 8.08 3.08 8.84
C LYS A 102 7.49 3.40 10.18
N TRP A 103 8.18 2.95 11.20
CA TRP A 103 7.76 3.13 12.55
C TRP A 103 8.39 4.40 13.08
N ILE A 104 7.57 5.33 13.42
CA ILE A 104 8.00 6.57 13.98
C ILE A 104 7.95 6.41 15.49
N ARG A 105 9.03 6.84 16.16
CA ARG A 105 9.17 6.69 17.63
C ARG A 105 9.39 5.21 17.95
N ARG A 106 10.41 4.63 17.32
CA ARG A 106 10.72 3.21 17.52
C ARG A 106 11.92 3.03 18.44
N GLY A 107 12.12 4.00 19.27
CA GLY A 107 13.21 3.98 20.20
C GLY A 107 13.46 5.36 20.71
N MET A 108 13.34 6.30 19.82
CA MET A 108 13.55 7.69 20.12
C MET A 108 12.73 8.52 19.15
N LYS A 109 12.26 9.66 19.61
CA LYS A 109 11.60 10.60 18.73
C LYS A 109 12.73 11.28 17.97
N GLY A 110 12.94 10.84 16.78
CA GLY A 110 14.01 11.32 15.99
C GLY A 110 14.61 10.17 15.25
N GLY A 111 15.92 10.14 15.18
CA GLY A 111 16.57 9.11 14.42
C GLY A 111 16.65 9.55 13.00
N PHE A 112 17.21 10.72 12.82
CA PHE A 112 17.32 11.35 11.53
C PHE A 112 18.19 10.53 10.62
N THR A 113 17.56 9.90 9.69
CA THR A 113 18.20 9.02 8.78
C THR A 113 18.94 9.85 7.75
N ILE A 114 20.18 9.47 7.45
CA ILE A 114 21.01 10.19 6.51
C ILE A 114 20.33 10.19 5.17
N THR A 115 19.98 11.36 4.73
CA THR A 115 19.31 11.55 3.48
C THR A 115 17.86 11.01 3.51
N GLU A 116 16.99 11.83 4.05
CA GLU A 116 15.59 11.57 4.02
C GLU A 116 14.92 12.71 3.24
N GLU A 117 15.73 13.67 2.91
CA GLU A 117 15.39 14.79 2.10
C GLU A 117 16.39 14.71 0.97
N TYR A 118 15.96 14.95 -0.28
CA TYR A 118 16.80 14.73 -1.48
C TYR A 118 17.12 13.23 -1.55
N ASP A 119 16.20 12.47 -0.99
CA ASP A 119 16.28 11.05 -0.84
C ASP A 119 15.70 10.35 -2.04
N ASP A 120 16.27 9.22 -2.36
CA ASP A 120 15.79 8.41 -3.43
C ASP A 120 15.95 6.95 -3.05
N LYS A 121 15.69 6.60 -1.79
CA LYS A 121 15.74 5.19 -1.41
C LYS A 121 14.46 4.48 -1.80
N GLN A 122 14.32 4.37 -3.09
CA GLN A 122 13.22 3.73 -3.71
C GLN A 122 13.36 2.21 -3.62
N PRO A 123 14.53 1.61 -4.00
CA PRO A 123 14.71 0.22 -3.82
C PRO A 123 15.22 -0.07 -2.43
N LEU A 124 14.65 -1.05 -1.83
CA LEU A 124 15.09 -1.47 -0.52
C LEU A 124 16.16 -2.49 -0.73
N THR A 125 16.14 -3.04 -1.91
CA THR A 125 17.15 -3.91 -2.34
C THR A 125 18.21 -3.05 -3.03
N SER A 126 19.02 -2.40 -2.23
CA SER A 126 20.10 -1.60 -2.69
C SER A 126 21.08 -2.47 -3.49
N LYS A 127 21.48 -2.00 -4.65
CA LYS A 127 22.44 -2.72 -5.47
C LYS A 127 23.82 -2.66 -4.84
N GLU A 128 24.02 -1.64 -4.02
CA GLU A 128 25.21 -1.55 -3.23
C GLU A 128 24.95 -2.40 -1.98
N GLU A 129 25.97 -3.04 -1.46
CA GLU A 129 25.81 -3.83 -0.26
C GLU A 129 25.69 -2.90 0.94
N GLU A 130 24.48 -2.53 1.20
CA GLU A 130 24.14 -1.61 2.22
C GLU A 130 23.39 -2.34 3.33
N GLU A 131 23.86 -2.17 4.55
CA GLU A 131 23.31 -2.87 5.73
C GLU A 131 21.93 -2.40 6.11
N ARG A 132 21.48 -1.31 5.47
CA ARG A 132 20.11 -0.81 5.62
C ARG A 132 19.13 -1.92 5.39
N ARG A 133 19.44 -2.74 4.39
CA ARG A 133 18.58 -3.83 3.99
C ARG A 133 18.32 -4.75 5.14
N ILE A 134 19.38 -5.17 5.79
CA ILE A 134 19.29 -6.13 6.88
C ILE A 134 18.56 -5.52 8.08
N ALA A 135 18.71 -4.22 8.26
CA ALA A 135 18.02 -3.51 9.31
C ALA A 135 16.54 -3.42 8.97
N GLU A 136 16.25 -3.05 7.73
CA GLU A 136 14.90 -2.88 7.26
C GLU A 136 14.19 -4.22 6.94
N MET A 137 14.95 -5.30 6.99
CA MET A 137 14.38 -6.67 6.92
C MET A 137 13.66 -6.98 8.24
N GLY A 138 14.12 -6.33 9.31
CA GLY A 138 13.57 -6.55 10.62
C GLY A 138 12.97 -5.28 11.17
N ARG A 139 11.84 -4.93 10.64
CA ARG A 139 11.11 -3.73 11.02
C ARG A 139 9.64 -4.09 10.82
N PRO A 140 8.65 -3.17 11.00
CA PRO A 140 7.31 -3.44 10.54
C PRO A 140 7.37 -3.68 9.05
N ILE A 141 6.85 -4.77 8.60
CA ILE A 141 7.00 -5.17 7.23
C ILE A 141 5.67 -5.49 6.61
N LEU A 142 5.71 -5.91 5.38
CA LEU A 142 4.53 -6.28 4.68
C LEU A 142 4.44 -7.77 4.69
N GLY A 143 3.35 -8.29 4.17
CA GLY A 143 3.16 -9.72 4.12
C GLY A 143 4.08 -10.39 3.11
N GLU A 144 3.95 -11.70 3.01
CA GLU A 144 4.73 -12.50 2.07
C GLU A 144 4.56 -11.92 0.68
N HIS A 145 3.35 -11.90 0.22
CA HIS A 145 3.02 -11.30 -1.03
C HIS A 145 1.76 -10.51 -0.82
N THR A 146 1.84 -9.23 -0.94
CA THR A 146 0.67 -8.45 -0.80
C THR A 146 0.60 -7.42 -1.93
N LYS A 147 -0.32 -7.66 -2.81
CA LYS A 147 -0.55 -6.81 -3.94
C LYS A 147 -2.00 -6.88 -4.29
N LEU A 148 -2.58 -5.77 -4.60
CA LEU A 148 -3.91 -5.77 -5.11
C LEU A 148 -3.86 -5.52 -6.56
N GLU A 149 -4.30 -6.46 -7.31
CA GLU A 149 -4.50 -6.20 -8.67
C GLU A 149 -5.91 -5.75 -8.81
N VAL A 150 -6.05 -4.52 -9.18
CA VAL A 150 -7.31 -3.86 -9.23
C VAL A 150 -7.74 -3.74 -10.66
N ILE A 151 -8.82 -4.36 -10.94
CA ILE A 151 -9.37 -4.37 -12.25
C ILE A 151 -10.55 -3.44 -12.29
N ILE A 152 -10.54 -2.53 -13.23
CA ILE A 152 -11.62 -1.61 -13.41
C ILE A 152 -12.35 -1.87 -14.70
N GLU A 153 -13.34 -2.73 -14.61
CA GLU A 153 -14.11 -3.18 -15.74
C GLU A 153 -15.30 -3.99 -15.27
N GLU A 154 -16.45 -3.32 -15.16
CA GLU A 154 -17.72 -3.96 -14.84
C GLU A 154 -18.81 -2.92 -14.56
N SER A 155 -19.57 -2.60 -15.56
CA SER A 155 -20.73 -1.80 -15.37
C SER A 155 -21.90 -2.75 -15.19
N TYR A 156 -22.41 -2.82 -13.99
CA TYR A 156 -23.45 -3.79 -13.67
C TYR A 156 -24.42 -3.17 -12.71
N GLU A 157 -25.52 -3.84 -12.50
CA GLU A 157 -26.46 -3.42 -11.53
C GLU A 157 -26.78 -4.56 -10.62
N PHE A 158 -26.53 -4.34 -9.38
CA PHE A 158 -26.87 -5.27 -8.35
C PHE A 158 -27.85 -4.57 -7.46
N LYS A 159 -29.06 -5.05 -7.41
CA LYS A 159 -30.06 -4.43 -6.58
C LYS A 159 -29.91 -4.90 -5.15
N SER A 160 -29.07 -4.23 -4.43
CA SER A 160 -28.85 -4.53 -3.06
C SER A 160 -30.07 -4.13 -2.26
N THR A 161 -30.54 -5.05 -1.48
CA THR A 161 -31.72 -4.86 -0.71
C THR A 161 -31.49 -3.84 0.40
N VAL A 162 -32.12 -2.70 0.24
CA VAL A 162 -32.05 -1.61 1.18
C VAL A 162 -33.45 -1.15 1.50
N ASP A 163 -33.59 -0.43 2.58
CA ASP A 163 -34.90 0.12 2.99
C ASP A 163 -34.68 1.29 3.91
N HIS A 8 3.18 -8.27 17.42
CA HIS A 8 2.62 -6.92 17.23
C HIS A 8 3.56 -6.09 16.38
N ALA A 9 4.57 -6.74 15.83
CA ALA A 9 5.58 -6.10 14.98
C ALA A 9 4.93 -5.46 13.77
N GLY A 10 3.91 -6.11 13.27
CA GLY A 10 3.18 -5.56 12.18
C GLY A 10 3.46 -6.24 10.87
N ILE A 11 2.44 -6.87 10.34
CA ILE A 11 2.46 -7.43 8.99
C ILE A 11 1.24 -6.89 8.31
N PHE A 12 1.45 -6.08 7.32
CA PHE A 12 0.37 -5.45 6.63
C PHE A 12 0.07 -6.16 5.32
N THR A 13 -1.18 -6.33 5.04
CA THR A 13 -1.61 -6.98 3.83
C THR A 13 -2.92 -6.40 3.34
N PHE A 14 -3.13 -6.48 2.06
CA PHE A 14 -4.40 -6.14 1.47
C PHE A 14 -5.42 -7.21 1.84
N GLU A 15 -6.69 -6.85 1.77
CA GLU A 15 -7.78 -7.78 2.05
C GLU A 15 -7.76 -8.95 1.06
N GLU A 16 -7.64 -8.61 -0.20
CA GLU A 16 -7.60 -9.56 -1.29
C GLU A 16 -6.46 -9.17 -2.22
N PRO A 17 -5.88 -10.12 -2.96
CA PRO A 17 -4.76 -9.82 -3.88
C PRO A 17 -5.24 -9.24 -5.23
N VAL A 18 -6.50 -9.45 -5.52
CA VAL A 18 -7.10 -8.99 -6.75
C VAL A 18 -8.48 -8.45 -6.42
N THR A 19 -8.83 -7.32 -6.99
CA THR A 19 -10.12 -6.76 -6.79
C THR A 19 -10.71 -6.32 -8.13
N HIS A 20 -11.89 -6.77 -8.40
CA HIS A 20 -12.58 -6.34 -9.57
C HIS A 20 -13.53 -5.22 -9.22
N VAL A 21 -13.29 -4.09 -9.78
CA VAL A 21 -14.10 -2.96 -9.51
C VAL A 21 -14.75 -2.48 -10.79
N SER A 22 -15.58 -1.52 -10.66
CA SER A 22 -16.32 -1.03 -11.75
C SER A 22 -15.68 0.21 -12.31
N GLU A 23 -15.86 0.44 -13.57
CA GLU A 23 -15.37 1.65 -14.22
C GLU A 23 -16.18 2.84 -13.65
N SER A 24 -17.39 2.53 -13.25
CA SER A 24 -18.35 3.50 -12.79
C SER A 24 -18.47 3.50 -11.23
N ILE A 25 -17.46 2.99 -10.52
CA ILE A 25 -17.58 2.84 -9.06
C ILE A 25 -17.37 4.18 -8.31
N GLY A 26 -16.59 5.05 -8.89
CA GLY A 26 -16.30 6.30 -8.23
C GLY A 26 -15.07 6.18 -7.37
N ILE A 27 -15.21 5.54 -6.23
CA ILE A 27 -14.13 5.36 -5.28
C ILE A 27 -14.13 3.92 -4.85
N MET A 28 -12.98 3.40 -4.63
CA MET A 28 -12.83 2.06 -4.14
C MET A 28 -12.13 2.09 -2.78
N GLU A 29 -12.73 1.44 -1.81
CA GLU A 29 -12.21 1.36 -0.46
C GLU A 29 -11.50 0.03 -0.24
N VAL A 30 -10.24 0.09 0.08
CA VAL A 30 -9.46 -1.12 0.37
C VAL A 30 -8.80 -0.99 1.72
N LYS A 31 -8.92 -1.99 2.55
CA LYS A 31 -8.29 -1.95 3.84
C LYS A 31 -6.96 -2.65 3.84
N VAL A 32 -6.11 -2.17 4.69
CA VAL A 32 -4.84 -2.78 4.94
C VAL A 32 -4.94 -3.45 6.31
N LEU A 33 -4.88 -4.74 6.29
CA LEU A 33 -5.07 -5.55 7.47
C LEU A 33 -3.73 -5.80 8.14
N ARG A 34 -3.76 -6.16 9.41
CA ARG A 34 -2.54 -6.38 10.16
C ARG A 34 -2.57 -7.79 10.71
N THR A 35 -1.80 -8.68 10.11
CA THR A 35 -1.72 -10.05 10.56
C THR A 35 -1.09 -10.11 11.97
N SER A 36 0.07 -9.50 12.09
CA SER A 36 0.81 -9.44 13.33
C SER A 36 0.14 -8.48 14.33
N GLY A 37 -0.11 -7.26 13.90
CA GLY A 37 -0.70 -6.27 14.76
C GLY A 37 -0.12 -4.92 14.46
N ALA A 38 -0.18 -4.02 15.42
CA ALA A 38 0.34 -2.67 15.28
C ALA A 38 0.41 -2.03 16.65
N ARG A 39 1.49 -1.34 16.91
CA ARG A 39 1.68 -0.57 18.13
C ARG A 39 2.53 0.63 17.84
N GLY A 40 2.29 1.70 18.55
CA GLY A 40 3.14 2.86 18.44
C GLY A 40 2.71 3.75 17.31
N ASN A 41 3.61 4.04 16.42
CA ASN A 41 3.30 4.83 15.24
C ASN A 41 3.96 4.21 14.04
N VAL A 42 3.21 3.54 13.23
CA VAL A 42 3.78 2.89 12.08
C VAL A 42 3.21 3.47 10.79
N ILE A 43 4.07 3.90 9.92
CA ILE A 43 3.70 4.43 8.64
C ILE A 43 3.82 3.34 7.59
N VAL A 44 2.70 3.03 6.97
CA VAL A 44 2.64 2.04 5.92
C VAL A 44 2.46 2.76 4.60
N PRO A 45 3.52 2.87 3.81
CA PRO A 45 3.44 3.49 2.51
C PRO A 45 2.79 2.57 1.47
N TYR A 46 2.09 3.15 0.55
CA TYR A 46 1.47 2.43 -0.54
C TYR A 46 1.68 3.23 -1.80
N LYS A 47 1.59 2.57 -2.93
CA LYS A 47 1.77 3.24 -4.19
C LYS A 47 1.06 2.51 -5.29
N THR A 48 0.38 3.27 -6.10
CA THR A 48 -0.35 2.77 -7.21
C THR A 48 0.59 2.46 -8.38
N ILE A 49 0.44 1.30 -8.93
CA ILE A 49 1.27 0.82 -10.01
C ILE A 49 0.54 1.01 -11.31
N GLU A 50 1.12 1.78 -12.18
CA GLU A 50 0.56 2.05 -13.47
C GLU A 50 0.72 0.83 -14.36
N GLY A 51 -0.37 0.12 -14.57
CA GLY A 51 -0.36 -1.05 -15.41
C GLY A 51 -0.64 -0.67 -16.84
N THR A 52 -1.67 -1.23 -17.42
CA THR A 52 -2.06 -0.91 -18.78
C THR A 52 -2.98 0.32 -18.75
N ALA A 53 -3.32 0.73 -17.55
CA ALA A 53 -4.15 1.87 -17.30
C ALA A 53 -3.27 3.10 -17.25
N ARG A 54 -3.76 4.22 -17.74
CA ARG A 54 -3.00 5.43 -17.68
C ARG A 54 -3.13 5.98 -16.29
N GLY A 55 -2.11 6.60 -15.86
CA GLY A 55 -2.04 7.01 -14.49
C GLY A 55 -2.16 8.49 -14.27
N GLY A 56 -2.73 8.86 -13.15
CA GLY A 56 -2.80 10.26 -12.80
C GLY A 56 -4.03 10.94 -13.32
N GLY A 57 -5.17 10.35 -13.13
CA GLY A 57 -6.40 11.01 -13.48
C GLY A 57 -7.03 10.53 -14.76
N GLU A 58 -6.49 9.48 -15.34
CA GLU A 58 -7.03 8.97 -16.58
C GLU A 58 -8.00 7.82 -16.32
N ASP A 59 -7.46 6.61 -16.18
CA ASP A 59 -8.28 5.45 -15.80
C ASP A 59 -8.49 5.52 -14.31
N PHE A 60 -7.41 5.82 -13.64
CA PHE A 60 -7.42 5.94 -12.21
C PHE A 60 -6.61 7.16 -11.83
N GLU A 61 -6.88 7.67 -10.67
CA GLU A 61 -6.12 8.76 -10.16
C GLU A 61 -5.00 8.16 -9.32
N ASP A 62 -3.84 8.74 -9.39
CA ASP A 62 -2.68 8.17 -8.72
C ASP A 62 -2.65 8.58 -7.28
N THR A 63 -3.05 7.68 -6.44
CA THR A 63 -3.02 7.93 -5.05
C THR A 63 -1.97 7.04 -4.41
N CYS A 64 -0.88 7.64 -4.08
CA CYS A 64 0.21 6.99 -3.46
C CYS A 64 0.53 7.78 -2.22
N GLY A 65 0.84 7.14 -1.15
CA GLY A 65 1.08 7.87 0.05
C GLY A 65 1.36 7.01 1.22
N GLU A 66 1.02 7.51 2.36
CA GLU A 66 1.35 6.95 3.62
C GLU A 66 0.12 6.76 4.50
N LEU A 67 -0.07 5.56 4.97
CA LEU A 67 -1.11 5.26 5.91
C LEU A 67 -0.50 5.18 7.27
N GLU A 68 -1.12 5.76 8.22
CA GLU A 68 -0.60 5.76 9.55
C GLU A 68 -1.36 4.78 10.43
N PHE A 69 -0.71 3.73 10.78
CA PHE A 69 -1.25 2.76 11.68
C PHE A 69 -0.57 2.92 13.00
N GLN A 70 -1.24 3.55 13.92
CA GLN A 70 -0.67 3.70 15.22
C GLN A 70 -0.85 2.44 16.03
N ASN A 71 -2.01 2.24 16.57
CA ASN A 71 -2.27 1.03 17.28
C ASN A 71 -3.14 0.12 16.42
N ASP A 72 -3.11 -1.16 16.71
CA ASP A 72 -3.87 -2.23 15.98
C ASP A 72 -5.40 -2.04 16.07
N GLU A 73 -5.83 -1.14 16.93
CA GLU A 73 -7.24 -0.83 17.14
C GLU A 73 -7.88 -0.15 15.89
N ILE A 74 -7.07 0.25 14.94
CA ILE A 74 -7.56 0.92 13.76
C ILE A 74 -7.24 0.13 12.53
N VAL A 75 -7.98 0.39 11.50
CA VAL A 75 -7.74 -0.16 10.21
C VAL A 75 -7.79 1.01 9.26
N LYS A 76 -6.96 1.01 8.26
CA LYS A 76 -6.99 2.08 7.32
C LYS A 76 -7.49 1.68 6.00
N ILE A 77 -7.98 2.64 5.30
CA ILE A 77 -8.60 2.43 4.04
C ILE A 77 -7.93 3.29 2.98
N ILE A 78 -7.69 2.70 1.87
CA ILE A 78 -7.16 3.39 0.72
C ILE A 78 -8.33 3.71 -0.17
N THR A 79 -8.44 4.94 -0.57
CA THR A 79 -9.52 5.36 -1.44
C THR A 79 -8.98 5.88 -2.76
N ILE A 80 -9.26 5.14 -3.81
CA ILE A 80 -8.76 5.50 -5.13
C ILE A 80 -9.88 6.05 -5.98
N ARG A 81 -9.60 7.13 -6.68
CA ARG A 81 -10.54 7.70 -7.63
C ARG A 81 -10.48 6.91 -8.92
N ILE A 82 -11.54 6.21 -9.19
CA ILE A 82 -11.67 5.40 -10.37
C ILE A 82 -12.48 6.14 -11.39
N PHE A 83 -12.00 6.21 -12.59
CA PHE A 83 -12.67 6.91 -13.61
C PHE A 83 -13.14 5.93 -14.68
N ASP A 84 -14.17 6.31 -15.38
CA ASP A 84 -14.78 5.45 -16.39
C ASP A 84 -14.16 5.71 -17.77
N ARG A 85 -13.04 6.40 -17.77
CA ARG A 85 -12.38 6.78 -18.99
C ARG A 85 -11.23 5.83 -19.30
N GLU A 86 -11.48 4.90 -20.19
CA GLU A 86 -10.47 3.94 -20.61
C GLU A 86 -10.12 4.27 -22.08
N GLU A 87 -8.88 4.07 -22.46
CA GLU A 87 -8.38 4.57 -23.74
C GLU A 87 -8.91 3.81 -24.96
N TYR A 88 -9.05 2.51 -24.89
CA TYR A 88 -9.49 1.76 -26.06
C TYR A 88 -10.76 0.98 -25.75
N GLU A 89 -10.59 -0.27 -25.43
CA GLU A 89 -11.62 -1.16 -25.00
C GLU A 89 -10.94 -2.36 -24.38
N LYS A 90 -10.57 -2.19 -23.17
CA LYS A 90 -9.86 -3.21 -22.45
C LYS A 90 -10.50 -3.37 -21.09
N GLU A 91 -10.45 -4.56 -20.58
CA GLU A 91 -10.77 -4.79 -19.20
C GLU A 91 -9.52 -4.44 -18.40
N CYS A 92 -9.35 -3.15 -18.31
CA CYS A 92 -8.18 -2.47 -17.85
C CYS A 92 -7.85 -2.79 -16.40
N SER A 93 -6.58 -2.93 -16.12
CA SER A 93 -6.15 -3.23 -14.80
C SER A 93 -4.85 -2.50 -14.45
N PHE A 94 -4.72 -2.17 -13.20
CA PHE A 94 -3.52 -1.60 -12.63
C PHE A 94 -3.28 -2.28 -11.30
N SER A 95 -2.25 -1.94 -10.60
CA SER A 95 -2.01 -2.60 -9.34
C SER A 95 -1.74 -1.57 -8.25
N LEU A 96 -1.75 -2.02 -7.05
CA LEU A 96 -1.45 -1.22 -5.90
C LEU A 96 -0.68 -2.09 -4.95
N VAL A 97 0.40 -1.58 -4.44
CA VAL A 97 1.23 -2.33 -3.52
C VAL A 97 1.51 -1.53 -2.28
N LEU A 98 1.87 -2.21 -1.24
CA LEU A 98 2.26 -1.62 -0.02
C LEU A 98 3.78 -1.68 0.02
N GLU A 99 4.40 -0.72 0.61
CA GLU A 99 5.82 -0.68 0.71
C GLU A 99 6.24 -1.05 2.13
N GLU A 100 7.54 -1.11 2.38
CA GLU A 100 8.08 -1.44 3.70
C GLU A 100 7.62 -0.38 4.71
N PRO A 101 6.85 -0.78 5.74
CA PRO A 101 6.36 0.14 6.75
C PRO A 101 7.49 0.59 7.66
N LYS A 102 7.30 1.71 8.26
CA LYS A 102 8.29 2.25 9.13
C LYS A 102 7.68 2.64 10.47
N TRP A 103 8.23 2.11 11.52
CA TRP A 103 7.77 2.38 12.86
C TRP A 103 8.53 3.56 13.37
N ILE A 104 7.83 4.59 13.71
CA ILE A 104 8.42 5.77 14.27
C ILE A 104 8.62 5.53 15.75
N ARG A 105 9.79 5.10 16.08
CA ARG A 105 10.13 4.79 17.43
C ARG A 105 10.64 6.02 18.13
N ARG A 106 9.89 6.46 19.08
CA ARG A 106 10.19 7.62 19.89
C ARG A 106 11.20 7.19 20.96
N GLY A 107 11.17 5.91 21.24
CA GLY A 107 12.11 5.30 22.14
C GLY A 107 12.52 3.99 21.56
N MET A 108 13.80 3.79 21.39
CA MET A 108 14.30 2.58 20.79
C MET A 108 15.70 2.29 21.25
N LYS A 109 16.25 1.19 20.77
CA LYS A 109 17.60 0.79 21.10
C LYS A 109 18.60 1.82 20.56
N GLY A 110 19.40 2.33 21.45
CA GLY A 110 20.38 3.30 21.08
C GLY A 110 21.68 2.98 21.73
N GLY A 111 22.76 3.28 21.06
CA GLY A 111 24.07 2.99 21.59
C GLY A 111 24.50 1.61 21.23
N PHE A 112 24.14 1.17 20.05
CA PHE A 112 24.49 -0.15 19.57
C PHE A 112 24.99 -0.03 18.16
N THR A 113 25.99 -0.80 17.84
CA THR A 113 26.51 -0.84 16.52
C THR A 113 25.58 -1.70 15.67
N ILE A 114 24.73 -1.05 14.91
CA ILE A 114 23.75 -1.72 14.10
C ILE A 114 24.40 -2.14 12.81
N THR A 115 25.20 -1.29 12.27
CA THR A 115 25.88 -1.59 11.06
C THR A 115 27.37 -1.69 11.32
N GLU A 116 27.84 -2.89 11.49
CA GLU A 116 29.25 -3.13 11.74
C GLU A 116 30.01 -3.35 10.45
N GLU A 117 29.28 -3.49 9.36
CA GLU A 117 29.87 -3.62 8.05
C GLU A 117 30.65 -2.36 7.70
N TYR A 118 31.83 -2.54 7.17
CA TYR A 118 32.72 -1.47 6.84
C TYR A 118 32.35 -0.81 5.53
N ASP A 119 31.89 -1.62 4.57
CA ASP A 119 31.56 -1.18 3.19
C ASP A 119 32.78 -0.50 2.56
N ASP A 120 33.63 -1.31 1.96
CA ASP A 120 34.90 -0.84 1.40
C ASP A 120 35.17 -1.49 0.07
N LYS A 121 35.02 -2.79 0.04
CA LYS A 121 35.30 -3.64 -1.13
C LYS A 121 34.12 -3.60 -2.11
N GLN A 122 33.58 -2.39 -2.35
CA GLN A 122 32.34 -2.17 -3.11
C GLN A 122 31.14 -2.61 -2.26
N PRO A 123 29.88 -2.28 -2.64
CA PRO A 123 28.71 -2.77 -1.94
C PRO A 123 28.71 -4.27 -1.86
N LEU A 124 28.48 -4.76 -0.70
CA LEU A 124 28.57 -6.15 -0.44
C LEU A 124 27.30 -6.85 -0.83
N THR A 125 27.44 -7.76 -1.76
CA THR A 125 26.38 -8.60 -2.20
C THR A 125 25.90 -9.42 -1.01
N SER A 126 24.80 -9.03 -0.46
CA SER A 126 24.34 -9.59 0.76
C SER A 126 23.55 -10.87 0.51
N LYS A 127 24.27 -11.96 0.47
CA LYS A 127 23.65 -13.24 0.31
C LYS A 127 23.38 -13.86 1.66
N GLU A 128 22.38 -13.32 2.30
CA GLU A 128 21.94 -13.73 3.59
C GLU A 128 20.46 -13.43 3.72
N GLU A 129 19.64 -14.41 3.52
CA GLU A 129 18.22 -14.24 3.62
C GLU A 129 17.71 -14.64 5.00
N GLU A 130 18.49 -15.45 5.69
CA GLU A 130 18.06 -15.96 6.98
C GLU A 130 18.16 -14.89 8.05
N GLU A 131 19.34 -14.28 8.21
CA GLU A 131 19.46 -13.20 9.21
C GLU A 131 18.58 -12.04 8.86
N ARG A 132 18.42 -11.81 7.56
CA ARG A 132 17.55 -10.75 7.08
C ARG A 132 16.14 -10.97 7.57
N ARG A 133 15.62 -12.19 7.39
CA ARG A 133 14.27 -12.51 7.81
C ARG A 133 14.09 -12.25 9.29
N ILE A 134 15.07 -12.65 10.09
CA ILE A 134 15.03 -12.45 11.54
C ILE A 134 15.10 -10.96 11.88
N ALA A 135 15.99 -10.23 11.22
CA ALA A 135 16.14 -8.80 11.43
C ALA A 135 14.86 -8.06 11.06
N GLU A 136 14.21 -8.54 10.02
CA GLU A 136 12.96 -7.97 9.58
C GLU A 136 11.82 -8.32 10.55
N MET A 137 11.98 -9.38 11.30
CA MET A 137 10.98 -9.77 12.30
C MET A 137 11.12 -8.92 13.58
N GLY A 138 12.10 -8.02 13.58
CA GLY A 138 12.31 -7.12 14.68
C GLY A 138 11.92 -5.70 14.30
N ARG A 139 11.19 -5.58 13.22
CA ARG A 139 10.75 -4.30 12.70
C ARG A 139 9.39 -4.53 12.08
N PRO A 140 8.62 -3.48 11.73
CA PRO A 140 7.36 -3.67 11.03
C PRO A 140 7.63 -4.12 9.59
N ILE A 141 6.90 -5.08 9.16
CA ILE A 141 7.01 -5.63 7.85
C ILE A 141 5.63 -5.82 7.27
N LEU A 142 5.57 -6.35 6.12
CA LEU A 142 4.31 -6.61 5.53
C LEU A 142 4.29 -8.00 5.00
N GLY A 143 3.18 -8.39 4.43
CA GLY A 143 3.08 -9.69 3.86
C GLY A 143 4.01 -9.82 2.69
N GLU A 144 4.63 -10.98 2.55
CA GLU A 144 5.65 -11.26 1.54
C GLU A 144 5.19 -10.80 0.16
N HIS A 145 4.01 -11.21 -0.23
CA HIS A 145 3.49 -10.79 -1.50
C HIS A 145 2.13 -10.20 -1.31
N THR A 146 2.10 -8.91 -1.09
CA THR A 146 0.85 -8.24 -0.93
C THR A 146 0.70 -7.19 -2.02
N LYS A 147 -0.20 -7.44 -2.90
CA LYS A 147 -0.45 -6.60 -4.01
C LYS A 147 -1.91 -6.66 -4.27
N LEU A 148 -2.45 -5.58 -4.71
CA LEU A 148 -3.81 -5.52 -5.08
C LEU A 148 -3.88 -5.21 -6.55
N GLU A 149 -4.25 -6.19 -7.31
CA GLU A 149 -4.44 -5.98 -8.70
C GLU A 149 -5.86 -5.53 -8.91
N VAL A 150 -5.98 -4.31 -9.31
CA VAL A 150 -7.24 -3.63 -9.45
C VAL A 150 -7.66 -3.68 -10.88
N ILE A 151 -8.76 -4.29 -11.11
CA ILE A 151 -9.27 -4.50 -12.42
C ILE A 151 -10.59 -3.80 -12.59
N ILE A 152 -10.63 -2.88 -13.51
CA ILE A 152 -11.82 -2.12 -13.81
C ILE A 152 -12.52 -2.75 -14.99
N GLU A 153 -13.65 -3.34 -14.71
CA GLU A 153 -14.35 -4.10 -15.71
C GLU A 153 -15.83 -3.71 -15.76
N GLU A 154 -16.16 -2.80 -16.68
CA GLU A 154 -17.54 -2.34 -16.96
C GLU A 154 -18.26 -1.81 -15.71
N SER A 155 -19.56 -1.70 -15.78
CA SER A 155 -20.36 -1.31 -14.67
C SER A 155 -20.79 -2.58 -13.91
N TYR A 156 -20.07 -2.88 -12.86
CA TYR A 156 -20.32 -4.06 -12.05
C TYR A 156 -21.16 -3.64 -10.85
N GLU A 157 -22.23 -4.32 -10.64
CA GLU A 157 -23.08 -3.99 -9.53
C GLU A 157 -22.92 -4.99 -8.40
N PHE A 158 -23.17 -4.52 -7.18
CA PHE A 158 -23.01 -5.27 -5.96
C PHE A 158 -21.55 -5.61 -5.65
N LYS A 159 -20.90 -4.71 -4.96
CA LYS A 159 -19.56 -4.92 -4.49
C LYS A 159 -19.50 -4.53 -3.03
N SER A 160 -19.74 -5.50 -2.20
CA SER A 160 -19.89 -5.29 -0.78
C SER A 160 -18.53 -4.99 -0.14
N THR A 161 -18.49 -3.93 0.61
CA THR A 161 -17.32 -3.59 1.35
C THR A 161 -17.51 -4.13 2.76
N VAL A 162 -16.70 -5.07 3.16
CA VAL A 162 -16.86 -5.68 4.45
C VAL A 162 -15.84 -5.12 5.42
N ASP A 163 -16.21 -5.00 6.65
CA ASP A 163 -15.30 -4.51 7.68
C ASP A 163 -14.82 -5.65 8.53
N HIS A 8 8.63 -8.77 11.86
CA HIS A 8 7.32 -9.40 12.06
C HIS A 8 6.54 -8.67 13.12
N ALA A 9 6.99 -7.47 13.41
CA ALA A 9 6.35 -6.62 14.40
C ALA A 9 4.94 -6.25 13.92
N GLY A 10 4.90 -5.52 12.85
CA GLY A 10 3.65 -5.16 12.24
C GLY A 10 3.67 -5.60 10.81
N ILE A 11 3.01 -6.68 10.53
CA ILE A 11 2.98 -7.20 9.18
C ILE A 11 1.68 -6.77 8.50
N PHE A 12 1.81 -5.97 7.48
CA PHE A 12 0.67 -5.43 6.76
C PHE A 12 0.43 -6.15 5.44
N THR A 13 -0.81 -6.38 5.12
CA THR A 13 -1.18 -7.05 3.90
C THR A 13 -2.54 -6.52 3.40
N PHE A 14 -2.76 -6.62 2.10
CA PHE A 14 -4.02 -6.22 1.50
C PHE A 14 -5.07 -7.27 1.77
N GLU A 15 -6.33 -6.90 1.65
CA GLU A 15 -7.45 -7.81 1.84
C GLU A 15 -7.39 -8.93 0.81
N GLU A 16 -7.24 -8.56 -0.44
CA GLU A 16 -7.23 -9.53 -1.52
C GLU A 16 -6.03 -9.31 -2.45
N PRO A 17 -5.71 -10.29 -3.32
CA PRO A 17 -4.66 -10.13 -4.33
C PRO A 17 -5.17 -9.41 -5.57
N VAL A 18 -6.45 -9.59 -5.87
CA VAL A 18 -7.05 -9.05 -7.07
C VAL A 18 -8.47 -8.62 -6.76
N THR A 19 -8.81 -7.42 -7.15
CA THR A 19 -10.15 -6.94 -7.00
C THR A 19 -10.59 -6.26 -8.31
N HIS A 20 -11.75 -6.62 -8.80
CA HIS A 20 -12.29 -6.05 -10.02
C HIS A 20 -13.40 -5.10 -9.67
N VAL A 21 -13.19 -3.86 -9.89
CA VAL A 21 -14.14 -2.84 -9.56
C VAL A 21 -14.71 -2.17 -10.82
N SER A 22 -15.85 -1.60 -10.64
CA SER A 22 -16.59 -0.93 -11.67
C SER A 22 -16.06 0.51 -11.87
N GLU A 23 -16.55 1.23 -12.87
CA GLU A 23 -16.15 2.63 -13.06
C GLU A 23 -17.08 3.54 -12.29
N SER A 24 -18.31 3.11 -12.17
CA SER A 24 -19.35 3.89 -11.53
C SER A 24 -19.25 3.78 -10.01
N ILE A 25 -18.21 3.12 -9.54
CA ILE A 25 -18.02 2.90 -8.13
C ILE A 25 -17.53 4.20 -7.46
N GLY A 26 -16.82 5.02 -8.21
CA GLY A 26 -16.32 6.25 -7.69
C GLY A 26 -15.01 6.08 -6.94
N ILE A 27 -15.09 5.48 -5.77
CA ILE A 27 -13.94 5.32 -4.91
C ILE A 27 -13.88 3.90 -4.44
N MET A 28 -12.76 3.27 -4.64
CA MET A 28 -12.60 1.90 -4.20
C MET A 28 -11.91 1.90 -2.84
N GLU A 29 -12.13 0.84 -2.07
CA GLU A 29 -11.62 0.73 -0.72
C GLU A 29 -10.63 -0.41 -0.59
N VAL A 30 -9.50 -0.13 0.03
CA VAL A 30 -8.54 -1.17 0.36
C VAL A 30 -8.21 -1.08 1.82
N LYS A 31 -8.56 -2.07 2.58
CA LYS A 31 -8.16 -2.10 3.96
C LYS A 31 -6.84 -2.80 4.10
N VAL A 32 -5.91 -2.15 4.75
CA VAL A 32 -4.64 -2.76 5.01
C VAL A 32 -4.70 -3.47 6.37
N LEU A 33 -4.59 -4.76 6.32
CA LEU A 33 -4.75 -5.61 7.47
C LEU A 33 -3.41 -5.87 8.13
N ARG A 34 -3.43 -5.95 9.44
CA ARG A 34 -2.23 -6.24 10.22
C ARG A 34 -2.38 -7.66 10.70
N THR A 35 -1.66 -8.58 10.11
CA THR A 35 -1.76 -9.95 10.53
C THR A 35 -1.20 -10.14 11.96
N SER A 36 -0.02 -9.61 12.23
CA SER A 36 0.61 -9.72 13.53
C SER A 36 -0.07 -8.79 14.56
N GLY A 37 -0.18 -7.52 14.20
CA GLY A 37 -0.78 -6.53 15.05
C GLY A 37 -0.11 -5.20 14.80
N ALA A 38 -0.40 -4.22 15.63
CA ALA A 38 0.16 -2.90 15.54
C ALA A 38 -0.07 -2.18 16.84
N ARG A 39 0.97 -1.62 17.41
CA ARG A 39 0.83 -0.91 18.66
C ARG A 39 1.91 0.17 18.78
N GLY A 40 1.67 1.29 18.16
CA GLY A 40 2.59 2.39 18.20
C GLY A 40 2.19 3.41 17.18
N ASN A 41 3.10 3.82 16.36
CA ASN A 41 2.76 4.70 15.24
C ASN A 41 3.53 4.20 14.04
N VAL A 42 2.85 3.68 13.08
CA VAL A 42 3.49 3.10 11.94
C VAL A 42 3.03 3.78 10.67
N ILE A 43 3.98 4.17 9.85
CA ILE A 43 3.69 4.76 8.58
C ILE A 43 3.85 3.72 7.51
N VAL A 44 2.75 3.38 6.89
CA VAL A 44 2.71 2.40 5.85
C VAL A 44 2.50 3.11 4.52
N PRO A 45 3.54 3.26 3.72
CA PRO A 45 3.41 3.86 2.41
C PRO A 45 2.89 2.84 1.40
N TYR A 46 2.38 3.31 0.30
CA TYR A 46 1.86 2.45 -0.74
C TYR A 46 2.01 3.15 -2.08
N LYS A 47 1.91 2.41 -3.17
CA LYS A 47 1.99 3.03 -4.49
C LYS A 47 1.16 2.29 -5.52
N THR A 48 0.48 3.07 -6.34
CA THR A 48 -0.32 2.56 -7.40
C THR A 48 0.53 2.37 -8.65
N ILE A 49 0.64 1.15 -9.07
CA ILE A 49 1.45 0.76 -10.19
C ILE A 49 0.60 0.78 -11.44
N GLU A 50 1.02 1.52 -12.42
CA GLU A 50 0.29 1.60 -13.65
C GLU A 50 0.48 0.30 -14.43
N GLY A 51 -0.60 -0.38 -14.69
CA GLY A 51 -0.54 -1.58 -15.46
C GLY A 51 -0.90 -1.29 -16.89
N THR A 52 -2.06 -1.71 -17.30
CA THR A 52 -2.55 -1.41 -18.61
C THR A 52 -3.27 -0.07 -18.57
N ALA A 53 -3.77 0.26 -17.39
CA ALA A 53 -4.47 1.50 -17.18
C ALA A 53 -3.46 2.60 -17.00
N ARG A 54 -3.82 3.79 -17.39
CA ARG A 54 -2.96 4.93 -17.23
C ARG A 54 -3.41 5.79 -16.10
N GLY A 55 -2.47 6.36 -15.45
CA GLY A 55 -2.73 7.21 -14.33
C GLY A 55 -2.93 8.65 -14.73
N GLY A 56 -2.68 9.54 -13.80
CA GLY A 56 -2.80 10.96 -14.03
C GLY A 56 -4.23 11.44 -14.20
N GLY A 57 -5.19 10.56 -14.01
CA GLY A 57 -6.56 10.95 -14.19
C GLY A 57 -7.18 10.37 -15.44
N GLU A 58 -6.41 9.60 -16.20
CA GLU A 58 -6.94 8.97 -17.41
C GLU A 58 -7.93 7.87 -17.06
N ASP A 59 -7.41 6.78 -16.55
CA ASP A 59 -8.24 5.65 -16.17
C ASP A 59 -8.48 5.68 -14.66
N PHE A 60 -7.45 6.10 -13.93
CA PHE A 60 -7.53 6.21 -12.49
C PHE A 60 -6.68 7.38 -12.03
N GLU A 61 -6.89 7.79 -10.79
CA GLU A 61 -6.12 8.85 -10.19
C GLU A 61 -5.07 8.19 -9.29
N ASP A 62 -3.80 8.50 -9.55
CA ASP A 62 -2.67 7.94 -8.80
C ASP A 62 -2.76 8.29 -7.33
N THR A 63 -2.50 7.33 -6.51
CA THR A 63 -2.44 7.59 -5.12
C THR A 63 -1.31 6.79 -4.51
N CYS A 64 -0.27 7.48 -4.20
CA CYS A 64 0.87 6.91 -3.59
C CYS A 64 1.18 7.75 -2.38
N GLY A 65 0.68 7.33 -1.27
CA GLY A 65 0.82 8.11 -0.08
C GLY A 65 1.20 7.26 1.07
N GLU A 66 0.90 7.72 2.25
CA GLU A 66 1.26 7.03 3.44
C GLU A 66 0.08 6.94 4.40
N LEU A 67 -0.04 5.81 5.00
CA LEU A 67 -1.08 5.53 5.95
C LEU A 67 -0.47 5.52 7.33
N GLU A 68 -1.18 6.06 8.27
CA GLU A 68 -0.67 6.10 9.61
C GLU A 68 -1.50 5.21 10.53
N PHE A 69 -0.93 4.09 10.88
CA PHE A 69 -1.55 3.15 11.78
C PHE A 69 -0.99 3.37 13.16
N GLN A 70 -1.83 3.42 14.14
CA GLN A 70 -1.35 3.51 15.48
C GLN A 70 -1.38 2.12 16.09
N ASN A 71 -2.52 1.78 16.59
CA ASN A 71 -2.82 0.50 17.11
C ASN A 71 -3.71 -0.28 16.16
N ASP A 72 -3.76 -1.57 16.34
CA ASP A 72 -4.55 -2.51 15.51
C ASP A 72 -6.08 -2.25 15.60
N GLU A 73 -6.49 -1.44 16.59
CA GLU A 73 -7.87 -1.08 16.81
C GLU A 73 -8.48 -0.44 15.56
N ILE A 74 -7.69 0.32 14.88
CA ILE A 74 -8.14 1.03 13.73
C ILE A 74 -7.55 0.40 12.49
N VAL A 75 -8.12 0.71 11.39
CA VAL A 75 -7.67 0.22 10.13
C VAL A 75 -7.57 1.40 9.19
N LYS A 76 -6.83 1.28 8.14
CA LYS A 76 -6.74 2.31 7.16
C LYS A 76 -7.25 1.83 5.86
N ILE A 77 -7.77 2.74 5.10
CA ILE A 77 -8.35 2.42 3.82
C ILE A 77 -7.69 3.26 2.76
N ILE A 78 -7.30 2.63 1.72
CA ILE A 78 -6.73 3.31 0.60
C ILE A 78 -7.85 3.64 -0.33
N THR A 79 -8.03 4.90 -0.58
CA THR A 79 -9.05 5.36 -1.44
C THR A 79 -8.45 5.78 -2.77
N ILE A 80 -8.78 5.05 -3.80
CA ILE A 80 -8.29 5.36 -5.13
C ILE A 80 -9.45 5.92 -5.92
N ARG A 81 -9.22 7.02 -6.59
CA ARG A 81 -10.27 7.62 -7.34
C ARG A 81 -10.41 6.93 -8.67
N ILE A 82 -11.54 6.31 -8.86
CA ILE A 82 -11.84 5.61 -10.06
C ILE A 82 -12.62 6.54 -10.96
N PHE A 83 -12.13 6.72 -12.15
CA PHE A 83 -12.78 7.56 -13.09
C PHE A 83 -13.38 6.74 -14.17
N ASP A 84 -14.39 7.25 -14.79
CA ASP A 84 -14.90 6.67 -15.98
C ASP A 84 -13.98 7.20 -17.07
N ARG A 85 -13.58 6.36 -17.94
CA ARG A 85 -12.55 6.75 -18.87
C ARG A 85 -13.05 6.85 -20.30
N GLU A 86 -12.84 5.82 -21.05
CA GLU A 86 -13.21 5.80 -22.42
C GLU A 86 -14.16 4.65 -22.59
N GLU A 87 -15.36 4.96 -23.05
CA GLU A 87 -16.41 3.99 -23.27
C GLU A 87 -15.92 2.89 -24.19
N TYR A 88 -16.13 1.65 -23.78
CA TYR A 88 -15.63 0.46 -24.45
C TYR A 88 -14.12 0.47 -24.39
N GLU A 89 -13.65 0.03 -23.26
CA GLU A 89 -12.29 0.18 -22.87
C GLU A 89 -11.45 -1.04 -23.19
N LYS A 90 -10.15 -0.81 -23.21
CA LYS A 90 -9.13 -1.79 -23.50
C LYS A 90 -9.17 -2.99 -22.54
N GLU A 91 -8.95 -2.70 -21.28
CA GLU A 91 -8.90 -3.60 -20.13
C GLU A 91 -8.05 -2.84 -19.15
N CYS A 92 -8.67 -2.08 -18.32
CA CYS A 92 -7.92 -1.22 -17.47
C CYS A 92 -7.61 -1.91 -16.15
N SER A 93 -6.35 -2.12 -15.91
CA SER A 93 -5.92 -2.72 -14.68
C SER A 93 -4.67 -2.03 -14.21
N PHE A 94 -4.56 -1.86 -12.93
CA PHE A 94 -3.36 -1.33 -12.33
C PHE A 94 -3.13 -2.10 -11.04
N SER A 95 -1.99 -2.01 -10.48
CA SER A 95 -1.75 -2.71 -9.25
C SER A 95 -1.47 -1.72 -8.14
N LEU A 96 -1.54 -2.19 -6.95
CA LEU A 96 -1.24 -1.42 -5.80
C LEU A 96 -0.40 -2.27 -4.91
N VAL A 97 0.69 -1.73 -4.45
CA VAL A 97 1.56 -2.44 -3.56
C VAL A 97 1.85 -1.59 -2.35
N LEU A 98 2.20 -2.24 -1.29
CA LEU A 98 2.54 -1.59 -0.07
C LEU A 98 4.02 -1.45 0.01
N GLU A 99 4.44 -0.34 0.46
CA GLU A 99 5.83 -0.04 0.60
C GLU A 99 6.24 -0.38 2.00
N GLU A 100 7.54 -0.42 2.23
CA GLU A 100 8.09 -0.77 3.52
C GLU A 100 7.61 0.20 4.58
N PRO A 101 6.87 -0.29 5.55
CA PRO A 101 6.35 0.53 6.60
C PRO A 101 7.41 0.83 7.64
N LYS A 102 7.37 1.99 8.20
CA LYS A 102 8.33 2.38 9.19
C LYS A 102 7.63 2.67 10.50
N TRP A 103 8.26 2.33 11.58
CA TRP A 103 7.64 2.47 12.87
C TRP A 103 8.24 3.67 13.55
N ILE A 104 7.41 4.59 13.93
CA ILE A 104 7.84 5.75 14.63
C ILE A 104 7.86 5.37 16.10
N ARG A 105 8.99 4.88 16.49
CA ARG A 105 9.21 4.40 17.80
C ARG A 105 9.93 5.47 18.58
N ARG A 106 9.18 6.13 19.41
CA ARG A 106 9.69 7.21 20.21
C ARG A 106 10.15 6.67 21.55
N GLY A 107 9.20 6.36 22.40
CA GLY A 107 9.51 5.84 23.71
C GLY A 107 10.27 6.85 24.53
N MET A 108 11.45 6.46 24.93
CA MET A 108 12.33 7.33 25.69
C MET A 108 13.47 7.84 24.80
N LYS A 109 13.54 7.33 23.60
CA LYS A 109 14.65 7.67 22.73
C LYS A 109 14.41 8.93 21.94
N GLY A 110 15.28 9.85 22.13
CA GLY A 110 15.32 11.05 21.35
C GLY A 110 16.70 11.20 20.80
N GLY A 111 17.37 12.27 21.17
CA GLY A 111 18.74 12.50 20.76
C GLY A 111 18.91 12.46 19.26
N PHE A 112 18.21 13.34 18.58
CA PHE A 112 18.29 13.36 17.14
C PHE A 112 19.53 14.07 16.67
N THR A 113 20.60 13.35 16.67
CA THR A 113 21.84 13.81 16.20
C THR A 113 21.99 13.23 14.80
N ILE A 114 21.65 14.02 13.79
CA ILE A 114 21.72 13.53 12.43
C ILE A 114 23.14 13.67 11.91
N THR A 115 23.96 12.85 12.47
CA THR A 115 25.35 12.81 12.14
C THR A 115 25.73 11.36 11.84
N GLU A 116 24.79 10.47 12.09
CA GLU A 116 24.95 9.10 11.75
C GLU A 116 24.73 8.94 10.26
N GLU A 117 23.87 9.78 9.73
CA GLU A 117 23.66 9.92 8.32
C GLU A 117 24.81 10.78 7.81
N TYR A 118 25.62 10.21 6.96
CA TYR A 118 26.80 10.83 6.42
C TYR A 118 26.51 12.10 5.65
N ASP A 119 27.21 13.16 6.01
CA ASP A 119 27.10 14.42 5.31
C ASP A 119 28.12 14.47 4.20
N ASP A 120 29.30 13.91 4.44
CA ASP A 120 30.35 13.89 3.42
C ASP A 120 30.09 12.77 2.45
N LYS A 121 29.41 11.74 2.95
CA LYS A 121 28.97 10.58 2.16
C LYS A 121 30.09 9.81 1.50
N GLN A 122 31.29 9.93 2.01
CA GLN A 122 32.40 9.18 1.49
C GLN A 122 33.02 8.34 2.60
N PRO A 123 32.43 7.16 2.89
CA PRO A 123 32.89 6.28 3.93
C PRO A 123 34.23 5.64 3.61
N LEU A 124 34.96 5.36 4.64
CA LEU A 124 36.24 4.71 4.55
C LEU A 124 36.06 3.34 5.14
N THR A 125 37.13 2.56 5.21
CA THR A 125 37.10 1.32 5.90
C THR A 125 36.96 1.58 7.41
N SER A 126 35.73 1.60 7.85
CA SER A 126 35.37 1.86 9.21
C SER A 126 34.02 1.21 9.47
N LYS A 127 33.66 1.11 10.71
CA LYS A 127 32.44 0.51 11.13
C LYS A 127 31.45 1.61 11.45
N GLU A 128 30.23 1.46 11.04
CA GLU A 128 29.23 2.42 11.36
C GLU A 128 28.15 1.79 12.24
N GLU A 129 28.19 2.09 13.50
CA GLU A 129 27.18 1.61 14.40
C GLU A 129 26.01 2.53 14.36
N GLU A 130 25.27 2.39 13.31
CA GLU A 130 24.09 3.16 13.10
C GLU A 130 22.92 2.45 13.75
N GLU A 131 22.04 3.20 14.31
CA GLU A 131 20.91 2.64 15.01
C GLU A 131 19.79 2.33 14.03
N ARG A 132 19.97 2.78 12.80
CA ARG A 132 19.01 2.52 11.72
C ARG A 132 18.90 1.02 11.47
N ARG A 133 20.02 0.30 11.59
CA ARG A 133 19.99 -1.14 11.41
C ARG A 133 19.20 -1.78 12.51
N ILE A 134 19.32 -1.22 13.71
CA ILE A 134 18.61 -1.71 14.89
C ILE A 134 17.11 -1.44 14.71
N ALA A 135 16.81 -0.29 14.13
CA ALA A 135 15.44 0.07 13.79
C ALA A 135 14.88 -0.93 12.78
N GLU A 136 15.76 -1.45 11.91
CA GLU A 136 15.37 -2.44 10.93
C GLU A 136 15.36 -3.86 11.51
N MET A 137 15.97 -4.02 12.68
CA MET A 137 15.98 -5.31 13.36
C MET A 137 14.60 -5.56 13.94
N GLY A 138 13.91 -4.47 14.19
CA GLY A 138 12.57 -4.51 14.68
C GLY A 138 11.72 -3.53 13.93
N ARG A 139 11.45 -3.83 12.68
CA ARG A 139 10.67 -2.96 11.85
C ARG A 139 9.44 -3.67 11.32
N PRO A 140 8.36 -2.93 11.10
CA PRO A 140 7.16 -3.48 10.52
C PRO A 140 7.38 -3.81 9.06
N ILE A 141 6.78 -4.84 8.60
CA ILE A 141 7.01 -5.33 7.26
C ILE A 141 5.71 -5.64 6.58
N LEU A 142 5.78 -6.12 5.39
CA LEU A 142 4.61 -6.51 4.68
C LEU A 142 4.46 -8.02 4.77
N GLY A 143 3.31 -8.51 4.38
CA GLY A 143 3.05 -9.94 4.43
C GLY A 143 3.85 -10.70 3.40
N GLU A 144 3.63 -12.02 3.35
CA GLU A 144 4.33 -12.93 2.47
C GLU A 144 4.37 -12.38 1.05
N HIS A 145 3.22 -12.21 0.47
CA HIS A 145 3.09 -11.66 -0.85
C HIS A 145 1.89 -10.76 -0.83
N THR A 146 2.09 -9.47 -0.82
CA THR A 146 0.97 -8.61 -0.82
C THR A 146 1.01 -7.67 -2.05
N LYS A 147 0.13 -7.93 -2.95
CA LYS A 147 -0.01 -7.17 -4.15
C LYS A 147 -1.44 -7.20 -4.56
N LEU A 148 -1.99 -6.07 -4.86
CA LEU A 148 -3.37 -6.00 -5.23
C LEU A 148 -3.53 -5.45 -6.63
N GLU A 149 -4.00 -6.26 -7.53
CA GLU A 149 -4.37 -5.77 -8.82
C GLU A 149 -5.76 -5.24 -8.72
N VAL A 150 -5.94 -4.05 -9.18
CA VAL A 150 -7.21 -3.42 -9.21
C VAL A 150 -7.59 -3.26 -10.63
N ILE A 151 -8.57 -3.97 -11.00
CA ILE A 151 -9.01 -3.97 -12.33
C ILE A 151 -10.29 -3.20 -12.40
N ILE A 152 -10.39 -2.35 -13.37
CA ILE A 152 -11.54 -1.55 -13.58
C ILE A 152 -12.16 -1.90 -14.91
N GLU A 153 -13.35 -2.44 -14.86
CA GLU A 153 -14.05 -2.87 -16.05
C GLU A 153 -15.49 -2.42 -16.01
N GLU A 154 -15.90 -1.70 -17.02
CA GLU A 154 -17.30 -1.45 -17.22
C GLU A 154 -17.84 -2.69 -17.95
N SER A 155 -19.16 -2.91 -17.84
CA SER A 155 -19.80 -4.14 -18.30
C SER A 155 -19.38 -5.28 -17.39
N TYR A 156 -19.08 -4.92 -16.15
CA TYR A 156 -18.69 -5.81 -15.11
C TYR A 156 -19.25 -5.28 -13.81
N GLU A 157 -19.75 -6.16 -12.98
CA GLU A 157 -20.35 -5.76 -11.73
C GLU A 157 -19.53 -6.18 -10.53
N PHE A 158 -19.25 -5.21 -9.71
CA PHE A 158 -18.58 -5.41 -8.45
C PHE A 158 -19.65 -5.84 -7.45
N LYS A 159 -20.75 -5.14 -7.48
CA LYS A 159 -21.87 -5.40 -6.68
C LYS A 159 -23.09 -5.21 -7.56
N SER A 160 -23.79 -6.28 -7.86
CA SER A 160 -24.93 -6.30 -8.76
C SER A 160 -26.00 -5.23 -8.43
N THR A 161 -26.19 -4.29 -9.34
CA THR A 161 -27.28 -3.34 -9.23
C THR A 161 -28.55 -3.99 -9.80
N VAL A 162 -28.35 -5.04 -10.59
CA VAL A 162 -29.43 -5.87 -11.09
C VAL A 162 -29.15 -7.29 -10.60
N ASP A 163 -29.79 -7.66 -9.54
CA ASP A 163 -29.58 -8.97 -8.94
C ASP A 163 -30.82 -9.83 -9.05
N HIS A 8 7.56 -9.21 9.87
CA HIS A 8 7.84 -9.14 11.30
C HIS A 8 7.48 -7.78 11.85
N ALA A 9 7.04 -7.77 13.11
CA ALA A 9 6.65 -6.58 13.89
C ALA A 9 5.29 -6.00 13.45
N GLY A 10 5.10 -5.83 12.17
CA GLY A 10 3.88 -5.29 11.67
C GLY A 10 3.55 -5.84 10.31
N ILE A 11 2.88 -6.97 10.28
CA ILE A 11 2.51 -7.56 9.02
C ILE A 11 1.18 -6.99 8.54
N PHE A 12 1.24 -6.27 7.43
CA PHE A 12 0.09 -5.67 6.81
C PHE A 12 -0.15 -6.37 5.47
N THR A 13 -1.40 -6.49 5.10
CA THR A 13 -1.77 -7.14 3.88
C THR A 13 -3.05 -6.49 3.31
N PHE A 14 -3.33 -6.74 2.05
CA PHE A 14 -4.52 -6.25 1.38
C PHE A 14 -5.71 -7.18 1.65
N GLU A 15 -6.93 -6.65 1.58
CA GLU A 15 -8.16 -7.44 1.74
C GLU A 15 -8.24 -8.52 0.67
N GLU A 16 -7.89 -8.14 -0.54
CA GLU A 16 -7.88 -9.04 -1.69
C GLU A 16 -6.57 -8.87 -2.42
N PRO A 17 -6.08 -9.89 -3.11
CA PRO A 17 -4.89 -9.78 -3.94
C PRO A 17 -5.23 -9.31 -5.36
N VAL A 18 -6.48 -9.50 -5.73
CA VAL A 18 -7.05 -9.12 -7.01
C VAL A 18 -8.48 -8.72 -6.78
N THR A 19 -8.83 -7.54 -7.20
CA THR A 19 -10.17 -7.08 -7.02
C THR A 19 -10.71 -6.47 -8.32
N HIS A 20 -11.95 -6.73 -8.59
CA HIS A 20 -12.61 -6.16 -9.73
C HIS A 20 -13.60 -5.12 -9.27
N VAL A 21 -13.51 -3.95 -9.83
CA VAL A 21 -14.36 -2.84 -9.42
C VAL A 21 -15.08 -2.25 -10.62
N SER A 22 -16.16 -1.59 -10.34
CA SER A 22 -16.92 -0.89 -11.35
C SER A 22 -16.17 0.37 -11.79
N GLU A 23 -16.47 0.86 -12.97
CA GLU A 23 -15.79 2.04 -13.49
C GLU A 23 -16.40 3.31 -12.87
N SER A 24 -17.66 3.22 -12.52
CA SER A 24 -18.43 4.34 -12.00
C SER A 24 -18.49 4.28 -10.47
N ILE A 25 -17.58 3.54 -9.86
CA ILE A 25 -17.58 3.38 -8.42
C ILE A 25 -17.11 4.68 -7.70
N GLY A 26 -16.27 5.43 -8.36
CA GLY A 26 -15.75 6.64 -7.77
C GLY A 26 -14.58 6.36 -6.86
N ILE A 27 -14.87 5.79 -5.72
CA ILE A 27 -13.86 5.50 -4.72
C ILE A 27 -13.95 4.06 -4.34
N MET A 28 -12.86 3.39 -4.48
CA MET A 28 -12.76 2.03 -4.04
C MET A 28 -12.02 2.01 -2.72
N GLU A 29 -12.56 1.31 -1.76
CA GLU A 29 -11.98 1.17 -0.45
C GLU A 29 -11.19 -0.11 -0.34
N VAL A 30 -9.91 0.01 -0.10
CA VAL A 30 -9.07 -1.13 0.16
C VAL A 30 -8.49 -0.96 1.52
N LYS A 31 -8.84 -1.81 2.41
CA LYS A 31 -8.35 -1.69 3.75
C LYS A 31 -7.11 -2.52 3.94
N VAL A 32 -6.13 -1.91 4.55
CA VAL A 32 -4.90 -2.60 4.81
C VAL A 32 -5.04 -3.30 6.14
N LEU A 33 -5.12 -4.58 6.09
CA LEU A 33 -5.38 -5.38 7.23
C LEU A 33 -4.10 -5.74 7.92
N ARG A 34 -3.97 -5.40 9.18
CA ARG A 34 -2.83 -5.83 9.90
C ARG A 34 -3.13 -7.18 10.53
N THR A 35 -2.62 -8.21 9.92
CA THR A 35 -2.79 -9.55 10.40
C THR A 35 -2.06 -9.75 11.72
N SER A 36 -0.79 -9.44 11.70
CA SER A 36 0.05 -9.61 12.85
C SER A 36 -0.27 -8.53 13.89
N GLY A 37 -0.31 -7.28 13.48
CA GLY A 37 -0.63 -6.24 14.41
C GLY A 37 0.04 -4.94 14.06
N ALA A 38 -0.22 -3.94 14.88
CA ALA A 38 0.35 -2.61 14.74
C ALA A 38 0.51 -2.06 16.15
N ARG A 39 1.55 -1.32 16.40
CA ARG A 39 1.77 -0.79 17.72
C ARG A 39 2.50 0.53 17.64
N GLY A 40 1.95 1.52 18.29
CA GLY A 40 2.60 2.80 18.35
C GLY A 40 2.15 3.67 17.22
N ASN A 41 3.06 4.01 16.35
CA ASN A 41 2.74 4.79 15.18
C ASN A 41 3.50 4.20 14.01
N VAL A 42 2.81 3.57 13.11
CA VAL A 42 3.45 2.92 11.99
C VAL A 42 2.91 3.45 10.68
N ILE A 43 3.78 3.94 9.86
CA ILE A 43 3.38 4.46 8.58
C ILE A 43 3.55 3.41 7.52
N VAL A 44 2.48 3.07 6.88
CA VAL A 44 2.45 2.09 5.81
C VAL A 44 2.27 2.83 4.50
N PRO A 45 3.33 2.96 3.72
CA PRO A 45 3.26 3.59 2.42
C PRO A 45 2.68 2.65 1.37
N TYR A 46 1.91 3.18 0.47
CA TYR A 46 1.36 2.40 -0.61
C TYR A 46 1.62 3.12 -1.91
N LYS A 47 1.50 2.43 -3.03
CA LYS A 47 1.65 3.06 -4.33
C LYS A 47 0.98 2.22 -5.40
N THR A 48 0.21 2.88 -6.24
CA THR A 48 -0.44 2.23 -7.34
C THR A 48 0.54 2.02 -8.49
N ILE A 49 0.52 0.86 -9.06
CA ILE A 49 1.40 0.50 -10.14
C ILE A 49 0.63 0.59 -11.43
N GLU A 50 1.07 1.47 -12.30
CA GLU A 50 0.43 1.64 -13.58
C GLU A 50 0.80 0.48 -14.49
N GLY A 51 -0.13 -0.42 -14.67
CA GLY A 51 0.08 -1.51 -15.56
C GLY A 51 -0.37 -1.15 -16.94
N THR A 52 -1.53 -1.62 -17.32
CA THR A 52 -2.07 -1.28 -18.61
C THR A 52 -3.16 -0.20 -18.44
N ALA A 53 -3.31 0.28 -17.22
CA ALA A 53 -4.20 1.38 -16.92
C ALA A 53 -3.33 2.60 -16.67
N ARG A 54 -3.82 3.78 -16.97
CA ARG A 54 -3.04 4.99 -16.85
C ARG A 54 -3.51 5.82 -15.66
N GLY A 55 -2.55 6.29 -14.87
CA GLY A 55 -2.84 7.13 -13.73
C GLY A 55 -3.03 8.58 -14.14
N GLY A 56 -2.74 9.49 -13.24
CA GLY A 56 -2.92 10.92 -13.51
C GLY A 56 -4.38 11.39 -13.48
N GLY A 57 -5.28 10.54 -13.90
CA GLY A 57 -6.68 10.91 -13.98
C GLY A 57 -7.38 10.28 -15.16
N GLU A 58 -6.68 9.39 -15.87
CA GLU A 58 -7.24 8.67 -16.99
C GLU A 58 -8.18 7.56 -16.54
N ASP A 59 -7.60 6.45 -16.12
CA ASP A 59 -8.38 5.30 -15.66
C ASP A 59 -8.59 5.46 -14.19
N PHE A 60 -7.55 5.90 -13.52
CA PHE A 60 -7.55 6.10 -12.11
C PHE A 60 -6.61 7.23 -11.77
N GLU A 61 -6.66 7.68 -10.56
CA GLU A 61 -5.76 8.67 -10.04
C GLU A 61 -4.69 7.88 -9.29
N ASP A 62 -3.44 7.99 -9.71
CA ASP A 62 -2.37 7.19 -9.11
C ASP A 62 -2.06 7.69 -7.72
N THR A 63 -2.50 6.95 -6.75
CA THR A 63 -2.38 7.34 -5.41
C THR A 63 -1.21 6.61 -4.72
N CYS A 64 -0.37 7.40 -4.12
CA CYS A 64 0.76 6.92 -3.38
C CYS A 64 0.91 7.78 -2.15
N GLY A 65 0.40 7.30 -1.06
CA GLY A 65 0.40 8.06 0.14
C GLY A 65 0.88 7.26 1.30
N GLU A 66 0.92 7.88 2.43
CA GLU A 66 1.41 7.29 3.64
C GLU A 66 0.24 7.08 4.61
N LEU A 67 -0.07 5.84 4.90
CA LEU A 67 -1.14 5.52 5.82
C LEU A 67 -0.61 5.45 7.22
N GLU A 68 -1.34 5.99 8.14
CA GLU A 68 -0.91 6.00 9.49
C GLU A 68 -1.67 5.00 10.33
N PHE A 69 -1.02 3.95 10.65
CA PHE A 69 -1.53 2.98 11.57
C PHE A 69 -0.97 3.30 12.90
N GLN A 70 -1.70 3.04 13.92
CA GLN A 70 -1.20 3.32 15.22
C GLN A 70 -1.27 2.06 16.05
N ASN A 71 -2.44 1.76 16.52
CA ASN A 71 -2.66 0.57 17.29
C ASN A 71 -3.36 -0.47 16.42
N ASP A 72 -3.21 -1.72 16.76
CA ASP A 72 -3.79 -2.89 16.05
C ASP A 72 -5.32 -2.80 15.93
N GLU A 73 -5.96 -2.09 16.85
CA GLU A 73 -7.42 -1.96 16.84
C GLU A 73 -7.95 -1.15 15.66
N ILE A 74 -7.10 -0.35 15.01
CA ILE A 74 -7.57 0.47 13.91
C ILE A 74 -7.10 -0.09 12.59
N VAL A 75 -7.67 0.41 11.54
CA VAL A 75 -7.34 0.03 10.21
C VAL A 75 -7.30 1.28 9.33
N LYS A 76 -6.62 1.22 8.23
CA LYS A 76 -6.60 2.32 7.29
C LYS A 76 -7.11 1.89 5.97
N ILE A 77 -7.66 2.82 5.24
CA ILE A 77 -8.27 2.51 3.99
C ILE A 77 -7.63 3.30 2.87
N ILE A 78 -7.36 2.63 1.78
CA ILE A 78 -6.84 3.23 0.61
C ILE A 78 -8.01 3.62 -0.25
N THR A 79 -8.09 4.86 -0.57
CA THR A 79 -9.12 5.40 -1.38
C THR A 79 -8.56 5.73 -2.75
N ILE A 80 -9.02 5.01 -3.73
CA ILE A 80 -8.54 5.22 -5.08
C ILE A 80 -9.65 5.81 -5.91
N ARG A 81 -9.36 6.93 -6.53
CA ARG A 81 -10.28 7.59 -7.41
C ARG A 81 -10.26 6.91 -8.77
N ILE A 82 -11.35 6.27 -9.07
CA ILE A 82 -11.53 5.59 -10.33
C ILE A 82 -12.36 6.51 -11.20
N PHE A 83 -11.99 6.68 -12.45
CA PHE A 83 -12.71 7.57 -13.31
C PHE A 83 -13.33 6.79 -14.45
N ASP A 84 -14.59 7.02 -14.71
CA ASP A 84 -15.25 6.29 -15.77
C ASP A 84 -15.05 6.97 -17.12
N ARG A 85 -13.95 6.62 -17.74
CA ARG A 85 -13.59 7.11 -19.05
C ARG A 85 -13.94 6.01 -20.03
N GLU A 86 -14.18 6.35 -21.28
CA GLU A 86 -14.42 5.35 -22.28
C GLU A 86 -13.08 4.79 -22.72
N GLU A 87 -13.06 3.60 -23.25
CA GLU A 87 -11.83 3.02 -23.66
C GLU A 87 -12.05 2.11 -24.88
N TYR A 88 -10.97 1.69 -25.49
CA TYR A 88 -11.04 0.87 -26.69
C TYR A 88 -10.24 -0.43 -26.52
N GLU A 89 -10.97 -1.51 -26.26
CA GLU A 89 -10.45 -2.91 -26.25
C GLU A 89 -9.41 -3.23 -25.17
N LYS A 90 -9.32 -2.43 -24.15
CA LYS A 90 -8.34 -2.68 -23.11
C LYS A 90 -9.00 -2.98 -21.80
N GLU A 91 -8.90 -4.20 -21.35
CA GLU A 91 -9.31 -4.53 -20.02
C GLU A 91 -8.19 -4.05 -19.12
N CYS A 92 -8.29 -2.80 -18.75
CA CYS A 92 -7.26 -2.14 -18.04
C CYS A 92 -7.25 -2.49 -16.56
N SER A 93 -6.06 -2.68 -16.07
CA SER A 93 -5.85 -2.99 -14.72
C SER A 93 -4.60 -2.29 -14.24
N PHE A 94 -4.53 -2.06 -12.98
CA PHE A 94 -3.37 -1.51 -12.35
C PHE A 94 -3.18 -2.26 -11.07
N SER A 95 -2.04 -2.21 -10.53
CA SER A 95 -1.84 -2.89 -9.31
C SER A 95 -1.58 -1.86 -8.20
N LEU A 96 -1.47 -2.33 -7.02
CA LEU A 96 -1.23 -1.53 -5.87
C LEU A 96 -0.46 -2.36 -4.91
N VAL A 97 0.64 -1.85 -4.46
CA VAL A 97 1.45 -2.55 -3.51
C VAL A 97 1.66 -1.69 -2.29
N LEU A 98 1.95 -2.34 -1.21
CA LEU A 98 2.28 -1.68 0.00
C LEU A 98 3.79 -1.76 0.12
N GLU A 99 4.38 -0.73 0.63
CA GLU A 99 5.80 -0.70 0.79
C GLU A 99 6.14 -1.06 2.21
N GLU A 100 7.43 -1.20 2.48
CA GLU A 100 7.91 -1.53 3.80
C GLU A 100 7.57 -0.41 4.80
N PRO A 101 6.71 -0.71 5.79
CA PRO A 101 6.28 0.26 6.77
C PRO A 101 7.41 0.76 7.68
N LYS A 102 7.23 1.93 8.16
CA LYS A 102 8.19 2.55 9.02
C LYS A 102 7.57 2.84 10.36
N TRP A 103 8.29 2.53 11.40
CA TRP A 103 7.77 2.66 12.74
C TRP A 103 8.27 3.95 13.34
N ILE A 104 7.36 4.75 13.80
CA ILE A 104 7.67 5.93 14.52
C ILE A 104 7.53 5.54 15.98
N ARG A 105 8.62 5.09 16.52
CA ARG A 105 8.68 4.51 17.84
C ARG A 105 8.90 5.60 18.87
N ARG A 106 9.26 6.75 18.39
CA ARG A 106 9.50 7.88 19.23
C ARG A 106 8.19 8.64 19.43
N GLY A 107 7.76 8.77 20.67
CA GLY A 107 6.50 9.44 20.97
C GLY A 107 6.61 10.94 20.74
N MET A 108 7.68 11.51 21.25
CA MET A 108 7.92 12.93 21.09
C MET A 108 8.93 13.14 19.99
N LYS A 109 9.03 14.34 19.49
CA LYS A 109 9.98 14.67 18.48
C LYS A 109 10.54 16.05 18.77
N GLY A 110 11.70 16.06 19.32
CA GLY A 110 12.39 17.28 19.63
C GLY A 110 13.85 17.04 19.49
N GLY A 111 14.24 16.69 18.29
CA GLY A 111 15.60 16.38 18.00
C GLY A 111 16.14 17.24 16.90
N PHE A 112 16.58 16.62 15.83
CA PHE A 112 17.22 17.33 14.76
C PHE A 112 16.53 17.12 13.41
N THR A 113 15.33 16.61 13.41
CA THR A 113 14.62 16.42 12.15
C THR A 113 13.16 16.82 12.28
N ILE A 114 12.72 17.71 11.43
CA ILE A 114 11.35 18.10 11.39
C ILE A 114 10.60 17.09 10.51
N THR A 115 9.34 16.83 10.82
CA THR A 115 8.52 15.86 10.11
C THR A 115 8.42 16.14 8.58
N GLU A 116 8.54 17.39 8.18
CA GLU A 116 8.46 17.68 6.76
C GLU A 116 9.81 17.54 6.03
N GLU A 117 10.85 17.32 6.79
CA GLU A 117 12.16 17.01 6.24
C GLU A 117 12.19 15.54 5.83
N TYR A 118 13.33 15.13 5.29
CA TYR A 118 13.55 13.80 4.86
C TYR A 118 13.32 12.78 6.00
N ASP A 119 12.25 12.05 5.87
CA ASP A 119 11.90 11.01 6.80
C ASP A 119 12.53 9.72 6.36
N ASP A 120 12.27 9.36 5.13
CA ASP A 120 12.73 8.12 4.56
C ASP A 120 13.47 8.37 3.28
N LYS A 121 14.77 8.23 3.32
CA LYS A 121 15.56 8.39 2.14
C LYS A 121 15.74 7.05 1.46
N GLN A 122 14.91 6.79 0.47
CA GLN A 122 14.99 5.57 -0.29
C GLN A 122 16.27 5.57 -1.13
N PRO A 123 17.10 4.53 -1.05
CA PRO A 123 18.34 4.48 -1.77
C PRO A 123 18.17 3.80 -3.14
N LEU A 124 19.25 3.70 -3.87
CA LEU A 124 19.24 3.01 -5.13
C LEU A 124 19.64 1.58 -4.87
N THR A 125 20.60 1.43 -4.01
CA THR A 125 21.12 0.17 -3.67
C THR A 125 21.05 -0.02 -2.14
N SER A 126 20.37 -1.07 -1.72
CA SER A 126 20.25 -1.40 -0.31
C SER A 126 21.52 -2.17 0.13
N LYS A 127 22.28 -2.65 -0.86
CA LYS A 127 23.57 -3.28 -0.62
C LYS A 127 24.59 -2.24 -0.15
N GLU A 128 24.50 -1.92 1.09
CA GLU A 128 25.35 -0.97 1.73
C GLU A 128 25.92 -1.66 2.97
N GLU A 129 26.81 -2.64 2.71
CA GLU A 129 27.50 -3.44 3.73
C GLU A 129 26.50 -4.20 4.60
N GLU A 130 25.31 -4.38 4.03
CA GLU A 130 24.15 -4.97 4.68
C GLU A 130 23.71 -4.21 5.95
N GLU A 131 24.25 -3.02 6.15
CA GLU A 131 23.84 -2.20 7.26
C GLU A 131 22.47 -1.61 6.96
N ARG A 132 22.23 -1.41 5.67
CA ARG A 132 20.94 -0.93 5.22
C ARG A 132 19.92 -2.07 5.39
N ARG A 133 20.41 -3.29 5.26
CA ARG A 133 19.60 -4.48 5.50
C ARG A 133 19.21 -4.53 6.98
N ILE A 134 20.14 -4.15 7.85
CA ILE A 134 19.87 -4.06 9.28
C ILE A 134 18.88 -2.90 9.55
N ALA A 135 19.01 -1.83 8.79
CA ALA A 135 18.09 -0.70 8.89
C ALA A 135 16.68 -1.13 8.51
N GLU A 136 16.57 -1.90 7.43
CA GLU A 136 15.29 -2.42 6.97
C GLU A 136 14.78 -3.57 7.85
N MET A 137 15.68 -4.18 8.60
CA MET A 137 15.37 -5.15 9.57
C MET A 137 14.78 -4.46 10.79
N GLY A 138 15.20 -3.21 10.99
CA GLY A 138 14.72 -2.40 12.08
C GLY A 138 13.39 -1.74 11.73
N ARG A 139 12.94 -2.01 10.54
CA ARG A 139 11.67 -1.57 10.09
C ARG A 139 10.72 -2.71 10.30
N PRO A 140 9.50 -2.45 10.74
CA PRO A 140 8.50 -3.48 10.76
C PRO A 140 8.17 -3.80 9.33
N ILE A 141 8.01 -5.04 8.99
CA ILE A 141 7.72 -5.30 7.63
C ILE A 141 6.47 -6.11 7.48
N LEU A 142 5.80 -5.77 6.43
CA LEU A 142 4.51 -6.27 6.07
C LEU A 142 4.60 -7.68 5.51
N GLY A 143 3.51 -8.11 4.87
CA GLY A 143 3.53 -9.38 4.21
C GLY A 143 4.51 -9.33 3.07
N GLU A 144 5.29 -10.38 2.95
CA GLU A 144 6.32 -10.49 1.93
C GLU A 144 5.79 -10.26 0.53
N HIS A 145 4.63 -10.83 0.24
CA HIS A 145 4.02 -10.64 -1.05
C HIS A 145 2.57 -10.24 -0.91
N THR A 146 2.34 -8.96 -0.73
CA THR A 146 1.02 -8.44 -0.67
C THR A 146 0.85 -7.43 -1.80
N LYS A 147 -0.01 -7.75 -2.72
CA LYS A 147 -0.21 -6.94 -3.90
C LYS A 147 -1.65 -7.05 -4.32
N LEU A 148 -2.22 -5.96 -4.73
CA LEU A 148 -3.59 -5.94 -5.17
C LEU A 148 -3.64 -5.53 -6.62
N GLU A 149 -4.21 -6.35 -7.44
CA GLU A 149 -4.43 -5.98 -8.80
C GLU A 149 -5.85 -5.50 -8.91
N VAL A 150 -6.03 -4.33 -9.40
CA VAL A 150 -7.33 -3.75 -9.54
C VAL A 150 -7.67 -3.69 -10.99
N ILE A 151 -8.73 -4.34 -11.33
CA ILE A 151 -9.14 -4.40 -12.69
C ILE A 151 -10.37 -3.54 -12.87
N ILE A 152 -10.28 -2.62 -13.80
CA ILE A 152 -11.36 -1.72 -14.10
C ILE A 152 -12.01 -2.08 -15.41
N GLU A 153 -13.02 -2.88 -15.29
CA GLU A 153 -13.79 -3.37 -16.38
C GLU A 153 -15.06 -3.90 -15.76
N GLU A 154 -16.10 -4.03 -16.52
CA GLU A 154 -17.34 -4.52 -16.00
C GLU A 154 -17.22 -6.00 -15.76
N SER A 155 -16.95 -6.36 -14.56
CA SER A 155 -16.92 -7.72 -14.17
C SER A 155 -18.32 -8.07 -13.77
N TYR A 156 -19.02 -8.67 -14.67
CA TYR A 156 -20.40 -8.95 -14.47
C TYR A 156 -20.61 -10.42 -14.27
N GLU A 157 -21.64 -10.75 -13.59
CA GLU A 157 -22.03 -12.11 -13.44
C GLU A 157 -23.24 -12.30 -14.30
N PHE A 158 -23.15 -13.13 -15.28
CA PHE A 158 -24.28 -13.35 -16.14
C PHE A 158 -25.29 -14.24 -15.43
N LYS A 159 -24.82 -15.02 -14.47
CA LYS A 159 -25.68 -15.83 -13.66
C LYS A 159 -26.49 -14.97 -12.70
N SER A 160 -27.75 -15.24 -12.63
CA SER A 160 -28.64 -14.52 -11.79
C SER A 160 -28.52 -15.08 -10.38
N THR A 161 -28.01 -14.29 -9.48
CA THR A 161 -27.82 -14.72 -8.12
C THR A 161 -29.13 -14.56 -7.37
N VAL A 162 -29.53 -15.60 -6.66
CA VAL A 162 -30.76 -15.56 -5.91
C VAL A 162 -30.51 -14.82 -4.60
N ASP A 163 -30.60 -13.54 -4.69
CA ASP A 163 -30.39 -12.64 -3.58
C ASP A 163 -31.67 -11.92 -3.27
N HIS A 8 2.73 -6.02 16.76
CA HIS A 8 3.35 -4.80 17.26
C HIS A 8 4.15 -4.12 16.14
N ALA A 9 4.84 -4.91 15.35
CA ALA A 9 5.62 -4.42 14.23
C ALA A 9 4.74 -4.39 13.01
N GLY A 10 3.74 -5.24 13.04
CA GLY A 10 2.75 -5.26 12.01
C GLY A 10 3.09 -6.10 10.82
N ILE A 11 2.08 -6.71 10.28
CA ILE A 11 2.10 -7.35 9.01
C ILE A 11 0.93 -6.79 8.26
N PHE A 12 1.19 -6.06 7.23
CA PHE A 12 0.17 -5.40 6.49
C PHE A 12 -0.04 -6.10 5.17
N THR A 13 -1.26 -6.36 4.85
CA THR A 13 -1.58 -7.05 3.64
C THR A 13 -2.93 -6.57 3.11
N PHE A 14 -3.11 -6.66 1.82
CA PHE A 14 -4.37 -6.31 1.19
C PHE A 14 -5.39 -7.41 1.46
N GLU A 15 -6.67 -7.04 1.42
CA GLU A 15 -7.80 -7.96 1.60
C GLU A 15 -7.70 -9.16 0.65
N GLU A 16 -7.49 -8.86 -0.61
CA GLU A 16 -7.36 -9.85 -1.65
C GLU A 16 -6.18 -9.45 -2.51
N PRO A 17 -5.62 -10.37 -3.31
CA PRO A 17 -4.54 -10.04 -4.23
C PRO A 17 -5.07 -9.42 -5.54
N VAL A 18 -6.36 -9.62 -5.82
CA VAL A 18 -7.01 -9.14 -7.03
C VAL A 18 -8.43 -8.68 -6.72
N THR A 19 -8.75 -7.49 -7.10
CA THR A 19 -10.09 -6.96 -6.95
C THR A 19 -10.47 -6.25 -8.25
N HIS A 20 -11.70 -6.38 -8.67
CA HIS A 20 -12.14 -5.63 -9.79
C HIS A 20 -13.12 -4.62 -9.25
N VAL A 21 -13.11 -3.46 -9.78
CA VAL A 21 -13.99 -2.46 -9.29
C VAL A 21 -14.85 -1.91 -10.39
N SER A 22 -15.97 -1.40 -10.01
CA SER A 22 -16.90 -0.83 -10.91
C SER A 22 -16.37 0.52 -11.39
N GLU A 23 -16.49 0.79 -12.66
CA GLU A 23 -16.01 2.03 -13.27
C GLU A 23 -16.91 3.24 -12.96
N SER A 24 -17.94 2.99 -12.19
CA SER A 24 -18.87 3.98 -11.78
C SER A 24 -18.99 4.02 -10.24
N ILE A 25 -18.01 3.46 -9.54
CA ILE A 25 -18.04 3.41 -8.08
C ILE A 25 -17.58 4.76 -7.50
N GLY A 26 -16.81 5.49 -8.27
CA GLY A 26 -16.24 6.72 -7.82
C GLY A 26 -14.95 6.47 -7.07
N ILE A 27 -15.08 6.01 -5.85
CA ILE A 27 -13.94 5.76 -4.99
C ILE A 27 -14.00 4.33 -4.52
N MET A 28 -12.93 3.63 -4.67
CA MET A 28 -12.85 2.28 -4.20
C MET A 28 -12.14 2.24 -2.86
N GLU A 29 -12.61 1.39 -1.98
CA GLU A 29 -12.07 1.23 -0.66
C GLU A 29 -11.22 -0.01 -0.60
N VAL A 30 -10.02 0.12 -0.12
CA VAL A 30 -9.16 -1.02 0.09
C VAL A 30 -8.71 -1.02 1.52
N LYS A 31 -8.95 -2.10 2.22
CA LYS A 31 -8.47 -2.18 3.57
C LYS A 31 -7.13 -2.86 3.62
N VAL A 32 -6.23 -2.26 4.35
CA VAL A 32 -4.96 -2.85 4.62
C VAL A 32 -5.08 -3.52 5.97
N LEU A 33 -5.03 -4.82 5.95
CA LEU A 33 -5.26 -5.60 7.13
C LEU A 33 -3.96 -5.88 7.85
N ARG A 34 -4.02 -5.88 9.16
CA ARG A 34 -2.86 -6.13 9.99
C ARG A 34 -2.93 -7.50 10.65
N THR A 35 -2.16 -8.43 10.13
CA THR A 35 -2.16 -9.80 10.62
C THR A 35 -1.66 -9.89 12.07
N SER A 36 -0.43 -9.50 12.33
CA SER A 36 0.14 -9.58 13.66
C SER A 36 -0.44 -8.51 14.59
N GLY A 37 -0.38 -7.27 14.16
CA GLY A 37 -0.89 -6.19 14.96
C GLY A 37 -0.26 -4.89 14.55
N ALA A 38 -0.07 -4.02 15.53
CA ALA A 38 0.51 -2.68 15.36
C ALA A 38 0.59 -2.05 16.74
N ARG A 39 1.72 -1.49 17.11
CA ARG A 39 1.83 -0.89 18.42
C ARG A 39 2.83 0.26 18.44
N GLY A 40 2.35 1.46 18.19
CA GLY A 40 3.18 2.62 18.24
C GLY A 40 2.75 3.61 17.21
N ASN A 41 3.61 3.90 16.28
CA ASN A 41 3.25 4.72 15.15
C ASN A 41 3.85 4.10 13.92
N VAL A 42 3.05 3.46 13.11
CA VAL A 42 3.57 2.80 11.94
C VAL A 42 3.04 3.44 10.66
N ILE A 43 3.95 3.84 9.81
CA ILE A 43 3.64 4.43 8.52
C ILE A 43 3.76 3.38 7.46
N VAL A 44 2.67 3.06 6.83
CA VAL A 44 2.64 2.11 5.75
C VAL A 44 2.44 2.86 4.44
N PRO A 45 3.52 3.06 3.68
CA PRO A 45 3.42 3.71 2.38
C PRO A 45 2.87 2.74 1.33
N TYR A 46 2.14 3.26 0.38
CA TYR A 46 1.62 2.45 -0.70
C TYR A 46 1.78 3.20 -2.00
N LYS A 47 1.80 2.49 -3.11
CA LYS A 47 1.99 3.12 -4.40
C LYS A 47 1.24 2.35 -5.49
N THR A 48 0.56 3.10 -6.33
CA THR A 48 -0.20 2.54 -7.40
C THR A 48 0.68 2.24 -8.61
N ILE A 49 0.69 1.00 -9.02
CA ILE A 49 1.48 0.55 -10.14
C ILE A 49 0.64 0.66 -11.39
N GLU A 50 1.08 1.46 -12.31
CA GLU A 50 0.39 1.66 -13.55
C GLU A 50 0.69 0.50 -14.49
N GLY A 51 -0.27 0.11 -15.25
CA GLY A 51 -0.10 -0.99 -16.18
C GLY A 51 -0.82 -0.66 -17.45
N THR A 52 -1.90 -1.36 -17.72
CA THR A 52 -2.71 -1.04 -18.86
C THR A 52 -3.58 0.16 -18.52
N ALA A 53 -3.82 0.32 -17.22
CA ALA A 53 -4.48 1.49 -16.70
C ALA A 53 -3.42 2.50 -16.38
N ARG A 54 -3.62 3.70 -16.81
CA ARG A 54 -2.68 4.76 -16.65
C ARG A 54 -3.16 5.69 -15.56
N GLY A 55 -2.24 6.17 -14.75
CA GLY A 55 -2.58 7.00 -13.64
C GLY A 55 -2.65 8.46 -14.00
N GLY A 56 -2.50 9.30 -13.01
CA GLY A 56 -2.56 10.73 -13.21
C GLY A 56 -3.95 11.22 -13.57
N GLY A 57 -4.96 10.43 -13.26
CA GLY A 57 -6.32 10.84 -13.55
C GLY A 57 -6.79 10.36 -14.90
N GLU A 58 -6.13 9.36 -15.45
CA GLU A 58 -6.54 8.81 -16.71
C GLU A 58 -7.61 7.73 -16.49
N ASP A 59 -7.18 6.55 -16.10
CA ASP A 59 -8.12 5.46 -15.84
C ASP A 59 -8.41 5.46 -14.36
N PHE A 60 -7.42 5.88 -13.61
CA PHE A 60 -7.51 6.02 -12.20
C PHE A 60 -6.69 7.21 -11.79
N GLU A 61 -7.02 7.79 -10.68
CA GLU A 61 -6.26 8.89 -10.17
C GLU A 61 -5.16 8.28 -9.32
N ASP A 62 -3.98 8.83 -9.41
CA ASP A 62 -2.81 8.21 -8.79
C ASP A 62 -2.81 8.45 -7.31
N THR A 63 -2.81 7.40 -6.55
CA THR A 63 -2.81 7.54 -5.13
C THR A 63 -1.68 6.73 -4.53
N CYS A 64 -0.69 7.43 -4.13
CA CYS A 64 0.43 6.88 -3.46
C CYS A 64 0.56 7.66 -2.19
N GLY A 65 0.13 7.09 -1.11
CA GLY A 65 0.10 7.79 0.13
C GLY A 65 0.66 6.98 1.25
N GLU A 66 0.58 7.51 2.43
CA GLU A 66 1.10 6.90 3.62
C GLU A 66 -0.01 6.67 4.65
N LEU A 67 -0.18 5.45 5.03
CA LEU A 67 -1.18 5.11 6.01
C LEU A 67 -0.56 5.03 7.38
N GLU A 68 -1.22 5.56 8.34
CA GLU A 68 -0.71 5.58 9.67
C GLU A 68 -1.49 4.66 10.57
N PHE A 69 -0.92 3.54 10.82
CA PHE A 69 -1.46 2.61 11.75
C PHE A 69 -0.71 2.79 13.04
N GLN A 70 -1.24 3.54 13.96
CA GLN A 70 -0.59 3.68 15.22
C GLN A 70 -0.79 2.44 16.04
N ASN A 71 -2.00 2.20 16.42
CA ASN A 71 -2.32 1.01 17.13
C ASN A 71 -3.06 0.05 16.21
N ASP A 72 -3.09 -1.20 16.60
CA ASP A 72 -3.75 -2.26 15.85
C ASP A 72 -5.28 -2.14 15.83
N GLU A 73 -5.81 -1.29 16.66
CA GLU A 73 -7.26 -1.16 16.84
C GLU A 73 -8.00 -0.60 15.59
N ILE A 74 -7.26 -0.14 14.60
CA ILE A 74 -7.85 0.48 13.44
C ILE A 74 -7.46 -0.25 12.17
N VAL A 75 -8.13 0.10 11.12
CA VAL A 75 -7.83 -0.41 9.82
C VAL A 75 -7.77 0.79 8.88
N LYS A 76 -6.85 0.80 7.97
CA LYS A 76 -6.73 1.90 7.05
C LYS A 76 -7.27 1.55 5.70
N ILE A 77 -7.83 2.53 5.08
CA ILE A 77 -8.44 2.36 3.78
C ILE A 77 -7.73 3.23 2.75
N ILE A 78 -7.47 2.63 1.62
CA ILE A 78 -6.89 3.31 0.50
C ILE A 78 -8.03 3.78 -0.39
N THR A 79 -8.03 5.04 -0.73
CA THR A 79 -9.04 5.58 -1.58
C THR A 79 -8.47 5.86 -2.97
N ILE A 80 -8.94 5.11 -3.93
CA ILE A 80 -8.50 5.27 -5.29
C ILE A 80 -9.68 5.78 -6.09
N ARG A 81 -9.47 6.82 -6.85
CA ARG A 81 -10.50 7.34 -7.69
C ARG A 81 -10.50 6.59 -9.00
N ILE A 82 -11.61 6.01 -9.33
CA ILE A 82 -11.76 5.25 -10.52
C ILE A 82 -12.51 6.07 -11.56
N PHE A 83 -12.06 6.04 -12.80
CA PHE A 83 -12.72 6.75 -13.87
C PHE A 83 -13.32 5.73 -14.83
N ASP A 84 -14.24 6.15 -15.65
CA ASP A 84 -14.86 5.25 -16.60
C ASP A 84 -14.08 5.25 -17.90
N ARG A 85 -14.21 4.21 -18.66
CA ARG A 85 -13.41 4.01 -19.85
C ARG A 85 -14.32 3.64 -21.03
N GLU A 86 -13.75 3.56 -22.21
CA GLU A 86 -14.48 3.09 -23.36
C GLU A 86 -14.75 1.61 -23.16
N GLU A 87 -15.99 1.22 -23.26
CA GLU A 87 -16.36 -0.18 -23.09
C GLU A 87 -15.81 -1.00 -24.26
N TYR A 88 -15.62 -0.34 -25.37
CA TYR A 88 -15.08 -0.99 -26.53
C TYR A 88 -13.65 -0.50 -26.75
N GLU A 89 -12.78 -1.11 -26.00
CA GLU A 89 -11.37 -0.79 -25.92
C GLU A 89 -10.68 -1.98 -25.30
N LYS A 90 -9.49 -1.78 -24.84
CA LYS A 90 -8.78 -2.78 -24.10
C LYS A 90 -8.94 -2.48 -22.62
N GLU A 91 -9.56 -3.38 -21.90
CA GLU A 91 -9.79 -3.26 -20.47
C GLU A 91 -8.50 -2.95 -19.74
N CYS A 92 -8.50 -1.86 -19.04
CA CYS A 92 -7.36 -1.40 -18.33
C CYS A 92 -7.36 -1.94 -16.90
N SER A 93 -6.20 -2.31 -16.42
CA SER A 93 -6.05 -2.77 -15.07
C SER A 93 -4.69 -2.30 -14.53
N PHE A 94 -4.59 -2.16 -13.24
CA PHE A 94 -3.35 -1.73 -12.61
C PHE A 94 -3.11 -2.54 -11.35
N SER A 95 -2.06 -2.24 -10.64
CA SER A 95 -1.79 -2.92 -9.42
C SER A 95 -1.46 -1.91 -8.33
N LEU A 96 -1.52 -2.33 -7.12
CA LEU A 96 -1.22 -1.50 -5.99
C LEU A 96 -0.43 -2.33 -5.02
N VAL A 97 0.62 -1.79 -4.49
CA VAL A 97 1.46 -2.51 -3.55
C VAL A 97 1.74 -1.66 -2.33
N LEU A 98 2.07 -2.31 -1.23
CA LEU A 98 2.42 -1.66 0.00
C LEU A 98 3.93 -1.70 0.11
N GLU A 99 4.50 -0.64 0.57
CA GLU A 99 5.93 -0.53 0.70
C GLU A 99 6.35 -0.87 2.11
N GLU A 100 7.67 -0.83 2.36
CA GLU A 100 8.19 -1.15 3.66
C GLU A 100 7.78 -0.06 4.65
N PRO A 101 7.07 -0.44 5.72
CA PRO A 101 6.56 0.51 6.69
C PRO A 101 7.65 1.10 7.59
N LYS A 102 7.29 2.18 8.25
CA LYS A 102 8.16 2.86 9.18
C LYS A 102 7.55 2.80 10.55
N TRP A 103 8.36 2.63 11.53
CA TRP A 103 7.90 2.61 12.89
C TRP A 103 8.50 3.81 13.57
N ILE A 104 7.68 4.76 13.86
CA ILE A 104 8.09 5.94 14.51
C ILE A 104 7.83 5.76 16.01
N ARG A 105 8.80 5.25 16.68
CA ARG A 105 8.65 5.00 18.09
C ARG A 105 9.29 6.13 18.84
N ARG A 106 8.48 7.07 19.26
CA ARG A 106 8.97 8.21 19.98
C ARG A 106 8.77 8.00 21.45
N GLY A 107 9.84 8.13 22.17
CA GLY A 107 9.86 7.96 23.58
C GLY A 107 11.22 8.32 24.05
N MET A 108 11.36 8.56 25.32
CA MET A 108 12.65 8.94 25.85
C MET A 108 13.50 7.70 26.09
N LYS A 109 12.86 6.62 26.47
CA LYS A 109 13.57 5.39 26.70
C LYS A 109 13.43 4.50 25.46
N GLY A 110 14.28 4.74 24.50
CA GLY A 110 14.24 3.96 23.30
C GLY A 110 15.51 3.20 23.08
N GLY A 111 16.57 3.62 23.76
CA GLY A 111 17.85 2.99 23.61
C GLY A 111 18.40 3.23 22.22
N PHE A 112 18.07 4.39 21.67
CA PHE A 112 18.42 4.75 20.30
C PHE A 112 19.92 4.84 20.16
N THR A 113 20.50 3.85 19.58
CA THR A 113 21.91 3.82 19.43
C THR A 113 22.25 3.57 17.97
N ILE A 114 22.18 4.64 17.21
CA ILE A 114 22.44 4.54 15.80
C ILE A 114 23.94 4.53 15.56
N THR A 115 24.52 3.41 15.84
CA THR A 115 25.91 3.16 15.59
C THR A 115 26.04 1.82 14.85
N GLU A 116 25.02 0.97 15.05
CA GLU A 116 24.89 -0.27 14.33
C GLU A 116 24.73 0.08 12.86
N GLU A 117 23.85 1.04 12.63
CA GLU A 117 23.65 1.63 11.35
C GLU A 117 24.50 2.86 11.34
N TYR A 118 25.35 2.94 10.38
CA TYR A 118 26.29 4.01 10.25
C TYR A 118 26.50 4.20 8.77
N ASP A 119 26.82 5.39 8.30
CA ASP A 119 26.95 5.61 6.86
C ASP A 119 28.27 5.14 6.31
N ASP A 120 28.33 3.83 6.27
CA ASP A 120 29.37 2.98 5.75
C ASP A 120 29.05 1.62 6.29
N LYS A 121 28.02 1.04 5.75
CA LYS A 121 27.54 -0.21 6.22
C LYS A 121 26.86 -0.95 5.09
N GLN A 122 27.60 -1.80 4.46
CA GLN A 122 27.04 -2.62 3.42
C GLN A 122 26.33 -3.84 4.01
N PRO A 123 26.96 -4.62 4.95
CA PRO A 123 26.24 -5.67 5.67
C PRO A 123 25.20 -5.03 6.59
N LEU A 124 24.42 -5.83 7.28
CA LEU A 124 23.39 -5.29 8.16
C LEU A 124 24.04 -4.54 9.31
N THR A 125 24.82 -5.26 10.07
CA THR A 125 25.54 -4.72 11.15
C THR A 125 26.89 -5.45 11.16
N SER A 126 27.89 -4.89 11.76
CA SER A 126 29.17 -5.54 11.84
C SER A 126 29.22 -6.42 13.09
N LYS A 127 28.47 -7.50 13.02
CA LYS A 127 28.36 -8.49 14.07
C LYS A 127 28.23 -9.82 13.35
N GLU A 128 28.42 -10.92 14.02
CA GLU A 128 28.26 -12.21 13.40
C GLU A 128 26.78 -12.61 13.40
N GLU A 129 26.38 -13.41 12.40
CA GLU A 129 25.00 -13.88 12.21
C GLU A 129 24.04 -12.77 11.82
N GLU A 130 24.58 -11.73 11.23
CA GLU A 130 23.77 -10.65 10.72
C GLU A 130 23.11 -11.05 9.43
N GLU A 131 21.86 -11.38 9.52
CA GLU A 131 21.09 -11.81 8.39
C GLU A 131 20.05 -10.72 8.13
N ARG A 132 19.74 -10.44 6.86
CA ARG A 132 18.79 -9.37 6.55
C ARG A 132 17.42 -9.70 7.10
N ARG A 133 17.10 -10.98 7.18
CA ARG A 133 15.83 -11.42 7.72
C ARG A 133 15.69 -11.04 9.19
N ILE A 134 16.80 -11.04 9.90
CA ILE A 134 16.80 -10.68 11.30
C ILE A 134 16.78 -9.16 11.44
N ALA A 135 17.43 -8.47 10.50
CA ALA A 135 17.39 -7.02 10.47
C ALA A 135 15.96 -6.57 10.20
N GLU A 136 15.29 -7.32 9.34
CA GLU A 136 13.91 -7.06 9.03
C GLU A 136 13.01 -7.41 10.20
N MET A 137 13.39 -8.40 10.99
CA MET A 137 12.58 -8.77 12.15
C MET A 137 12.75 -7.72 13.27
N GLY A 138 13.68 -6.79 13.06
CA GLY A 138 13.92 -5.74 14.00
C GLY A 138 13.41 -4.41 13.49
N ARG A 139 12.47 -4.46 12.58
CA ARG A 139 11.84 -3.27 12.02
C ARG A 139 10.38 -3.62 11.73
N PRO A 140 9.52 -2.63 11.43
CA PRO A 140 8.15 -2.90 10.99
C PRO A 140 8.18 -3.58 9.62
N ILE A 141 7.29 -4.50 9.41
CA ILE A 141 7.28 -5.27 8.20
C ILE A 141 5.87 -5.37 7.65
N LEU A 142 5.71 -6.08 6.59
CA LEU A 142 4.42 -6.30 6.03
C LEU A 142 4.32 -7.73 5.56
N GLY A 143 3.29 -8.04 4.81
CA GLY A 143 3.12 -9.38 4.32
C GLY A 143 4.19 -9.77 3.32
N GLU A 144 4.35 -11.06 3.15
CA GLU A 144 5.33 -11.67 2.26
C GLU A 144 5.18 -11.11 0.85
N HIS A 145 4.04 -11.39 0.27
CA HIS A 145 3.69 -10.94 -1.03
C HIS A 145 2.33 -10.33 -0.97
N THR A 146 2.27 -9.04 -1.00
CA THR A 146 1.04 -8.37 -0.93
C THR A 146 0.93 -7.35 -2.07
N LYS A 147 0.00 -7.62 -2.93
CA LYS A 147 -0.26 -6.83 -4.08
C LYS A 147 -1.74 -6.86 -4.29
N LEU A 148 -2.27 -5.82 -4.82
CA LEU A 148 -3.64 -5.78 -5.17
C LEU A 148 -3.75 -5.36 -6.60
N GLU A 149 -4.14 -6.26 -7.42
CA GLU A 149 -4.37 -5.95 -8.77
C GLU A 149 -5.78 -5.47 -8.89
N VAL A 150 -5.94 -4.32 -9.45
CA VAL A 150 -7.22 -3.70 -9.56
C VAL A 150 -7.61 -3.63 -11.01
N ILE A 151 -8.72 -4.21 -11.29
CA ILE A 151 -9.22 -4.31 -12.62
C ILE A 151 -10.46 -3.45 -12.78
N ILE A 152 -10.52 -2.73 -13.87
CA ILE A 152 -11.64 -1.88 -14.20
C ILE A 152 -12.15 -2.21 -15.57
N GLU A 153 -13.47 -2.04 -15.77
CA GLU A 153 -14.18 -2.27 -17.05
C GLU A 153 -14.32 -3.78 -17.38
N GLU A 154 -13.39 -4.56 -16.91
CA GLU A 154 -13.45 -5.99 -17.07
C GLU A 154 -14.11 -6.52 -15.79
N SER A 155 -15.39 -6.76 -15.85
CA SER A 155 -16.11 -7.23 -14.72
C SER A 155 -16.29 -8.73 -14.81
N TYR A 156 -16.02 -9.40 -13.73
CA TYR A 156 -16.13 -10.83 -13.66
C TYR A 156 -16.90 -11.20 -12.41
N GLU A 157 -17.14 -12.47 -12.20
CA GLU A 157 -17.80 -12.89 -11.00
C GLU A 157 -16.80 -12.94 -9.86
N PHE A 158 -16.98 -12.08 -8.90
CA PHE A 158 -16.18 -12.02 -7.75
C PHE A 158 -16.50 -13.22 -6.88
N LYS A 159 -15.53 -14.13 -6.73
CA LYS A 159 -15.74 -15.43 -6.08
C LYS A 159 -16.26 -15.34 -4.63
N SER A 160 -15.99 -14.20 -3.97
CA SER A 160 -16.50 -13.92 -2.61
C SER A 160 -16.00 -14.95 -1.59
N THR A 161 -14.94 -15.63 -1.94
CA THR A 161 -14.44 -16.72 -1.17
C THR A 161 -12.92 -16.60 -1.05
N VAL A 162 -12.45 -16.53 0.17
CA VAL A 162 -11.03 -16.51 0.41
C VAL A 162 -10.56 -17.91 0.79
N ASP A 163 -9.35 -18.23 0.42
CA ASP A 163 -8.83 -19.60 0.65
C ASP A 163 -8.42 -19.79 2.11
N HIS A 8 6.92 -10.74 11.88
CA HIS A 8 5.63 -10.98 12.52
C HIS A 8 5.34 -9.97 13.62
N ALA A 9 6.13 -8.94 13.67
CA ALA A 9 5.90 -7.85 14.60
C ALA A 9 4.75 -6.99 14.07
N GLY A 10 4.89 -6.54 12.84
CA GLY A 10 3.88 -5.75 12.22
C GLY A 10 3.79 -6.09 10.76
N ILE A 11 2.93 -7.03 10.43
CA ILE A 11 2.73 -7.47 9.06
C ILE A 11 1.53 -6.74 8.47
N PHE A 12 1.77 -5.93 7.49
CA PHE A 12 0.71 -5.22 6.80
C PHE A 12 0.40 -5.93 5.50
N THR A 13 -0.85 -6.16 5.23
CA THR A 13 -1.23 -6.85 4.03
C THR A 13 -2.56 -6.33 3.50
N PHE A 14 -2.76 -6.47 2.21
CA PHE A 14 -4.02 -6.11 1.58
C PHE A 14 -5.07 -7.16 1.90
N GLU A 15 -6.34 -6.75 1.88
CA GLU A 15 -7.48 -7.65 2.09
C GLU A 15 -7.44 -8.79 1.08
N GLU A 16 -7.41 -8.42 -0.17
CA GLU A 16 -7.41 -9.34 -1.29
C GLU A 16 -6.17 -9.10 -2.15
N PRO A 17 -5.77 -10.07 -2.99
CA PRO A 17 -4.69 -9.85 -3.95
C PRO A 17 -5.19 -9.25 -5.28
N VAL A 18 -6.49 -9.39 -5.54
CA VAL A 18 -7.11 -8.88 -6.75
C VAL A 18 -8.52 -8.40 -6.41
N THR A 19 -8.87 -7.26 -6.92
CA THR A 19 -10.18 -6.74 -6.72
C THR A 19 -10.75 -6.23 -8.06
N HIS A 20 -11.89 -6.75 -8.41
CA HIS A 20 -12.59 -6.31 -9.59
C HIS A 20 -13.67 -5.34 -9.16
N VAL A 21 -13.55 -4.12 -9.58
CA VAL A 21 -14.49 -3.06 -9.22
C VAL A 21 -15.03 -2.39 -10.47
N SER A 22 -16.04 -1.59 -10.28
CA SER A 22 -16.67 -0.89 -11.36
C SER A 22 -15.85 0.32 -11.79
N GLU A 23 -16.04 0.72 -13.02
CA GLU A 23 -15.43 1.92 -13.53
C GLU A 23 -16.21 3.13 -13.00
N SER A 24 -17.44 2.89 -12.59
CA SER A 24 -18.32 3.91 -12.10
C SER A 24 -18.59 3.70 -10.60
N ILE A 25 -17.61 3.19 -9.89
CA ILE A 25 -17.74 3.05 -8.44
C ILE A 25 -17.38 4.39 -7.76
N GLY A 26 -16.62 5.21 -8.46
CA GLY A 26 -16.21 6.46 -7.91
C GLY A 26 -14.93 6.33 -7.14
N ILE A 27 -15.03 5.77 -5.97
CA ILE A 27 -13.89 5.62 -5.09
C ILE A 27 -13.87 4.18 -4.63
N MET A 28 -12.76 3.52 -4.77
CA MET A 28 -12.65 2.16 -4.30
C MET A 28 -11.95 2.15 -2.95
N GLU A 29 -12.18 1.10 -2.18
CA GLU A 29 -11.68 0.99 -0.82
C GLU A 29 -10.69 -0.16 -0.67
N VAL A 30 -9.55 0.12 -0.06
CA VAL A 30 -8.60 -0.92 0.28
C VAL A 30 -8.27 -0.86 1.74
N LYS A 31 -8.60 -1.87 2.47
CA LYS A 31 -8.19 -1.94 3.86
C LYS A 31 -6.86 -2.67 3.97
N VAL A 32 -5.91 -2.02 4.58
CA VAL A 32 -4.64 -2.66 4.84
C VAL A 32 -4.69 -3.22 6.25
N LEU A 33 -4.68 -4.50 6.34
CA LEU A 33 -4.87 -5.23 7.56
C LEU A 33 -3.54 -5.59 8.19
N ARG A 34 -3.53 -5.74 9.50
CA ARG A 34 -2.34 -6.20 10.19
C ARG A 34 -2.57 -7.62 10.64
N THR A 35 -1.81 -8.53 10.10
CA THR A 35 -1.92 -9.93 10.48
C THR A 35 -1.50 -10.12 11.95
N SER A 36 -0.34 -9.58 12.27
CA SER A 36 0.23 -9.69 13.58
C SER A 36 -0.48 -8.80 14.60
N GLY A 37 -0.60 -7.56 14.25
CA GLY A 37 -1.17 -6.59 15.12
C GLY A 37 -0.36 -5.33 15.01
N ALA A 38 -0.41 -4.50 16.03
CA ALA A 38 0.31 -3.24 16.03
C ALA A 38 0.29 -2.64 17.40
N ARG A 39 1.33 -1.90 17.71
CA ARG A 39 1.43 -1.19 18.95
C ARG A 39 2.43 -0.06 18.69
N GLY A 40 1.91 1.11 18.50
CA GLY A 40 2.71 2.26 18.18
C GLY A 40 2.22 2.90 16.91
N ASN A 41 2.92 3.87 16.41
CA ASN A 41 2.55 4.56 15.18
C ASN A 41 3.35 3.99 14.04
N VAL A 42 2.70 3.43 13.07
CA VAL A 42 3.42 2.87 11.95
C VAL A 42 2.97 3.54 10.67
N ILE A 43 3.89 4.14 9.99
CA ILE A 43 3.58 4.81 8.75
C ILE A 43 3.84 3.84 7.59
N VAL A 44 2.80 3.54 6.88
CA VAL A 44 2.83 2.56 5.81
C VAL A 44 2.62 3.23 4.45
N PRO A 45 3.66 3.35 3.65
CA PRO A 45 3.55 3.90 2.31
C PRO A 45 2.95 2.87 1.33
N TYR A 46 2.27 3.36 0.33
CA TYR A 46 1.70 2.53 -0.71
C TYR A 46 1.86 3.26 -2.03
N LYS A 47 1.76 2.54 -3.12
CA LYS A 47 1.83 3.16 -4.42
C LYS A 47 1.06 2.38 -5.46
N THR A 48 0.33 3.10 -6.28
CA THR A 48 -0.38 2.52 -7.37
C THR A 48 0.54 2.32 -8.57
N ILE A 49 0.47 1.18 -9.17
CA ILE A 49 1.27 0.84 -10.29
C ILE A 49 0.42 0.93 -11.53
N GLU A 50 0.87 1.67 -12.50
CA GLU A 50 0.17 1.78 -13.75
C GLU A 50 0.46 0.54 -14.57
N GLY A 51 -0.53 -0.27 -14.77
CA GLY A 51 -0.37 -1.46 -15.55
C GLY A 51 -0.94 -1.24 -16.92
N THR A 52 -2.07 -1.82 -17.19
CA THR A 52 -2.72 -1.63 -18.45
C THR A 52 -3.66 -0.43 -18.37
N ALA A 53 -3.87 0.04 -17.16
CA ALA A 53 -4.66 1.23 -16.90
C ALA A 53 -3.71 2.38 -16.68
N ARG A 54 -4.06 3.54 -17.17
CA ARG A 54 -3.20 4.69 -17.06
C ARG A 54 -3.66 5.59 -15.94
N GLY A 55 -2.73 6.03 -15.12
CA GLY A 55 -3.06 6.85 -14.00
C GLY A 55 -2.97 8.31 -14.35
N GLY A 56 -2.86 9.14 -13.36
CA GLY A 56 -2.75 10.56 -13.57
C GLY A 56 -4.04 11.17 -14.05
N GLY A 57 -5.14 10.67 -13.51
CA GLY A 57 -6.45 11.21 -13.82
C GLY A 57 -7.06 10.65 -15.09
N GLU A 58 -6.39 9.67 -15.68
CA GLU A 58 -6.87 9.06 -16.91
C GLU A 58 -7.95 8.02 -16.65
N ASP A 59 -7.51 6.83 -16.31
CA ASP A 59 -8.42 5.73 -16.02
C ASP A 59 -8.69 5.73 -14.55
N PHE A 60 -7.63 5.85 -13.81
CA PHE A 60 -7.69 5.97 -12.39
C PHE A 60 -6.82 7.12 -11.99
N GLU A 61 -7.02 7.63 -10.82
CA GLU A 61 -6.17 8.67 -10.35
C GLU A 61 -5.06 8.00 -9.57
N ASP A 62 -3.85 8.39 -9.86
CA ASP A 62 -2.68 7.74 -9.29
C ASP A 62 -2.44 8.25 -7.88
N THR A 63 -2.36 7.37 -6.94
CA THR A 63 -2.21 7.76 -5.57
C THR A 63 -1.13 6.95 -4.88
N CYS A 64 -0.16 7.64 -4.38
CA CYS A 64 0.90 7.08 -3.62
C CYS A 64 1.08 7.94 -2.40
N GLY A 65 1.10 7.34 -1.26
CA GLY A 65 1.20 8.10 -0.06
C GLY A 65 1.41 7.21 1.11
N GLU A 66 1.46 7.80 2.26
CA GLU A 66 1.68 7.06 3.47
C GLU A 66 0.47 7.08 4.38
N LEU A 67 0.10 5.91 4.81
CA LEU A 67 -0.98 5.70 5.72
C LEU A 67 -0.46 5.75 7.13
N GLU A 68 -1.22 6.35 7.98
CA GLU A 68 -0.85 6.45 9.34
C GLU A 68 -1.55 5.40 10.16
N PHE A 69 -0.86 4.37 10.48
CA PHE A 69 -1.39 3.36 11.31
C PHE A 69 -0.98 3.57 12.73
N GLN A 70 -1.81 3.16 13.60
CA GLN A 70 -1.59 3.21 15.01
C GLN A 70 -1.83 1.81 15.54
N ASN A 71 -2.45 1.70 16.70
CA ASN A 71 -2.70 0.42 17.34
C ASN A 71 -3.61 -0.45 16.45
N ASP A 72 -3.55 -1.77 16.66
CA ASP A 72 -4.27 -2.79 15.84
C ASP A 72 -5.79 -2.55 15.74
N GLU A 73 -6.32 -1.80 16.68
CA GLU A 73 -7.74 -1.50 16.77
C GLU A 73 -8.30 -0.79 15.50
N ILE A 74 -7.46 -0.01 14.83
CA ILE A 74 -7.90 0.76 13.68
C ILE A 74 -7.48 0.09 12.39
N VAL A 75 -8.00 0.56 11.30
CA VAL A 75 -7.64 0.07 10.00
C VAL A 75 -7.67 1.27 9.07
N LYS A 76 -6.90 1.24 8.02
CA LYS A 76 -6.88 2.33 7.08
C LYS A 76 -7.42 1.90 5.78
N ILE A 77 -7.88 2.86 5.02
CA ILE A 77 -8.46 2.61 3.72
C ILE A 77 -7.78 3.47 2.68
N ILE A 78 -7.36 2.85 1.64
CA ILE A 78 -6.79 3.54 0.52
C ILE A 78 -7.92 3.83 -0.42
N THR A 79 -8.10 5.07 -0.74
CA THR A 79 -9.15 5.46 -1.59
C THR A 79 -8.58 5.84 -2.94
N ILE A 80 -9.03 5.18 -3.97
CA ILE A 80 -8.57 5.47 -5.29
C ILE A 80 -9.72 5.93 -6.15
N ARG A 81 -9.53 7.06 -6.79
CA ARG A 81 -10.51 7.63 -7.70
C ARG A 81 -10.53 6.85 -9.00
N ILE A 82 -11.66 6.29 -9.29
CA ILE A 82 -11.86 5.50 -10.48
C ILE A 82 -12.71 6.31 -11.47
N PHE A 83 -12.31 6.30 -12.70
CA PHE A 83 -12.98 7.03 -13.76
C PHE A 83 -13.36 6.02 -14.85
N ASP A 84 -14.25 6.40 -15.76
CA ASP A 84 -14.70 5.52 -16.86
C ASP A 84 -13.51 5.00 -17.65
N ARG A 85 -13.63 3.75 -18.08
CA ARG A 85 -12.57 2.97 -18.75
C ARG A 85 -11.75 3.82 -19.78
N GLU A 86 -10.51 4.03 -19.50
CA GLU A 86 -9.71 4.79 -20.41
C GLU A 86 -8.81 3.87 -21.22
N GLU A 87 -8.65 4.21 -22.49
CA GLU A 87 -7.93 3.43 -23.48
C GLU A 87 -8.66 2.16 -23.80
N TYR A 88 -9.39 2.20 -24.87
CA TYR A 88 -10.12 1.06 -25.34
C TYR A 88 -9.16 0.12 -26.01
N GLU A 89 -9.62 -1.10 -26.27
CA GLU A 89 -8.81 -2.16 -26.88
C GLU A 89 -7.78 -2.70 -25.87
N LYS A 90 -7.99 -2.30 -24.62
CA LYS A 90 -7.21 -2.73 -23.47
C LYS A 90 -8.19 -2.96 -22.33
N GLU A 91 -7.83 -3.79 -21.41
CA GLU A 91 -8.61 -3.96 -20.22
C GLU A 91 -7.89 -3.25 -19.09
N CYS A 92 -8.61 -2.44 -18.37
CA CYS A 92 -8.04 -1.61 -17.34
C CYS A 92 -7.69 -2.43 -16.09
N SER A 93 -6.42 -2.50 -15.79
CA SER A 93 -5.96 -3.16 -14.60
C SER A 93 -4.72 -2.44 -14.09
N PHE A 94 -4.72 -2.08 -12.84
CA PHE A 94 -3.56 -1.50 -12.23
C PHE A 94 -3.28 -2.21 -10.93
N SER A 95 -2.12 -2.02 -10.38
CA SER A 95 -1.82 -2.71 -9.17
C SER A 95 -1.53 -1.72 -8.06
N LEU A 96 -1.57 -2.18 -6.86
CA LEU A 96 -1.27 -1.40 -5.71
C LEU A 96 -0.40 -2.24 -4.82
N VAL A 97 0.70 -1.68 -4.39
CA VAL A 97 1.64 -2.35 -3.52
C VAL A 97 1.99 -1.47 -2.35
N LEU A 98 2.49 -2.07 -1.31
CA LEU A 98 2.86 -1.38 -0.09
C LEU A 98 4.37 -1.29 0.00
N GLU A 99 4.87 -0.21 0.53
CA GLU A 99 6.29 -0.03 0.66
C GLU A 99 6.69 -0.42 2.07
N GLU A 100 7.98 -0.36 2.36
CA GLU A 100 8.50 -0.66 3.68
C GLU A 100 7.88 0.30 4.72
N PRO A 101 7.14 -0.23 5.69
CA PRO A 101 6.51 0.57 6.71
C PRO A 101 7.52 1.00 7.77
N LYS A 102 7.29 2.15 8.32
CA LYS A 102 8.18 2.68 9.32
C LYS A 102 7.48 2.76 10.66
N TRP A 103 8.05 2.12 11.65
CA TRP A 103 7.42 2.00 12.95
C TRP A 103 7.97 3.05 13.90
N ILE A 104 7.15 3.99 14.24
CA ILE A 104 7.50 4.99 15.19
C ILE A 104 7.06 4.48 16.54
N ARG A 105 7.93 3.77 17.18
CA ARG A 105 7.67 3.27 18.48
C ARG A 105 8.41 4.11 19.49
N ARG A 106 7.70 5.12 19.95
CA ARG A 106 8.18 6.14 20.88
C ARG A 106 9.04 5.57 21.98
N GLY A 107 10.30 5.90 21.92
CA GLY A 107 11.25 5.45 22.88
C GLY A 107 12.56 6.15 22.68
N MET A 108 13.60 5.62 23.27
CA MET A 108 14.92 6.23 23.15
C MET A 108 15.47 5.97 21.76
N LYS A 109 15.30 4.76 21.28
CA LYS A 109 15.72 4.42 19.93
C LYS A 109 14.59 4.67 18.96
N GLY A 110 13.38 4.60 19.44
CA GLY A 110 12.24 4.89 18.62
C GLY A 110 11.88 6.35 18.64
N GLY A 111 12.74 7.16 18.08
CA GLY A 111 12.51 8.57 18.02
C GLY A 111 12.83 9.08 16.65
N PHE A 112 12.10 8.59 15.69
CA PHE A 112 12.32 8.96 14.32
C PHE A 112 11.00 8.94 13.58
N THR A 113 10.86 9.81 12.66
CA THR A 113 9.73 9.86 11.78
C THR A 113 10.20 10.35 10.44
N ILE A 114 10.21 9.47 9.50
CA ILE A 114 10.68 9.79 8.19
C ILE A 114 9.48 10.15 7.33
N THR A 115 9.51 11.32 6.76
CA THR A 115 8.47 11.78 5.85
C THR A 115 9.10 11.95 4.49
N GLU A 116 10.22 11.34 4.33
CA GLU A 116 10.91 11.36 3.11
C GLU A 116 11.21 9.95 2.64
N GLU A 117 10.25 9.36 2.01
CA GLU A 117 10.48 8.11 1.40
C GLU A 117 11.17 8.42 0.09
N TYR A 118 12.45 8.18 0.08
CA TYR A 118 13.32 8.57 -0.96
C TYR A 118 13.14 7.80 -2.26
N ASP A 119 12.67 6.59 -2.15
CA ASP A 119 12.51 5.74 -3.31
C ASP A 119 11.27 4.88 -3.15
N ASP A 120 10.22 5.27 -3.84
CA ASP A 120 8.97 4.53 -3.80
C ASP A 120 8.98 3.51 -4.92
N LYS A 121 9.81 2.51 -4.78
CA LYS A 121 9.98 1.48 -5.81
C LYS A 121 10.12 0.12 -5.20
N GLN A 122 9.65 -0.05 -4.00
CA GLN A 122 9.81 -1.31 -3.31
C GLN A 122 8.70 -2.29 -3.67
N PRO A 123 9.05 -3.42 -4.29
CA PRO A 123 8.11 -4.47 -4.56
C PRO A 123 8.13 -5.50 -3.43
N LEU A 124 7.20 -6.40 -3.46
CA LEU A 124 7.14 -7.40 -2.44
C LEU A 124 7.74 -8.68 -2.95
N THR A 125 9.03 -8.67 -2.96
CA THR A 125 9.82 -9.76 -3.41
C THR A 125 10.80 -10.13 -2.33
N SER A 126 10.97 -11.39 -2.10
CA SER A 126 11.84 -11.83 -1.06
C SER A 126 12.75 -12.92 -1.56
N LYS A 127 14.02 -12.63 -1.62
CA LYS A 127 15.00 -13.60 -1.98
C LYS A 127 16.17 -13.43 -1.05
N GLU A 128 15.91 -13.69 0.20
CA GLU A 128 16.87 -13.52 1.25
C GLU A 128 17.06 -14.83 1.96
N GLU A 129 18.11 -14.91 2.73
CA GLU A 129 18.35 -16.06 3.56
C GLU A 129 17.43 -15.84 4.77
N GLU A 130 16.87 -16.90 5.34
CA GLU A 130 15.86 -16.74 6.36
C GLU A 130 16.36 -16.13 7.68
N GLU A 131 17.68 -16.09 7.91
CA GLU A 131 18.16 -15.40 9.10
C GLU A 131 17.88 -13.88 9.00
N ARG A 132 17.80 -13.39 7.76
CA ARG A 132 17.41 -12.01 7.50
C ARG A 132 15.96 -11.82 7.89
N ARG A 133 15.17 -12.83 7.59
CA ARG A 133 13.75 -12.81 7.86
C ARG A 133 13.48 -12.82 9.37
N ILE A 134 14.34 -13.50 10.13
CA ILE A 134 14.25 -13.53 11.59
C ILE A 134 14.34 -12.11 12.15
N ALA A 135 15.23 -11.32 11.57
CA ALA A 135 15.39 -9.94 11.95
C ALA A 135 14.16 -9.16 11.56
N GLU A 136 13.65 -9.45 10.35
CA GLU A 136 12.45 -8.80 9.82
C GLU A 136 11.22 -9.11 10.68
N MET A 137 11.23 -10.28 11.31
CA MET A 137 10.12 -10.69 12.16
C MET A 137 10.00 -9.82 13.42
N GLY A 138 10.99 -8.98 13.64
CA GLY A 138 10.95 -8.03 14.73
C GLY A 138 10.84 -6.62 14.19
N ARG A 139 10.57 -6.51 12.91
CA ARG A 139 10.49 -5.24 12.22
C ARG A 139 9.09 -5.04 11.63
N PRO A 140 8.74 -3.79 11.29
CA PRO A 140 7.53 -3.50 10.52
C PRO A 140 7.73 -3.99 9.08
N ILE A 141 6.89 -4.88 8.65
CA ILE A 141 7.02 -5.50 7.35
C ILE A 141 5.67 -5.63 6.67
N LEU A 142 5.68 -6.20 5.51
CA LEU A 142 4.48 -6.44 4.79
C LEU A 142 4.31 -7.93 4.68
N GLY A 143 3.15 -8.36 4.23
CA GLY A 143 2.95 -9.76 3.94
C GLY A 143 3.85 -10.13 2.78
N GLU A 144 4.22 -11.41 2.68
CA GLU A 144 5.21 -11.92 1.72
C GLU A 144 5.09 -11.26 0.34
N HIS A 145 3.98 -11.49 -0.30
CA HIS A 145 3.74 -10.90 -1.58
C HIS A 145 2.38 -10.26 -1.54
N THR A 146 2.32 -9.05 -1.03
CA THR A 146 1.08 -8.37 -0.93
C THR A 146 0.94 -7.33 -2.06
N LYS A 147 0.04 -7.61 -2.94
CA LYS A 147 -0.23 -6.76 -4.05
C LYS A 147 -1.69 -6.85 -4.35
N LEU A 148 -2.30 -5.73 -4.56
CA LEU A 148 -3.68 -5.71 -4.91
C LEU A 148 -3.84 -5.23 -6.31
N GLU A 149 -4.27 -6.08 -7.17
CA GLU A 149 -4.54 -5.71 -8.51
C GLU A 149 -5.96 -5.27 -8.62
N VAL A 150 -6.12 -4.05 -8.96
CA VAL A 150 -7.40 -3.44 -9.07
C VAL A 150 -7.77 -3.40 -10.51
N ILE A 151 -8.79 -4.09 -10.82
CA ILE A 151 -9.23 -4.23 -12.15
C ILE A 151 -10.59 -3.60 -12.32
N ILE A 152 -10.67 -2.76 -13.29
CA ILE A 152 -11.86 -2.07 -13.63
C ILE A 152 -12.24 -2.45 -15.03
N GLU A 153 -13.43 -2.91 -15.20
CA GLU A 153 -13.84 -3.37 -16.48
C GLU A 153 -15.18 -2.77 -16.81
N GLU A 154 -15.34 -2.40 -18.06
CA GLU A 154 -16.59 -1.87 -18.54
C GLU A 154 -17.43 -3.09 -18.88
N SER A 155 -18.68 -3.12 -18.37
CA SER A 155 -19.58 -4.28 -18.51
C SER A 155 -19.03 -5.45 -17.69
N TYR A 156 -18.39 -5.10 -16.58
CA TYR A 156 -17.78 -6.03 -15.63
C TYR A 156 -18.80 -7.06 -15.08
N GLU A 157 -18.29 -8.08 -14.47
CA GLU A 157 -19.10 -9.08 -13.85
C GLU A 157 -18.80 -9.02 -12.35
N PHE A 158 -19.75 -8.58 -11.60
CA PHE A 158 -19.59 -8.43 -10.16
C PHE A 158 -20.56 -9.36 -9.48
N LYS A 159 -20.09 -10.11 -8.52
CA LYS A 159 -20.93 -11.13 -7.89
C LYS A 159 -21.97 -10.56 -6.95
N SER A 160 -21.62 -9.48 -6.24
CA SER A 160 -22.52 -8.77 -5.32
C SER A 160 -23.17 -9.72 -4.29
N THR A 161 -22.46 -10.75 -3.95
CA THR A 161 -22.95 -11.74 -3.05
C THR A 161 -22.65 -11.33 -1.61
N VAL A 162 -23.69 -11.00 -0.89
CA VAL A 162 -23.55 -10.52 0.47
C VAL A 162 -23.60 -11.70 1.45
N ASP A 163 -24.17 -12.78 1.00
CA ASP A 163 -24.32 -13.98 1.80
C ASP A 163 -23.86 -15.20 1.02
N HIS A 8 7.91 -10.13 12.04
CA HIS A 8 6.47 -10.34 11.98
C HIS A 8 5.74 -9.23 12.73
N ALA A 9 6.50 -8.23 13.10
CA ALA A 9 5.98 -7.10 13.83
C ALA A 9 5.15 -6.19 12.94
N GLY A 10 3.85 -6.19 13.21
CA GLY A 10 2.90 -5.35 12.51
C GLY A 10 2.78 -5.64 11.03
N ILE A 11 2.42 -6.86 10.70
CA ILE A 11 2.28 -7.27 9.30
C ILE A 11 1.05 -6.63 8.65
N PHE A 12 1.29 -5.77 7.69
CA PHE A 12 0.21 -5.10 6.95
C PHE A 12 0.03 -5.81 5.60
N THR A 13 -1.18 -6.11 5.23
CA THR A 13 -1.41 -6.78 3.98
C THR A 13 -2.77 -6.36 3.39
N PHE A 14 -2.92 -6.51 2.09
CA PHE A 14 -4.18 -6.23 1.41
C PHE A 14 -5.22 -7.29 1.76
N GLU A 15 -6.48 -6.92 1.65
CA GLU A 15 -7.61 -7.84 1.88
C GLU A 15 -7.48 -9.05 0.97
N GLU A 16 -7.39 -8.78 -0.30
CA GLU A 16 -7.27 -9.80 -1.30
C GLU A 16 -6.18 -9.38 -2.25
N PRO A 17 -5.59 -10.31 -3.01
CA PRO A 17 -4.54 -9.97 -3.98
C PRO A 17 -5.09 -9.39 -5.29
N VAL A 18 -6.34 -9.65 -5.60
CA VAL A 18 -6.96 -9.16 -6.82
C VAL A 18 -8.37 -8.67 -6.53
N THR A 19 -8.71 -7.51 -7.03
CA THR A 19 -10.02 -6.97 -6.86
C THR A 19 -10.53 -6.44 -8.21
N HIS A 20 -11.78 -6.68 -8.49
CA HIS A 20 -12.39 -6.12 -9.66
C HIS A 20 -13.35 -5.07 -9.20
N VAL A 21 -13.30 -3.93 -9.80
CA VAL A 21 -14.19 -2.86 -9.41
C VAL A 21 -14.95 -2.36 -10.58
N SER A 22 -15.99 -1.64 -10.31
CA SER A 22 -16.83 -1.06 -11.32
C SER A 22 -16.19 0.24 -11.83
N GLU A 23 -16.64 0.72 -12.96
CA GLU A 23 -16.12 1.96 -13.50
C GLU A 23 -16.82 3.10 -12.80
N SER A 24 -18.08 2.87 -12.49
CA SER A 24 -18.94 3.87 -11.89
C SER A 24 -18.98 3.71 -10.37
N ILE A 25 -17.91 3.17 -9.80
CA ILE A 25 -17.87 2.96 -8.36
C ILE A 25 -17.51 4.27 -7.63
N GLY A 26 -16.83 5.15 -8.33
CA GLY A 26 -16.41 6.39 -7.75
C GLY A 26 -15.10 6.25 -7.04
N ILE A 27 -15.14 5.64 -5.90
CA ILE A 27 -13.99 5.48 -5.07
C ILE A 27 -13.94 4.04 -4.68
N MET A 28 -12.79 3.45 -4.70
CA MET A 28 -12.66 2.09 -4.27
C MET A 28 -11.89 2.08 -2.97
N GLU A 29 -12.19 1.12 -2.13
CA GLU A 29 -11.60 1.02 -0.82
C GLU A 29 -10.69 -0.17 -0.74
N VAL A 30 -9.54 0.03 -0.18
CA VAL A 30 -8.64 -1.05 0.12
C VAL A 30 -8.35 -1.04 1.59
N LYS A 31 -8.77 -2.05 2.28
CA LYS A 31 -8.40 -2.17 3.65
C LYS A 31 -7.06 -2.82 3.78
N VAL A 32 -6.16 -2.13 4.37
CA VAL A 32 -4.87 -2.66 4.65
C VAL A 32 -4.94 -3.29 6.02
N LEU A 33 -5.06 -4.59 6.01
CA LEU A 33 -5.29 -5.38 7.17
C LEU A 33 -4.01 -5.70 7.87
N ARG A 34 -4.13 -6.12 9.08
CA ARG A 34 -3.03 -6.48 9.92
C ARG A 34 -3.12 -7.93 10.30
N THR A 35 -2.24 -8.73 9.76
CA THR A 35 -2.20 -10.14 10.06
C THR A 35 -1.80 -10.35 11.54
N SER A 36 -0.59 -9.95 11.90
CA SER A 36 -0.13 -10.03 13.27
C SER A 36 -0.77 -8.96 14.16
N GLY A 37 -0.95 -7.79 13.59
CA GLY A 37 -1.51 -6.69 14.32
C GLY A 37 -0.59 -5.51 14.25
N ALA A 38 -0.27 -4.94 15.41
CA ALA A 38 0.61 -3.80 15.57
C ALA A 38 0.64 -3.45 17.02
N ARG A 39 1.54 -2.59 17.39
CA ARG A 39 1.57 -2.05 18.72
C ARG A 39 2.45 -0.83 18.70
N GLY A 40 1.88 0.26 18.26
CA GLY A 40 2.59 1.50 18.12
C GLY A 40 2.25 2.15 16.80
N ASN A 41 2.69 3.37 16.60
CA ASN A 41 2.38 4.10 15.37
C ASN A 41 3.41 3.79 14.28
N VAL A 42 2.92 3.43 13.12
CA VAL A 42 3.73 3.03 11.99
C VAL A 42 3.18 3.69 10.72
N ILE A 43 4.07 4.24 9.93
CA ILE A 43 3.71 4.85 8.67
C ILE A 43 3.87 3.82 7.56
N VAL A 44 2.79 3.57 6.85
CA VAL A 44 2.76 2.58 5.78
C VAL A 44 2.56 3.27 4.43
N PRO A 45 3.60 3.43 3.64
CA PRO A 45 3.48 3.98 2.32
C PRO A 45 2.93 2.94 1.33
N TYR A 46 2.22 3.40 0.37
CA TYR A 46 1.68 2.55 -0.67
C TYR A 46 1.85 3.25 -2.00
N LYS A 47 1.67 2.54 -3.08
CA LYS A 47 1.78 3.15 -4.39
C LYS A 47 1.03 2.34 -5.44
N THR A 48 0.29 3.04 -6.26
CA THR A 48 -0.41 2.43 -7.34
C THR A 48 0.52 2.20 -8.52
N ILE A 49 0.57 0.99 -8.98
CA ILE A 49 1.40 0.59 -10.07
C ILE A 49 0.56 0.67 -11.32
N GLU A 50 0.94 1.53 -12.20
CA GLU A 50 0.18 1.75 -13.41
C GLU A 50 0.49 0.69 -14.46
N GLY A 51 -0.47 -0.15 -14.74
CA GLY A 51 -0.29 -1.18 -15.73
C GLY A 51 -0.92 -0.78 -17.03
N THR A 52 -2.00 -1.46 -17.38
CA THR A 52 -2.77 -1.13 -18.53
C THR A 52 -3.49 0.19 -18.25
N ALA A 53 -3.88 0.34 -17.00
CA ALA A 53 -4.53 1.52 -16.52
C ALA A 53 -3.47 2.48 -16.03
N ARG A 54 -3.58 3.72 -16.44
CA ARG A 54 -2.61 4.72 -16.04
C ARG A 54 -3.24 5.78 -15.17
N GLY A 55 -2.39 6.43 -14.41
CA GLY A 55 -2.83 7.43 -13.50
C GLY A 55 -2.89 8.78 -14.13
N GLY A 56 -2.75 9.82 -13.33
CA GLY A 56 -2.84 11.19 -13.81
C GLY A 56 -4.23 11.56 -14.29
N GLY A 57 -5.20 10.68 -14.06
CA GLY A 57 -6.53 10.91 -14.52
C GLY A 57 -6.77 10.31 -15.89
N GLU A 58 -5.99 9.29 -16.24
CA GLU A 58 -6.17 8.63 -17.50
C GLU A 58 -7.29 7.59 -17.35
N ASP A 59 -7.01 6.55 -16.60
CA ASP A 59 -8.00 5.53 -16.28
C ASP A 59 -8.44 5.77 -14.85
N PHE A 60 -7.47 6.09 -14.01
CA PHE A 60 -7.72 6.33 -12.61
C PHE A 60 -6.83 7.46 -12.12
N GLU A 61 -7.07 7.88 -10.91
CA GLU A 61 -6.27 8.88 -10.26
C GLU A 61 -5.28 8.10 -9.39
N ASP A 62 -4.03 8.18 -9.71
CA ASP A 62 -3.00 7.39 -9.04
C ASP A 62 -2.65 7.98 -7.70
N THR A 63 -2.52 7.13 -6.73
CA THR A 63 -2.28 7.57 -5.42
C THR A 63 -1.12 6.82 -4.78
N CYS A 64 -0.20 7.60 -4.32
CA CYS A 64 0.89 7.13 -3.55
C CYS A 64 0.97 8.04 -2.38
N GLY A 65 0.98 7.47 -1.25
CA GLY A 65 1.01 8.21 -0.05
C GLY A 65 1.29 7.32 1.09
N GLU A 66 1.23 7.85 2.26
CA GLU A 66 1.55 7.11 3.43
C GLU A 66 0.37 7.07 4.38
N LEU A 67 0.02 5.89 4.79
CA LEU A 67 -1.03 5.67 5.73
C LEU A 67 -0.45 5.73 7.11
N GLU A 68 -1.13 6.39 7.97
CA GLU A 68 -0.67 6.54 9.30
C GLU A 68 -1.40 5.57 10.20
N PHE A 69 -0.78 4.49 10.48
CA PHE A 69 -1.36 3.52 11.32
C PHE A 69 -0.95 3.74 12.75
N GLN A 70 -1.92 3.87 13.61
CA GLN A 70 -1.67 3.93 15.02
C GLN A 70 -1.57 2.47 15.50
N ASN A 71 -2.00 2.20 16.71
CA ASN A 71 -2.00 0.85 17.28
C ASN A 71 -2.96 -0.08 16.46
N ASP A 72 -2.92 -1.38 16.75
CA ASP A 72 -3.66 -2.43 16.00
C ASP A 72 -5.17 -2.25 16.04
N GLU A 73 -5.64 -1.38 16.88
CA GLU A 73 -7.06 -1.09 17.05
C GLU A 73 -7.70 -0.49 15.78
N ILE A 74 -6.91 0.11 14.90
CA ILE A 74 -7.45 0.74 13.71
C ILE A 74 -7.01 0.01 12.45
N VAL A 75 -7.63 0.37 11.37
CA VAL A 75 -7.31 -0.14 10.06
C VAL A 75 -7.36 1.03 9.08
N LYS A 76 -6.53 1.02 8.06
CA LYS A 76 -6.52 2.10 7.10
C LYS A 76 -7.04 1.66 5.77
N ILE A 77 -7.65 2.57 5.09
CA ILE A 77 -8.25 2.32 3.81
C ILE A 77 -7.63 3.21 2.75
N ILE A 78 -7.26 2.61 1.66
CA ILE A 78 -6.77 3.33 0.51
C ILE A 78 -7.95 3.62 -0.37
N THR A 79 -8.13 4.85 -0.70
CA THR A 79 -9.22 5.26 -1.52
C THR A 79 -8.70 5.77 -2.87
N ILE A 80 -9.00 5.04 -3.91
CA ILE A 80 -8.55 5.41 -5.24
C ILE A 80 -9.71 5.99 -6.04
N ARG A 81 -9.48 7.14 -6.64
CA ARG A 81 -10.50 7.77 -7.46
C ARG A 81 -10.58 7.11 -8.82
N ILE A 82 -11.69 6.50 -9.07
CA ILE A 82 -11.96 5.84 -10.34
C ILE A 82 -12.88 6.77 -11.11
N PHE A 83 -12.65 6.95 -12.37
CA PHE A 83 -13.44 7.88 -13.11
C PHE A 83 -14.43 7.19 -14.02
N ASP A 84 -15.69 7.50 -13.83
CA ASP A 84 -16.76 6.91 -14.61
C ASP A 84 -16.97 7.73 -15.84
N ARG A 85 -17.62 7.11 -16.85
CA ARG A 85 -17.99 7.72 -18.14
C ARG A 85 -16.75 8.17 -18.91
N GLU A 86 -15.62 7.72 -18.42
CA GLU A 86 -14.31 8.01 -18.94
C GLU A 86 -13.96 6.84 -19.87
N GLU A 87 -14.94 6.46 -20.64
CA GLU A 87 -14.94 5.29 -21.49
C GLU A 87 -14.11 5.49 -22.76
N TYR A 88 -13.09 6.30 -22.67
CA TYR A 88 -12.17 6.54 -23.76
C TYR A 88 -11.15 5.41 -23.77
N GLU A 89 -11.07 4.75 -22.63
CA GLU A 89 -10.23 3.62 -22.45
C GLU A 89 -11.06 2.34 -22.45
N LYS A 90 -10.49 1.27 -21.96
CA LYS A 90 -11.07 -0.04 -22.08
C LYS A 90 -10.92 -0.79 -20.76
N GLU A 91 -10.89 -2.11 -20.85
CA GLU A 91 -10.70 -2.99 -19.72
C GLU A 91 -9.23 -2.92 -19.31
N CYS A 92 -8.96 -2.18 -18.28
CA CYS A 92 -7.60 -1.90 -17.87
C CYS A 92 -7.34 -2.39 -16.44
N SER A 93 -6.19 -2.94 -16.18
CA SER A 93 -5.83 -3.33 -14.85
C SER A 93 -4.59 -2.54 -14.37
N PHE A 94 -4.52 -2.32 -13.09
CA PHE A 94 -3.34 -1.75 -12.46
C PHE A 94 -3.08 -2.51 -11.18
N SER A 95 -2.00 -2.23 -10.52
CA SER A 95 -1.71 -2.90 -9.29
C SER A 95 -1.50 -1.87 -8.19
N LEU A 96 -1.49 -2.32 -6.99
CA LEU A 96 -1.23 -1.51 -5.85
C LEU A 96 -0.40 -2.33 -4.91
N VAL A 97 0.66 -1.77 -4.43
CA VAL A 97 1.53 -2.44 -3.51
C VAL A 97 1.79 -1.58 -2.30
N LEU A 98 2.15 -2.21 -1.23
CA LEU A 98 2.49 -1.54 -0.01
C LEU A 98 3.99 -1.44 0.02
N GLU A 99 4.48 -0.36 0.51
CA GLU A 99 5.88 -0.13 0.58
C GLU A 99 6.37 -0.31 1.99
N GLU A 100 7.67 -0.27 2.13
CA GLU A 100 8.38 -0.45 3.39
C GLU A 100 7.84 0.50 4.46
N PRO A 101 7.19 -0.02 5.49
CA PRO A 101 6.67 0.79 6.54
C PRO A 101 7.76 1.27 7.49
N LYS A 102 7.54 2.37 8.12
CA LYS A 102 8.50 2.94 9.04
C LYS A 102 7.84 3.14 10.40
N TRP A 103 8.51 2.71 11.44
CA TRP A 103 7.94 2.71 12.77
C TRP A 103 8.33 3.98 13.49
N ILE A 104 7.41 4.53 14.22
CA ILE A 104 7.66 5.70 14.98
C ILE A 104 8.32 5.36 16.31
N ARG A 105 9.62 5.33 16.24
CA ARG A 105 10.48 5.15 17.38
C ARG A 105 11.47 6.27 17.34
N ARG A 106 11.05 7.36 17.92
CA ARG A 106 11.77 8.61 17.86
C ARG A 106 13.05 8.62 18.68
N GLY A 107 13.93 9.50 18.27
CA GLY A 107 15.20 9.71 18.88
C GLY A 107 15.94 10.74 18.08
N MET A 108 17.25 10.75 18.09
CA MET A 108 17.94 11.67 17.21
C MET A 108 18.20 10.93 15.92
N LYS A 109 17.73 11.46 14.85
CA LYS A 109 17.80 10.75 13.59
C LYS A 109 17.89 11.75 12.47
N GLY A 110 18.87 11.60 11.63
CA GLY A 110 18.98 12.46 10.50
C GLY A 110 20.34 13.02 10.34
N GLY A 111 20.42 14.32 10.38
CA GLY A 111 21.66 14.98 10.14
C GLY A 111 21.72 15.41 8.70
N PHE A 112 22.87 15.32 8.11
CA PHE A 112 23.02 15.68 6.74
C PHE A 112 23.30 14.46 5.91
N THR A 113 22.24 13.87 5.49
CA THR A 113 22.22 12.71 4.65
C THR A 113 20.92 12.79 3.88
N ILE A 114 20.90 12.38 2.64
CA ILE A 114 19.72 12.51 1.84
C ILE A 114 18.74 11.38 2.14
N THR A 115 19.09 10.16 1.72
CA THR A 115 18.27 8.94 1.90
C THR A 115 16.96 8.97 1.04
N GLU A 116 16.30 10.12 1.03
CA GLU A 116 15.06 10.35 0.33
C GLU A 116 15.33 10.70 -1.14
N GLU A 117 15.96 9.79 -1.81
CA GLU A 117 16.23 9.90 -3.22
C GLU A 117 15.16 9.23 -4.00
N TYR A 118 14.81 9.80 -5.11
CA TYR A 118 13.86 9.17 -5.97
C TYR A 118 14.59 8.12 -6.77
N ASP A 119 14.70 6.97 -6.18
CA ASP A 119 15.33 5.83 -6.81
C ASP A 119 14.25 4.83 -7.07
N ASP A 120 13.58 4.44 -5.98
CA ASP A 120 12.37 3.62 -6.00
C ASP A 120 12.57 2.18 -6.45
N LYS A 121 12.99 1.99 -7.66
CA LYS A 121 13.17 0.66 -8.16
C LYS A 121 14.56 0.17 -7.83
N GLN A 122 14.66 -0.42 -6.70
CA GLN A 122 15.89 -0.97 -6.21
C GLN A 122 15.84 -2.48 -6.33
N PRO A 123 16.96 -3.21 -6.12
CA PRO A 123 16.94 -4.67 -6.06
C PRO A 123 15.99 -5.12 -4.95
N LEU A 124 15.25 -6.15 -5.20
CA LEU A 124 14.20 -6.54 -4.30
C LEU A 124 14.70 -7.44 -3.18
N THR A 125 14.58 -8.71 -3.38
CA THR A 125 14.94 -9.65 -2.37
C THR A 125 16.44 -9.92 -2.42
N SER A 126 16.98 -9.93 -3.61
CA SER A 126 18.37 -10.19 -3.80
C SER A 126 19.18 -8.94 -3.46
N LYS A 127 19.70 -8.90 -2.26
CA LYS A 127 20.52 -7.81 -1.82
C LYS A 127 21.92 -8.30 -1.59
N GLU A 128 22.79 -7.40 -1.26
CA GLU A 128 24.18 -7.73 -1.05
C GLU A 128 24.52 -7.61 0.42
N GLU A 129 25.76 -7.93 0.77
CA GLU A 129 26.21 -7.82 2.14
C GLU A 129 26.42 -6.36 2.47
N GLU A 130 25.41 -5.75 3.00
CA GLU A 130 25.45 -4.37 3.34
C GLU A 130 24.74 -4.14 4.65
N GLU A 131 25.16 -3.12 5.38
CA GLU A 131 24.58 -2.81 6.67
C GLU A 131 23.15 -2.30 6.54
N ARG A 132 22.83 -1.72 5.39
CA ARG A 132 21.50 -1.16 5.15
C ARG A 132 20.45 -2.23 5.29
N ARG A 133 20.79 -3.44 4.85
CA ARG A 133 19.86 -4.56 4.91
C ARG A 133 19.52 -4.89 6.36
N ILE A 134 20.46 -4.66 7.25
CA ILE A 134 20.25 -4.88 8.67
C ILE A 134 19.28 -3.81 9.22
N ALA A 135 19.32 -2.63 8.63
CA ALA A 135 18.41 -1.54 8.98
C ALA A 135 17.02 -1.85 8.47
N GLU A 136 16.97 -2.43 7.27
CA GLU A 136 15.71 -2.82 6.64
C GLU A 136 15.10 -4.01 7.39
N MET A 137 15.95 -4.80 8.01
CA MET A 137 15.60 -5.90 8.80
C MET A 137 15.01 -5.42 10.13
N GLY A 138 15.25 -4.17 10.46
CA GLY A 138 14.75 -3.58 11.68
C GLY A 138 13.51 -2.76 11.43
N ARG A 139 12.90 -2.99 10.31
CA ARG A 139 11.68 -2.32 9.93
C ARG A 139 10.48 -3.20 10.28
N PRO A 140 9.31 -2.59 10.50
CA PRO A 140 8.06 -3.33 10.52
C PRO A 140 7.82 -3.83 9.10
N ILE A 141 7.10 -4.87 8.93
CA ILE A 141 6.94 -5.39 7.59
C ILE A 141 5.52 -5.62 7.22
N LEU A 142 5.37 -6.02 6.01
CA LEU A 142 4.11 -6.24 5.42
C LEU A 142 3.91 -7.72 5.29
N GLY A 143 2.82 -8.11 4.66
CA GLY A 143 2.62 -9.49 4.35
C GLY A 143 3.68 -9.90 3.38
N GLU A 144 4.17 -11.12 3.49
CA GLU A 144 5.29 -11.61 2.70
C GLU A 144 5.06 -11.40 1.20
N HIS A 145 3.86 -11.66 0.75
CA HIS A 145 3.47 -11.43 -0.61
C HIS A 145 2.19 -10.63 -0.59
N THR A 146 2.30 -9.35 -0.81
CA THR A 146 1.14 -8.52 -0.71
C THR A 146 1.08 -7.52 -1.89
N LYS A 147 0.13 -7.75 -2.75
CA LYS A 147 -0.14 -6.90 -3.87
C LYS A 147 -1.63 -6.93 -4.11
N LEU A 148 -2.18 -5.87 -4.62
CA LEU A 148 -3.55 -5.84 -4.97
C LEU A 148 -3.68 -5.38 -6.40
N GLU A 149 -4.12 -6.26 -7.24
CA GLU A 149 -4.37 -5.92 -8.59
C GLU A 149 -5.79 -5.45 -8.71
N VAL A 150 -5.95 -4.28 -9.24
CA VAL A 150 -7.25 -3.67 -9.38
C VAL A 150 -7.60 -3.61 -10.83
N ILE A 151 -8.66 -4.25 -11.17
CA ILE A 151 -9.06 -4.33 -12.54
C ILE A 151 -10.34 -3.53 -12.75
N ILE A 152 -10.29 -2.61 -13.68
CA ILE A 152 -11.42 -1.82 -14.05
C ILE A 152 -12.00 -2.25 -15.37
N GLU A 153 -13.01 -3.08 -15.28
CA GLU A 153 -13.72 -3.56 -16.43
C GLU A 153 -15.22 -3.50 -16.15
N GLU A 154 -15.92 -2.69 -16.93
CA GLU A 154 -17.36 -2.45 -16.79
C GLU A 154 -18.04 -2.80 -18.13
N SER A 155 -17.32 -3.56 -18.91
CA SER A 155 -17.65 -3.94 -20.26
C SER A 155 -18.60 -5.17 -20.32
N TYR A 156 -19.29 -5.45 -19.24
CA TYR A 156 -20.13 -6.61 -19.13
C TYR A 156 -21.14 -6.39 -18.05
N GLU A 157 -22.06 -7.30 -17.93
CA GLU A 157 -23.04 -7.25 -16.88
C GLU A 157 -22.67 -8.28 -15.82
N PHE A 158 -22.68 -7.85 -14.60
CA PHE A 158 -22.36 -8.71 -13.50
C PHE A 158 -23.30 -8.38 -12.38
N LYS A 159 -23.78 -9.37 -11.69
CA LYS A 159 -24.67 -9.14 -10.60
C LYS A 159 -23.86 -8.84 -9.35
N SER A 160 -23.90 -7.61 -8.93
CA SER A 160 -23.14 -7.20 -7.78
C SER A 160 -23.87 -7.65 -6.50
N THR A 161 -23.47 -8.79 -6.00
CA THR A 161 -24.06 -9.36 -4.85
C THR A 161 -22.98 -9.67 -3.83
N VAL A 162 -23.02 -9.01 -2.71
CA VAL A 162 -22.05 -9.27 -1.69
C VAL A 162 -22.55 -10.43 -0.81
N ASP A 163 -21.70 -11.40 -0.59
CA ASP A 163 -22.06 -12.56 0.23
C ASP A 163 -21.88 -12.24 1.71
N HIS A 8 4.47 -6.10 18.50
CA HIS A 8 5.75 -5.42 18.37
C HIS A 8 6.14 -5.31 16.89
N ALA A 9 5.59 -6.19 16.08
CA ALA A 9 5.90 -6.23 14.68
C ALA A 9 4.63 -6.43 13.88
N GLY A 10 4.18 -5.38 13.27
CA GLY A 10 3.01 -5.46 12.45
C GLY A 10 3.32 -6.06 11.11
N ILE A 11 2.36 -6.74 10.55
CA ILE A 11 2.46 -7.31 9.22
C ILE A 11 1.27 -6.83 8.44
N PHE A 12 1.51 -6.05 7.42
CA PHE A 12 0.43 -5.47 6.64
C PHE A 12 0.26 -6.20 5.33
N THR A 13 -0.96 -6.45 4.98
CA THR A 13 -1.29 -7.10 3.74
C THR A 13 -2.63 -6.57 3.25
N PHE A 14 -2.91 -6.74 1.98
CA PHE A 14 -4.20 -6.36 1.44
C PHE A 14 -5.22 -7.43 1.76
N GLU A 15 -6.49 -7.04 1.78
CA GLU A 15 -7.60 -7.96 2.01
C GLU A 15 -7.55 -9.08 0.98
N GLU A 16 -7.46 -8.69 -0.26
CA GLU A 16 -7.46 -9.61 -1.37
C GLU A 16 -6.31 -9.25 -2.30
N PRO A 17 -5.84 -10.22 -3.11
CA PRO A 17 -4.76 -9.96 -4.07
C PRO A 17 -5.26 -9.28 -5.36
N VAL A 18 -6.54 -9.42 -5.63
CA VAL A 18 -7.17 -8.90 -6.82
C VAL A 18 -8.56 -8.40 -6.48
N THR A 19 -8.90 -7.24 -6.95
CA THR A 19 -10.20 -6.70 -6.75
C THR A 19 -10.72 -6.13 -8.08
N HIS A 20 -11.96 -6.38 -8.35
CA HIS A 20 -12.60 -5.84 -9.51
C HIS A 20 -13.58 -4.79 -9.05
N VAL A 21 -13.29 -3.57 -9.35
CA VAL A 21 -14.14 -2.50 -8.92
C VAL A 21 -15.03 -2.07 -10.04
N SER A 22 -16.10 -1.43 -9.69
CA SER A 22 -17.02 -0.95 -10.64
C SER A 22 -16.48 0.33 -11.25
N GLU A 23 -16.63 0.44 -12.52
CA GLU A 23 -16.13 1.56 -13.29
C GLU A 23 -16.88 2.85 -12.89
N SER A 24 -18.07 2.68 -12.39
CA SER A 24 -18.90 3.78 -11.99
C SER A 24 -18.87 4.03 -10.47
N ILE A 25 -17.95 3.38 -9.76
CA ILE A 25 -17.92 3.50 -8.29
C ILE A 25 -17.44 4.90 -7.84
N GLY A 26 -16.48 5.46 -8.54
CA GLY A 26 -15.94 6.74 -8.16
C GLY A 26 -14.75 6.59 -7.25
N ILE A 27 -15.00 6.21 -6.01
CA ILE A 27 -13.94 6.02 -5.04
C ILE A 27 -14.05 4.61 -4.53
N MET A 28 -12.98 3.87 -4.62
CA MET A 28 -12.97 2.52 -4.12
C MET A 28 -12.26 2.51 -2.77
N GLU A 29 -12.76 1.67 -1.89
CA GLU A 29 -12.23 1.53 -0.55
C GLU A 29 -11.54 0.18 -0.38
N VAL A 30 -10.30 0.19 0.02
CA VAL A 30 -9.57 -1.04 0.35
C VAL A 30 -8.91 -0.90 1.70
N LYS A 31 -9.09 -1.91 2.54
CA LYS A 31 -8.50 -1.92 3.84
C LYS A 31 -7.15 -2.60 3.78
N VAL A 32 -6.19 -2.03 4.43
CA VAL A 32 -4.93 -2.69 4.60
C VAL A 32 -5.00 -3.36 5.95
N LEU A 33 -4.89 -4.65 5.94
CA LEU A 33 -5.07 -5.40 7.12
C LEU A 33 -3.76 -5.69 7.78
N ARG A 34 -3.73 -5.53 9.06
CA ARG A 34 -2.58 -5.89 9.82
C ARG A 34 -2.76 -7.25 10.48
N THR A 35 -2.12 -8.22 9.90
CA THR A 35 -2.24 -9.61 10.28
C THR A 35 -1.82 -9.85 11.74
N SER A 36 -0.56 -9.59 12.05
CA SER A 36 -0.07 -9.76 13.40
C SER A 36 -0.60 -8.64 14.29
N GLY A 37 -0.80 -7.50 13.68
CA GLY A 37 -1.30 -6.35 14.36
C GLY A 37 -0.51 -5.14 13.96
N ALA A 38 -0.49 -4.16 14.81
CA ALA A 38 0.24 -2.94 14.62
C ALA A 38 0.59 -2.45 16.00
N ARG A 39 1.63 -1.68 16.13
CA ARG A 39 2.06 -1.28 17.44
C ARG A 39 2.89 -0.01 17.30
N GLY A 40 2.52 1.01 18.04
CA GLY A 40 3.25 2.25 18.02
C GLY A 40 2.66 3.21 17.03
N ASN A 41 3.46 3.70 16.13
CA ASN A 41 2.97 4.53 15.05
C ASN A 41 3.64 4.05 13.82
N VAL A 42 2.97 3.32 13.03
CA VAL A 42 3.61 2.77 11.88
C VAL A 42 3.04 3.35 10.61
N ILE A 43 3.88 3.96 9.88
CA ILE A 43 3.53 4.56 8.64
C ILE A 43 3.73 3.56 7.53
N VAL A 44 2.66 3.21 6.90
CA VAL A 44 2.63 2.23 5.83
C VAL A 44 2.36 2.93 4.51
N PRO A 45 3.38 3.18 3.71
CA PRO A 45 3.20 3.80 2.41
C PRO A 45 2.68 2.81 1.36
N TYR A 46 2.00 3.34 0.36
CA TYR A 46 1.46 2.55 -0.72
C TYR A 46 1.66 3.30 -2.02
N LYS A 47 1.63 2.60 -3.14
CA LYS A 47 1.85 3.23 -4.43
C LYS A 47 1.14 2.47 -5.54
N THR A 48 0.68 3.21 -6.52
CA THR A 48 -0.03 2.69 -7.64
C THR A 48 0.93 2.27 -8.77
N ILE A 49 0.80 1.05 -9.21
CA ILE A 49 1.59 0.51 -10.29
C ILE A 49 0.75 0.57 -11.55
N GLU A 50 1.19 1.33 -12.51
CA GLU A 50 0.45 1.49 -13.76
C GLU A 50 0.65 0.28 -14.66
N GLY A 51 -0.41 -0.43 -14.93
CA GLY A 51 -0.36 -1.54 -15.84
C GLY A 51 -0.93 -1.13 -17.17
N THR A 52 -2.01 -1.73 -17.57
CA THR A 52 -2.68 -1.33 -18.77
C THR A 52 -3.43 -0.02 -18.52
N ALA A 53 -3.74 0.20 -17.26
CA ALA A 53 -4.36 1.41 -16.81
C ALA A 53 -3.27 2.45 -16.57
N ARG A 54 -3.44 3.62 -17.12
CA ARG A 54 -2.48 4.69 -17.00
C ARG A 54 -2.90 5.60 -15.85
N GLY A 55 -1.93 6.07 -15.09
CA GLY A 55 -2.20 6.97 -14.03
C GLY A 55 -2.25 8.39 -14.51
N GLY A 56 -2.10 9.32 -13.62
CA GLY A 56 -2.21 10.71 -13.99
C GLY A 56 -3.64 11.15 -14.11
N GLY A 57 -4.54 10.35 -13.56
CA GLY A 57 -5.94 10.64 -13.62
C GLY A 57 -6.53 10.26 -14.95
N GLU A 58 -6.00 9.22 -15.55
CA GLU A 58 -6.51 8.77 -16.83
C GLU A 58 -7.52 7.68 -16.63
N ASP A 59 -7.04 6.52 -16.24
CA ASP A 59 -7.92 5.39 -16.01
C ASP A 59 -8.16 5.28 -14.53
N PHE A 60 -7.19 5.70 -13.78
CA PHE A 60 -7.29 5.78 -12.36
C PHE A 60 -6.54 6.99 -11.94
N GLU A 61 -6.87 7.51 -10.80
CA GLU A 61 -6.17 8.63 -10.29
C GLU A 61 -5.10 8.10 -9.36
N ASP A 62 -3.91 8.63 -9.45
CA ASP A 62 -2.83 8.16 -8.61
C ASP A 62 -3.00 8.65 -7.23
N THR A 63 -3.09 7.75 -6.35
CA THR A 63 -3.13 8.05 -4.99
C THR A 63 -2.02 7.27 -4.36
N CYS A 64 -1.14 7.97 -3.77
CA CYS A 64 -0.01 7.39 -3.15
C CYS A 64 0.16 8.10 -1.86
N GLY A 65 0.48 7.39 -0.84
CA GLY A 65 0.63 8.03 0.39
C GLY A 65 1.08 7.14 1.44
N GLU A 66 0.97 7.63 2.63
CA GLU A 66 1.42 6.99 3.80
C GLU A 66 0.26 6.83 4.76
N LEU A 67 -0.09 5.61 5.00
CA LEU A 67 -1.16 5.27 5.90
C LEU A 67 -0.61 5.13 7.29
N GLU A 68 -1.36 5.55 8.24
CA GLU A 68 -0.91 5.48 9.60
C GLU A 68 -1.60 4.33 10.31
N PHE A 69 -0.84 3.38 10.74
CA PHE A 69 -1.34 2.31 11.55
C PHE A 69 -0.68 2.39 12.90
N GLN A 70 -1.38 2.93 13.85
CA GLN A 70 -0.85 3.09 15.18
C GLN A 70 -0.87 1.75 15.93
N ASN A 71 -1.95 1.45 16.60
CA ASN A 71 -2.05 0.17 17.26
C ASN A 71 -2.97 -0.76 16.49
N ASP A 72 -2.92 -2.05 16.80
CA ASP A 72 -3.69 -3.13 16.11
C ASP A 72 -5.21 -2.94 16.08
N GLU A 73 -5.69 -2.00 16.84
CA GLU A 73 -7.10 -1.76 17.01
C GLU A 73 -7.72 -0.97 15.84
N ILE A 74 -6.90 -0.36 15.02
CA ILE A 74 -7.40 0.45 13.92
C ILE A 74 -7.05 -0.14 12.57
N VAL A 75 -7.65 0.41 11.54
CA VAL A 75 -7.42 -0.02 10.19
C VAL A 75 -7.41 1.23 9.28
N LYS A 76 -6.84 1.11 8.12
CA LYS A 76 -6.84 2.20 7.18
C LYS A 76 -7.43 1.80 5.85
N ILE A 77 -7.92 2.78 5.16
CA ILE A 77 -8.59 2.57 3.89
C ILE A 77 -7.95 3.41 2.81
N ILE A 78 -7.66 2.77 1.73
CA ILE A 78 -7.13 3.41 0.57
C ILE A 78 -8.29 3.81 -0.31
N THR A 79 -8.31 5.05 -0.71
CA THR A 79 -9.36 5.58 -1.52
C THR A 79 -8.83 5.98 -2.88
N ILE A 80 -9.24 5.30 -3.91
CA ILE A 80 -8.74 5.57 -5.25
C ILE A 80 -9.86 6.07 -6.15
N ARG A 81 -9.63 7.17 -6.85
CA ARG A 81 -10.54 7.63 -7.89
C ARG A 81 -10.47 6.71 -9.08
N ILE A 82 -11.56 6.08 -9.34
CA ILE A 82 -11.70 5.14 -10.40
C ILE A 82 -12.40 5.78 -11.59
N PHE A 83 -11.89 5.54 -12.75
CA PHE A 83 -12.42 6.03 -13.99
C PHE A 83 -12.31 4.88 -14.96
N ASP A 84 -13.00 4.95 -16.04
CA ASP A 84 -12.69 4.07 -17.13
C ASP A 84 -12.23 4.97 -18.26
N ARG A 85 -10.94 4.90 -18.54
CA ARG A 85 -10.31 5.79 -19.51
C ARG A 85 -10.91 5.70 -20.91
N GLU A 86 -10.54 4.67 -21.66
CA GLU A 86 -10.85 4.59 -23.08
C GLU A 86 -10.06 3.44 -23.65
N GLU A 87 -10.72 2.34 -23.94
CA GLU A 87 -10.05 1.15 -24.46
C GLU A 87 -10.89 0.38 -25.43
N TYR A 88 -10.25 -0.56 -26.06
CA TYR A 88 -10.84 -1.51 -26.92
C TYR A 88 -10.09 -2.81 -26.76
N GLU A 89 -10.81 -3.85 -26.38
CA GLU A 89 -10.32 -5.22 -26.22
C GLU A 89 -9.18 -5.34 -25.19
N LYS A 90 -9.59 -5.41 -23.91
CA LYS A 90 -8.71 -5.68 -22.75
C LYS A 90 -9.43 -5.26 -21.48
N GLU A 91 -8.87 -5.63 -20.36
CA GLU A 91 -9.33 -5.22 -19.07
C GLU A 91 -8.24 -4.33 -18.51
N CYS A 92 -8.52 -3.09 -18.27
CA CYS A 92 -7.50 -2.21 -17.79
C CYS A 92 -7.28 -2.44 -16.31
N SER A 93 -6.06 -2.70 -15.94
CA SER A 93 -5.77 -2.98 -14.60
C SER A 93 -4.53 -2.23 -14.15
N PHE A 94 -4.50 -1.93 -12.90
CA PHE A 94 -3.35 -1.38 -12.27
C PHE A 94 -3.14 -2.13 -10.99
N SER A 95 -1.97 -2.14 -10.50
CA SER A 95 -1.73 -2.84 -9.29
C SER A 95 -1.41 -1.85 -8.20
N LEU A 96 -1.68 -2.21 -7.00
CA LEU A 96 -1.38 -1.39 -5.88
C LEU A 96 -0.55 -2.22 -4.95
N VAL A 97 0.53 -1.67 -4.49
CA VAL A 97 1.42 -2.38 -3.62
C VAL A 97 1.80 -1.52 -2.43
N LEU A 98 2.23 -2.14 -1.39
CA LEU A 98 2.63 -1.45 -0.17
C LEU A 98 4.12 -1.32 -0.12
N GLU A 99 4.58 -0.24 0.44
CA GLU A 99 5.98 0.01 0.63
C GLU A 99 6.35 -0.38 2.03
N GLU A 100 7.63 -0.55 2.28
CA GLU A 100 8.11 -0.95 3.58
C GLU A 100 7.75 0.10 4.63
N PRO A 101 7.04 -0.32 5.68
CA PRO A 101 6.54 0.57 6.69
C PRO A 101 7.59 0.98 7.71
N LYS A 102 7.42 2.14 8.24
CA LYS A 102 8.34 2.70 9.18
C LYS A 102 7.63 3.03 10.50
N TRP A 103 8.18 2.56 11.59
CA TRP A 103 7.65 2.82 12.91
C TRP A 103 8.19 4.17 13.34
N ILE A 104 7.32 5.08 13.53
CA ILE A 104 7.64 6.41 13.93
C ILE A 104 7.65 6.45 15.43
N ARG A 105 8.71 6.97 16.00
CA ARG A 105 8.81 7.10 17.42
C ARG A 105 7.90 8.24 17.89
N ARG A 106 7.49 8.18 19.15
CA ARG A 106 6.55 9.13 19.77
C ARG A 106 5.15 8.98 19.21
N GLY A 107 4.95 9.41 18.00
CA GLY A 107 3.65 9.32 17.40
C GLY A 107 3.41 10.43 16.41
N MET A 108 2.44 10.21 15.57
CA MET A 108 2.00 11.13 14.55
C MET A 108 0.50 11.06 14.47
N LYS A 109 -0.07 11.75 13.51
CA LYS A 109 -1.47 11.63 13.21
C LYS A 109 -1.64 12.05 11.75
N GLY A 110 -1.46 13.33 11.50
CA GLY A 110 -1.54 13.87 10.14
C GLY A 110 -2.96 14.00 9.61
N GLY A 111 -3.65 12.89 9.54
CA GLY A 111 -4.98 12.86 8.97
C GLY A 111 -4.92 12.16 7.65
N PHE A 112 -4.12 12.70 6.78
CA PHE A 112 -3.80 12.11 5.50
C PHE A 112 -2.32 12.24 5.30
N THR A 113 -1.86 11.92 4.13
CA THR A 113 -0.47 12.01 3.82
C THR A 113 -0.10 13.44 3.46
N ILE A 114 0.86 13.98 4.15
CA ILE A 114 1.39 15.26 3.81
C ILE A 114 2.61 14.98 2.98
N THR A 115 2.44 14.93 1.70
CA THR A 115 3.49 14.50 0.86
C THR A 115 4.32 15.67 0.32
N GLU A 116 5.22 16.13 1.13
CA GLU A 116 6.19 17.08 0.66
C GLU A 116 7.42 16.27 0.28
N GLU A 117 7.55 15.16 0.98
CA GLU A 117 8.51 14.13 0.69
C GLU A 117 7.79 13.15 -0.20
N TYR A 118 8.31 12.94 -1.37
CA TYR A 118 7.64 12.14 -2.38
C TYR A 118 8.32 10.76 -2.51
N ASP A 119 9.57 10.71 -2.13
CA ASP A 119 10.39 9.50 -2.17
C ASP A 119 11.22 9.53 -0.86
N ASP A 120 12.48 9.05 -0.88
CA ASP A 120 13.40 9.04 0.32
C ASP A 120 12.73 8.44 1.55
N LYS A 121 12.03 7.36 1.28
CA LYS A 121 11.16 6.65 2.21
C LYS A 121 11.88 6.19 3.51
N GLN A 122 12.69 5.16 3.43
CA GLN A 122 13.45 4.74 4.60
C GLN A 122 14.95 4.98 4.47
N PRO A 123 15.66 4.35 3.48
CA PRO A 123 17.09 4.54 3.36
C PRO A 123 17.41 5.81 2.62
N LEU A 124 18.49 6.38 2.98
CA LEU A 124 18.85 7.69 2.57
C LEU A 124 20.16 7.68 1.82
N THR A 125 21.10 6.92 2.34
CA THR A 125 22.38 6.76 1.73
C THR A 125 22.43 5.40 1.04
N SER A 126 23.54 5.07 0.43
CA SER A 126 23.69 3.80 -0.24
C SER A 126 23.98 2.71 0.79
N LYS A 127 23.06 1.79 0.93
CA LYS A 127 23.22 0.72 1.88
C LYS A 127 23.83 -0.50 1.20
N GLU A 128 24.84 -1.05 1.83
CA GLU A 128 25.55 -2.22 1.35
C GLU A 128 26.46 -2.75 2.44
N GLU A 129 26.76 -4.06 2.37
CA GLU A 129 27.62 -4.75 3.36
C GLU A 129 27.14 -4.55 4.79
N GLU A 130 25.85 -4.66 5.02
CA GLU A 130 25.32 -4.42 6.33
C GLU A 130 24.60 -5.66 6.84
N GLU A 131 24.30 -5.67 8.12
CA GLU A 131 23.54 -6.76 8.73
C GLU A 131 22.22 -6.20 9.24
N ARG A 132 21.98 -4.95 8.88
CA ARG A 132 20.83 -4.18 9.33
C ARG A 132 19.52 -4.89 9.07
N ARG A 133 19.40 -5.53 7.93
CA ARG A 133 18.15 -6.21 7.53
C ARG A 133 17.74 -7.28 8.54
N ILE A 134 18.70 -7.88 9.18
CA ILE A 134 18.43 -8.91 10.19
C ILE A 134 17.87 -8.27 11.48
N ALA A 135 18.25 -7.04 11.73
CA ALA A 135 17.70 -6.31 12.87
C ALA A 135 16.37 -5.68 12.45
N GLU A 136 16.34 -5.17 11.24
CA GLU A 136 15.17 -4.52 10.68
C GLU A 136 14.11 -5.54 10.28
N MET A 137 14.43 -6.81 10.38
CA MET A 137 13.48 -7.86 10.09
C MET A 137 12.53 -7.97 11.29
N GLY A 138 12.93 -7.33 12.39
CA GLY A 138 12.12 -7.28 13.58
C GLY A 138 11.20 -6.08 13.59
N ARG A 139 11.25 -5.28 12.53
CA ARG A 139 10.39 -4.10 12.40
C ARG A 139 8.98 -4.53 12.03
N PRO A 140 7.99 -3.62 12.13
CA PRO A 140 6.71 -3.83 11.51
C PRO A 140 6.91 -3.79 10.01
N ILE A 141 6.53 -4.85 9.35
CA ILE A 141 6.76 -5.01 7.96
C ILE A 141 5.49 -5.46 7.28
N LEU A 142 5.57 -5.72 6.04
CA LEU A 142 4.46 -6.15 5.28
C LEU A 142 4.52 -7.65 5.17
N GLY A 143 3.48 -8.24 4.66
CA GLY A 143 3.55 -9.62 4.33
C GLY A 143 4.45 -9.74 3.13
N GLU A 144 5.13 -10.86 2.99
CA GLU A 144 6.10 -11.06 1.92
C GLU A 144 5.48 -10.78 0.56
N HIS A 145 4.26 -11.23 0.36
CA HIS A 145 3.59 -11.01 -0.88
C HIS A 145 2.27 -10.32 -0.65
N THR A 146 2.26 -9.04 -0.88
CA THR A 146 1.10 -8.23 -0.74
C THR A 146 0.98 -7.28 -1.94
N LYS A 147 0.01 -7.55 -2.75
CA LYS A 147 -0.27 -6.80 -3.94
C LYS A 147 -1.76 -6.81 -4.15
N LEU A 148 -2.27 -5.77 -4.72
CA LEU A 148 -3.66 -5.71 -5.06
C LEU A 148 -3.79 -5.28 -6.50
N GLU A 149 -4.25 -6.14 -7.33
CA GLU A 149 -4.54 -5.76 -8.68
C GLU A 149 -5.95 -5.27 -8.75
N VAL A 150 -6.10 -4.12 -9.29
CA VAL A 150 -7.40 -3.51 -9.42
C VAL A 150 -7.76 -3.47 -10.89
N ILE A 151 -8.84 -4.10 -11.21
CA ILE A 151 -9.28 -4.23 -12.57
C ILE A 151 -10.53 -3.40 -12.82
N ILE A 152 -10.51 -2.69 -13.91
CA ILE A 152 -11.61 -1.91 -14.40
C ILE A 152 -11.88 -2.25 -15.85
N GLU A 153 -13.03 -1.87 -16.34
CA GLU A 153 -13.43 -2.25 -17.67
C GLU A 153 -13.98 -1.06 -18.43
N GLU A 154 -14.37 -1.29 -19.65
CA GLU A 154 -14.91 -0.29 -20.53
C GLU A 154 -16.34 0.10 -20.12
N SER A 155 -16.57 1.35 -19.82
CA SER A 155 -17.90 1.81 -19.49
C SER A 155 -18.32 3.09 -20.21
N TYR A 156 -18.07 4.21 -19.60
CA TYR A 156 -18.61 5.49 -20.09
C TYR A 156 -17.79 6.70 -19.63
N GLU A 157 -16.88 6.50 -18.70
CA GLU A 157 -16.23 7.59 -18.04
C GLU A 157 -15.38 8.45 -18.96
N PHE A 158 -15.48 9.71 -18.77
CA PHE A 158 -14.70 10.65 -19.48
C PHE A 158 -14.09 11.52 -18.45
N LYS A 159 -12.78 11.50 -18.36
CA LYS A 159 -12.09 12.31 -17.40
C LYS A 159 -12.30 13.76 -17.77
N SER A 160 -12.88 14.49 -16.86
CA SER A 160 -13.18 15.85 -17.05
C SER A 160 -11.90 16.69 -17.00
N THR A 161 -11.29 16.82 -18.15
CA THR A 161 -10.08 17.55 -18.35
C THR A 161 -10.29 19.04 -18.01
N VAL A 162 -9.62 19.52 -16.97
CA VAL A 162 -9.73 20.91 -16.60
C VAL A 162 -9.01 21.76 -17.63
N ASP A 163 -9.53 22.93 -17.89
CA ASP A 163 -8.99 23.80 -18.92
C ASP A 163 -7.75 24.53 -18.41
N HIS A 8 5.01 -8.36 18.81
CA HIS A 8 4.24 -7.57 17.87
C HIS A 8 5.08 -6.43 17.32
N ALA A 9 4.74 -6.03 16.14
CA ALA A 9 5.36 -4.93 15.46
C ALA A 9 4.37 -4.42 14.46
N GLY A 10 4.07 -5.26 13.50
CA GLY A 10 3.09 -4.94 12.52
C GLY A 10 3.38 -5.63 11.22
N ILE A 11 2.37 -6.30 10.69
CA ILE A 11 2.43 -6.90 9.36
C ILE A 11 1.21 -6.43 8.62
N PHE A 12 1.41 -5.77 7.53
CA PHE A 12 0.32 -5.19 6.79
C PHE A 12 0.12 -5.93 5.48
N THR A 13 -1.11 -6.24 5.17
CA THR A 13 -1.43 -6.95 3.96
C THR A 13 -2.79 -6.51 3.44
N PHE A 14 -2.98 -6.62 2.15
CA PHE A 14 -4.27 -6.38 1.54
C PHE A 14 -5.18 -7.53 1.84
N GLU A 15 -6.47 -7.29 1.73
CA GLU A 15 -7.48 -8.30 1.98
C GLU A 15 -7.37 -9.41 0.96
N GLU A 16 -7.36 -9.01 -0.29
CA GLU A 16 -7.31 -9.92 -1.41
C GLU A 16 -6.16 -9.53 -2.31
N PRO A 17 -5.69 -10.42 -3.19
CA PRO A 17 -4.66 -10.09 -4.14
C PRO A 17 -5.22 -9.45 -5.41
N VAL A 18 -6.50 -9.66 -5.68
CA VAL A 18 -7.14 -9.16 -6.89
C VAL A 18 -8.55 -8.69 -6.56
N THR A 19 -8.92 -7.54 -7.07
CA THR A 19 -10.25 -7.03 -6.88
C THR A 19 -10.80 -6.52 -8.22
N HIS A 20 -12.05 -6.80 -8.49
CA HIS A 20 -12.70 -6.34 -9.70
C HIS A 20 -13.72 -5.31 -9.32
N VAL A 21 -13.57 -4.11 -9.81
CA VAL A 21 -14.46 -3.01 -9.49
C VAL A 21 -14.99 -2.37 -10.77
N SER A 22 -15.94 -1.49 -10.61
CA SER A 22 -16.57 -0.84 -11.72
C SER A 22 -15.84 0.45 -12.10
N GLU A 23 -16.07 0.87 -13.30
CA GLU A 23 -15.59 2.15 -13.79
C GLU A 23 -16.55 3.26 -13.37
N SER A 24 -17.68 2.88 -12.81
CA SER A 24 -18.68 3.81 -12.34
C SER A 24 -18.82 3.76 -10.81
N ILE A 25 -17.82 3.22 -10.12
CA ILE A 25 -17.88 3.15 -8.67
C ILE A 25 -17.46 4.49 -8.02
N GLY A 26 -16.65 5.25 -8.72
CA GLY A 26 -16.17 6.50 -8.16
C GLY A 26 -14.94 6.28 -7.30
N ILE A 27 -15.16 5.74 -6.12
CA ILE A 27 -14.10 5.51 -5.14
C ILE A 27 -14.20 4.08 -4.67
N MET A 28 -13.09 3.40 -4.68
CA MET A 28 -13.02 2.06 -4.14
C MET A 28 -12.25 2.10 -2.83
N GLU A 29 -12.63 1.26 -1.89
CA GLU A 29 -12.00 1.19 -0.60
C GLU A 29 -11.12 -0.05 -0.49
N VAL A 30 -9.90 0.14 -0.08
CA VAL A 30 -9.00 -0.96 0.17
C VAL A 30 -8.67 -0.99 1.64
N LYS A 31 -8.97 -2.08 2.30
CA LYS A 31 -8.61 -2.21 3.69
C LYS A 31 -7.31 -2.94 3.84
N VAL A 32 -6.43 -2.38 4.61
CA VAL A 32 -5.18 -3.02 4.89
C VAL A 32 -5.31 -3.74 6.23
N LEU A 33 -5.22 -5.02 6.18
CA LEU A 33 -5.39 -5.87 7.32
C LEU A 33 -4.07 -6.03 8.04
N ARG A 34 -4.14 -6.19 9.33
CA ARG A 34 -2.96 -6.37 10.11
C ARG A 34 -2.98 -7.76 10.71
N THR A 35 -2.21 -8.66 10.15
CA THR A 35 -2.13 -10.01 10.66
C THR A 35 -1.49 -10.03 12.04
N SER A 36 -0.26 -9.53 12.10
CA SER A 36 0.47 -9.42 13.35
C SER A 36 -0.08 -8.30 14.21
N GLY A 37 -0.74 -7.36 13.57
CA GLY A 37 -1.25 -6.23 14.26
C GLY A 37 -0.47 -5.00 13.93
N ALA A 38 -0.39 -4.10 14.87
CA ALA A 38 0.33 -2.85 14.75
C ALA A 38 0.60 -2.35 16.16
N ARG A 39 1.80 -1.89 16.40
CA ARG A 39 2.16 -1.44 17.73
C ARG A 39 2.94 -0.14 17.61
N GLY A 40 2.44 0.89 18.23
CA GLY A 40 3.15 2.14 18.29
C GLY A 40 2.69 3.12 17.26
N ASN A 41 3.58 3.56 16.41
CA ASN A 41 3.24 4.46 15.34
C ASN A 41 3.98 4.00 14.11
N VAL A 42 3.29 3.40 13.20
CA VAL A 42 3.91 2.86 12.02
C VAL A 42 3.28 3.45 10.76
N ILE A 43 4.12 3.99 9.93
CA ILE A 43 3.70 4.58 8.69
C ILE A 43 3.82 3.57 7.56
N VAL A 44 2.71 3.26 6.97
CA VAL A 44 2.61 2.30 5.90
C VAL A 44 2.36 3.03 4.60
N PRO A 45 3.36 3.18 3.75
CA PRO A 45 3.17 3.78 2.46
C PRO A 45 2.55 2.78 1.48
N TYR A 46 1.91 3.28 0.47
CA TYR A 46 1.32 2.47 -0.56
C TYR A 46 1.49 3.18 -1.86
N LYS A 47 1.38 2.47 -2.96
CA LYS A 47 1.50 3.10 -4.26
C LYS A 47 0.79 2.29 -5.33
N THR A 48 0.06 2.98 -6.16
CA THR A 48 -0.64 2.36 -7.25
C THR A 48 0.30 2.16 -8.45
N ILE A 49 0.41 0.95 -8.87
CA ILE A 49 1.30 0.55 -9.94
C ILE A 49 0.50 0.60 -11.23
N GLU A 50 0.99 1.32 -12.20
CA GLU A 50 0.31 1.48 -13.45
C GLU A 50 0.46 0.23 -14.32
N GLY A 51 -0.63 -0.46 -14.53
CA GLY A 51 -0.60 -1.62 -15.39
C GLY A 51 -0.95 -1.24 -16.80
N THR A 52 -2.15 -1.53 -17.19
CA THR A 52 -2.64 -1.17 -18.50
C THR A 52 -3.37 0.17 -18.41
N ALA A 53 -3.76 0.53 -17.21
CA ALA A 53 -4.44 1.78 -16.96
C ALA A 53 -3.40 2.87 -16.72
N ARG A 54 -3.71 4.10 -17.07
CA ARG A 54 -2.76 5.17 -16.96
C ARG A 54 -3.03 6.06 -15.73
N GLY A 55 -1.97 6.37 -15.01
CA GLY A 55 -2.06 7.22 -13.84
C GLY A 55 -1.93 8.68 -14.22
N GLY A 56 -1.99 9.54 -13.24
CA GLY A 56 -1.97 10.95 -13.49
C GLY A 56 -3.38 11.50 -13.55
N GLY A 57 -4.33 10.67 -13.17
CA GLY A 57 -5.71 11.05 -13.20
C GLY A 57 -6.34 10.72 -14.54
N GLU A 58 -5.70 9.82 -15.27
CA GLU A 58 -6.17 9.44 -16.58
C GLU A 58 -7.32 8.43 -16.45
N ASP A 59 -6.98 7.17 -16.22
CA ASP A 59 -7.98 6.10 -16.08
C ASP A 59 -8.36 5.98 -14.63
N PHE A 60 -7.40 6.25 -13.78
CA PHE A 60 -7.58 6.21 -12.37
C PHE A 60 -6.76 7.31 -11.77
N GLU A 61 -7.19 7.78 -10.64
CA GLU A 61 -6.45 8.78 -9.94
C GLU A 61 -5.50 8.02 -9.09
N ASP A 62 -4.26 8.03 -9.50
CA ASP A 62 -3.22 7.28 -8.83
C ASP A 62 -3.01 7.84 -7.46
N THR A 63 -2.73 6.99 -6.55
CA THR A 63 -2.55 7.40 -5.24
C THR A 63 -1.40 6.68 -4.60
N CYS A 64 -0.41 7.45 -4.29
CA CYS A 64 0.71 6.98 -3.57
C CYS A 64 0.87 7.88 -2.36
N GLY A 65 0.77 7.30 -1.22
CA GLY A 65 0.80 8.06 -0.02
C GLY A 65 1.11 7.19 1.14
N GLU A 66 0.86 7.68 2.32
CA GLU A 66 1.18 6.95 3.51
C GLU A 66 0.03 6.93 4.49
N LEU A 67 -0.16 5.80 5.09
CA LEU A 67 -1.17 5.54 6.07
C LEU A 67 -0.52 5.44 7.42
N GLU A 68 -1.19 5.91 8.44
CA GLU A 68 -0.64 5.86 9.76
C GLU A 68 -1.36 4.85 10.62
N PHE A 69 -0.74 3.73 10.83
CA PHE A 69 -1.25 2.71 11.67
C PHE A 69 -0.58 2.83 13.00
N GLN A 70 -1.34 3.05 14.00
CA GLN A 70 -0.81 3.18 15.31
C GLN A 70 -0.94 1.86 16.03
N ASN A 71 -2.11 1.60 16.53
CA ASN A 71 -2.38 0.34 17.16
C ASN A 71 -3.24 -0.52 16.24
N ASP A 72 -3.15 -1.83 16.43
CA ASP A 72 -3.92 -2.88 15.70
C ASP A 72 -5.43 -2.59 15.57
N GLU A 73 -5.97 -1.88 16.54
CA GLU A 73 -7.40 -1.60 16.63
C GLU A 73 -7.94 -0.73 15.47
N ILE A 74 -7.08 -0.11 14.69
CA ILE A 74 -7.55 0.74 13.63
C ILE A 74 -7.21 0.15 12.29
N VAL A 75 -7.95 0.53 11.31
CA VAL A 75 -7.72 0.10 9.96
C VAL A 75 -7.64 1.32 9.07
N LYS A 76 -6.80 1.26 8.10
CA LYS A 76 -6.72 2.32 7.17
C LYS A 76 -7.22 1.87 5.86
N ILE A 77 -7.77 2.78 5.15
CA ILE A 77 -8.40 2.48 3.90
C ILE A 77 -7.84 3.35 2.80
N ILE A 78 -7.50 2.71 1.73
CA ILE A 78 -7.00 3.38 0.56
C ILE A 78 -8.19 3.66 -0.34
N THR A 79 -8.38 4.89 -0.66
CA THR A 79 -9.47 5.30 -1.51
C THR A 79 -8.95 5.70 -2.87
N ILE A 80 -9.32 4.95 -3.88
CA ILE A 80 -8.84 5.21 -5.22
C ILE A 80 -9.97 5.73 -6.08
N ARG A 81 -9.71 6.76 -6.84
CA ARG A 81 -10.69 7.38 -7.71
C ARG A 81 -10.60 6.74 -9.09
N ILE A 82 -11.69 6.21 -9.57
CA ILE A 82 -11.72 5.57 -10.87
C ILE A 82 -12.42 6.50 -11.88
N PHE A 83 -11.83 6.64 -13.06
CA PHE A 83 -12.38 7.49 -14.11
C PHE A 83 -12.80 6.62 -15.29
N ASP A 84 -13.62 7.17 -16.13
CA ASP A 84 -14.09 6.48 -17.33
C ASP A 84 -13.39 6.99 -18.56
N ARG A 85 -12.58 6.16 -19.15
CA ARG A 85 -11.91 6.47 -20.42
C ARG A 85 -11.83 5.24 -21.27
N GLU A 86 -11.48 4.13 -20.66
CA GLU A 86 -11.28 2.91 -21.39
C GLU A 86 -12.63 2.25 -21.64
N GLU A 87 -12.76 1.62 -22.76
CA GLU A 87 -13.97 0.91 -23.10
C GLU A 87 -13.85 -0.53 -22.61
N TYR A 88 -14.92 -1.29 -22.81
CA TYR A 88 -14.99 -2.75 -22.50
C TYR A 88 -13.89 -3.52 -23.28
N GLU A 89 -13.42 -2.87 -24.32
CA GLU A 89 -12.49 -3.39 -25.30
C GLU A 89 -11.19 -3.90 -24.67
N LYS A 90 -10.64 -3.15 -23.76
CA LYS A 90 -9.38 -3.50 -23.16
C LYS A 90 -9.55 -3.53 -21.66
N GLU A 91 -8.97 -4.52 -21.03
CA GLU A 91 -9.05 -4.61 -19.60
C GLU A 91 -8.04 -3.68 -18.93
N CYS A 92 -8.52 -2.54 -18.54
CA CYS A 92 -7.72 -1.61 -17.82
C CYS A 92 -7.55 -2.11 -16.39
N SER A 93 -6.34 -2.41 -16.02
CA SER A 93 -6.05 -2.90 -14.71
C SER A 93 -4.78 -2.24 -14.21
N PHE A 94 -4.71 -2.05 -12.94
CA PHE A 94 -3.52 -1.54 -12.30
C PHE A 94 -3.32 -2.29 -11.00
N SER A 95 -2.18 -2.19 -10.41
CA SER A 95 -1.95 -2.87 -9.19
C SER A 95 -1.72 -1.87 -8.08
N LEU A 96 -1.75 -2.33 -6.88
CA LEU A 96 -1.50 -1.52 -5.74
C LEU A 96 -0.69 -2.33 -4.79
N VAL A 97 0.40 -1.77 -4.35
CA VAL A 97 1.25 -2.45 -3.42
C VAL A 97 1.50 -1.55 -2.23
N LEU A 98 1.84 -2.16 -1.14
CA LEU A 98 2.19 -1.46 0.05
C LEU A 98 3.69 -1.35 0.05
N GLU A 99 4.21 -0.31 0.57
CA GLU A 99 5.63 -0.13 0.62
C GLU A 99 6.08 -0.56 2.00
N GLU A 100 7.34 -0.51 2.23
CA GLU A 100 7.93 -0.93 3.47
C GLU A 100 7.68 0.13 4.55
N PRO A 101 6.99 -0.26 5.62
CA PRO A 101 6.57 0.64 6.68
C PRO A 101 7.72 1.11 7.58
N LYS A 102 7.62 2.32 8.03
CA LYS A 102 8.61 2.88 8.92
C LYS A 102 7.98 3.04 10.30
N TRP A 103 8.78 2.94 11.32
CA TRP A 103 8.28 3.03 12.67
C TRP A 103 8.71 4.36 13.24
N ILE A 104 7.78 5.10 13.76
CA ILE A 104 8.11 6.37 14.36
C ILE A 104 8.31 6.18 15.84
N ARG A 105 9.54 5.91 16.15
CA ARG A 105 9.99 5.69 17.48
C ARG A 105 10.04 7.04 18.16
N ARG A 106 9.13 7.29 19.08
CA ARG A 106 9.06 8.56 19.73
C ARG A 106 10.14 8.65 20.81
N GLY A 107 11.30 8.92 20.34
CA GLY A 107 12.49 9.08 21.13
C GLY A 107 13.60 9.38 20.18
N MET A 108 13.21 10.10 19.14
CA MET A 108 14.06 10.47 18.03
C MET A 108 13.26 11.44 17.19
N LYS A 109 13.37 12.70 17.51
CA LYS A 109 12.62 13.72 16.80
C LYS A 109 13.17 13.99 15.42
N GLY A 110 12.30 14.01 14.45
CA GLY A 110 12.70 14.27 13.11
C GLY A 110 13.11 13.01 12.41
N GLY A 111 14.40 12.86 12.19
CA GLY A 111 14.91 11.72 11.48
C GLY A 111 14.89 11.97 10.01
N PHE A 112 14.88 13.26 9.66
CA PHE A 112 14.84 13.77 8.31
C PHE A 112 13.54 13.32 7.63
N THR A 113 12.50 14.06 7.89
CA THR A 113 11.18 13.75 7.40
C THR A 113 11.03 14.20 5.94
N ILE A 114 10.68 13.26 5.09
CA ILE A 114 10.54 13.49 3.67
C ILE A 114 9.11 13.93 3.35
N THR A 115 8.18 13.48 4.16
CA THR A 115 6.78 13.67 3.89
C THR A 115 6.27 15.11 4.04
N GLU A 116 6.50 15.87 3.02
CA GLU A 116 5.85 17.15 2.78
C GLU A 116 5.55 17.23 1.30
N GLU A 117 5.80 16.11 0.71
CA GLU A 117 5.56 15.72 -0.62
C GLU A 117 5.53 14.22 -0.48
N TYR A 118 4.68 13.54 -1.19
CA TYR A 118 4.59 12.15 -1.05
C TYR A 118 5.49 11.43 -2.04
N ASP A 119 5.06 11.39 -3.27
CA ASP A 119 5.83 10.71 -4.29
C ASP A 119 5.39 11.24 -5.65
N ASP A 120 5.71 10.56 -6.69
CA ASP A 120 5.34 10.95 -8.04
C ASP A 120 4.81 9.70 -8.73
N LYS A 121 5.60 8.65 -8.59
CA LYS A 121 5.41 7.29 -9.13
C LYS A 121 6.73 6.55 -8.99
N GLN A 122 7.80 7.34 -8.90
CA GLN A 122 9.12 6.85 -8.53
C GLN A 122 9.58 7.74 -7.38
N PRO A 123 10.16 7.16 -6.31
CA PRO A 123 10.53 7.91 -5.09
C PRO A 123 11.49 9.07 -5.32
N LEU A 124 11.36 10.08 -4.47
CA LEU A 124 12.21 11.27 -4.57
C LEU A 124 13.32 11.21 -3.54
N THR A 125 13.42 10.08 -2.89
CA THR A 125 14.43 9.86 -1.91
C THR A 125 15.75 9.49 -2.59
N SER A 126 15.72 8.34 -3.29
CA SER A 126 16.88 7.81 -4.04
C SER A 126 18.10 7.71 -3.12
N LYS A 127 17.84 7.39 -1.88
CA LYS A 127 18.85 7.41 -0.86
C LYS A 127 19.48 6.05 -0.62
N GLU A 128 20.70 5.89 -1.05
CA GLU A 128 21.47 4.74 -0.66
C GLU A 128 22.20 5.09 0.61
N GLU A 129 21.52 4.88 1.69
CA GLU A 129 21.99 5.22 2.98
C GLU A 129 22.81 4.06 3.54
N GLU A 130 23.79 4.39 4.35
CA GLU A 130 24.69 3.40 4.88
C GLU A 130 23.98 2.48 5.88
N GLU A 131 24.26 1.18 5.73
CA GLU A 131 23.70 0.09 6.55
C GLU A 131 22.18 -0.05 6.39
N ARG A 132 21.67 0.38 5.24
CA ARG A 132 20.23 0.34 4.97
C ARG A 132 19.63 -1.04 5.00
N ARG A 133 20.29 -2.03 4.47
CA ARG A 133 19.72 -3.39 4.45
C ARG A 133 19.56 -3.89 5.87
N ILE A 134 20.60 -3.69 6.65
CA ILE A 134 20.60 -4.06 8.06
C ILE A 134 19.58 -3.22 8.81
N ALA A 135 19.46 -1.97 8.41
CA ALA A 135 18.45 -1.06 8.95
C ALA A 135 17.08 -1.63 8.78
N GLU A 136 16.78 -2.02 7.55
CA GLU A 136 15.46 -2.53 7.18
C GLU A 136 15.13 -3.80 7.95
N MET A 137 16.15 -4.58 8.28
CA MET A 137 16.02 -5.82 9.04
C MET A 137 15.46 -5.56 10.44
N GLY A 138 15.69 -4.36 10.94
CA GLY A 138 15.21 -4.00 12.25
C GLY A 138 14.08 -2.99 12.18
N ARG A 139 13.35 -3.04 11.09
CA ARG A 139 12.20 -2.16 10.88
C ARG A 139 10.94 -2.98 10.79
N PRO A 140 9.74 -2.35 10.94
CA PRO A 140 8.48 -3.04 10.75
C PRO A 140 8.36 -3.51 9.33
N ILE A 141 7.67 -4.58 9.14
CA ILE A 141 7.59 -5.21 7.87
C ILE A 141 6.15 -5.41 7.47
N LEU A 142 5.93 -6.02 6.36
CA LEU A 142 4.61 -6.28 5.92
C LEU A 142 4.52 -7.70 5.43
N GLY A 143 3.39 -8.05 4.83
CA GLY A 143 3.18 -9.39 4.34
C GLY A 143 4.16 -9.75 3.26
N GLU A 144 4.39 -11.03 3.10
CA GLU A 144 5.36 -11.58 2.17
C GLU A 144 5.05 -11.13 0.76
N HIS A 145 3.84 -11.43 0.32
CA HIS A 145 3.41 -11.06 -1.00
C HIS A 145 2.07 -10.41 -0.91
N THR A 146 2.07 -9.12 -0.92
CA THR A 146 0.86 -8.41 -0.82
C THR A 146 0.76 -7.34 -1.92
N LYS A 147 -0.12 -7.60 -2.83
CA LYS A 147 -0.40 -6.74 -3.93
C LYS A 147 -1.86 -6.88 -4.24
N LEU A 148 -2.49 -5.81 -4.57
CA LEU A 148 -3.87 -5.84 -4.95
C LEU A 148 -3.99 -5.38 -6.37
N GLU A 149 -4.31 -6.28 -7.24
CA GLU A 149 -4.53 -5.94 -8.60
C GLU A 149 -5.96 -5.54 -8.77
N VAL A 150 -6.16 -4.37 -9.28
CA VAL A 150 -7.45 -3.79 -9.42
C VAL A 150 -7.82 -3.76 -10.87
N ILE A 151 -8.90 -4.39 -11.17
CA ILE A 151 -9.35 -4.48 -12.51
C ILE A 151 -10.66 -3.73 -12.65
N ILE A 152 -10.70 -2.86 -13.62
CA ILE A 152 -11.86 -2.08 -13.92
C ILE A 152 -12.35 -2.40 -15.31
N GLU A 153 -13.61 -2.72 -15.40
CA GLU A 153 -14.23 -3.04 -16.65
C GLU A 153 -15.63 -2.45 -16.64
N GLU A 154 -16.18 -2.20 -17.82
CA GLU A 154 -17.51 -1.64 -17.98
C GLU A 154 -18.54 -2.50 -17.25
N SER A 155 -19.10 -1.96 -16.20
CA SER A 155 -20.09 -2.66 -15.47
C SER A 155 -21.46 -2.05 -15.75
N TYR A 156 -22.17 -2.66 -16.69
CA TYR A 156 -23.50 -2.22 -17.05
C TYR A 156 -24.44 -2.68 -15.96
N GLU A 157 -24.16 -3.86 -15.50
CA GLU A 157 -24.85 -4.45 -14.41
C GLU A 157 -24.15 -4.02 -13.14
N PHE A 158 -24.50 -2.88 -12.69
CA PHE A 158 -23.92 -2.33 -11.51
C PHE A 158 -24.62 -2.95 -10.33
N LYS A 159 -23.88 -3.62 -9.50
CA LYS A 159 -24.41 -4.43 -8.45
C LYS A 159 -24.86 -3.61 -7.25
N SER A 160 -25.95 -4.01 -6.66
CA SER A 160 -26.50 -3.34 -5.53
C SER A 160 -25.84 -3.86 -4.25
N THR A 161 -24.99 -3.05 -3.65
CA THR A 161 -24.28 -3.45 -2.46
C THR A 161 -25.12 -3.16 -1.22
N VAL A 162 -26.06 -2.25 -1.36
CA VAL A 162 -26.95 -1.89 -0.29
C VAL A 162 -28.19 -2.77 -0.38
N ASP A 163 -28.18 -3.86 0.34
CA ASP A 163 -29.31 -4.79 0.34
C ASP A 163 -29.23 -5.68 1.57
#